data_2KZW
#
_entry.id   2KZW
#
_entity_poly.entity_id   1
_entity_poly.type   'polypeptide(L)'
_entity_poly.pdbx_seq_one_letter_code
;MNARDNKFNTWNDSRGNYWSDYEGSDENGDGIGDSAYAVNPEAGSMDYMPLMEYLHSSPVLPTARFTSDITEGFAPLSVR
FKDFSENATSRLWMFGDGNTSDSPSPLHTFFNEGEYIVSLIVSNENDSDSASVTIRALEHHHHHH
;
_entity_poly.pdbx_strand_id   A
#
# COMPACT_ATOMS: atom_id res chain seq x y z
N MET A 1 -20.36 -13.39 170.16
CA MET A 1 -19.21 -12.50 170.41
C MET A 1 -17.91 -13.31 170.40
N ASN A 2 -17.14 -13.19 169.32
CA ASN A 2 -15.85 -13.87 169.21
C ASN A 2 -14.80 -12.93 168.62
N ALA A 3 -13.56 -13.39 168.59
CA ALA A 3 -12.47 -12.61 168.05
C ALA A 3 -11.78 -13.34 166.90
N ARG A 4 -11.53 -12.61 165.82
CA ARG A 4 -10.71 -13.10 164.72
C ARG A 4 -9.79 -11.99 164.24
N ASP A 5 -8.52 -12.31 164.06
CA ASP A 5 -7.55 -11.34 163.57
C ASP A 5 -7.00 -11.78 162.21
N ASN A 6 -7.40 -11.04 161.19
CA ASN A 6 -6.99 -11.33 159.81
C ASN A 6 -6.85 -10.05 159.01
N LYS A 7 -5.80 -10.01 158.19
CA LYS A 7 -5.54 -8.87 157.31
C LYS A 7 -5.30 -9.38 155.90
N PHE A 8 -6.00 -8.80 154.94
CA PHE A 8 -5.92 -9.23 153.55
C PHE A 8 -5.56 -8.08 152.64
N ASN A 9 -4.57 -8.33 151.79
CA ASN A 9 -4.11 -7.39 150.75
C ASN A 9 -3.27 -8.17 149.73
N THR A 10 -3.56 -7.95 148.45
CA THR A 10 -2.87 -8.65 147.38
C THR A 10 -2.25 -7.64 146.43
N TRP A 11 -0.95 -7.77 146.19
CA TRP A 11 -0.23 -6.83 145.35
C TRP A 11 0.19 -7.47 144.03
N ASN A 12 -0.44 -7.01 142.95
CA ASN A 12 -0.04 -7.37 141.60
C ASN A 12 0.22 -6.09 140.81
N ASP A 13 1.42 -6.00 140.24
CA ASP A 13 1.84 -4.81 139.52
C ASP A 13 2.79 -5.18 138.37
N SER A 14 2.42 -4.78 137.17
CA SER A 14 3.25 -5.03 135.99
C SER A 14 3.60 -3.70 135.32
N ARG A 15 4.89 -3.50 135.05
CA ARG A 15 5.35 -2.26 134.43
C ARG A 15 6.39 -2.53 133.35
N GLY A 16 6.26 -1.82 132.24
CA GLY A 16 7.17 -1.99 131.12
C GLY A 16 6.81 -1.06 129.99
N ASN A 17 7.83 -0.51 129.34
CA ASN A 17 7.64 0.39 128.19
C ASN A 17 8.54 -0.08 127.06
N TYR A 18 7.95 -0.73 126.08
CA TYR A 18 8.72 -1.36 125.01
C TYR A 18 8.31 -0.82 123.64
N TRP A 19 9.31 -0.62 122.78
CA TRP A 19 9.08 -0.08 121.45
C TRP A 19 10.18 -0.54 120.51
N SER A 20 9.86 -0.56 119.23
CA SER A 20 10.81 -0.92 118.20
C SER A 20 10.88 0.20 117.16
N ASP A 21 11.97 0.24 116.40
CA ASP A 21 12.11 1.26 115.35
C ASP A 21 12.41 0.61 114.01
N TYR A 22 11.65 1.03 113.01
CA TYR A 22 11.85 0.59 111.64
C TYR A 22 13.06 1.28 111.04
N GLU A 23 14.06 0.49 110.71
CA GLU A 23 15.25 0.98 110.05
C GLU A 23 15.37 0.35 108.68
N GLY A 24 15.00 1.10 107.65
CA GLY A 24 15.04 0.60 106.29
C GLY A 24 15.40 1.69 105.31
N SER A 25 16.68 1.78 104.96
CA SER A 25 17.16 2.75 103.98
C SER A 25 18.16 2.10 103.04
N ASP A 26 17.73 1.83 101.82
CA ASP A 26 18.59 1.20 100.82
C ASP A 26 18.31 1.79 99.43
N GLU A 27 19.38 1.99 98.66
CA GLU A 27 19.28 2.57 97.32
C GLU A 27 19.93 1.65 96.29
N ASN A 28 19.22 1.45 95.18
CA ASN A 28 19.75 0.72 94.04
C ASN A 28 19.21 1.34 92.74
N GLY A 29 20.10 1.97 91.99
CA GLY A 29 19.72 2.61 90.74
C GLY A 29 20.25 1.86 89.55
N ASP A 30 19.82 2.26 88.36
CA ASP A 30 20.23 1.62 87.12
C ASP A 30 20.32 2.66 86.02
N GLY A 31 21.03 2.32 84.95
CA GLY A 31 21.13 3.21 83.81
C GLY A 31 22.22 2.78 82.85
N ILE A 32 22.00 3.01 81.58
CA ILE A 32 22.95 2.71 80.53
C ILE A 32 22.69 3.58 79.29
N GLY A 33 23.71 4.30 78.87
CA GLY A 33 23.63 5.10 77.66
C GLY A 33 24.41 4.46 76.54
N ASP A 34 23.71 4.05 75.50
CA ASP A 34 24.33 3.41 74.34
C ASP A 34 24.07 4.22 73.08
N SER A 35 25.13 4.48 72.33
CA SER A 35 25.04 5.18 71.06
C SER A 35 25.52 4.26 69.94
N ALA A 36 24.81 4.26 68.82
CA ALA A 36 25.18 3.45 67.67
C ALA A 36 25.10 4.27 66.39
N TYR A 37 26.20 4.30 65.66
CA TYR A 37 26.27 4.99 64.39
C TYR A 37 26.86 4.07 63.34
N ALA A 38 26.09 3.82 62.29
CA ALA A 38 26.61 3.07 61.16
C ALA A 38 27.02 4.02 60.06
N VAL A 39 28.10 3.69 59.38
CA VAL A 39 28.64 4.55 58.34
C VAL A 39 27.99 4.19 57.00
N ASN A 40 26.92 4.87 56.68
CA ASN A 40 26.26 4.73 55.39
C ASN A 40 26.59 5.94 54.53
N PRO A 41 27.35 5.75 53.43
CA PRO A 41 27.82 6.85 52.55
C PRO A 41 26.69 7.56 51.81
N GLU A 42 26.12 6.90 50.79
CA GLU A 42 25.05 7.48 49.98
C GLU A 42 23.99 6.43 49.68
N ALA A 43 23.02 6.80 48.84
CA ALA A 43 22.01 5.87 48.37
C ALA A 43 22.45 5.25 47.05
N GLY A 44 21.96 4.05 46.77
CA GLY A 44 22.34 3.35 45.56
C GLY A 44 21.45 3.68 44.38
N SER A 45 21.64 4.87 43.83
CA SER A 45 20.92 5.29 42.63
C SER A 45 21.72 4.91 41.38
N MET A 46 21.68 3.62 41.06
CA MET A 46 22.47 3.04 39.98
C MET A 46 21.56 2.23 39.08
N ASP A 47 21.31 2.76 37.89
CA ASP A 47 20.34 2.20 36.97
C ASP A 47 20.82 2.33 35.54
N TYR A 48 20.91 1.20 34.85
CA TYR A 48 21.38 1.16 33.47
C TYR A 48 20.51 0.21 32.64
N MET A 49 19.91 0.75 31.59
CA MET A 49 19.13 -0.03 30.66
C MET A 49 19.28 0.53 29.25
N PRO A 50 19.95 -0.22 28.33
CA PRO A 50 20.12 0.22 26.94
C PRO A 50 18.90 -0.07 26.05
N LEU A 51 18.92 0.46 24.83
CA LEU A 51 17.78 0.36 23.90
C LEU A 51 18.26 -0.10 22.52
N MET A 52 17.65 -1.19 22.03
CA MET A 52 17.84 -1.63 20.64
C MET A 52 16.50 -1.89 19.98
N GLU A 53 16.17 -1.06 19.01
CA GLU A 53 14.94 -1.24 18.24
C GLU A 53 15.29 -1.66 16.81
N TYR A 54 14.42 -2.46 16.22
CA TYR A 54 14.61 -2.89 14.84
C TYR A 54 13.53 -2.29 13.96
N LEU A 55 13.64 -2.50 12.66
CA LEU A 55 12.68 -1.94 11.71
C LEU A 55 11.56 -2.95 11.46
N HIS A 56 10.50 -2.48 10.81
CA HIS A 56 9.39 -3.35 10.46
C HIS A 56 9.70 -4.11 9.18
N SER A 57 9.85 -5.42 9.30
CA SER A 57 10.12 -6.29 8.16
C SER A 57 8.86 -6.43 7.31
N SER A 58 8.90 -5.84 6.12
CA SER A 58 7.74 -5.77 5.26
C SER A 58 7.55 -7.08 4.47
N PRO A 59 6.43 -7.79 4.69
CA PRO A 59 6.14 -9.04 3.99
C PRO A 59 5.58 -8.82 2.59
N VAL A 60 5.75 -9.82 1.75
CA VAL A 60 5.23 -9.79 0.41
C VAL A 60 3.95 -10.63 0.32
N LEU A 61 2.89 -10.03 -0.18
CA LEU A 61 1.60 -10.70 -0.32
C LEU A 61 1.22 -10.78 -1.81
N PRO A 62 0.32 -11.71 -2.21
CA PRO A 62 -0.07 -11.86 -3.62
C PRO A 62 -0.98 -10.76 -4.13
N THR A 63 -1.26 -10.84 -5.43
CA THR A 63 -2.15 -9.94 -6.09
C THR A 63 -2.89 -10.70 -7.19
N ALA A 64 -4.21 -10.76 -7.10
CA ALA A 64 -5.01 -11.39 -8.13
C ALA A 64 -5.42 -10.36 -9.16
N ARG A 65 -4.74 -10.38 -10.29
CA ARG A 65 -4.99 -9.43 -11.36
C ARG A 65 -5.20 -10.20 -12.64
N PHE A 66 -6.07 -9.71 -13.51
CA PHE A 66 -6.29 -10.31 -14.82
C PHE A 66 -6.91 -9.31 -15.78
N THR A 67 -6.75 -9.55 -17.06
CA THR A 67 -7.46 -8.79 -18.07
C THR A 67 -8.45 -9.70 -18.78
N SER A 68 -9.63 -9.17 -19.02
CA SER A 68 -10.62 -9.85 -19.83
C SER A 68 -10.38 -9.48 -21.28
N ASP A 69 -10.70 -10.40 -22.20
CA ASP A 69 -10.47 -10.19 -23.63
C ASP A 69 -11.37 -9.06 -24.15
N ILE A 70 -12.66 -9.19 -23.92
CA ILE A 70 -13.58 -8.07 -24.09
C ILE A 70 -14.07 -7.59 -22.73
N THR A 71 -14.43 -6.34 -22.64
CA THR A 71 -15.02 -5.79 -21.43
C THR A 71 -16.51 -5.55 -21.65
N GLU A 72 -16.84 -5.22 -22.90
CA GLU A 72 -18.21 -5.03 -23.33
C GLU A 72 -18.30 -5.25 -24.84
N GLY A 73 -19.45 -5.73 -25.29
CA GLY A 73 -19.68 -6.02 -26.68
C GLY A 73 -20.56 -7.22 -26.82
N PHE A 74 -20.59 -7.86 -27.98
CA PHE A 74 -21.35 -9.10 -28.15
C PHE A 74 -20.60 -10.25 -27.47
N ALA A 75 -21.35 -11.19 -26.89
CA ALA A 75 -20.76 -12.45 -26.35
C ALA A 75 -20.04 -13.25 -27.44
N PRO A 76 -18.70 -13.37 -27.35
CA PRO A 76 -17.89 -14.11 -28.32
C PRO A 76 -17.74 -15.59 -27.96
N LEU A 77 -17.06 -16.34 -28.83
CA LEU A 77 -16.89 -17.78 -28.66
C LEU A 77 -15.50 -18.11 -28.10
N SER A 78 -14.58 -17.16 -28.18
CA SER A 78 -13.27 -17.33 -27.60
C SER A 78 -12.90 -16.08 -26.82
N VAL A 79 -12.95 -16.20 -25.49
CA VAL A 79 -12.59 -15.12 -24.60
C VAL A 79 -11.47 -15.60 -23.67
N ARG A 80 -10.24 -15.33 -24.07
CA ARG A 80 -9.09 -15.76 -23.30
C ARG A 80 -8.75 -14.73 -22.23
N PHE A 81 -8.68 -15.22 -21.00
CA PHE A 81 -8.36 -14.38 -19.86
C PHE A 81 -6.87 -14.50 -19.55
N LYS A 82 -6.19 -13.37 -19.55
CA LYS A 82 -4.78 -13.34 -19.26
C LYS A 82 -4.58 -12.92 -17.80
N ASP A 83 -4.04 -13.82 -16.99
CA ASP A 83 -3.86 -13.52 -15.58
C ASP A 83 -2.51 -12.88 -15.34
N PHE A 84 -2.50 -11.96 -14.41
CA PHE A 84 -1.32 -11.20 -14.04
C PHE A 84 -1.09 -11.33 -12.53
N SER A 85 -1.43 -12.51 -12.02
CA SER A 85 -1.21 -12.88 -10.63
C SER A 85 0.26 -12.75 -10.25
N GLU A 86 0.52 -11.85 -9.30
CA GLU A 86 1.86 -11.57 -8.84
C GLU A 86 2.01 -12.10 -7.42
N ASN A 87 3.20 -12.65 -7.10
CA ASN A 87 3.58 -13.07 -5.73
C ASN A 87 2.67 -14.18 -5.19
N ALA A 88 2.20 -15.02 -6.10
CA ALA A 88 1.20 -16.01 -5.76
C ALA A 88 1.81 -17.40 -5.79
N THR A 89 1.34 -18.25 -4.90
CA THR A 89 1.72 -19.66 -4.88
C THR A 89 0.90 -20.41 -5.93
N SER A 90 -0.41 -20.20 -5.91
CA SER A 90 -1.32 -20.81 -6.88
C SER A 90 -2.45 -19.83 -7.21
N ARG A 91 -2.93 -19.87 -8.45
CA ARG A 91 -4.12 -19.13 -8.83
C ARG A 91 -5.29 -20.09 -9.01
N LEU A 92 -6.42 -19.68 -8.46
CA LEU A 92 -7.60 -20.51 -8.37
C LEU A 92 -8.67 -19.94 -9.29
N TRP A 93 -9.05 -20.72 -10.28
CA TRP A 93 -10.12 -20.33 -11.19
C TRP A 93 -11.44 -20.88 -10.68
N MET A 94 -12.32 -19.98 -10.27
CA MET A 94 -13.61 -20.35 -9.72
C MET A 94 -14.74 -19.90 -10.65
N PHE A 95 -15.28 -20.85 -11.39
CA PHE A 95 -16.41 -20.60 -12.27
C PHE A 95 -17.71 -21.10 -11.63
N GLY A 96 -17.59 -22.08 -10.73
CA GLY A 96 -18.73 -22.57 -9.98
C GLY A 96 -19.26 -23.90 -10.47
N ASP A 97 -18.48 -24.57 -11.33
CA ASP A 97 -18.89 -25.85 -11.92
C ASP A 97 -17.81 -26.89 -11.71
N GLY A 98 -18.10 -27.90 -10.89
CA GLY A 98 -17.17 -28.99 -10.69
C GLY A 98 -15.99 -28.59 -9.82
N ASN A 99 -14.80 -28.83 -10.37
CA ASN A 99 -13.53 -28.54 -9.71
C ASN A 99 -13.16 -27.04 -9.79
N THR A 100 -11.92 -26.74 -9.39
CA THR A 100 -11.41 -25.36 -9.27
C THR A 100 -9.93 -25.37 -9.59
N SER A 101 -9.41 -24.20 -10.03
CA SER A 101 -8.00 -23.93 -10.50
C SER A 101 -7.60 -24.69 -11.77
N ASP A 102 -7.87 -25.99 -11.82
CA ASP A 102 -7.70 -26.80 -13.01
C ASP A 102 -8.83 -26.48 -13.99
N SER A 103 -8.52 -25.61 -14.93
CA SER A 103 -9.44 -25.25 -15.98
C SER A 103 -8.97 -25.88 -17.28
N PRO A 104 -9.88 -26.56 -18.02
CA PRO A 104 -9.52 -27.24 -19.29
C PRO A 104 -9.21 -26.26 -20.43
N SER A 105 -9.59 -25.00 -20.25
CA SER A 105 -9.41 -23.98 -21.27
C SER A 105 -9.21 -22.60 -20.63
N PRO A 106 -8.14 -21.86 -21.03
CA PRO A 106 -7.92 -20.47 -20.58
C PRO A 106 -8.90 -19.49 -21.24
N LEU A 107 -9.33 -19.86 -22.44
CA LEU A 107 -10.37 -19.16 -23.18
C LEU A 107 -11.72 -19.82 -22.93
N HIS A 108 -12.76 -19.04 -22.80
CA HIS A 108 -14.08 -19.58 -22.55
C HIS A 108 -15.08 -19.15 -23.61
N THR A 109 -15.96 -20.07 -23.95
CA THR A 109 -17.00 -19.82 -24.94
C THR A 109 -18.29 -19.37 -24.24
N PHE A 110 -18.70 -18.16 -24.56
CA PHE A 110 -19.99 -17.68 -24.09
C PHE A 110 -21.04 -18.01 -25.14
N PHE A 111 -21.90 -18.96 -24.79
CA PHE A 111 -22.94 -19.44 -25.70
C PHE A 111 -24.18 -18.58 -25.60
N ASN A 112 -24.28 -17.84 -24.50
CA ASN A 112 -25.32 -16.86 -24.30
C ASN A 112 -24.69 -15.60 -23.71
N GLU A 113 -25.41 -14.49 -23.74
CA GLU A 113 -24.91 -13.23 -23.20
C GLU A 113 -25.51 -12.92 -21.84
N GLY A 114 -25.01 -11.85 -21.23
CA GLY A 114 -25.43 -11.46 -19.89
C GLY A 114 -24.34 -10.69 -19.20
N GLU A 115 -24.62 -10.20 -17.99
CA GLU A 115 -23.61 -9.49 -17.23
C GLU A 115 -23.01 -10.43 -16.18
N TYR A 116 -21.80 -10.88 -16.48
CA TYR A 116 -21.09 -11.85 -15.66
C TYR A 116 -20.10 -11.13 -14.76
N ILE A 117 -19.65 -11.80 -13.70
CA ILE A 117 -18.58 -11.27 -12.86
C ILE A 117 -17.54 -12.38 -12.64
N VAL A 118 -16.42 -12.27 -13.34
CA VAL A 118 -15.31 -13.24 -13.19
C VAL A 118 -14.41 -12.79 -12.05
N SER A 119 -14.07 -13.71 -11.17
CA SER A 119 -13.20 -13.41 -10.05
C SER A 119 -11.99 -14.33 -10.07
N LEU A 120 -10.82 -13.73 -10.20
CA LEU A 120 -9.57 -14.44 -10.02
C LEU A 120 -9.17 -14.32 -8.56
N ILE A 121 -8.80 -15.44 -7.99
CA ILE A 121 -8.39 -15.49 -6.59
C ILE A 121 -7.07 -16.24 -6.50
N VAL A 122 -6.12 -15.67 -5.78
CA VAL A 122 -4.82 -16.28 -5.61
C VAL A 122 -4.57 -16.55 -4.14
N SER A 123 -3.67 -17.46 -3.86
CA SER A 123 -3.35 -17.82 -2.49
C SER A 123 -1.84 -17.87 -2.32
N ASN A 124 -1.39 -17.54 -1.13
CA ASN A 124 0.01 -17.53 -0.76
C ASN A 124 0.10 -17.80 0.74
N GLU A 125 1.31 -18.00 1.27
CA GLU A 125 1.53 -18.33 2.67
C GLU A 125 1.29 -17.13 3.59
N ASN A 126 1.40 -15.90 3.03
CA ASN A 126 1.23 -14.68 3.78
C ASN A 126 -0.25 -14.27 3.79
N ASP A 127 -0.79 -14.05 2.59
CA ASP A 127 -2.17 -13.59 2.43
C ASP A 127 -2.82 -14.24 1.22
N SER A 128 -4.10 -13.95 1.03
CA SER A 128 -4.81 -14.36 -0.16
C SER A 128 -5.55 -13.16 -0.74
N ASP A 129 -5.39 -12.93 -2.03
CA ASP A 129 -5.97 -11.77 -2.69
C ASP A 129 -6.96 -12.24 -3.75
N SER A 130 -8.11 -11.57 -3.85
CA SER A 130 -9.09 -11.89 -4.89
C SER A 130 -9.69 -10.61 -5.46
N ALA A 131 -9.86 -10.57 -6.78
CA ALA A 131 -10.43 -9.41 -7.44
C ALA A 131 -11.31 -9.82 -8.59
N SER A 132 -12.36 -9.04 -8.78
CA SER A 132 -13.40 -9.37 -9.73
C SER A 132 -13.55 -8.24 -10.76
N VAL A 133 -13.97 -8.58 -11.97
CA VAL A 133 -14.30 -7.59 -12.97
C VAL A 133 -15.65 -7.94 -13.61
N THR A 134 -16.39 -6.93 -14.04
CA THR A 134 -17.69 -7.10 -14.62
C THR A 134 -17.58 -7.33 -16.14
N ILE A 135 -17.95 -8.53 -16.56
CA ILE A 135 -17.92 -8.92 -17.97
C ILE A 135 -19.28 -8.59 -18.57
N ARG A 136 -19.31 -7.63 -19.45
CA ARG A 136 -20.58 -7.15 -19.97
C ARG A 136 -20.80 -7.65 -21.39
N ALA A 137 -21.57 -8.72 -21.50
CA ALA A 137 -21.90 -9.28 -22.79
C ALA A 137 -23.30 -8.82 -23.15
N LEU A 138 -23.38 -7.98 -24.15
CA LEU A 138 -24.60 -7.28 -24.51
C LEU A 138 -25.55 -8.15 -25.31
N GLU A 139 -26.83 -8.01 -25.00
CA GLU A 139 -27.87 -8.79 -25.62
C GLU A 139 -28.19 -8.22 -27.00
N HIS A 140 -28.32 -9.11 -27.99
CA HIS A 140 -28.61 -8.71 -29.37
C HIS A 140 -30.07 -8.23 -29.50
N HIS A 141 -30.23 -7.04 -30.10
CA HIS A 141 -31.55 -6.38 -30.29
C HIS A 141 -32.20 -6.07 -28.92
N HIS A 142 -31.39 -5.59 -27.98
CA HIS A 142 -31.89 -5.24 -26.66
C HIS A 142 -32.11 -3.74 -26.55
N HIS A 143 -31.55 -2.98 -27.49
CA HIS A 143 -31.75 -1.55 -27.54
C HIS A 143 -32.98 -1.25 -28.40
N HIS A 144 -34.08 -0.95 -27.73
CA HIS A 144 -35.32 -0.62 -28.42
C HIS A 144 -35.43 0.88 -28.59
N HIS A 145 -35.75 1.29 -29.82
CA HIS A 145 -36.00 2.69 -30.12
C HIS A 145 -37.47 3.01 -29.82
N MET A 1 160.07 17.97 43.60
CA MET A 1 158.76 17.41 43.98
C MET A 1 157.75 17.51 42.82
N ASN A 2 158.26 17.63 41.58
CA ASN A 2 157.37 17.68 40.42
C ASN A 2 157.68 16.54 39.45
N ALA A 3 156.66 16.09 38.74
CA ALA A 3 156.82 15.04 37.75
C ALA A 3 156.27 15.50 36.40
N ARG A 4 156.65 14.78 35.35
CA ARG A 4 156.14 15.01 34.00
C ARG A 4 155.16 13.88 33.68
N ASP A 5 154.32 13.59 34.65
CA ASP A 5 153.49 12.37 34.68
C ASP A 5 152.14 12.60 34.01
N ASN A 6 151.94 11.90 32.89
CA ASN A 6 150.69 11.92 32.16
C ASN A 6 150.51 10.60 31.41
N LYS A 7 149.85 9.65 32.06
CA LYS A 7 149.57 8.36 31.43
C LYS A 7 148.07 8.17 31.28
N PHE A 8 147.66 7.73 30.10
CA PHE A 8 146.26 7.60 29.78
C PHE A 8 145.88 6.15 29.47
N ASN A 9 144.78 5.74 30.06
CA ASN A 9 144.13 4.49 29.70
C ASN A 9 142.62 4.73 29.70
N THR A 10 141.98 4.39 28.60
CA THR A 10 140.55 4.57 28.49
C THR A 10 139.85 3.21 28.45
N TRP A 11 140.43 2.27 27.67
CA TRP A 11 139.86 0.94 27.42
C TRP A 11 138.39 1.01 27.03
N ASN A 12 138.15 1.71 25.92
CA ASN A 12 136.81 1.95 25.43
C ASN A 12 136.24 0.71 24.73
N ASP A 13 135.54 -0.08 25.53
CA ASP A 13 134.98 -1.34 25.10
C ASP A 13 133.47 -1.20 25.01
N SER A 14 133.01 -0.71 23.87
CA SER A 14 131.60 -0.47 23.66
C SER A 14 131.00 -1.55 22.77
N ARG A 15 130.49 -2.60 23.41
CA ARG A 15 129.89 -3.71 22.69
C ARG A 15 128.37 -3.68 22.81
N GLY A 16 127.71 -4.16 21.77
CA GLY A 16 126.26 -4.16 21.73
C GLY A 16 125.73 -5.08 20.66
N ASN A 17 125.09 -6.16 21.09
CA ASN A 17 124.50 -7.15 20.20
C ASN A 17 123.14 -7.59 20.74
N TYR A 18 122.08 -7.25 20.01
CA TYR A 18 120.72 -7.55 20.46
C TYR A 18 119.76 -7.63 19.27
N TRP A 19 118.69 -8.40 19.43
CA TRP A 19 117.66 -8.54 18.39
C TRP A 19 116.34 -9.01 19.02
N SER A 20 115.24 -8.79 18.29
CA SER A 20 113.92 -9.02 18.85
C SER A 20 113.01 -9.73 17.86
N ASP A 21 112.20 -10.65 18.38
CA ASP A 21 111.16 -11.31 17.59
C ASP A 21 109.80 -11.00 18.26
N TYR A 22 108.69 -11.44 17.67
CA TYR A 22 107.36 -11.07 18.16
C TYR A 22 106.50 -12.28 18.48
N GLU A 23 106.29 -12.51 19.77
CA GLU A 23 105.41 -13.57 20.25
C GLU A 23 104.11 -12.98 20.77
N GLY A 24 102.99 -13.37 20.16
CA GLY A 24 101.70 -12.88 20.59
C GLY A 24 100.71 -12.77 19.46
N SER A 25 99.98 -13.85 19.23
CA SER A 25 98.97 -13.88 18.18
C SER A 25 97.58 -14.06 18.78
N ASP A 26 96.92 -12.93 19.03
CA ASP A 26 95.57 -12.92 19.59
C ASP A 26 94.55 -12.87 18.45
N GLU A 27 93.51 -13.68 18.56
CA GLU A 27 92.51 -13.79 17.50
C GLU A 27 91.39 -12.75 17.69
N ASN A 28 90.42 -13.07 18.54
CA ASN A 28 89.19 -12.30 18.66
C ASN A 28 88.66 -12.33 20.09
N GLY A 29 87.71 -11.46 20.39
CA GLY A 29 87.06 -11.46 21.69
C GLY A 29 85.62 -11.01 21.58
N ASP A 30 84.70 -11.95 21.66
CA ASP A 30 83.28 -11.65 21.48
C ASP A 30 82.47 -12.00 22.71
N GLY A 31 81.28 -11.42 22.78
CA GLY A 31 80.38 -11.64 23.89
C GLY A 31 79.17 -10.73 23.81
N ILE A 32 78.07 -11.28 23.34
CA ILE A 32 76.80 -10.56 23.30
C ILE A 32 75.84 -11.16 24.33
N GLY A 33 75.36 -10.30 25.22
CA GLY A 33 74.42 -10.71 26.23
C GLY A 33 73.23 -9.79 26.29
N ASP A 34 72.21 -10.11 25.52
CA ASP A 34 71.00 -9.29 25.45
C ASP A 34 69.85 -9.96 26.19
N SER A 35 68.99 -9.13 26.78
CA SER A 35 67.76 -9.60 27.40
C SER A 35 66.67 -8.55 27.22
N ALA A 36 65.73 -8.85 26.34
CA ALA A 36 64.55 -8.01 26.17
C ALA A 36 63.30 -8.83 26.45
N TYR A 37 63.02 -9.02 27.74
CA TYR A 37 61.85 -9.78 28.16
C TYR A 37 60.64 -8.85 28.31
N ALA A 38 59.82 -8.81 27.28
CA ALA A 38 58.64 -7.96 27.26
C ALA A 38 57.41 -8.78 26.89
N VAL A 39 56.61 -9.10 27.89
CA VAL A 39 55.37 -9.85 27.66
C VAL A 39 54.15 -8.96 27.87
N ASN A 40 53.13 -9.20 27.07
CA ASN A 40 51.89 -8.43 27.14
C ASN A 40 50.91 -9.13 28.10
N PRO A 41 50.19 -8.39 28.97
CA PRO A 41 49.25 -8.97 29.95
C PRO A 41 47.92 -9.49 29.35
N GLU A 42 47.89 -9.64 28.01
CA GLU A 42 46.82 -10.32 27.25
C GLU A 42 45.48 -9.56 27.30
N ALA A 43 44.63 -9.95 28.23
CA ALA A 43 43.31 -9.34 28.38
C ALA A 43 43.09 -8.90 29.83
N GLY A 44 42.71 -7.65 29.99
CA GLY A 44 42.41 -7.11 31.32
C GLY A 44 41.11 -6.34 31.34
N SER A 45 40.27 -6.59 30.34
CA SER A 45 39.00 -5.91 30.21
C SER A 45 37.89 -6.93 30.00
N MET A 46 36.91 -6.94 30.90
CA MET A 46 35.82 -7.88 30.84
C MET A 46 34.48 -7.13 30.80
N ASP A 47 34.23 -6.53 29.65
CA ASP A 47 33.05 -5.72 29.43
C ASP A 47 32.09 -6.40 28.45
N TYR A 48 30.84 -6.57 28.88
CA TYR A 48 29.87 -7.35 28.11
C TYR A 48 28.57 -6.56 27.95
N MET A 49 28.02 -6.55 26.73
CA MET A 49 26.79 -5.82 26.44
C MET A 49 25.57 -6.75 26.48
N PRO A 50 24.41 -6.24 26.97
CA PRO A 50 23.13 -6.99 26.96
C PRO A 50 22.65 -7.33 25.54
N LEU A 51 22.18 -8.56 25.39
CA LEU A 51 21.74 -9.06 24.08
C LEU A 51 20.23 -8.89 23.93
N MET A 52 19.84 -7.86 23.19
CA MET A 52 18.44 -7.50 23.01
C MET A 52 18.19 -6.96 21.60
N GLU A 53 18.35 -7.84 20.62
CA GLU A 53 18.22 -7.47 19.21
C GLU A 53 16.88 -7.89 18.65
N TYR A 54 16.30 -7.04 17.83
CA TYR A 54 15.02 -7.31 17.22
C TYR A 54 15.18 -7.64 15.75
N LEU A 55 14.94 -8.91 15.41
CA LEU A 55 15.08 -9.38 14.05
C LEU A 55 13.76 -9.22 13.31
N HIS A 56 13.76 -8.33 12.32
CA HIS A 56 12.54 -7.98 11.60
C HIS A 56 12.56 -8.53 10.19
N SER A 57 11.52 -9.29 9.88
CA SER A 57 11.33 -9.83 8.55
C SER A 57 9.86 -9.77 8.18
N SER A 58 9.53 -8.92 7.21
CA SER A 58 8.17 -8.78 6.74
C SER A 58 7.97 -9.58 5.46
N PRO A 59 6.93 -10.44 5.40
CA PRO A 59 6.55 -11.15 4.18
C PRO A 59 5.67 -10.29 3.25
N VAL A 60 5.47 -10.75 2.02
CA VAL A 60 4.75 -9.97 1.03
C VAL A 60 3.46 -10.70 0.59
N LEU A 61 2.39 -9.92 0.43
CA LEU A 61 1.07 -10.44 0.04
C LEU A 61 0.91 -10.44 -1.48
N PRO A 62 -0.02 -11.25 -2.07
CA PRO A 62 -0.22 -11.27 -3.52
C PRO A 62 -1.03 -10.11 -4.07
N THR A 63 -1.23 -10.19 -5.36
CA THR A 63 -2.00 -9.25 -6.12
C THR A 63 -2.77 -10.03 -7.17
N ALA A 64 -4.09 -10.08 -7.05
CA ALA A 64 -4.90 -10.78 -8.01
C ALA A 64 -5.14 -9.92 -9.25
N ARG A 65 -4.50 -10.29 -10.35
CA ARG A 65 -4.61 -9.52 -11.58
C ARG A 65 -4.84 -10.45 -12.74
N PHE A 66 -5.75 -10.06 -13.61
CA PHE A 66 -6.13 -10.86 -14.76
C PHE A 66 -6.74 -9.98 -15.84
N THR A 67 -6.66 -10.43 -17.09
CA THR A 67 -7.18 -9.66 -18.21
C THR A 67 -7.93 -10.57 -19.18
N SER A 68 -9.16 -10.16 -19.53
CA SER A 68 -9.97 -10.87 -20.50
C SER A 68 -9.89 -10.16 -21.85
N ASP A 69 -10.60 -10.69 -22.85
CA ASP A 69 -10.71 -10.00 -24.13
C ASP A 69 -11.67 -8.82 -24.01
N ILE A 70 -12.88 -9.08 -23.50
CA ILE A 70 -13.81 -8.02 -23.13
C ILE A 70 -14.31 -8.20 -21.71
N THR A 71 -14.44 -7.10 -20.99
CA THR A 71 -15.17 -7.08 -19.73
C THR A 71 -16.60 -6.57 -19.97
N GLU A 72 -16.80 -6.03 -21.17
CA GLU A 72 -18.08 -5.48 -21.61
C GLU A 72 -18.07 -5.42 -23.14
N GLY A 73 -19.22 -5.70 -23.74
CA GLY A 73 -19.32 -5.72 -25.19
C GLY A 73 -20.22 -6.84 -25.64
N PHE A 74 -20.14 -7.25 -26.91
CA PHE A 74 -20.93 -8.39 -27.36
C PHE A 74 -20.19 -9.70 -27.06
N ALA A 75 -20.97 -10.71 -26.70
CA ALA A 75 -20.47 -12.08 -26.44
C ALA A 75 -19.58 -12.61 -27.57
N PRO A 76 -18.25 -12.77 -27.29
CA PRO A 76 -17.28 -13.25 -28.28
C PRO A 76 -17.07 -14.77 -28.24
N LEU A 77 -16.30 -15.26 -29.20
CA LEU A 77 -16.06 -16.67 -29.33
C LEU A 77 -14.63 -16.97 -28.86
N SER A 78 -14.55 -17.79 -27.80
CA SER A 78 -13.32 -18.18 -27.10
C SER A 78 -12.57 -17.00 -26.49
N VAL A 79 -12.76 -16.83 -25.19
CA VAL A 79 -12.03 -15.83 -24.44
C VAL A 79 -10.73 -16.39 -23.90
N ARG A 80 -9.65 -15.66 -24.12
CA ARG A 80 -8.33 -16.06 -23.66
C ARG A 80 -8.08 -15.41 -22.32
N PHE A 81 -8.26 -16.18 -21.25
CA PHE A 81 -8.06 -15.69 -19.90
C PHE A 81 -6.57 -15.60 -19.60
N LYS A 82 -6.15 -14.39 -19.24
CA LYS A 82 -4.76 -14.09 -18.96
C LYS A 82 -4.64 -13.69 -17.51
N ASP A 83 -3.49 -13.92 -16.90
CA ASP A 83 -3.26 -13.44 -15.56
C ASP A 83 -1.94 -12.70 -15.46
N PHE A 84 -1.96 -11.64 -14.68
CA PHE A 84 -0.77 -10.84 -14.40
C PHE A 84 -0.55 -10.78 -12.88
N SER A 85 -1.04 -11.84 -12.22
CA SER A 85 -0.97 -12.00 -10.77
C SER A 85 0.46 -11.88 -10.23
N GLU A 86 0.61 -11.08 -9.19
CA GLU A 86 1.90 -10.81 -8.59
C GLU A 86 1.98 -11.52 -7.25
N ASN A 87 3.17 -12.08 -6.92
CA ASN A 87 3.46 -12.69 -5.61
C ASN A 87 2.56 -13.88 -5.31
N ALA A 88 2.29 -14.68 -6.33
CA ALA A 88 1.37 -15.78 -6.20
C ALA A 88 2.08 -17.11 -6.24
N THR A 89 1.68 -17.98 -5.33
CA THR A 89 2.13 -19.37 -5.31
C THR A 89 1.33 -20.17 -6.34
N SER A 90 0.01 -19.96 -6.33
CA SER A 90 -0.90 -20.65 -7.24
C SER A 90 -2.06 -19.74 -7.64
N ARG A 91 -2.69 -20.06 -8.76
CA ARG A 91 -3.93 -19.40 -9.18
C ARG A 91 -5.12 -20.28 -8.85
N LEU A 92 -6.27 -19.66 -8.70
CA LEU A 92 -7.54 -20.37 -8.59
C LEU A 92 -8.56 -19.57 -9.36
N TRP A 93 -9.06 -20.14 -10.45
CA TRP A 93 -10.09 -19.47 -11.23
C TRP A 93 -11.46 -19.90 -10.73
N MET A 94 -12.16 -18.95 -10.13
CA MET A 94 -13.48 -19.15 -9.59
C MET A 94 -14.53 -18.59 -10.53
N PHE A 95 -15.11 -19.45 -11.35
CA PHE A 95 -16.20 -19.04 -12.23
C PHE A 95 -17.54 -19.17 -11.50
N GLY A 96 -17.56 -19.98 -10.43
CA GLY A 96 -18.77 -20.19 -9.65
C GLY A 96 -19.67 -21.25 -10.24
N ASP A 97 -19.14 -22.02 -11.19
CA ASP A 97 -19.92 -23.01 -11.91
C ASP A 97 -19.20 -24.35 -11.96
N GLY A 98 -19.91 -25.41 -11.56
CA GLY A 98 -19.35 -26.77 -11.60
C GLY A 98 -18.28 -26.99 -10.55
N ASN A 99 -17.15 -27.51 -10.98
CA ASN A 99 -15.97 -27.63 -10.13
C ASN A 99 -15.03 -26.47 -10.40
N THR A 100 -14.29 -26.09 -9.39
CA THR A 100 -13.19 -25.16 -9.57
C THR A 100 -11.86 -25.86 -9.36
N SER A 101 -10.77 -25.15 -9.73
CA SER A 101 -9.40 -25.70 -9.78
C SER A 101 -9.29 -26.84 -10.80
N ASP A 102 -10.00 -26.69 -11.92
CA ASP A 102 -9.98 -27.67 -13.00
C ASP A 102 -8.78 -27.48 -13.91
N SER A 103 -8.64 -28.38 -14.88
CA SER A 103 -7.65 -28.26 -15.94
C SER A 103 -8.06 -27.15 -16.91
N PRO A 104 -7.12 -26.23 -17.26
CA PRO A 104 -7.41 -25.08 -18.15
C PRO A 104 -7.82 -25.52 -19.56
N SER A 105 -9.13 -25.47 -19.78
CA SER A 105 -9.73 -25.91 -21.02
C SER A 105 -10.50 -24.74 -21.65
N PRO A 106 -10.46 -24.59 -22.99
CA PRO A 106 -11.19 -23.53 -23.72
C PRO A 106 -12.67 -23.90 -23.99
N LEU A 107 -13.32 -24.49 -22.98
CA LEU A 107 -14.74 -24.85 -23.05
C LEU A 107 -15.62 -23.75 -22.46
N HIS A 108 -15.04 -22.56 -22.30
CA HIS A 108 -15.80 -21.40 -21.88
C HIS A 108 -15.82 -20.36 -22.99
N THR A 109 -16.86 -20.46 -23.81
CA THR A 109 -17.09 -19.55 -24.91
C THR A 109 -18.47 -18.93 -24.71
N PHE A 110 -18.56 -17.63 -24.98
CA PHE A 110 -19.78 -16.90 -24.70
C PHE A 110 -20.70 -16.94 -25.93
N PHE A 111 -21.58 -17.94 -25.94
CA PHE A 111 -22.56 -18.11 -27.02
C PHE A 111 -23.87 -17.39 -26.66
N ASN A 112 -24.18 -17.34 -25.38
CA ASN A 112 -25.44 -16.82 -24.91
C ASN A 112 -25.20 -15.61 -24.02
N GLU A 113 -25.81 -14.48 -24.39
CA GLU A 113 -25.58 -13.19 -23.73
C GLU A 113 -26.05 -13.16 -22.28
N GLY A 114 -25.41 -12.33 -21.48
CA GLY A 114 -25.75 -12.22 -20.07
C GLY A 114 -24.57 -11.83 -19.21
N GLU A 115 -24.77 -11.94 -17.89
CA GLU A 115 -23.74 -11.61 -16.91
C GLU A 115 -22.94 -12.85 -16.53
N TYR A 116 -21.63 -12.75 -16.71
CA TYR A 116 -20.70 -13.79 -16.28
C TYR A 116 -19.83 -13.22 -15.18
N ILE A 117 -19.48 -14.03 -14.19
CA ILE A 117 -18.58 -13.55 -13.15
C ILE A 117 -17.29 -14.35 -13.16
N VAL A 118 -16.23 -13.68 -13.57
CA VAL A 118 -14.89 -14.27 -13.56
C VAL A 118 -14.11 -13.73 -12.37
N SER A 119 -13.83 -14.60 -11.43
CA SER A 119 -13.04 -14.25 -10.28
C SER A 119 -11.70 -14.98 -10.33
N LEU A 120 -10.65 -14.25 -10.02
CA LEU A 120 -9.31 -14.79 -9.91
C LEU A 120 -8.85 -14.59 -8.46
N ILE A 121 -8.58 -15.67 -7.76
CA ILE A 121 -8.04 -15.57 -6.43
C ILE A 121 -6.69 -16.28 -6.39
N VAL A 122 -5.69 -15.57 -5.92
CA VAL A 122 -4.36 -16.11 -5.80
C VAL A 122 -3.94 -16.16 -4.35
N SER A 123 -3.02 -17.05 -4.04
CA SER A 123 -2.64 -17.30 -2.67
C SER A 123 -1.14 -17.23 -2.55
N ASN A 124 -0.69 -16.80 -1.39
CA ASN A 124 0.72 -16.79 -1.02
C ASN A 124 0.79 -17.36 0.40
N GLU A 125 1.99 -17.53 0.95
CA GLU A 125 2.16 -18.06 2.30
C GLU A 125 1.93 -16.97 3.37
N ASN A 126 1.85 -15.71 2.93
CA ASN A 126 1.54 -14.58 3.79
C ASN A 126 0.03 -14.33 3.82
N ASP A 127 -0.54 -14.08 2.64
CA ASP A 127 -1.93 -13.66 2.54
C ASP A 127 -2.54 -14.20 1.24
N SER A 128 -3.84 -14.07 1.06
CA SER A 128 -4.51 -14.39 -0.19
C SER A 128 -5.37 -13.21 -0.65
N ASP A 129 -5.43 -12.99 -1.95
CA ASP A 129 -6.15 -11.82 -2.49
C ASP A 129 -6.95 -12.24 -3.73
N SER A 130 -8.15 -11.68 -3.87
CA SER A 130 -8.99 -11.97 -5.02
C SER A 130 -9.43 -10.69 -5.73
N ALA A 131 -9.68 -10.83 -7.02
CA ALA A 131 -10.26 -9.79 -7.85
C ALA A 131 -11.34 -10.40 -8.72
N SER A 132 -12.48 -9.73 -8.80
CA SER A 132 -13.60 -10.25 -9.56
C SER A 132 -14.16 -9.15 -10.44
N VAL A 133 -14.62 -9.51 -11.63
CA VAL A 133 -15.15 -8.54 -12.57
C VAL A 133 -16.44 -9.06 -13.20
N THR A 134 -17.40 -8.15 -13.36
CA THR A 134 -18.63 -8.43 -14.06
C THR A 134 -18.39 -8.38 -15.57
N ILE A 135 -18.58 -9.51 -16.23
CA ILE A 135 -18.49 -9.57 -17.69
C ILE A 135 -19.89 -9.39 -18.24
N ARG A 136 -20.08 -8.38 -19.07
CA ARG A 136 -21.39 -8.07 -19.58
C ARG A 136 -21.45 -8.27 -21.08
N ALA A 137 -22.25 -9.24 -21.48
CA ALA A 137 -22.47 -9.51 -22.89
C ALA A 137 -23.79 -8.90 -23.31
N LEU A 138 -23.68 -7.97 -24.21
CA LEU A 138 -24.82 -7.21 -24.68
C LEU A 138 -25.51 -7.96 -25.80
N GLU A 139 -26.84 -7.86 -25.80
CA GLU A 139 -27.67 -8.65 -26.68
C GLU A 139 -27.68 -8.09 -28.10
N HIS A 140 -28.02 -8.95 -29.05
CA HIS A 140 -28.28 -8.52 -30.42
C HIS A 140 -29.69 -7.93 -30.50
N HIS A 141 -29.75 -6.60 -30.50
CA HIS A 141 -31.03 -5.90 -30.47
C HIS A 141 -31.49 -5.54 -31.87
N HIS A 142 -32.71 -5.93 -32.17
CA HIS A 142 -33.33 -5.66 -33.47
C HIS A 142 -34.74 -5.18 -33.26
N HIS A 143 -35.23 -4.33 -34.16
CA HIS A 143 -36.61 -3.85 -34.07
C HIS A 143 -37.57 -4.97 -34.51
N HIS A 144 -38.34 -5.47 -33.57
CA HIS A 144 -39.15 -6.64 -33.80
C HIS A 144 -40.63 -6.27 -33.82
N HIS A 145 -41.36 -6.91 -34.72
CA HIS A 145 -42.80 -6.67 -34.87
C HIS A 145 -43.59 -7.64 -33.98
N MET A 1 9.50 91.09 -58.11
CA MET A 1 10.19 90.15 -57.20
C MET A 1 11.66 90.53 -57.05
N ASN A 2 12.10 90.63 -55.80
CA ASN A 2 13.52 90.81 -55.51
C ASN A 2 14.06 89.54 -54.85
N ALA A 3 15.18 89.06 -55.33
CA ALA A 3 15.84 87.92 -54.73
C ALA A 3 16.99 88.40 -53.88
N ARG A 4 16.95 88.05 -52.61
CA ARG A 4 18.01 88.42 -51.68
C ARG A 4 18.76 87.18 -51.23
N ASP A 5 20.07 87.24 -51.36
CA ASP A 5 20.95 86.13 -51.04
C ASP A 5 21.44 86.27 -49.60
N ASN A 6 20.93 85.41 -48.73
CA ASN A 6 21.31 85.41 -47.33
C ASN A 6 22.24 84.24 -47.04
N LYS A 7 23.47 84.54 -46.67
CA LYS A 7 24.45 83.51 -46.38
C LYS A 7 24.79 83.48 -44.90
N PHE A 8 24.14 82.56 -44.20
CA PHE A 8 24.29 82.42 -42.75
C PHE A 8 25.52 81.58 -42.43
N ASN A 9 26.34 82.08 -41.51
CA ASN A 9 27.46 81.33 -41.00
C ASN A 9 27.29 81.14 -39.50
N THR A 10 27.40 79.90 -39.03
CA THR A 10 27.32 79.63 -37.60
C THR A 10 28.69 79.19 -37.07
N TRP A 11 28.94 79.52 -35.82
CA TRP A 11 30.17 79.18 -35.13
C TRP A 11 29.84 78.89 -33.67
N ASN A 12 30.38 77.77 -33.17
CA ASN A 12 30.20 77.41 -31.77
C ASN A 12 31.37 77.93 -30.95
N ASP A 13 31.05 78.65 -29.87
CA ASP A 13 32.06 79.20 -28.97
C ASP A 13 32.59 78.11 -28.04
N SER A 14 33.91 77.97 -28.01
CA SER A 14 34.57 77.00 -27.15
C SER A 14 34.65 77.51 -25.71
N ARG A 15 34.08 76.76 -24.79
CA ARG A 15 34.07 77.14 -23.39
C ARG A 15 34.84 76.13 -22.55
N GLY A 16 35.56 76.64 -21.55
CA GLY A 16 36.29 75.78 -20.65
C GLY A 16 35.52 75.54 -19.38
N ASN A 17 35.63 74.33 -18.85
CA ASN A 17 34.91 73.95 -17.64
C ASN A 17 35.89 73.55 -16.54
N TYR A 18 35.86 74.29 -15.45
CA TYR A 18 36.69 74.00 -14.29
C TYR A 18 35.82 74.01 -13.04
N TRP A 19 36.37 73.56 -11.92
CA TRP A 19 35.63 73.46 -10.66
C TRP A 19 36.55 73.68 -9.46
N SER A 20 35.99 74.26 -8.39
CA SER A 20 36.70 74.44 -7.13
C SER A 20 35.70 74.30 -5.98
N ASP A 21 35.73 73.15 -5.33
CA ASP A 21 34.82 72.88 -4.22
C ASP A 21 35.53 73.08 -2.89
N TYR A 22 34.78 73.47 -1.88
CA TYR A 22 35.30 73.64 -0.53
C TYR A 22 35.32 72.29 0.19
N GLU A 23 36.40 71.56 -0.01
CA GLU A 23 36.55 70.23 0.58
C GLU A 23 37.53 70.30 1.76
N GLY A 24 37.05 70.87 2.86
CA GLY A 24 37.86 71.03 4.05
C GLY A 24 37.02 71.15 5.30
N SER A 25 36.79 70.04 5.95
CA SER A 25 35.98 70.00 7.15
C SER A 25 36.69 69.21 8.23
N ASP A 26 37.11 69.89 9.28
CA ASP A 26 37.82 69.24 10.37
C ASP A 26 36.97 69.26 11.64
N GLU A 27 36.75 68.09 12.22
CA GLU A 27 35.97 67.95 13.45
C GLU A 27 36.46 66.74 14.24
N ASN A 28 36.59 66.93 15.55
CA ASN A 28 36.88 65.84 16.45
C ASN A 28 35.84 65.79 17.56
N GLY A 29 35.06 64.71 17.56
CA GLY A 29 33.98 64.59 18.52
C GLY A 29 34.21 63.41 19.45
N ASP A 30 34.27 63.70 20.74
CA ASP A 30 34.46 62.66 21.75
C ASP A 30 33.14 61.96 22.07
N GLY A 31 33.24 60.68 22.40
CA GLY A 31 32.08 59.89 22.74
C GLY A 31 32.43 58.79 23.69
N ILE A 32 32.39 59.12 24.98
CA ILE A 32 32.73 58.16 26.02
C ILE A 32 31.58 57.16 26.19
N GLY A 33 31.84 55.90 25.85
CA GLY A 33 30.89 54.83 26.07
C GLY A 33 30.89 54.40 27.52
N ASP A 34 30.03 55.03 28.32
CA ASP A 34 29.99 54.81 29.76
C ASP A 34 29.02 53.67 30.09
N SER A 35 29.50 52.46 29.81
CA SER A 35 28.76 51.22 30.07
C SER A 35 29.75 50.09 30.28
N ALA A 36 29.38 49.14 31.12
CA ALA A 36 30.18 47.97 31.40
C ALA A 36 29.28 46.74 31.50
N TYR A 37 29.23 45.95 30.44
CA TYR A 37 28.40 44.75 30.43
C TYR A 37 29.17 43.56 31.02
N ALA A 38 28.43 42.56 31.44
CA ALA A 38 29.00 41.34 31.96
C ALA A 38 28.37 40.14 31.27
N VAL A 39 28.89 38.95 31.57
CA VAL A 39 28.42 37.72 30.95
C VAL A 39 28.30 36.61 32.01
N ASN A 40 27.18 35.89 31.98
CA ASN A 40 26.88 34.85 32.97
C ASN A 40 26.97 33.47 32.33
N PRO A 41 28.00 32.66 32.69
CA PRO A 41 28.07 31.24 32.34
C PRO A 41 27.13 30.41 33.23
N GLU A 42 25.91 30.25 32.74
CA GLU A 42 24.82 29.62 33.49
C GLU A 42 24.93 28.09 33.51
N ALA A 43 24.37 27.43 32.48
CA ALA A 43 24.30 25.98 32.39
C ALA A 43 23.80 25.53 31.02
N GLY A 44 23.93 24.24 30.76
CA GLY A 44 23.38 23.65 29.56
C GLY A 44 22.09 22.91 29.87
N SER A 45 21.25 22.72 28.86
CA SER A 45 19.97 22.05 29.02
C SER A 45 20.13 20.54 28.87
N MET A 46 19.30 19.80 29.60
CA MET A 46 19.41 18.36 29.66
C MET A 46 18.21 17.69 28.97
N ASP A 47 18.31 16.36 28.82
CA ASP A 47 17.26 15.48 28.23
C ASP A 47 16.93 15.81 26.78
N TYR A 48 17.63 15.15 25.87
CA TYR A 48 17.34 15.25 24.45
C TYR A 48 17.14 13.86 23.88
N MET A 49 15.91 13.62 23.44
CA MET A 49 15.47 12.28 23.00
C MET A 49 15.87 12.01 21.56
N PRO A 50 16.42 10.81 21.26
CA PRO A 50 16.75 10.40 19.89
C PRO A 50 15.51 10.09 19.03
N LEU A 51 15.47 10.70 17.85
CA LEU A 51 14.41 10.44 16.89
C LEU A 51 14.93 9.54 15.79
N MET A 52 14.36 8.35 15.68
CA MET A 52 14.80 7.35 14.71
C MET A 52 13.70 6.31 14.48
N GLU A 53 13.40 6.05 13.22
CA GLU A 53 12.50 4.97 12.85
C GLU A 53 13.32 3.83 12.28
N TYR A 54 13.06 2.63 12.77
CA TYR A 54 13.78 1.44 12.30
C TYR A 54 13.09 0.88 11.06
N LEU A 55 13.89 0.55 10.05
CA LEU A 55 13.37 0.01 8.79
C LEU A 55 12.85 -1.42 8.98
N HIS A 56 11.74 -1.71 8.35
CA HIS A 56 11.02 -2.95 8.58
C HIS A 56 11.19 -3.90 7.41
N SER A 57 11.48 -5.14 7.73
CA SER A 57 11.48 -6.20 6.74
C SER A 57 10.07 -6.78 6.65
N SER A 58 9.24 -6.12 5.86
CA SER A 58 7.84 -6.50 5.69
C SER A 58 7.73 -7.50 4.54
N PRO A 59 7.17 -8.70 4.80
CA PRO A 59 6.98 -9.72 3.76
C PRO A 59 5.97 -9.30 2.70
N VAL A 60 6.27 -9.64 1.46
CA VAL A 60 5.42 -9.28 0.34
C VAL A 60 4.29 -10.32 0.18
N LEU A 61 3.11 -9.81 -0.13
CA LEU A 61 1.90 -10.63 -0.27
C LEU A 61 1.51 -10.71 -1.76
N PRO A 62 0.61 -11.65 -2.19
CA PRO A 62 0.22 -11.80 -3.59
C PRO A 62 -0.69 -10.68 -4.08
N THR A 63 -1.02 -10.71 -5.36
CA THR A 63 -1.95 -9.80 -5.92
C THR A 63 -2.81 -10.55 -6.93
N ALA A 64 -4.11 -10.47 -6.73
CA ALA A 64 -5.06 -11.04 -7.65
C ALA A 64 -5.27 -10.10 -8.81
N ARG A 65 -4.71 -10.47 -9.93
CA ARG A 65 -4.70 -9.62 -11.09
C ARG A 65 -4.87 -10.47 -12.32
N PHE A 66 -5.76 -10.04 -13.20
CA PHE A 66 -5.97 -10.68 -14.47
C PHE A 66 -6.58 -9.69 -15.43
N THR A 67 -6.45 -9.94 -16.72
CA THR A 67 -7.04 -9.06 -17.70
C THR A 67 -7.84 -9.90 -18.71
N SER A 68 -8.94 -9.32 -19.16
CA SER A 68 -9.80 -9.95 -20.13
C SER A 68 -9.83 -9.10 -21.40
N ASP A 69 -10.05 -9.75 -22.54
CA ASP A 69 -10.13 -9.07 -23.83
C ASP A 69 -11.34 -8.14 -23.88
N ILE A 70 -12.50 -8.67 -23.52
CA ILE A 70 -13.69 -7.84 -23.40
C ILE A 70 -14.13 -7.76 -21.94
N THR A 71 -14.74 -6.64 -21.61
CA THR A 71 -15.43 -6.47 -20.33
C THR A 71 -16.89 -6.16 -20.61
N GLU A 72 -17.17 -5.91 -21.90
CA GLU A 72 -18.49 -5.68 -22.43
C GLU A 72 -18.43 -5.94 -23.94
N GLY A 73 -19.44 -6.60 -24.46
CA GLY A 73 -19.50 -6.96 -25.86
C GLY A 73 -20.35 -8.18 -26.01
N PHE A 74 -20.48 -8.72 -27.23
CA PHE A 74 -21.34 -9.89 -27.46
C PHE A 74 -20.66 -11.13 -26.87
N ALA A 75 -21.48 -12.03 -26.32
CA ALA A 75 -21.05 -13.35 -25.86
C ALA A 75 -20.35 -14.16 -26.96
N PRO A 76 -19.01 -14.35 -26.84
CA PRO A 76 -18.22 -15.05 -27.84
C PRO A 76 -17.94 -16.51 -27.46
N LEU A 77 -17.06 -17.15 -28.22
CA LEU A 77 -16.68 -18.53 -27.97
C LEU A 77 -15.44 -18.56 -27.07
N SER A 78 -14.48 -17.71 -27.37
CA SER A 78 -13.25 -17.68 -26.61
C SER A 78 -12.87 -16.24 -26.28
N VAL A 79 -12.84 -15.94 -24.98
CA VAL A 79 -12.35 -14.65 -24.50
C VAL A 79 -10.93 -14.83 -24.04
N ARG A 80 -10.06 -13.90 -24.45
CA ARG A 80 -8.67 -13.87 -24.05
C ARG A 80 -8.55 -13.57 -22.55
N PHE A 81 -8.32 -14.62 -21.76
CA PHE A 81 -8.10 -14.48 -20.33
C PHE A 81 -6.63 -14.67 -20.02
N LYS A 82 -6.05 -13.67 -19.40
CA LYS A 82 -4.62 -13.69 -19.12
C LYS A 82 -4.36 -13.56 -17.62
N ASP A 83 -3.50 -14.44 -17.12
CA ASP A 83 -3.07 -14.42 -15.73
C ASP A 83 -2.01 -13.34 -15.56
N PHE A 84 -2.28 -12.42 -14.65
CA PHE A 84 -1.38 -11.30 -14.37
C PHE A 84 -0.97 -11.32 -12.89
N SER A 85 -1.34 -12.42 -12.21
CA SER A 85 -1.09 -12.62 -10.79
C SER A 85 0.40 -12.53 -10.43
N GLU A 86 0.69 -11.80 -9.35
CA GLU A 86 2.05 -11.57 -8.91
C GLU A 86 2.20 -12.02 -7.46
N ASN A 87 3.39 -12.53 -7.12
CA ASN A 87 3.77 -12.97 -5.75
C ASN A 87 2.87 -14.09 -5.20
N ALA A 88 2.34 -14.92 -6.10
CA ALA A 88 1.35 -15.91 -5.73
C ALA A 88 1.90 -17.33 -5.83
N THR A 89 1.55 -18.13 -4.84
CA THR A 89 1.94 -19.52 -4.78
C THR A 89 0.89 -20.39 -5.48
N SER A 90 -0.38 -20.13 -5.16
CA SER A 90 -1.49 -20.91 -5.69
C SER A 90 -2.51 -19.99 -6.36
N ARG A 91 -3.27 -20.51 -7.33
CA ARG A 91 -4.32 -19.74 -7.98
C ARG A 91 -5.58 -20.59 -8.15
N LEU A 92 -6.73 -19.91 -8.17
CA LEU A 92 -8.01 -20.56 -8.35
C LEU A 92 -8.89 -19.71 -9.25
N TRP A 93 -9.29 -20.29 -10.38
CA TRP A 93 -10.18 -19.63 -11.31
C TRP A 93 -11.62 -19.97 -11.00
N MET A 94 -12.36 -18.98 -10.53
CA MET A 94 -13.76 -19.15 -10.17
C MET A 94 -14.63 -18.41 -11.16
N PHE A 95 -15.09 -19.14 -12.17
CA PHE A 95 -15.92 -18.57 -13.24
C PHE A 95 -17.39 -18.51 -12.82
N GLY A 96 -17.80 -19.46 -11.98
CA GLY A 96 -19.19 -19.57 -11.57
C GLY A 96 -19.94 -20.65 -12.34
N ASP A 97 -19.36 -21.05 -13.47
CA ASP A 97 -19.97 -22.03 -14.35
C ASP A 97 -19.03 -23.19 -14.56
N GLY A 98 -19.41 -24.35 -14.05
CA GLY A 98 -18.60 -25.54 -14.19
C GLY A 98 -17.59 -25.69 -13.05
N ASN A 99 -16.58 -26.50 -13.29
CA ASN A 99 -15.52 -26.75 -12.31
C ASN A 99 -14.52 -25.60 -12.22
N THR A 100 -13.95 -25.42 -11.04
CA THR A 100 -12.95 -24.38 -10.79
C THR A 100 -11.54 -24.88 -11.07
N SER A 101 -10.74 -24.01 -11.70
CA SER A 101 -9.33 -24.29 -12.11
C SER A 101 -9.13 -25.49 -13.02
N ASP A 102 -8.99 -25.18 -14.30
CA ASP A 102 -8.39 -26.09 -15.25
C ASP A 102 -7.02 -25.54 -15.62
N SER A 103 -6.35 -26.16 -16.60
CA SER A 103 -5.11 -25.61 -17.14
C SER A 103 -5.39 -24.25 -17.82
N PRO A 104 -4.63 -23.17 -17.44
CA PRO A 104 -4.90 -21.78 -17.84
C PRO A 104 -4.96 -21.57 -19.35
N SER A 105 -6.16 -21.20 -19.80
CA SER A 105 -6.51 -21.04 -21.21
C SER A 105 -7.89 -20.34 -21.24
N PRO A 106 -8.38 -19.82 -22.40
CA PRO A 106 -9.81 -19.49 -22.57
C PRO A 106 -10.69 -20.75 -22.41
N LEU A 107 -11.26 -20.90 -21.22
CA LEU A 107 -11.94 -22.13 -20.84
C LEU A 107 -13.44 -22.06 -21.11
N HIS A 108 -14.10 -21.07 -20.50
CA HIS A 108 -15.55 -21.01 -20.57
C HIS A 108 -16.02 -20.20 -21.78
N THR A 109 -16.71 -20.90 -22.67
CA THR A 109 -17.44 -20.29 -23.76
C THR A 109 -18.73 -19.68 -23.24
N PHE A 110 -18.97 -18.42 -23.57
CA PHE A 110 -20.18 -17.75 -23.16
C PHE A 110 -21.22 -17.94 -24.25
N PHE A 111 -22.10 -18.92 -24.05
CA PHE A 111 -23.07 -19.35 -25.04
C PHE A 111 -24.24 -18.38 -25.14
N ASN A 112 -24.61 -17.83 -23.98
CA ASN A 112 -25.81 -17.01 -23.86
C ASN A 112 -25.45 -15.60 -23.45
N GLU A 113 -26.39 -14.68 -23.64
CA GLU A 113 -26.31 -13.33 -23.11
C GLU A 113 -26.50 -13.36 -21.59
N GLY A 114 -25.64 -12.67 -20.88
CA GLY A 114 -25.72 -12.65 -19.44
C GLY A 114 -24.63 -11.81 -18.85
N GLU A 115 -24.48 -11.86 -17.54
CA GLU A 115 -23.40 -11.13 -16.89
C GLU A 115 -22.58 -12.11 -16.08
N TYR A 116 -21.32 -12.25 -16.46
CA TYR A 116 -20.45 -13.27 -15.91
C TYR A 116 -19.29 -12.61 -15.20
N ILE A 117 -19.33 -12.60 -13.88
CA ILE A 117 -18.26 -12.03 -13.09
C ILE A 117 -17.20 -13.08 -12.84
N VAL A 118 -16.07 -12.90 -13.49
CA VAL A 118 -14.95 -13.79 -13.38
C VAL A 118 -14.13 -13.42 -12.15
N SER A 119 -13.87 -14.39 -11.28
CA SER A 119 -13.10 -14.14 -10.09
C SER A 119 -11.80 -14.92 -10.12
N LEU A 120 -10.73 -14.24 -9.78
CA LEU A 120 -9.43 -14.86 -9.61
C LEU A 120 -9.00 -14.64 -8.17
N ILE A 121 -8.72 -15.72 -7.49
CA ILE A 121 -8.21 -15.65 -6.13
C ILE A 121 -6.86 -16.36 -6.07
N VAL A 122 -5.88 -15.68 -5.50
CA VAL A 122 -4.55 -16.23 -5.36
C VAL A 122 -4.18 -16.33 -3.89
N SER A 123 -3.24 -17.20 -3.58
CA SER A 123 -2.87 -17.48 -2.21
C SER A 123 -1.36 -17.58 -2.08
N ASN A 124 -0.88 -17.24 -0.90
CA ASN A 124 0.54 -17.27 -0.55
C ASN A 124 0.61 -17.57 0.95
N GLU A 125 1.81 -17.74 1.51
CA GLU A 125 1.97 -18.06 2.93
C GLU A 125 1.83 -16.81 3.81
N ASN A 126 1.87 -15.63 3.18
CA ASN A 126 1.73 -14.36 3.87
C ASN A 126 0.26 -13.94 3.91
N ASP A 127 -0.34 -13.79 2.74
CA ASP A 127 -1.74 -13.37 2.61
C ASP A 127 -2.40 -14.10 1.45
N SER A 128 -3.70 -13.89 1.28
CA SER A 128 -4.42 -14.34 0.08
C SER A 128 -5.50 -13.32 -0.25
N ASP A 129 -5.61 -12.97 -1.52
CA ASP A 129 -6.56 -11.94 -1.95
C ASP A 129 -7.28 -12.36 -3.23
N SER A 130 -8.43 -11.74 -3.48
CA SER A 130 -9.25 -12.06 -4.63
C SER A 130 -9.74 -10.80 -5.34
N ALA A 131 -9.84 -10.86 -6.65
CA ALA A 131 -10.35 -9.75 -7.46
C ALA A 131 -11.29 -10.27 -8.51
N SER A 132 -12.33 -9.51 -8.76
CA SER A 132 -13.38 -9.91 -9.65
C SER A 132 -13.59 -8.85 -10.73
N VAL A 133 -13.81 -9.31 -11.96
CA VAL A 133 -14.07 -8.44 -13.10
C VAL A 133 -15.41 -8.82 -13.73
N THR A 134 -16.28 -7.83 -13.90
CA THR A 134 -17.58 -8.03 -14.49
C THR A 134 -17.48 -8.06 -16.02
N ILE A 135 -17.80 -9.24 -16.58
CA ILE A 135 -17.83 -9.41 -18.03
C ILE A 135 -19.28 -9.35 -18.48
N ARG A 136 -19.60 -8.34 -19.27
CA ARG A 136 -20.96 -8.15 -19.73
C ARG A 136 -21.11 -8.74 -21.12
N ALA A 137 -22.01 -9.71 -21.24
CA ALA A 137 -22.26 -10.37 -22.50
C ALA A 137 -23.56 -9.87 -23.12
N LEU A 138 -23.49 -9.57 -24.39
CA LEU A 138 -24.62 -9.10 -25.17
C LEU A 138 -25.06 -10.19 -26.14
N GLU A 139 -26.22 -10.00 -26.73
CA GLU A 139 -26.77 -10.96 -27.69
C GLU A 139 -26.85 -10.32 -29.08
N HIS A 140 -26.62 -11.13 -30.11
CA HIS A 140 -26.80 -10.70 -31.49
C HIS A 140 -28.29 -10.80 -31.85
N HIS A 141 -28.95 -9.65 -31.89
CA HIS A 141 -30.38 -9.57 -32.15
C HIS A 141 -30.75 -8.29 -32.90
N HIS A 142 -31.91 -8.30 -33.53
CA HIS A 142 -32.37 -7.15 -34.30
C HIS A 142 -33.41 -6.35 -33.52
N HIS A 143 -33.55 -5.09 -33.89
CA HIS A 143 -34.59 -4.24 -33.36
C HIS A 143 -35.53 -3.85 -34.51
N HIS A 144 -36.67 -4.52 -34.60
CA HIS A 144 -37.61 -4.29 -35.68
C HIS A 144 -38.54 -3.13 -35.33
N HIS A 145 -38.53 -2.12 -36.19
CA HIS A 145 -39.40 -0.96 -36.01
C HIS A 145 -40.53 -0.99 -37.04
N MET A 1 -32.02 -49.21 174.79
CA MET A 1 -32.04 -49.67 173.38
C MET A 1 -31.90 -48.49 172.44
N ASN A 2 -30.67 -48.29 171.96
CA ASN A 2 -30.34 -47.13 171.15
C ASN A 2 -29.26 -47.47 170.13
N ALA A 3 -29.19 -46.66 169.07
CA ALA A 3 -28.27 -46.88 167.96
C ALA A 3 -27.62 -45.57 167.52
N ARG A 4 -26.59 -45.69 166.68
CA ARG A 4 -25.96 -44.52 166.07
C ARG A 4 -25.81 -44.75 164.57
N ASP A 5 -26.26 -43.79 163.78
CA ASP A 5 -26.11 -43.85 162.32
C ASP A 5 -24.73 -43.38 161.92
N ASN A 6 -24.16 -43.98 160.90
CA ASN A 6 -22.83 -43.59 160.44
C ASN A 6 -22.93 -42.54 159.33
N LYS A 7 -22.47 -41.34 159.65
CA LYS A 7 -22.47 -40.24 158.69
C LYS A 7 -21.05 -39.88 158.32
N PHE A 8 -20.63 -40.33 157.15
CA PHE A 8 -19.30 -40.02 156.63
C PHE A 8 -19.41 -39.53 155.20
N ASN A 9 -18.92 -38.33 154.95
CA ASN A 9 -18.91 -37.76 153.61
C ASN A 9 -17.53 -37.20 153.29
N THR A 10 -17.10 -37.37 152.05
CA THR A 10 -15.85 -36.80 151.57
C THR A 10 -16.04 -36.25 150.17
N TRP A 11 -15.99 -34.94 150.06
CA TRP A 11 -16.14 -34.27 148.78
C TRP A 11 -14.78 -34.09 148.14
N ASN A 12 -14.46 -35.00 147.22
CA ASN A 12 -13.15 -35.04 146.60
C ASN A 12 -13.15 -34.32 145.25
N ASP A 13 -11.98 -33.81 144.88
CA ASP A 13 -11.80 -33.15 143.59
C ASP A 13 -10.41 -33.45 143.06
N SER A 14 -10.24 -33.27 141.75
CA SER A 14 -8.95 -33.46 141.09
C SER A 14 -8.67 -32.29 140.15
N ARG A 15 -7.42 -31.83 140.13
CA ARG A 15 -7.02 -30.73 139.27
C ARG A 15 -5.80 -31.11 138.42
N GLY A 16 -5.55 -30.33 137.37
CA GLY A 16 -4.42 -30.60 136.50
C GLY A 16 -4.00 -29.39 135.70
N ASN A 17 -2.69 -29.21 135.54
CA ASN A 17 -2.16 -28.10 134.77
C ASN A 17 -1.73 -28.56 133.39
N TYR A 18 -2.36 -27.98 132.37
CA TYR A 18 -2.08 -28.33 130.98
C TYR A 18 -1.27 -27.25 130.29
N TRP A 19 -0.59 -27.63 129.23
CA TRP A 19 0.37 -26.78 128.54
C TRP A 19 0.14 -26.79 127.03
N SER A 20 0.72 -25.82 126.33
CA SER A 20 0.70 -25.76 124.87
C SER A 20 1.85 -24.90 124.35
N ASP A 21 2.71 -25.51 123.54
CA ASP A 21 3.88 -24.85 122.98
C ASP A 21 3.83 -24.89 121.46
N TYR A 22 4.73 -24.14 120.82
CA TYR A 22 4.66 -23.88 119.38
C TYR A 22 5.82 -24.53 118.63
N GLU A 23 5.86 -24.34 117.31
CA GLU A 23 6.90 -24.93 116.49
C GLU A 23 7.75 -23.85 115.81
N GLY A 24 7.19 -23.16 114.82
CA GLY A 24 7.93 -22.20 114.03
C GLY A 24 7.88 -22.51 112.55
N SER A 25 7.81 -21.47 111.72
CA SER A 25 7.68 -21.66 110.27
C SER A 25 8.25 -20.45 109.51
N ASP A 26 8.95 -20.71 108.42
CA ASP A 26 9.52 -19.66 107.55
C ASP A 26 9.53 -20.13 106.10
N GLU A 27 9.86 -19.23 105.17
CA GLU A 27 9.91 -19.58 103.74
C GLU A 27 11.18 -19.01 103.08
N ASN A 28 11.81 -19.83 102.24
CA ASN A 28 13.02 -19.44 101.53
C ASN A 28 12.66 -18.99 100.10
N GLY A 29 13.55 -18.21 99.47
CA GLY A 29 13.30 -17.77 98.11
C GLY A 29 14.53 -17.19 97.42
N ASP A 30 14.93 -17.80 96.31
CA ASP A 30 16.05 -17.31 95.50
C ASP A 30 15.78 -17.62 94.02
N GLY A 31 16.09 -16.66 93.15
CA GLY A 31 15.86 -16.82 91.72
C GLY A 31 17.07 -16.48 90.87
N ILE A 32 17.28 -17.28 89.82
CA ILE A 32 18.38 -17.07 88.87
C ILE A 32 17.92 -16.16 87.72
N GLY A 33 18.71 -15.11 87.45
CA GLY A 33 18.42 -14.18 86.37
C GLY A 33 18.70 -14.78 85.01
N ASP A 34 17.63 -15.01 84.25
CA ASP A 34 17.71 -15.68 82.97
C ASP A 34 17.69 -14.65 81.83
N SER A 35 18.72 -14.70 80.98
CA SER A 35 18.82 -13.80 79.83
C SER A 35 19.39 -14.54 78.61
N ALA A 36 18.94 -14.14 77.44
CA ALA A 36 19.41 -14.70 76.18
C ALA A 36 19.71 -13.58 75.19
N TYR A 37 20.31 -13.93 74.06
CA TYR A 37 20.65 -12.96 73.02
C TYR A 37 19.93 -13.30 71.71
N ALA A 38 19.98 -12.38 70.74
CA ALA A 38 19.39 -12.61 69.42
C ALA A 38 20.32 -12.13 68.32
N VAL A 39 19.92 -12.36 67.06
CA VAL A 39 20.75 -12.01 65.91
C VAL A 39 19.84 -11.49 64.78
N ASN A 40 20.39 -10.69 63.86
CA ASN A 40 19.65 -10.22 62.68
C ASN A 40 20.16 -10.92 61.43
N PRO A 41 19.41 -11.91 60.91
CA PRO A 41 19.73 -12.61 59.66
C PRO A 41 19.28 -11.80 58.45
N GLU A 42 20.23 -11.09 57.89
CA GLU A 42 20.00 -10.20 56.76
C GLU A 42 19.79 -10.93 55.44
N ALA A 43 19.26 -10.20 54.47
CA ALA A 43 19.06 -10.70 53.13
C ALA A 43 20.05 -10.05 52.17
N GLY A 44 20.26 -10.67 51.02
CA GLY A 44 21.21 -10.15 50.05
C GLY A 44 20.52 -9.53 48.85
N SER A 45 21.27 -8.74 48.09
CA SER A 45 20.76 -8.09 46.89
C SER A 45 20.87 -9.03 45.68
N MET A 46 19.99 -8.81 44.71
CA MET A 46 20.00 -9.60 43.47
C MET A 46 20.40 -8.71 42.30
N ASP A 47 21.32 -9.20 41.48
CA ASP A 47 21.77 -8.46 40.30
C ASP A 47 20.89 -8.81 39.11
N TYR A 48 20.45 -7.79 38.37
CA TYR A 48 19.59 -8.00 37.22
C TYR A 48 20.24 -7.48 35.96
N MET A 49 20.21 -8.27 34.90
CA MET A 49 20.73 -7.86 33.60
C MET A 49 19.59 -7.79 32.57
N PRO A 50 19.57 -6.74 31.72
CA PRO A 50 18.48 -6.50 30.75
C PRO A 50 18.45 -7.50 29.58
N LEU A 51 17.38 -7.42 28.80
CA LEU A 51 17.15 -8.36 27.71
C LEU A 51 16.95 -7.62 26.39
N MET A 52 17.46 -8.20 25.30
CA MET A 52 17.27 -7.66 23.95
C MET A 52 15.86 -7.95 23.46
N GLU A 53 15.30 -7.02 22.70
CA GLU A 53 13.94 -7.11 22.22
C GLU A 53 13.93 -7.68 20.80
N TYR A 54 12.75 -7.91 20.25
CA TYR A 54 12.63 -8.48 18.92
C TYR A 54 11.80 -7.58 18.02
N LEU A 55 11.78 -7.89 16.74
CA LEU A 55 11.06 -7.08 15.75
C LEU A 55 9.96 -7.92 15.09
N HIS A 56 9.04 -7.24 14.41
CA HIS A 56 7.93 -7.91 13.73
C HIS A 56 8.31 -8.28 12.29
N SER A 57 7.77 -9.40 11.82
CA SER A 57 8.04 -9.90 10.48
C SER A 57 7.14 -9.21 9.44
N SER A 58 7.64 -9.07 8.23
CA SER A 58 6.87 -8.54 7.12
C SER A 58 7.03 -9.42 5.88
N PRO A 59 6.15 -10.43 5.69
CA PRO A 59 6.19 -11.30 4.51
C PRO A 59 5.47 -10.70 3.31
N VAL A 60 5.59 -11.36 2.17
CA VAL A 60 4.99 -10.88 0.94
C VAL A 60 3.57 -11.46 0.78
N LEU A 61 2.61 -10.62 0.46
CA LEU A 61 1.27 -11.07 0.10
C LEU A 61 1.13 -11.09 -1.43
N PRO A 62 0.22 -11.91 -2.01
CA PRO A 62 0.01 -11.92 -3.46
C PRO A 62 -0.78 -10.73 -3.99
N THR A 63 -0.95 -10.72 -5.30
CA THR A 63 -1.79 -9.78 -5.99
C THR A 63 -2.44 -10.51 -7.16
N ALA A 64 -3.76 -10.55 -7.18
CA ALA A 64 -4.48 -11.13 -8.29
C ALA A 64 -4.68 -10.08 -9.36
N ARG A 65 -4.23 -10.38 -10.55
CA ARG A 65 -4.30 -9.48 -11.68
C ARG A 65 -4.66 -10.28 -12.93
N PHE A 66 -5.54 -9.73 -13.75
CA PHE A 66 -5.87 -10.29 -15.06
C PHE A 66 -6.50 -9.24 -15.95
N THR A 67 -6.32 -9.38 -17.25
CA THR A 67 -7.05 -8.54 -18.18
C THR A 67 -8.03 -9.41 -18.98
N SER A 68 -9.18 -8.81 -19.30
CA SER A 68 -10.25 -9.51 -19.98
C SER A 68 -10.18 -9.26 -21.49
N ASP A 69 -11.01 -10.00 -22.24
CA ASP A 69 -11.19 -9.76 -23.67
C ASP A 69 -11.89 -8.43 -23.88
N ILE A 70 -13.11 -8.34 -23.35
CA ILE A 70 -13.92 -7.13 -23.44
C ILE A 70 -14.53 -6.79 -22.07
N THR A 71 -15.02 -5.57 -21.95
CA THR A 71 -15.76 -5.14 -20.77
C THR A 71 -17.24 -5.08 -21.08
N GLU A 72 -17.54 -4.81 -22.36
CA GLU A 72 -18.90 -4.75 -22.87
C GLU A 72 -18.90 -5.12 -24.36
N GLY A 73 -19.74 -6.06 -24.73
CA GLY A 73 -19.81 -6.50 -26.10
C GLY A 73 -20.58 -7.80 -26.20
N PHE A 74 -20.69 -8.35 -27.40
CA PHE A 74 -21.46 -9.58 -27.62
C PHE A 74 -20.72 -10.79 -27.05
N ALA A 75 -21.48 -11.72 -26.43
CA ALA A 75 -20.95 -12.98 -25.87
C ALA A 75 -20.12 -13.79 -26.89
N PRO A 76 -18.78 -13.90 -26.67
CA PRO A 76 -17.88 -14.61 -27.57
C PRO A 76 -17.71 -16.10 -27.23
N LEU A 77 -16.92 -16.79 -28.03
CA LEU A 77 -16.65 -18.21 -27.82
C LEU A 77 -15.48 -18.34 -26.84
N SER A 78 -14.28 -18.11 -27.35
CA SER A 78 -13.08 -18.28 -26.58
C SER A 78 -12.59 -16.92 -26.12
N VAL A 79 -12.89 -16.61 -24.86
CA VAL A 79 -12.56 -15.32 -24.27
C VAL A 79 -11.13 -15.34 -23.74
N ARG A 80 -10.32 -14.41 -24.23
CA ARG A 80 -8.90 -14.36 -23.90
C ARG A 80 -8.67 -13.83 -22.47
N PHE A 81 -7.95 -14.63 -21.70
CA PHE A 81 -7.54 -14.25 -20.36
C PHE A 81 -6.08 -14.61 -20.17
N LYS A 82 -5.41 -13.84 -19.33
CA LYS A 82 -4.04 -14.14 -18.98
C LYS A 82 -3.89 -14.11 -17.47
N ASP A 83 -2.99 -14.94 -16.99
CA ASP A 83 -2.63 -14.94 -15.59
C ASP A 83 -1.59 -13.86 -15.39
N PHE A 84 -2.00 -12.75 -14.79
CA PHE A 84 -1.18 -11.55 -14.72
C PHE A 84 -0.81 -11.29 -13.25
N SER A 85 -1.27 -12.21 -12.39
CA SER A 85 -1.03 -12.19 -10.96
C SER A 85 0.46 -12.22 -10.59
N GLU A 86 0.80 -11.46 -9.56
CA GLU A 86 2.17 -11.37 -9.07
C GLU A 86 2.23 -11.93 -7.65
N ASN A 87 3.34 -12.64 -7.33
CA ASN A 87 3.65 -13.11 -5.96
C ASN A 87 2.66 -14.16 -5.44
N ALA A 88 2.16 -14.98 -6.37
CA ALA A 88 1.18 -15.99 -6.04
C ALA A 88 1.82 -17.36 -5.94
N THR A 89 1.41 -18.12 -4.93
CA THR A 89 1.88 -19.49 -4.74
C THR A 89 0.84 -20.47 -5.31
N SER A 90 -0.43 -20.10 -5.20
CA SER A 90 -1.52 -20.89 -5.77
C SER A 90 -2.46 -19.98 -6.54
N ARG A 91 -3.01 -20.47 -7.64
CA ARG A 91 -4.01 -19.72 -8.41
C ARG A 91 -5.32 -20.51 -8.47
N LEU A 92 -6.42 -19.77 -8.60
CA LEU A 92 -7.74 -20.37 -8.66
C LEU A 92 -8.62 -19.52 -9.58
N TRP A 93 -9.04 -20.12 -10.69
CA TRP A 93 -9.98 -19.46 -11.58
C TRP A 93 -11.40 -19.88 -11.22
N MET A 94 -12.18 -18.91 -10.77
CA MET A 94 -13.57 -19.12 -10.42
C MET A 94 -14.47 -18.87 -11.61
N PHE A 95 -14.91 -19.96 -12.24
CA PHE A 95 -15.90 -19.87 -13.33
C PHE A 95 -17.30 -20.06 -12.79
N GLY A 96 -17.41 -20.76 -11.65
CA GLY A 96 -18.69 -20.99 -11.01
C GLY A 96 -19.38 -22.26 -11.48
N ASP A 97 -18.71 -23.01 -12.36
CA ASP A 97 -19.29 -24.22 -12.93
C ASP A 97 -18.29 -25.37 -12.83
N GLY A 98 -18.70 -26.43 -12.12
CA GLY A 98 -17.92 -27.65 -12.07
C GLY A 98 -16.72 -27.57 -11.16
N ASN A 99 -15.60 -28.07 -11.64
CA ASN A 99 -14.36 -28.08 -10.88
C ASN A 99 -13.54 -26.81 -11.12
N THR A 100 -13.39 -26.04 -10.06
CA THR A 100 -12.55 -24.86 -10.04
C THR A 100 -11.15 -25.23 -9.53
N SER A 101 -10.24 -24.23 -9.46
CA SER A 101 -8.81 -24.42 -9.09
C SER A 101 -8.07 -25.24 -10.16
N ASP A 102 -8.21 -26.57 -10.10
CA ASP A 102 -7.70 -27.45 -11.13
C ASP A 102 -8.75 -27.56 -12.23
N SER A 103 -8.57 -26.79 -13.28
CA SER A 103 -9.47 -26.80 -14.42
C SER A 103 -8.71 -27.14 -15.70
N PRO A 104 -8.57 -28.44 -16.04
CA PRO A 104 -7.87 -28.86 -17.27
C PRO A 104 -8.80 -28.97 -18.48
N SER A 105 -10.06 -28.64 -18.29
CA SER A 105 -11.07 -28.77 -19.30
C SER A 105 -11.32 -27.43 -19.98
N PRO A 106 -11.30 -27.39 -21.33
CA PRO A 106 -11.64 -26.18 -22.10
C PRO A 106 -13.16 -26.00 -22.24
N LEU A 107 -13.81 -25.77 -21.11
CA LEU A 107 -15.25 -25.57 -21.04
C LEU A 107 -15.60 -24.09 -20.98
N HIS A 108 -14.57 -23.24 -21.11
CA HIS A 108 -14.72 -21.79 -21.03
C HIS A 108 -15.15 -21.24 -22.40
N THR A 109 -16.47 -21.19 -22.58
CA THR A 109 -17.10 -20.69 -23.79
C THR A 109 -18.44 -20.11 -23.39
N PHE A 110 -18.72 -18.87 -23.80
CA PHE A 110 -19.98 -18.25 -23.47
C PHE A 110 -21.01 -18.53 -24.55
N PHE A 111 -21.87 -19.52 -24.26
CA PHE A 111 -22.94 -19.93 -25.18
C PHE A 111 -24.16 -19.03 -24.99
N ASN A 112 -24.34 -18.60 -23.75
CA ASN A 112 -25.45 -17.74 -23.38
C ASN A 112 -24.94 -16.42 -22.89
N GLU A 113 -25.67 -15.36 -23.19
CA GLU A 113 -25.29 -13.99 -22.84
C GLU A 113 -25.68 -13.66 -21.40
N GLY A 114 -25.18 -12.55 -20.90
CA GLY A 114 -25.55 -12.11 -19.58
C GLY A 114 -24.45 -11.35 -18.90
N GLU A 115 -24.62 -11.09 -17.62
CA GLU A 115 -23.62 -10.40 -16.84
C GLU A 115 -22.76 -11.43 -16.10
N TYR A 116 -21.49 -11.47 -16.48
CA TYR A 116 -20.54 -12.39 -15.90
C TYR A 116 -19.69 -11.66 -14.88
N ILE A 117 -19.26 -12.36 -13.86
CA ILE A 117 -18.31 -11.80 -12.91
C ILE A 117 -17.13 -12.75 -12.80
N VAL A 118 -16.05 -12.43 -13.49
CA VAL A 118 -14.88 -13.30 -13.53
C VAL A 118 -14.01 -13.01 -12.31
N SER A 119 -13.69 -14.07 -11.56
CA SER A 119 -12.93 -13.92 -10.34
C SER A 119 -11.66 -14.76 -10.40
N LEU A 120 -10.54 -14.08 -10.32
CA LEU A 120 -9.25 -14.74 -10.17
C LEU A 120 -8.76 -14.49 -8.75
N ILE A 121 -8.56 -15.56 -8.00
CA ILE A 121 -8.11 -15.45 -6.63
C ILE A 121 -6.82 -16.25 -6.47
N VAL A 122 -5.82 -15.59 -5.90
CA VAL A 122 -4.53 -16.22 -5.68
C VAL A 122 -4.21 -16.25 -4.19
N SER A 123 -3.39 -17.19 -3.76
CA SER A 123 -3.17 -17.41 -2.34
C SER A 123 -1.69 -17.61 -2.03
N ASN A 124 -1.36 -17.31 -0.78
CA ASN A 124 -0.05 -17.55 -0.20
C ASN A 124 -0.28 -17.83 1.30
N GLU A 125 0.77 -18.16 2.05
CA GLU A 125 0.68 -18.43 3.48
C GLU A 125 0.48 -17.13 4.30
N ASN A 126 0.70 -15.99 3.65
CA ASN A 126 0.57 -14.69 4.29
C ASN A 126 -0.85 -14.18 4.15
N ASP A 127 -1.32 -14.07 2.91
CA ASP A 127 -2.65 -13.55 2.63
C ASP A 127 -3.19 -14.14 1.33
N SER A 128 -4.44 -13.87 1.02
CA SER A 128 -5.03 -14.23 -0.27
C SER A 128 -5.63 -12.99 -0.91
N ASP A 129 -5.34 -12.78 -2.18
CA ASP A 129 -5.80 -11.58 -2.88
C ASP A 129 -6.66 -12.01 -4.05
N SER A 130 -7.79 -11.33 -4.24
CA SER A 130 -8.68 -11.64 -5.34
C SER A 130 -9.02 -10.39 -6.14
N ALA A 131 -9.14 -10.57 -7.45
CA ALA A 131 -9.59 -9.51 -8.34
C ALA A 131 -10.80 -10.00 -9.10
N SER A 132 -11.81 -9.16 -9.24
CA SER A 132 -13.03 -9.54 -9.91
C SER A 132 -13.56 -8.36 -10.72
N VAL A 133 -14.06 -8.65 -11.92
CA VAL A 133 -14.53 -7.61 -12.82
C VAL A 133 -15.86 -8.04 -13.49
N THR A 134 -16.72 -7.06 -13.74
CA THR A 134 -18.02 -7.28 -14.36
C THR A 134 -17.90 -7.24 -15.88
N ILE A 135 -18.30 -8.34 -16.51
CA ILE A 135 -18.28 -8.48 -17.95
C ILE A 135 -19.71 -8.42 -18.46
N ARG A 136 -19.99 -7.49 -19.35
CA ARG A 136 -21.36 -7.32 -19.83
C ARG A 136 -21.47 -7.84 -21.26
N ALA A 137 -22.42 -8.73 -21.49
CA ALA A 137 -22.62 -9.30 -22.81
C ALA A 137 -23.94 -8.85 -23.38
N LEU A 138 -23.90 -8.44 -24.65
CA LEU A 138 -25.07 -8.00 -25.38
C LEU A 138 -25.92 -9.19 -25.80
N GLU A 139 -27.20 -9.07 -25.50
CA GLU A 139 -28.15 -10.16 -25.67
C GLU A 139 -28.68 -10.25 -27.10
N HIS A 140 -28.92 -11.46 -27.56
CA HIS A 140 -29.56 -11.68 -28.85
C HIS A 140 -31.07 -11.80 -28.67
N HIS A 141 -31.81 -11.15 -29.55
CA HIS A 141 -33.26 -11.28 -29.54
C HIS A 141 -33.70 -12.03 -30.78
N HIS A 142 -33.10 -11.66 -31.90
CA HIS A 142 -33.31 -12.31 -33.16
C HIS A 142 -32.39 -13.53 -33.25
N HIS A 143 -32.88 -14.60 -33.84
CA HIS A 143 -32.14 -15.85 -33.89
C HIS A 143 -31.56 -16.07 -35.28
N HIS A 144 -30.48 -16.84 -35.34
CA HIS A 144 -29.73 -17.06 -36.58
C HIS A 144 -30.24 -18.29 -37.31
N HIS A 145 -30.33 -18.19 -38.63
CA HIS A 145 -30.86 -19.28 -39.47
C HIS A 145 -29.85 -20.44 -39.61
N MET A 1 -117.34 95.69 -30.97
CA MET A 1 -116.51 96.14 -32.10
C MET A 1 -115.76 94.95 -32.70
N ASN A 2 -115.38 95.07 -33.97
CA ASN A 2 -114.58 94.05 -34.63
C ASN A 2 -113.10 94.38 -34.51
N ALA A 3 -112.44 93.68 -33.59
CA ALA A 3 -111.01 93.85 -33.36
C ALA A 3 -110.34 92.49 -33.41
N ARG A 4 -109.04 92.46 -33.72
CA ARG A 4 -108.33 91.20 -33.92
C ARG A 4 -107.82 90.60 -32.60
N ASP A 5 -107.77 89.29 -32.57
CA ASP A 5 -107.27 88.54 -31.41
C ASP A 5 -105.84 88.09 -31.67
N ASN A 6 -104.98 88.26 -30.67
CA ASN A 6 -103.57 87.93 -30.82
C ASN A 6 -103.11 87.02 -29.70
N LYS A 7 -102.54 85.87 -30.05
CA LYS A 7 -101.83 85.03 -29.10
C LYS A 7 -100.57 84.45 -29.70
N PHE A 8 -99.46 84.57 -28.98
CA PHE A 8 -98.18 84.02 -29.39
C PHE A 8 -97.29 83.79 -28.18
N ASN A 9 -96.56 82.69 -28.20
CA ASN A 9 -95.64 82.34 -27.13
C ASN A 9 -94.23 82.14 -27.68
N THR A 10 -93.25 82.35 -26.84
CA THR A 10 -91.86 82.26 -27.27
C THR A 10 -91.24 80.94 -26.80
N TRP A 11 -91.07 80.03 -27.75
CA TRP A 11 -90.44 78.74 -27.47
C TRP A 11 -89.01 78.70 -27.98
N ASN A 12 -88.18 77.96 -27.29
CA ASN A 12 -86.77 77.82 -27.64
C ASN A 12 -86.23 76.48 -27.14
N ASP A 13 -85.31 75.89 -27.87
CA ASP A 13 -84.66 74.67 -27.40
C ASP A 13 -83.46 75.06 -26.53
N SER A 14 -83.17 74.27 -25.51
CA SER A 14 -82.09 74.58 -24.60
C SER A 14 -81.33 73.34 -24.19
N ARG A 15 -80.15 73.15 -24.78
CA ARG A 15 -79.26 72.06 -24.42
C ARG A 15 -77.83 72.58 -24.31
N GLY A 16 -77.13 72.14 -23.28
CA GLY A 16 -75.72 72.48 -23.11
C GLY A 16 -74.87 71.25 -22.92
N ASN A 17 -73.57 71.38 -23.10
CA ASN A 17 -72.67 70.23 -22.99
C ASN A 17 -72.26 70.01 -21.53
N TYR A 18 -72.03 68.74 -21.18
CA TYR A 18 -71.66 68.35 -19.84
C TYR A 18 -70.75 67.11 -19.87
N TRP A 19 -70.19 66.77 -18.70
CA TRP A 19 -69.22 65.67 -18.52
C TRP A 19 -67.99 65.85 -19.41
N SER A 20 -67.19 66.85 -19.08
CA SER A 20 -65.98 67.14 -19.81
C SER A 20 -64.77 67.11 -18.87
N ASP A 21 -64.99 66.55 -17.69
CA ASP A 21 -63.96 66.44 -16.67
C ASP A 21 -63.09 65.20 -16.90
N TYR A 22 -61.99 65.12 -16.16
CA TYR A 22 -61.07 64.00 -16.27
C TYR A 22 -60.97 63.27 -14.94
N GLU A 23 -60.16 62.21 -14.91
CA GLU A 23 -59.90 61.47 -13.69
C GLU A 23 -58.58 61.94 -13.08
N GLY A 24 -57.47 61.63 -13.75
CA GLY A 24 -56.16 62.04 -13.28
C GLY A 24 -55.62 61.09 -12.22
N SER A 25 -55.19 59.91 -12.65
CA SER A 25 -54.63 58.92 -11.73
C SER A 25 -53.28 58.42 -12.23
N ASP A 26 -52.22 58.83 -11.52
CA ASP A 26 -50.85 58.38 -11.81
C ASP A 26 -50.29 57.67 -10.58
N GLU A 27 -49.43 56.68 -10.79
CA GLU A 27 -48.94 55.85 -9.68
C GLU A 27 -47.51 55.35 -9.90
N ASN A 28 -46.65 55.60 -8.91
CA ASN A 28 -45.27 55.09 -8.89
C ASN A 28 -44.95 54.52 -7.52
N GLY A 29 -44.22 53.41 -7.50
CA GLY A 29 -43.81 52.80 -6.26
C GLY A 29 -42.77 51.73 -6.49
N ASP A 30 -43.25 50.61 -7.08
CA ASP A 30 -42.42 49.53 -7.63
C ASP A 30 -41.56 48.82 -6.56
N GLY A 31 -40.28 49.18 -6.48
CA GLY A 31 -39.37 48.54 -5.55
C GLY A 31 -38.93 49.48 -4.44
N ILE A 32 -38.89 48.96 -3.22
CA ILE A 32 -38.50 49.74 -2.04
C ILE A 32 -37.26 49.11 -1.40
N GLY A 33 -36.14 49.82 -1.44
CA GLY A 33 -34.96 49.39 -0.73
C GLY A 33 -33.81 48.95 -1.62
N ASP A 34 -32.59 49.15 -1.13
CA ASP A 34 -31.37 48.75 -1.83
C ASP A 34 -30.21 48.60 -0.83
N SER A 35 -29.74 47.37 -0.66
CA SER A 35 -28.58 47.08 0.19
C SER A 35 -27.85 45.83 -0.29
N ALA A 36 -26.53 45.80 -0.08
CA ALA A 36 -25.74 44.64 -0.43
C ALA A 36 -24.56 44.44 0.51
N TYR A 37 -24.47 43.26 1.10
CA TYR A 37 -23.32 42.88 1.93
C TYR A 37 -23.26 41.35 2.06
N ALA A 38 -22.30 40.75 1.36
CA ALA A 38 -22.16 39.29 1.33
C ALA A 38 -20.69 38.88 1.22
N VAL A 39 -20.06 38.71 2.38
CA VAL A 39 -18.64 38.33 2.44
C VAL A 39 -18.28 37.76 3.83
N ASN A 40 -17.81 36.50 3.85
CA ASN A 40 -17.26 35.88 5.07
C ASN A 40 -16.31 34.74 4.73
N PRO A 41 -15.00 35.04 4.58
CA PRO A 41 -13.96 34.02 4.49
C PRO A 41 -13.55 33.50 5.86
N GLU A 42 -14.16 32.40 6.26
CA GLU A 42 -13.92 31.81 7.56
C GLU A 42 -12.87 30.70 7.46
N ALA A 43 -12.53 30.11 8.61
CA ALA A 43 -11.51 29.07 8.66
C ALA A 43 -12.10 27.70 8.29
N GLY A 44 -11.97 27.36 7.01
CA GLY A 44 -12.43 26.07 6.53
C GLY A 44 -11.68 25.65 5.29
N SER A 45 -10.40 26.01 5.24
CA SER A 45 -9.53 25.67 4.13
C SER A 45 -8.96 24.27 4.33
N MET A 46 -9.47 23.31 3.56
CA MET A 46 -9.08 21.92 3.70
C MET A 46 -7.82 21.62 2.91
N ASP A 47 -6.69 21.94 3.54
CA ASP A 47 -5.38 21.79 2.94
C ASP A 47 -4.47 21.07 3.91
N TYR A 48 -3.90 19.96 3.48
CA TYR A 48 -3.10 19.10 4.34
C TYR A 48 -2.12 18.29 3.49
N MET A 49 -1.07 17.78 4.12
CA MET A 49 -0.07 16.98 3.43
C MET A 49 0.35 15.79 4.29
N PRO A 50 0.11 14.54 3.81
CA PRO A 50 0.61 13.34 4.47
C PRO A 50 2.13 13.18 4.34
N LEU A 51 2.83 13.46 5.44
CA LEU A 51 4.29 13.34 5.48
C LEU A 51 4.68 12.39 6.61
N MET A 52 4.68 11.10 6.31
CA MET A 52 5.03 10.06 7.27
C MET A 52 5.52 8.81 6.55
N GLU A 53 6.54 8.17 7.11
CA GLU A 53 7.00 6.89 6.60
C GLU A 53 7.26 5.92 7.74
N TYR A 54 7.23 4.64 7.39
CA TYR A 54 7.47 3.57 8.34
C TYR A 54 8.49 2.60 7.74
N LEU A 55 9.40 2.11 8.57
CA LEU A 55 10.45 1.23 8.08
C LEU A 55 10.54 -0.06 8.88
N HIS A 56 10.12 -1.14 8.23
CA HIS A 56 10.23 -2.49 8.77
C HIS A 56 10.13 -3.48 7.60
N SER A 57 10.57 -4.72 7.81
CA SER A 57 10.47 -5.74 6.76
C SER A 57 9.06 -6.31 6.74
N SER A 58 8.22 -5.72 5.90
CA SER A 58 6.84 -6.11 5.75
C SER A 58 6.72 -7.39 4.92
N PRO A 59 5.95 -8.40 5.40
CA PRO A 59 5.68 -9.60 4.62
C PRO A 59 4.82 -9.32 3.39
N VAL A 60 5.19 -9.90 2.28
CA VAL A 60 4.58 -9.56 1.02
C VAL A 60 3.43 -10.51 0.68
N LEU A 61 2.24 -9.96 0.74
CA LEU A 61 1.01 -10.65 0.35
C LEU A 61 0.87 -10.67 -1.19
N PRO A 62 0.05 -11.58 -1.78
CA PRO A 62 -0.10 -11.64 -3.23
C PRO A 62 -0.90 -10.49 -3.83
N THR A 63 -1.00 -10.55 -5.14
CA THR A 63 -1.80 -9.64 -5.91
C THR A 63 -2.41 -10.42 -7.06
N ALA A 64 -3.72 -10.60 -7.04
CA ALA A 64 -4.42 -11.23 -8.13
C ALA A 64 -4.64 -10.21 -9.22
N ARG A 65 -4.14 -10.52 -10.40
CA ARG A 65 -4.24 -9.62 -11.52
C ARG A 65 -4.47 -10.44 -12.76
N PHE A 66 -5.41 -10.01 -13.60
CA PHE A 66 -5.67 -10.67 -14.87
C PHE A 66 -6.34 -9.70 -15.83
N THR A 67 -6.05 -9.87 -17.10
CA THR A 67 -6.66 -9.08 -18.14
C THR A 67 -7.68 -9.90 -18.90
N SER A 68 -8.87 -9.35 -19.05
CA SER A 68 -9.83 -9.91 -19.98
C SER A 68 -9.75 -9.12 -21.28
N ASP A 69 -9.92 -9.79 -22.42
CA ASP A 69 -9.80 -9.17 -23.74
C ASP A 69 -10.87 -8.08 -23.93
N ILE A 70 -12.10 -8.39 -23.50
CA ILE A 70 -13.16 -7.39 -23.45
C ILE A 70 -13.83 -7.38 -22.07
N THR A 71 -14.43 -6.25 -21.75
CA THR A 71 -15.22 -6.12 -20.55
C THR A 71 -16.70 -5.96 -20.91
N GLU A 72 -16.95 -5.60 -22.17
CA GLU A 72 -18.29 -5.47 -22.69
C GLU A 72 -18.26 -5.76 -24.19
N GLY A 73 -19.30 -6.41 -24.69
CA GLY A 73 -19.45 -6.69 -26.09
C GLY A 73 -20.63 -7.61 -26.30
N PHE A 74 -20.87 -8.01 -27.54
CA PHE A 74 -21.92 -8.98 -27.83
C PHE A 74 -21.42 -10.37 -27.45
N ALA A 75 -22.33 -11.20 -26.90
CA ALA A 75 -22.00 -12.56 -26.40
C ALA A 75 -21.22 -13.40 -27.42
N PRO A 76 -19.91 -13.63 -27.17
CA PRO A 76 -19.01 -14.27 -28.10
C PRO A 76 -18.85 -15.78 -27.87
N LEU A 77 -17.89 -16.37 -28.57
CA LEU A 77 -17.63 -17.78 -28.44
C LEU A 77 -16.68 -18.06 -27.26
N SER A 78 -15.57 -17.35 -27.20
CA SER A 78 -14.57 -17.61 -26.17
C SER A 78 -13.93 -16.31 -25.75
N VAL A 79 -14.20 -15.91 -24.51
CA VAL A 79 -13.53 -14.76 -23.92
C VAL A 79 -12.26 -15.25 -23.21
N ARG A 80 -11.13 -14.86 -23.75
CA ARG A 80 -9.84 -15.33 -23.28
C ARG A 80 -9.23 -14.38 -22.27
N PHE A 81 -8.61 -14.96 -21.27
CA PHE A 81 -7.99 -14.23 -20.18
C PHE A 81 -6.47 -14.40 -20.20
N LYS A 82 -5.79 -13.54 -19.48
CA LYS A 82 -4.34 -13.61 -19.34
C LYS A 82 -3.97 -13.35 -17.88
N ASP A 83 -3.18 -14.25 -17.30
CA ASP A 83 -2.86 -14.18 -15.87
C ASP A 83 -1.64 -13.29 -15.63
N PHE A 84 -1.73 -12.46 -14.59
CA PHE A 84 -0.68 -11.51 -14.24
C PHE A 84 -0.44 -11.48 -12.72
N SER A 85 -0.95 -12.50 -12.03
CA SER A 85 -0.81 -12.60 -10.57
C SER A 85 0.64 -12.59 -10.10
N GLU A 86 0.92 -11.72 -9.15
CA GLU A 86 2.26 -11.49 -8.66
C GLU A 86 2.32 -11.84 -7.18
N ASN A 87 3.46 -12.40 -6.75
CA ASN A 87 3.71 -12.83 -5.35
C ASN A 87 2.74 -13.93 -4.91
N ALA A 88 2.41 -14.80 -5.83
CA ALA A 88 1.45 -15.85 -5.57
C ALA A 88 2.13 -17.20 -5.52
N THR A 89 1.72 -18.01 -4.55
CA THR A 89 2.20 -19.38 -4.45
C THR A 89 1.40 -20.25 -5.41
N SER A 90 0.07 -20.15 -5.31
CA SER A 90 -0.84 -20.88 -6.17
C SER A 90 -1.92 -19.94 -6.69
N ARG A 91 -2.40 -20.20 -7.90
CA ARG A 91 -3.51 -19.46 -8.46
C ARG A 91 -4.74 -20.36 -8.57
N LEU A 92 -5.91 -19.76 -8.40
CA LEU A 92 -7.17 -20.48 -8.37
C LEU A 92 -8.17 -19.72 -9.24
N TRP A 93 -8.62 -20.36 -10.30
CA TRP A 93 -9.61 -19.75 -11.19
C TRP A 93 -11.02 -20.15 -10.78
N MET A 94 -11.83 -19.15 -10.49
CA MET A 94 -13.22 -19.34 -10.13
C MET A 94 -14.12 -18.84 -11.25
N PHE A 95 -14.66 -19.78 -12.02
CA PHE A 95 -15.59 -19.42 -13.10
C PHE A 95 -17.03 -19.53 -12.61
N GLY A 96 -17.25 -20.42 -11.64
CA GLY A 96 -18.58 -20.72 -11.15
C GLY A 96 -19.19 -21.94 -11.85
N ASP A 97 -18.44 -22.47 -12.81
CA ASP A 97 -18.90 -23.56 -13.66
C ASP A 97 -18.03 -24.78 -13.47
N GLY A 98 -18.58 -25.78 -12.80
CA GLY A 98 -17.83 -27.00 -12.48
C GLY A 98 -16.92 -26.81 -11.29
N ASN A 99 -15.96 -27.72 -11.15
CA ASN A 99 -14.98 -27.64 -10.07
C ASN A 99 -13.89 -26.61 -10.40
N THR A 100 -13.43 -25.90 -9.39
CA THR A 100 -12.40 -24.89 -9.53
C THR A 100 -11.00 -25.52 -9.40
N SER A 101 -9.95 -24.68 -9.57
CA SER A 101 -8.52 -25.10 -9.54
C SER A 101 -8.20 -26.09 -10.69
N ASP A 102 -8.97 -25.99 -11.77
CA ASP A 102 -8.89 -26.93 -12.87
C ASP A 102 -8.82 -26.15 -14.19
N SER A 103 -8.70 -26.87 -15.29
CA SER A 103 -8.72 -26.31 -16.64
C SER A 103 -10.10 -25.66 -16.96
N PRO A 104 -10.14 -24.67 -17.91
CA PRO A 104 -11.39 -23.96 -18.30
C PRO A 104 -12.55 -24.90 -18.65
N SER A 105 -13.76 -24.43 -18.40
CA SER A 105 -14.94 -25.28 -18.39
C SER A 105 -15.46 -25.49 -19.81
N PRO A 106 -15.80 -26.76 -20.17
CA PRO A 106 -16.40 -27.08 -21.47
C PRO A 106 -17.85 -26.61 -21.56
N LEU A 107 -18.22 -26.11 -22.76
CA LEU A 107 -19.55 -25.55 -23.06
C LEU A 107 -19.81 -24.24 -22.29
N HIS A 108 -18.71 -23.54 -21.96
CA HIS A 108 -18.78 -22.23 -21.30
C HIS A 108 -18.68 -21.12 -22.37
N THR A 109 -18.97 -21.49 -23.61
CA THR A 109 -19.20 -20.55 -24.69
C THR A 109 -20.44 -19.73 -24.38
N PHE A 110 -20.37 -18.44 -24.65
CA PHE A 110 -21.42 -17.51 -24.29
C PHE A 110 -22.47 -17.48 -25.40
N PHE A 111 -23.34 -18.50 -25.36
CA PHE A 111 -24.46 -18.63 -26.30
C PHE A 111 -25.61 -17.71 -25.90
N ASN A 112 -25.58 -17.29 -24.64
CA ASN A 112 -26.63 -16.51 -24.04
C ASN A 112 -26.07 -15.16 -23.61
N GLU A 113 -26.86 -14.12 -23.76
CA GLU A 113 -26.49 -12.77 -23.39
C GLU A 113 -26.85 -12.49 -21.93
N GLY A 114 -25.85 -12.09 -21.15
CA GLY A 114 -26.07 -11.80 -19.74
C GLY A 114 -24.81 -11.28 -19.04
N GLU A 115 -24.80 -11.36 -17.72
CA GLU A 115 -23.66 -10.86 -16.93
C GLU A 115 -22.87 -12.02 -16.35
N TYR A 116 -21.68 -12.22 -16.87
CA TYR A 116 -20.82 -13.32 -16.46
C TYR A 116 -19.64 -12.77 -15.68
N ILE A 117 -19.13 -13.51 -14.72
CA ILE A 117 -18.08 -13.00 -13.85
C ILE A 117 -16.91 -14.00 -13.76
N VAL A 118 -15.73 -13.54 -14.15
CA VAL A 118 -14.50 -14.33 -14.01
C VAL A 118 -13.75 -13.87 -12.77
N SER A 119 -13.41 -14.80 -11.89
CA SER A 119 -12.69 -14.49 -10.66
C SER A 119 -11.32 -15.18 -10.64
N LEU A 120 -10.34 -14.48 -10.11
CA LEU A 120 -9.02 -15.02 -9.91
C LEU A 120 -8.60 -14.74 -8.47
N ILE A 121 -8.34 -15.80 -7.74
CA ILE A 121 -7.90 -15.69 -6.36
C ILE A 121 -6.56 -16.41 -6.20
N VAL A 122 -5.61 -15.74 -5.60
CA VAL A 122 -4.29 -16.31 -5.39
C VAL A 122 -3.96 -16.31 -3.91
N SER A 123 -3.07 -17.19 -3.49
CA SER A 123 -2.80 -17.36 -2.07
C SER A 123 -1.30 -17.34 -1.80
N ASN A 124 -0.94 -16.96 -0.58
CA ASN A 124 0.43 -17.00 -0.10
C ASN A 124 0.38 -17.46 1.37
N GLU A 125 1.50 -17.31 2.09
CA GLU A 125 1.59 -17.66 3.52
C GLU A 125 0.93 -16.59 4.40
N ASN A 126 0.77 -15.40 3.83
CA ASN A 126 0.32 -14.24 4.57
C ASN A 126 -1.19 -14.05 4.45
N ASP A 127 -1.67 -13.99 3.22
CA ASP A 127 -3.07 -13.73 2.94
C ASP A 127 -3.41 -14.23 1.53
N SER A 128 -4.69 -14.27 1.21
CA SER A 128 -5.15 -14.59 -0.13
C SER A 128 -5.80 -13.34 -0.74
N ASP A 129 -5.43 -13.03 -1.97
CA ASP A 129 -5.89 -11.81 -2.62
C ASP A 129 -6.71 -12.21 -3.83
N SER A 130 -7.88 -11.59 -3.97
CA SER A 130 -8.78 -11.94 -5.04
C SER A 130 -9.13 -10.72 -5.87
N ALA A 131 -9.17 -10.90 -7.19
CA ALA A 131 -9.63 -9.89 -8.12
C ALA A 131 -10.71 -10.49 -9.00
N SER A 132 -11.67 -9.69 -9.41
CA SER A 132 -12.79 -10.19 -10.20
C SER A 132 -13.27 -9.09 -11.15
N VAL A 133 -13.62 -9.47 -12.39
CA VAL A 133 -14.08 -8.49 -13.37
C VAL A 133 -15.48 -8.86 -13.87
N THR A 134 -16.17 -7.87 -14.39
CA THR A 134 -17.49 -8.07 -14.94
C THR A 134 -17.41 -8.22 -16.46
N ILE A 135 -17.85 -9.38 -16.93
CA ILE A 135 -17.93 -9.66 -18.36
C ILE A 135 -19.35 -9.39 -18.81
N ARG A 136 -19.52 -8.32 -19.56
CA ARG A 136 -20.84 -7.85 -19.94
C ARG A 136 -21.14 -8.29 -21.35
N ALA A 137 -22.06 -9.22 -21.49
CA ALA A 137 -22.45 -9.71 -22.80
C ALA A 137 -23.83 -9.20 -23.15
N LEU A 138 -23.88 -8.28 -24.10
CA LEU A 138 -25.13 -7.71 -24.54
C LEU A 138 -25.59 -8.36 -25.82
N GLU A 139 -26.80 -8.04 -26.23
CA GLU A 139 -27.36 -8.63 -27.41
C GLU A 139 -27.14 -7.75 -28.62
N HIS A 140 -27.30 -8.34 -29.79
CA HIS A 140 -27.26 -7.60 -31.03
C HIS A 140 -28.56 -6.79 -31.16
N HIS A 141 -28.42 -5.48 -31.04
CA HIS A 141 -29.56 -4.58 -31.11
C HIS A 141 -29.35 -3.57 -32.23
N HIS A 142 -30.45 -3.13 -32.81
CA HIS A 142 -30.42 -2.17 -33.91
C HIS A 142 -30.67 -0.75 -33.41
N HIS A 143 -30.13 0.23 -34.12
CA HIS A 143 -30.39 1.63 -33.85
C HIS A 143 -30.58 2.39 -35.16
N HIS A 144 -31.51 3.34 -35.17
CA HIS A 144 -31.83 4.07 -36.38
C HIS A 144 -31.51 5.54 -36.24
N HIS A 145 -30.72 6.04 -37.18
CA HIS A 145 -30.44 7.46 -37.29
C HIS A 145 -30.51 7.87 -38.76
N MET A 1 -12.34 91.44 48.48
CA MET A 1 -12.97 90.12 48.28
C MET A 1 -11.94 89.08 47.90
N ASN A 2 -11.92 87.97 48.63
CA ASN A 2 -10.97 86.90 48.37
C ASN A 2 -11.65 85.55 48.49
N ALA A 3 -11.28 84.63 47.60
CA ALA A 3 -11.84 83.30 47.59
C ALA A 3 -10.81 82.30 48.09
N ARG A 4 -11.18 81.56 49.12
CA ARG A 4 -10.32 80.52 49.66
C ARG A 4 -10.49 79.24 48.86
N ASP A 5 -9.58 79.03 47.92
CA ASP A 5 -9.61 77.84 47.09
C ASP A 5 -8.95 76.68 47.84
N ASN A 6 -9.79 75.87 48.46
CA ASN A 6 -9.32 74.75 49.25
C ASN A 6 -9.50 73.47 48.45
N LYS A 7 -8.44 73.03 47.80
CA LYS A 7 -8.50 71.85 46.96
C LYS A 7 -8.03 70.62 47.73
N PHE A 8 -8.37 69.44 47.22
CA PHE A 8 -7.99 68.20 47.84
C PHE A 8 -7.10 67.41 46.90
N ASN A 9 -6.32 66.48 47.47
CA ASN A 9 -5.37 65.69 46.70
C ASN A 9 -5.78 64.22 46.76
N THR A 10 -5.51 63.49 45.67
CA THR A 10 -5.86 62.07 45.60
C THR A 10 -4.69 61.22 46.07
N TRP A 11 -4.87 60.56 47.19
CA TRP A 11 -3.87 59.65 47.72
C TRP A 11 -4.34 58.21 47.52
N ASN A 12 -3.98 57.63 46.38
CA ASN A 12 -4.39 56.28 46.05
C ASN A 12 -3.26 55.30 46.36
N ASP A 13 -3.58 54.26 47.12
CA ASP A 13 -2.62 53.24 47.48
C ASP A 13 -3.04 51.89 46.95
N SER A 14 -2.10 50.96 46.89
CA SER A 14 -2.37 49.63 46.37
C SER A 14 -2.51 48.62 47.52
N ARG A 15 -3.26 47.56 47.26
CA ARG A 15 -3.41 46.45 48.20
C ARG A 15 -2.65 45.23 47.69
N GLY A 16 -2.68 44.14 48.44
CA GLY A 16 -2.02 42.92 48.01
C GLY A 16 -1.26 42.25 49.13
N ASN A 17 -1.96 41.47 49.94
CA ASN A 17 -1.32 40.68 51.00
C ASN A 17 -0.78 39.39 50.41
N TYR A 18 0.51 39.14 50.65
CA TYR A 18 1.20 37.98 50.07
C TYR A 18 0.96 36.72 50.92
N TRP A 19 1.00 35.57 50.27
CA TRP A 19 0.88 34.29 50.94
C TRP A 19 2.07 33.42 50.54
N SER A 20 2.98 33.19 51.48
CA SER A 20 4.19 32.40 51.21
C SER A 20 4.57 31.58 52.44
N ASP A 21 4.26 30.29 52.42
CA ASP A 21 4.62 29.38 53.50
C ASP A 21 4.81 27.97 52.97
N TYR A 22 5.97 27.39 53.28
CA TYR A 22 6.35 26.10 52.73
C TYR A 22 6.32 25.01 53.80
N GLU A 23 5.62 23.95 53.49
CA GLU A 23 5.37 22.84 54.42
C GLU A 23 5.93 21.51 53.89
N GLY A 24 6.72 21.56 52.83
CA GLY A 24 7.21 20.35 52.18
C GLY A 24 8.55 19.88 52.68
N SER A 25 8.69 19.78 54.00
CA SER A 25 9.90 19.29 54.65
C SER A 25 9.54 18.60 55.97
N ASP A 26 9.38 17.28 55.92
CA ASP A 26 8.97 16.51 57.10
C ASP A 26 9.59 15.12 57.11
N GLU A 27 9.95 14.61 55.93
CA GLU A 27 10.54 13.28 55.81
C GLU A 27 12.09 13.35 55.88
N ASN A 28 12.60 14.54 56.22
CA ASN A 28 14.04 14.77 56.35
C ASN A 28 14.55 14.23 57.69
N GLY A 29 15.01 12.98 57.66
CA GLY A 29 15.47 12.32 58.87
C GLY A 29 14.33 11.69 59.64
N ASP A 30 14.61 11.32 60.89
CA ASP A 30 13.56 10.83 61.81
C ASP A 30 13.00 11.98 62.63
N GLY A 31 13.61 13.16 62.46
CA GLY A 31 13.06 14.40 62.98
C GLY A 31 11.96 14.90 62.07
N ILE A 32 10.74 14.47 62.36
CA ILE A 32 9.57 14.70 61.52
C ILE A 32 9.14 16.17 61.59
N GLY A 33 9.42 16.89 60.50
CA GLY A 33 9.09 18.29 60.41
C GLY A 33 10.21 19.21 60.87
N ASP A 34 11.28 18.64 61.44
CA ASP A 34 12.39 19.41 62.00
C ASP A 34 13.29 19.95 60.89
N SER A 35 13.75 19.07 60.04
CA SER A 35 14.74 19.44 59.04
C SER A 35 14.10 19.74 57.69
N ALA A 36 14.80 20.53 56.88
CA ALA A 36 14.33 20.90 55.56
C ALA A 36 15.33 20.41 54.52
N TYR A 37 14.85 20.16 53.31
CA TYR A 37 15.71 19.68 52.24
C TYR A 37 16.47 20.83 51.60
N ALA A 38 17.69 20.55 51.17
CA ALA A 38 18.49 21.53 50.46
C ALA A 38 18.12 21.51 48.98
N VAL A 39 17.35 22.51 48.58
CA VAL A 39 16.86 22.65 47.22
C VAL A 39 18.00 23.03 46.25
N ASN A 40 18.17 22.21 45.22
CA ASN A 40 19.16 22.51 44.19
C ASN A 40 18.55 22.35 42.78
N PRO A 41 18.08 23.47 42.18
CA PRO A 41 17.60 23.48 40.79
C PRO A 41 18.73 23.63 39.75
N GLU A 42 19.98 23.73 40.22
CA GLU A 42 21.14 23.83 39.34
C GLU A 42 21.59 22.44 38.95
N ALA A 43 21.12 21.99 37.78
CA ALA A 43 21.47 20.71 37.21
C ALA A 43 20.96 20.63 35.78
N GLY A 44 21.87 20.54 34.82
CA GLY A 44 21.50 20.49 33.41
C GLY A 44 21.61 19.12 32.83
N SER A 45 20.67 18.78 31.94
CA SER A 45 20.67 17.48 31.28
C SER A 45 21.48 17.54 29.99
N MET A 46 22.41 16.59 29.83
CA MET A 46 23.27 16.52 28.66
C MET A 46 22.53 15.91 27.46
N ASP A 47 23.06 16.17 26.27
CA ASP A 47 22.48 15.67 25.03
C ASP A 47 22.98 14.27 24.72
N TYR A 48 22.22 13.56 23.91
CA TYR A 48 22.55 12.19 23.51
C TYR A 48 22.26 11.99 22.02
N MET A 49 22.58 10.81 21.51
CA MET A 49 22.31 10.48 20.11
C MET A 49 21.15 9.51 20.00
N PRO A 50 20.24 9.71 19.00
CA PRO A 50 19.15 8.77 18.71
C PRO A 50 19.64 7.37 18.34
N LEU A 51 18.99 6.36 18.91
CA LEU A 51 19.38 4.97 18.69
C LEU A 51 18.86 4.47 17.35
N MET A 52 19.74 3.79 16.61
CA MET A 52 19.36 3.20 15.33
C MET A 52 18.61 1.89 15.57
N GLU A 53 17.51 1.70 14.85
CA GLU A 53 16.66 0.56 15.06
C GLU A 53 16.81 -0.45 13.93
N TYR A 54 16.76 -1.72 14.30
CA TYR A 54 16.88 -2.80 13.34
C TYR A 54 15.58 -3.57 13.25
N LEU A 55 15.23 -4.01 12.06
CA LEU A 55 13.99 -4.73 11.85
C LEU A 55 14.24 -5.96 10.98
N HIS A 56 13.35 -6.93 11.06
CA HIS A 56 13.40 -8.09 10.18
C HIS A 56 12.57 -7.81 8.92
N SER A 57 12.84 -8.55 7.87
CA SER A 57 12.09 -8.41 6.64
C SER A 57 10.77 -9.16 6.74
N SER A 58 9.68 -8.44 6.53
CA SER A 58 8.35 -9.05 6.48
C SER A 58 8.00 -9.42 5.05
N PRO A 59 7.70 -10.72 4.79
CA PRO A 59 7.38 -11.23 3.44
C PRO A 59 6.09 -10.63 2.84
N VAL A 60 5.96 -10.72 1.52
CA VAL A 60 4.94 -9.97 0.79
C VAL A 60 3.74 -10.86 0.36
N LEU A 61 2.54 -10.30 0.54
CA LEU A 61 1.28 -10.95 0.20
C LEU A 61 1.00 -10.90 -1.33
N PRO A 62 0.12 -11.78 -1.89
CA PRO A 62 -0.14 -11.83 -3.34
C PRO A 62 -1.19 -10.82 -3.79
N THR A 63 -1.04 -10.35 -5.01
CA THR A 63 -2.02 -9.48 -5.61
C THR A 63 -2.79 -10.27 -6.69
N ALA A 64 -4.10 -10.15 -6.69
CA ALA A 64 -4.93 -10.78 -7.69
C ALA A 64 -5.30 -9.78 -8.76
N ARG A 65 -4.79 -10.01 -9.95
CA ARG A 65 -5.06 -9.16 -11.10
C ARG A 65 -5.23 -10.04 -12.32
N PHE A 66 -6.09 -9.64 -13.23
CA PHE A 66 -6.32 -10.39 -14.45
C PHE A 66 -6.91 -9.53 -15.53
N THR A 67 -6.61 -9.86 -16.77
CA THR A 67 -7.10 -9.13 -17.91
C THR A 67 -8.02 -10.03 -18.72
N SER A 68 -9.19 -9.55 -19.06
CA SER A 68 -10.10 -10.30 -19.92
C SER A 68 -9.98 -9.81 -21.34
N ASP A 69 -10.01 -10.74 -22.31
CA ASP A 69 -9.88 -10.43 -23.73
C ASP A 69 -11.03 -9.53 -24.20
N ILE A 70 -12.23 -9.87 -23.75
CA ILE A 70 -13.37 -8.97 -23.88
C ILE A 70 -13.92 -8.65 -22.49
N THR A 71 -14.41 -7.44 -22.33
CA THR A 71 -15.13 -7.04 -21.12
C THR A 71 -16.53 -6.56 -21.50
N GLU A 72 -16.68 -6.22 -22.77
CA GLU A 72 -17.88 -5.57 -23.28
C GLU A 72 -18.06 -5.99 -24.74
N GLY A 73 -19.29 -5.89 -25.24
CA GLY A 73 -19.60 -6.32 -26.58
C GLY A 73 -20.44 -7.57 -26.55
N PHE A 74 -20.55 -8.27 -27.67
CA PHE A 74 -21.35 -9.49 -27.71
C PHE A 74 -20.52 -10.64 -27.12
N ALA A 75 -21.18 -11.54 -26.41
CA ALA A 75 -20.52 -12.73 -25.86
C ALA A 75 -19.98 -13.66 -26.94
N PRO A 76 -18.63 -13.85 -26.99
CA PRO A 76 -17.98 -14.74 -27.94
C PRO A 76 -17.94 -16.18 -27.44
N LEU A 77 -17.27 -17.05 -28.18
CA LEU A 77 -17.20 -18.47 -27.84
C LEU A 77 -16.20 -18.75 -26.72
N SER A 78 -14.93 -18.69 -27.06
CA SER A 78 -13.87 -18.96 -26.13
C SER A 78 -13.24 -17.66 -25.64
N VAL A 79 -13.64 -17.25 -24.43
CA VAL A 79 -13.11 -16.03 -23.82
C VAL A 79 -11.80 -16.33 -23.10
N ARG A 80 -10.75 -15.59 -23.48
CA ARG A 80 -9.43 -15.78 -22.90
C ARG A 80 -9.18 -14.84 -21.73
N PHE A 81 -8.38 -15.34 -20.80
CA PHE A 81 -8.07 -14.62 -19.57
C PHE A 81 -6.57 -14.64 -19.30
N LYS A 82 -6.03 -13.45 -19.05
CA LYS A 82 -4.61 -13.27 -18.77
C LYS A 82 -4.39 -13.24 -17.26
N ASP A 83 -3.42 -14.03 -16.81
CA ASP A 83 -2.97 -13.99 -15.42
C ASP A 83 -2.05 -12.79 -15.25
N PHE A 84 -2.44 -11.85 -14.39
CA PHE A 84 -1.66 -10.63 -14.18
C PHE A 84 -1.20 -10.57 -12.72
N SER A 85 -1.62 -11.58 -11.96
CA SER A 85 -1.31 -11.72 -10.54
C SER A 85 0.20 -11.78 -10.25
N GLU A 86 0.59 -11.09 -9.20
CA GLU A 86 1.98 -10.97 -8.81
C GLU A 86 2.11 -11.38 -7.35
N ASN A 87 3.32 -11.85 -6.98
CA ASN A 87 3.69 -12.31 -5.61
C ASN A 87 2.86 -13.52 -5.18
N ALA A 88 2.47 -14.36 -6.15
CA ALA A 88 1.56 -15.45 -5.89
C ALA A 88 2.26 -16.79 -5.97
N THR A 89 1.94 -17.65 -5.02
CA THR A 89 2.46 -19.02 -4.99
C THR A 89 1.55 -19.93 -5.82
N SER A 90 0.24 -19.72 -5.68
CA SER A 90 -0.77 -20.52 -6.37
C SER A 90 -1.84 -19.59 -6.95
N ARG A 91 -2.62 -20.11 -7.89
CA ARG A 91 -3.75 -19.38 -8.45
C ARG A 91 -4.98 -20.27 -8.52
N LEU A 92 -6.15 -19.65 -8.65
CA LEU A 92 -7.41 -20.36 -8.73
C LEU A 92 -8.44 -19.51 -9.48
N TRP A 93 -8.83 -19.99 -10.64
CA TRP A 93 -9.85 -19.32 -11.45
C TRP A 93 -11.21 -19.84 -11.09
N MET A 94 -12.10 -18.95 -10.65
CA MET A 94 -13.42 -19.34 -10.21
C MET A 94 -14.50 -18.60 -10.95
N PHE A 95 -15.36 -19.34 -11.64
CA PHE A 95 -16.61 -18.79 -12.16
C PHE A 95 -17.72 -19.03 -11.13
N GLY A 96 -17.64 -20.16 -10.46
CA GLY A 96 -18.62 -20.55 -9.45
C GLY A 96 -19.49 -21.70 -9.93
N ASP A 97 -19.59 -21.83 -11.25
CA ASP A 97 -20.21 -22.98 -11.88
C ASP A 97 -19.20 -23.68 -12.80
N GLY A 98 -19.19 -25.01 -12.74
CA GLY A 98 -18.29 -25.79 -13.57
C GLY A 98 -17.05 -26.17 -12.82
N ASN A 99 -15.90 -25.92 -13.43
CA ASN A 99 -14.62 -26.27 -12.81
C ASN A 99 -13.80 -25.01 -12.53
N THR A 100 -12.61 -25.23 -11.99
CA THR A 100 -11.72 -24.15 -11.59
C THR A 100 -10.48 -24.13 -12.51
N SER A 101 -9.42 -23.43 -12.07
CA SER A 101 -8.12 -23.44 -12.77
C SER A 101 -7.58 -24.86 -12.89
N ASP A 102 -7.48 -25.31 -14.13
CA ASP A 102 -7.18 -26.70 -14.45
C ASP A 102 -6.53 -26.72 -15.85
N SER A 103 -6.30 -27.91 -16.40
CA SER A 103 -5.82 -28.07 -17.78
C SER A 103 -6.74 -27.35 -18.76
N PRO A 104 -6.18 -26.41 -19.58
CA PRO A 104 -6.97 -25.48 -20.42
C PRO A 104 -7.92 -26.17 -21.40
N SER A 105 -9.19 -26.18 -20.99
CA SER A 105 -10.28 -26.78 -21.74
C SER A 105 -11.51 -25.90 -21.52
N PRO A 106 -12.42 -25.78 -22.51
CA PRO A 106 -13.69 -25.07 -22.31
C PRO A 106 -14.62 -25.82 -21.37
N LEU A 107 -14.78 -25.28 -20.14
CA LEU A 107 -15.71 -25.84 -19.16
C LEU A 107 -17.13 -25.52 -19.58
N HIS A 108 -17.31 -24.29 -20.06
CA HIS A 108 -18.51 -23.89 -20.77
C HIS A 108 -18.15 -22.83 -21.80
N THR A 109 -18.65 -23.00 -23.01
CA THR A 109 -18.54 -21.99 -24.05
C THR A 109 -19.66 -20.99 -23.85
N PHE A 110 -19.40 -19.71 -24.11
CA PHE A 110 -20.39 -18.67 -23.86
C PHE A 110 -21.35 -18.57 -25.05
N PHE A 111 -22.37 -19.42 -25.03
CA PHE A 111 -23.41 -19.45 -26.05
C PHE A 111 -24.47 -18.40 -25.78
N ASN A 112 -24.54 -17.97 -24.53
CA ASN A 112 -25.58 -17.06 -24.08
C ASN A 112 -24.96 -15.71 -23.76
N GLU A 113 -25.73 -14.65 -23.95
CA GLU A 113 -25.31 -13.32 -23.58
C GLU A 113 -25.94 -12.94 -22.24
N GLY A 114 -25.26 -12.07 -21.51
CA GLY A 114 -25.71 -11.70 -20.18
C GLY A 114 -24.60 -11.10 -19.35
N GLU A 115 -24.64 -11.33 -18.05
CA GLU A 115 -23.65 -10.76 -17.16
C GLU A 115 -22.90 -11.86 -16.42
N TYR A 116 -21.61 -11.96 -16.70
CA TYR A 116 -20.78 -13.03 -16.18
C TYR A 116 -19.62 -12.45 -15.39
N ILE A 117 -19.52 -12.80 -14.13
CA ILE A 117 -18.45 -12.26 -13.30
C ILE A 117 -17.35 -13.30 -13.14
N VAL A 118 -16.18 -12.96 -13.67
CA VAL A 118 -15.00 -13.82 -13.59
C VAL A 118 -14.20 -13.44 -12.34
N SER A 119 -13.76 -14.44 -11.59
CA SER A 119 -12.95 -14.21 -10.41
C SER A 119 -11.62 -14.95 -10.49
N LEU A 120 -10.58 -14.32 -9.95
CA LEU A 120 -9.27 -14.94 -9.80
C LEU A 120 -8.79 -14.72 -8.38
N ILE A 121 -8.63 -15.81 -7.65
CA ILE A 121 -8.11 -15.76 -6.30
C ILE A 121 -6.75 -16.46 -6.27
N VAL A 122 -5.77 -15.76 -5.75
CA VAL A 122 -4.42 -16.28 -5.68
C VAL A 122 -4.03 -16.51 -4.24
N SER A 123 -3.14 -17.44 -4.02
CA SER A 123 -2.77 -17.85 -2.68
C SER A 123 -1.27 -17.73 -2.49
N ASN A 124 -0.88 -17.50 -1.26
CA ASN A 124 0.52 -17.39 -0.86
C ASN A 124 0.61 -17.95 0.57
N GLU A 125 1.82 -18.08 1.10
CA GLU A 125 2.04 -18.57 2.46
C GLU A 125 1.64 -17.53 3.52
N ASN A 126 1.62 -16.27 3.10
CA ASN A 126 1.30 -15.14 3.98
C ASN A 126 -0.19 -14.87 3.99
N ASP A 127 -0.74 -14.60 2.82
CA ASP A 127 -2.13 -14.18 2.69
C ASP A 127 -2.69 -14.71 1.38
N SER A 128 -3.99 -14.52 1.15
CA SER A 128 -4.61 -14.85 -0.14
C SER A 128 -5.54 -13.71 -0.56
N ASP A 129 -5.52 -13.36 -1.83
CA ASP A 129 -6.29 -12.22 -2.33
C ASP A 129 -7.11 -12.63 -3.55
N SER A 130 -8.33 -12.12 -3.64
CA SER A 130 -9.20 -12.40 -4.77
C SER A 130 -9.66 -11.08 -5.39
N ALA A 131 -9.87 -11.11 -6.71
CA ALA A 131 -10.44 -9.99 -7.44
C ALA A 131 -11.42 -10.49 -8.46
N SER A 132 -12.40 -9.66 -8.77
CA SER A 132 -13.46 -10.02 -9.68
C SER A 132 -13.70 -8.88 -10.66
N VAL A 133 -14.21 -9.22 -11.85
CA VAL A 133 -14.59 -8.19 -12.82
C VAL A 133 -15.92 -8.58 -13.47
N THR A 134 -16.78 -7.59 -13.67
CA THR A 134 -18.07 -7.80 -14.27
C THR A 134 -17.96 -7.75 -15.79
N ILE A 135 -18.12 -8.89 -16.43
CA ILE A 135 -18.10 -8.98 -17.88
C ILE A 135 -19.52 -8.81 -18.39
N ARG A 136 -19.75 -7.77 -19.16
CA ARG A 136 -21.07 -7.44 -19.60
C ARG A 136 -21.20 -7.70 -21.09
N ALA A 137 -22.01 -8.69 -21.42
CA ALA A 137 -22.27 -9.05 -22.78
C ALA A 137 -23.57 -8.39 -23.22
N LEU A 138 -23.51 -7.73 -24.35
CA LEU A 138 -24.58 -6.84 -24.78
C LEU A 138 -25.73 -7.61 -25.40
N GLU A 139 -26.93 -7.18 -25.05
CA GLU A 139 -28.14 -7.74 -25.62
C GLU A 139 -28.45 -7.06 -26.94
N HIS A 140 -29.03 -7.83 -27.85
CA HIS A 140 -29.41 -7.32 -29.16
C HIS A 140 -30.69 -6.50 -29.02
N HIS A 141 -30.52 -5.20 -29.15
CA HIS A 141 -31.62 -4.28 -28.93
C HIS A 141 -31.99 -3.59 -30.24
N HIS A 142 -33.25 -3.75 -30.64
CA HIS A 142 -33.76 -3.10 -31.82
C HIS A 142 -34.17 -1.67 -31.46
N HIS A 143 -35.05 -1.54 -30.48
CA HIS A 143 -35.44 -0.24 -29.97
C HIS A 143 -35.87 -0.38 -28.51
N HIS A 144 -35.23 0.40 -27.65
CA HIS A 144 -35.57 0.47 -26.24
C HIS A 144 -36.87 1.24 -26.06
N HIS A 145 -37.90 0.56 -25.61
CA HIS A 145 -39.20 1.19 -25.34
C HIS A 145 -39.91 0.47 -24.20
N MET A 1 80.48 124.13 67.99
CA MET A 1 80.49 123.90 66.53
C MET A 1 79.11 124.20 65.95
N ASN A 2 79.09 124.89 64.82
CA ASN A 2 77.83 125.30 64.18
C ASN A 2 77.60 124.52 62.89
N ALA A 3 76.74 123.51 62.97
CA ALA A 3 76.36 122.69 61.81
C ALA A 3 74.97 122.10 62.00
N ARG A 4 73.98 122.72 61.38
CA ARG A 4 72.60 122.22 61.40
C ARG A 4 72.20 121.78 60.00
N ASP A 5 71.92 120.49 59.82
CA ASP A 5 71.54 119.98 58.51
C ASP A 5 70.30 119.08 58.62
N ASN A 6 69.21 119.52 58.02
CA ASN A 6 67.93 118.83 58.09
C ASN A 6 67.43 118.48 56.69
N LYS A 7 66.97 117.24 56.53
CA LYS A 7 66.34 116.77 55.29
C LYS A 7 65.39 115.62 55.58
N PHE A 8 64.39 115.47 54.71
CA PHE A 8 63.46 114.34 54.78
C PHE A 8 62.90 114.04 53.38
N ASN A 9 62.87 112.76 53.01
CA ASN A 9 62.29 112.34 51.73
C ASN A 9 61.64 110.98 51.85
N THR A 10 60.34 110.95 51.59
CA THR A 10 59.56 109.73 51.54
C THR A 10 58.35 109.89 50.63
N TRP A 11 58.22 108.98 49.66
CA TRP A 11 57.04 108.95 48.81
C TRP A 11 56.66 107.50 48.50
N ASN A 12 55.50 107.09 49.01
CA ASN A 12 55.01 105.74 48.81
C ASN A 12 53.49 105.74 48.66
N ASP A 13 52.98 104.82 47.83
CA ASP A 13 51.55 104.66 47.58
C ASP A 13 51.31 103.27 46.97
N SER A 14 50.12 102.72 47.18
CA SER A 14 49.78 101.40 46.66
C SER A 14 48.33 101.37 46.19
N ARG A 15 48.13 101.04 44.91
CA ARG A 15 46.79 100.82 44.37
C ARG A 15 46.88 99.90 43.16
N GLY A 16 46.16 98.78 43.21
CA GLY A 16 46.16 97.83 42.10
C GLY A 16 45.48 96.53 42.47
N ASN A 17 44.15 96.56 42.53
CA ASN A 17 43.36 95.38 42.88
C ASN A 17 42.28 95.17 41.83
N TYR A 18 42.41 94.09 41.07
CA TYR A 18 41.48 93.78 39.98
C TYR A 18 41.10 92.29 39.97
N TRP A 19 39.92 92.03 39.40
CA TRP A 19 39.37 90.67 39.28
C TRP A 19 38.23 90.68 38.26
N SER A 20 37.96 89.54 37.62
CA SER A 20 36.85 89.43 36.67
C SER A 20 36.21 88.04 36.71
N ASP A 21 35.27 87.85 37.63
CA ASP A 21 34.60 86.56 37.76
C ASP A 21 33.20 86.62 37.17
N TYR A 22 32.93 85.71 36.24
CA TYR A 22 31.68 85.69 35.50
C TYR A 22 31.18 84.24 35.37
N GLU A 23 30.01 83.98 35.95
CA GLU A 23 29.48 82.63 36.03
C GLU A 23 28.23 82.47 35.15
N GLY A 24 28.32 81.56 34.19
CA GLY A 24 27.19 81.21 33.37
C GLY A 24 27.25 79.77 32.91
N SER A 25 27.47 78.87 33.86
CA SER A 25 27.64 77.46 33.56
C SER A 25 26.33 76.69 33.74
N ASP A 26 25.55 76.63 32.66
CA ASP A 26 24.28 75.92 32.67
C ASP A 26 23.93 75.48 31.25
N GLU A 27 23.89 74.17 31.04
CA GLU A 27 23.55 73.60 29.75
C GLU A 27 22.43 72.58 29.91
N ASN A 28 21.47 72.61 29.00
CA ASN A 28 20.37 71.64 28.99
C ASN A 28 20.52 70.70 27.82
N GLY A 29 20.07 69.48 28.02
CA GLY A 29 20.14 68.45 26.99
C GLY A 29 19.54 67.15 27.46
N ASP A 30 18.23 67.16 27.67
CA ASP A 30 17.52 66.00 28.18
C ASP A 30 16.33 65.66 27.29
N GLY A 31 16.40 64.48 26.69
CA GLY A 31 15.34 64.04 25.80
C GLY A 31 15.72 62.78 25.06
N ILE A 32 15.04 61.69 25.39
CA ILE A 32 15.27 60.40 24.74
C ILE A 32 14.09 60.03 23.85
N GLY A 33 14.32 59.10 22.94
CA GLY A 33 13.27 58.59 22.07
C GLY A 33 13.55 57.16 21.70
N ASP A 34 13.73 56.33 22.71
CA ASP A 34 14.17 54.95 22.54
C ASP A 34 12.98 53.98 22.43
N SER A 35 11.76 54.49 22.62
CA SER A 35 10.57 53.65 22.60
C SER A 35 10.21 53.23 21.17
N ALA A 36 10.40 51.94 20.90
CA ALA A 36 10.05 51.34 19.62
C ALA A 36 9.36 50.01 19.87
N TYR A 37 8.04 49.99 19.73
CA TYR A 37 7.22 48.85 20.13
C TYR A 37 7.01 47.89 18.98
N ALA A 38 7.58 46.70 19.13
CA ALA A 38 7.48 45.64 18.15
C ALA A 38 6.61 44.52 18.69
N VAL A 39 5.56 44.17 17.95
CA VAL A 39 4.66 43.11 18.36
C VAL A 39 5.18 41.73 17.96
N ASN A 40 4.84 40.74 18.76
CA ASN A 40 5.24 39.36 18.51
C ASN A 40 3.98 38.47 18.48
N PRO A 41 3.40 38.23 17.28
CA PRO A 41 2.22 37.41 17.13
C PRO A 41 2.56 35.91 17.03
N GLU A 42 2.64 35.25 18.18
CA GLU A 42 2.90 33.82 18.21
C GLU A 42 1.61 33.02 18.14
N ALA A 43 1.76 31.72 17.94
CA ALA A 43 0.63 30.84 17.77
C ALA A 43 0.59 29.78 18.85
N GLY A 44 -0.62 29.39 19.23
CA GLY A 44 -0.79 28.24 20.12
C GLY A 44 -1.06 26.96 19.35
N SER A 45 -0.66 26.98 18.07
CA SER A 45 -0.86 25.88 17.15
C SER A 45 0.07 24.73 17.47
N MET A 46 -0.47 23.52 17.47
CA MET A 46 0.30 22.33 17.80
C MET A 46 0.77 21.65 16.53
N ASP A 47 2.06 21.74 16.27
CA ASP A 47 2.64 21.11 15.08
C ASP A 47 3.50 19.92 15.49
N TYR A 48 3.15 18.76 14.95
CA TYR A 48 3.82 17.51 15.29
C TYR A 48 3.62 16.47 14.19
N MET A 49 4.64 15.65 13.99
CA MET A 49 4.56 14.54 13.05
C MET A 49 5.53 13.43 13.50
N PRO A 50 5.02 12.44 14.27
CA PRO A 50 5.80 11.25 14.67
C PRO A 50 6.06 10.34 13.47
N LEU A 51 7.33 10.11 13.17
CA LEU A 51 7.73 9.34 11.99
C LEU A 51 7.66 7.84 12.27
N MET A 52 6.67 7.20 11.67
CA MET A 52 6.45 5.77 11.86
C MET A 52 6.98 4.98 10.68
N GLU A 53 8.12 4.35 10.87
CA GLU A 53 8.73 3.56 9.83
C GLU A 53 8.53 2.08 10.10
N TYR A 54 8.04 1.39 9.08
CA TYR A 54 7.68 -0.02 9.20
C TYR A 54 8.70 -0.89 8.50
N LEU A 55 8.55 -2.19 8.66
CA LEU A 55 9.49 -3.15 8.10
C LEU A 55 9.03 -3.63 6.73
N HIS A 56 9.76 -3.22 5.70
CA HIS A 56 9.53 -3.68 4.33
C HIS A 56 10.13 -5.06 4.11
N SER A 57 11.09 -5.43 4.97
CA SER A 57 11.69 -6.75 4.97
C SER A 57 10.78 -7.75 5.70
N SER A 58 9.80 -8.23 4.96
CA SER A 58 8.80 -9.18 5.43
C SER A 58 8.37 -10.03 4.23
N PRO A 59 7.74 -11.21 4.43
CA PRO A 59 7.16 -11.96 3.32
C PRO A 59 5.94 -11.25 2.71
N VAL A 60 5.86 -11.30 1.39
CA VAL A 60 4.88 -10.51 0.64
C VAL A 60 3.59 -11.32 0.39
N LEU A 61 2.46 -10.66 0.55
CA LEU A 61 1.17 -11.24 0.20
C LEU A 61 0.96 -11.17 -1.34
N PRO A 62 0.12 -12.05 -1.94
CA PRO A 62 -0.04 -12.10 -3.41
C PRO A 62 -0.80 -10.92 -4.01
N THR A 63 -1.02 -11.00 -5.31
CA THR A 63 -1.64 -9.95 -6.08
C THR A 63 -2.47 -10.60 -7.19
N ALA A 64 -3.79 -10.50 -7.08
CA ALA A 64 -4.68 -11.04 -8.10
C ALA A 64 -5.09 -9.96 -9.06
N ARG A 65 -4.64 -10.09 -10.30
CA ARG A 65 -5.00 -9.19 -11.38
C ARG A 65 -5.21 -10.00 -12.64
N PHE A 66 -6.14 -9.59 -13.51
CA PHE A 66 -6.37 -10.28 -14.79
C PHE A 66 -7.10 -9.37 -15.77
N THR A 67 -6.93 -9.65 -17.06
CA THR A 67 -7.64 -8.93 -18.11
C THR A 67 -8.37 -9.94 -19.01
N SER A 68 -9.38 -9.46 -19.71
CA SER A 68 -10.14 -10.29 -20.64
C SER A 68 -10.12 -9.69 -22.03
N ASP A 69 -10.54 -10.48 -23.03
CA ASP A 69 -10.62 -10.06 -24.41
C ASP A 69 -11.67 -8.97 -24.57
N ILE A 70 -12.86 -9.25 -24.07
CA ILE A 70 -13.91 -8.26 -23.98
C ILE A 70 -14.37 -8.11 -22.54
N THR A 71 -14.65 -6.89 -22.18
CA THR A 71 -15.28 -6.56 -20.91
C THR A 71 -16.65 -5.97 -21.19
N GLU A 72 -16.81 -5.51 -22.43
CA GLU A 72 -18.02 -4.91 -22.92
C GLU A 72 -18.13 -5.26 -24.41
N GLY A 73 -19.32 -5.57 -24.86
CA GLY A 73 -19.52 -5.99 -26.23
C GLY A 73 -20.42 -7.19 -26.28
N PHE A 74 -20.74 -7.64 -27.50
CA PHE A 74 -21.70 -8.73 -27.67
C PHE A 74 -21.02 -10.05 -27.30
N ALA A 75 -21.84 -11.00 -26.82
CA ALA A 75 -21.37 -12.36 -26.46
C ALA A 75 -20.63 -13.06 -27.61
N PRO A 76 -19.32 -13.31 -27.45
CA PRO A 76 -18.51 -14.00 -28.44
C PRO A 76 -18.43 -15.50 -28.14
N LEU A 77 -17.43 -16.17 -28.69
CA LEU A 77 -17.19 -17.56 -28.33
C LEU A 77 -16.24 -17.64 -27.13
N SER A 78 -14.94 -17.58 -27.38
CA SER A 78 -13.96 -17.77 -26.33
C SER A 78 -13.32 -16.44 -25.95
N VAL A 79 -13.46 -16.10 -24.67
CA VAL A 79 -12.89 -14.88 -24.13
C VAL A 79 -11.47 -15.17 -23.65
N ARG A 80 -10.53 -14.38 -24.17
CA ARG A 80 -9.10 -14.52 -23.85
C ARG A 80 -8.80 -13.99 -22.46
N PHE A 81 -8.04 -14.74 -21.68
CA PHE A 81 -7.69 -14.33 -20.33
C PHE A 81 -6.18 -14.29 -20.15
N LYS A 82 -5.68 -13.14 -19.73
CA LYS A 82 -4.29 -13.02 -19.30
C LYS A 82 -4.27 -12.68 -17.82
N ASP A 83 -3.72 -13.57 -17.01
CA ASP A 83 -3.63 -13.33 -15.59
C ASP A 83 -2.31 -12.63 -15.27
N PHE A 84 -2.38 -11.73 -14.32
CA PHE A 84 -1.23 -10.92 -13.92
C PHE A 84 -0.96 -11.16 -12.45
N SER A 85 -1.31 -12.36 -12.00
CA SER A 85 -1.06 -12.83 -10.64
C SER A 85 0.43 -12.81 -10.32
N GLU A 86 0.77 -12.07 -9.29
CA GLU A 86 2.15 -11.82 -8.92
C GLU A 86 2.32 -12.03 -7.42
N ASN A 87 3.51 -12.45 -7.00
CA ASN A 87 3.86 -12.70 -5.56
C ASN A 87 3.02 -13.84 -4.97
N ALA A 88 2.63 -14.77 -5.83
CA ALA A 88 1.74 -15.86 -5.46
C ALA A 88 2.41 -17.21 -5.67
N THR A 89 2.10 -18.15 -4.79
CA THR A 89 2.64 -19.49 -4.92
C THR A 89 1.58 -20.43 -5.52
N SER A 90 0.30 -20.05 -5.40
CA SER A 90 -0.80 -20.83 -5.96
C SER A 90 -1.86 -19.90 -6.52
N ARG A 91 -2.65 -20.40 -7.47
CA ARG A 91 -3.76 -19.65 -8.03
C ARG A 91 -5.06 -20.47 -7.97
N LEU A 92 -6.17 -19.78 -8.13
CA LEU A 92 -7.50 -20.38 -8.09
C LEU A 92 -8.41 -19.58 -9.01
N TRP A 93 -8.91 -20.22 -10.05
CA TRP A 93 -9.86 -19.58 -10.95
C TRP A 93 -11.29 -19.85 -10.51
N MET A 94 -12.03 -18.79 -10.27
CA MET A 94 -13.43 -18.89 -9.91
C MET A 94 -14.29 -18.55 -11.10
N PHE A 95 -14.63 -19.58 -11.87
CA PHE A 95 -15.51 -19.42 -13.02
C PHE A 95 -16.98 -19.45 -12.56
N GLY A 96 -17.25 -20.25 -11.52
CA GLY A 96 -18.60 -20.36 -10.99
C GLY A 96 -19.36 -21.56 -11.51
N ASP A 97 -18.71 -22.36 -12.36
CA ASP A 97 -19.34 -23.54 -12.95
C ASP A 97 -18.49 -24.78 -12.75
N GLY A 98 -18.99 -25.69 -11.92
CA GLY A 98 -18.33 -26.97 -11.70
C GLY A 98 -17.15 -26.85 -10.74
N ASN A 99 -16.04 -27.45 -11.15
CA ASN A 99 -14.84 -27.45 -10.32
C ASN A 99 -14.10 -26.14 -10.43
N THR A 100 -13.87 -25.53 -9.27
CA THR A 100 -13.10 -24.30 -9.19
C THR A 100 -11.60 -24.60 -9.17
N SER A 101 -10.80 -23.53 -9.34
CA SER A 101 -9.35 -23.61 -9.58
C SER A 101 -9.10 -24.36 -10.89
N ASP A 102 -9.85 -23.92 -11.90
CA ASP A 102 -9.85 -24.55 -13.22
C ASP A 102 -8.65 -24.09 -14.06
N SER A 103 -8.64 -24.51 -15.33
CA SER A 103 -7.54 -24.28 -16.26
C SER A 103 -7.26 -22.78 -16.48
N PRO A 104 -5.99 -22.35 -16.30
CA PRO A 104 -5.54 -20.96 -16.51
C PRO A 104 -5.31 -20.67 -18.00
N SER A 105 -6.39 -20.72 -18.74
CA SER A 105 -6.36 -20.63 -20.19
C SER A 105 -7.61 -19.88 -20.66
N PRO A 106 -7.57 -19.25 -21.86
CA PRO A 106 -8.74 -18.59 -22.48
C PRO A 106 -9.76 -19.56 -23.12
N LEU A 107 -9.75 -20.82 -22.67
CA LEU A 107 -10.63 -21.85 -23.19
C LEU A 107 -11.92 -21.87 -22.36
N HIS A 108 -12.70 -20.80 -22.50
CA HIS A 108 -14.01 -20.67 -21.87
C HIS A 108 -14.98 -20.05 -22.86
N THR A 109 -15.85 -20.89 -23.39
CA THR A 109 -16.77 -20.48 -24.44
C THR A 109 -18.15 -20.19 -23.86
N PHE A 110 -18.68 -19.02 -24.19
CA PHE A 110 -19.98 -18.58 -23.72
C PHE A 110 -20.98 -18.61 -24.87
N PHE A 111 -21.83 -19.62 -24.88
CA PHE A 111 -22.87 -19.75 -25.89
C PHE A 111 -24.11 -18.95 -25.50
N ASN A 112 -24.20 -18.59 -24.23
CA ASN A 112 -25.31 -17.79 -23.73
C ASN A 112 -24.84 -16.38 -23.41
N GLU A 113 -25.72 -15.42 -23.64
CA GLU A 113 -25.48 -14.02 -23.32
C GLU A 113 -25.93 -13.69 -21.89
N GLY A 114 -25.61 -12.49 -21.43
CA GLY A 114 -25.97 -12.08 -20.09
C GLY A 114 -24.87 -11.29 -19.45
N GLU A 115 -24.52 -11.63 -18.21
CA GLU A 115 -23.46 -10.96 -17.49
C GLU A 115 -22.73 -11.98 -16.61
N TYR A 116 -21.46 -12.15 -16.89
CA TYR A 116 -20.67 -13.23 -16.30
C TYR A 116 -19.52 -12.68 -15.47
N ILE A 117 -19.54 -12.98 -14.19
CA ILE A 117 -18.53 -12.46 -13.29
C ILE A 117 -17.41 -13.48 -13.09
N VAL A 118 -16.27 -13.20 -13.69
CA VAL A 118 -15.09 -14.04 -13.57
C VAL A 118 -14.25 -13.53 -12.38
N SER A 119 -13.82 -14.45 -11.53
CA SER A 119 -12.97 -14.08 -10.41
C SER A 119 -11.64 -14.84 -10.46
N LEU A 120 -10.62 -14.21 -9.90
CA LEU A 120 -9.30 -14.80 -9.76
C LEU A 120 -8.79 -14.51 -8.37
N ILE A 121 -8.52 -15.56 -7.62
CA ILE A 121 -7.96 -15.44 -6.29
C ILE A 121 -6.66 -16.21 -6.23
N VAL A 122 -5.61 -15.56 -5.78
CA VAL A 122 -4.32 -16.18 -5.64
C VAL A 122 -3.92 -16.18 -4.18
N SER A 123 -3.01 -17.06 -3.82
CA SER A 123 -2.69 -17.27 -2.44
C SER A 123 -1.20 -17.47 -2.25
N ASN A 124 -0.75 -17.12 -1.07
CA ASN A 124 0.60 -17.36 -0.63
C ASN A 124 0.51 -17.78 0.84
N GLU A 125 1.62 -17.90 1.54
CA GLU A 125 1.64 -18.35 2.92
C GLU A 125 1.29 -17.25 3.93
N ASN A 126 1.12 -16.03 3.44
CA ASN A 126 0.71 -14.91 4.28
C ASN A 126 -0.80 -14.72 4.21
N ASP A 127 -1.30 -14.49 3.00
CA ASP A 127 -2.69 -14.09 2.80
C ASP A 127 -3.15 -14.54 1.42
N SER A 128 -4.42 -14.38 1.13
CA SER A 128 -4.96 -14.59 -0.21
C SER A 128 -5.54 -13.27 -0.72
N ASP A 129 -5.22 -12.94 -1.95
CA ASP A 129 -5.71 -11.71 -2.57
C ASP A 129 -6.60 -12.08 -3.73
N SER A 130 -7.76 -11.44 -3.84
CA SER A 130 -8.71 -11.79 -4.90
C SER A 130 -9.29 -10.56 -5.59
N ALA A 131 -9.36 -10.64 -6.90
CA ALA A 131 -9.99 -9.62 -7.73
C ALA A 131 -11.10 -10.24 -8.56
N SER A 132 -12.05 -9.44 -8.98
CA SER A 132 -13.20 -9.92 -9.71
C SER A 132 -13.61 -8.90 -10.77
N VAL A 133 -14.12 -9.37 -11.91
CA VAL A 133 -14.54 -8.48 -12.97
C VAL A 133 -15.89 -8.93 -13.54
N THR A 134 -16.77 -7.98 -13.77
CA THR A 134 -18.06 -8.25 -14.34
C THR A 134 -18.01 -8.06 -15.86
N ILE A 135 -18.09 -9.17 -16.58
CA ILE A 135 -18.02 -9.18 -18.03
C ILE A 135 -19.42 -9.03 -18.57
N ARG A 136 -19.64 -8.00 -19.38
CA ARG A 136 -20.97 -7.71 -19.86
C ARG A 136 -21.10 -8.14 -21.31
N ALA A 137 -22.06 -9.01 -21.54
CA ALA A 137 -22.37 -9.48 -22.87
C ALA A 137 -23.65 -8.81 -23.33
N LEU A 138 -23.51 -7.94 -24.35
CA LEU A 138 -24.61 -7.16 -24.89
C LEU A 138 -25.68 -8.05 -25.49
N GLU A 139 -26.92 -7.77 -25.10
CA GLU A 139 -28.07 -8.56 -25.52
C GLU A 139 -28.38 -8.36 -27.00
N HIS A 140 -28.87 -9.41 -27.62
CA HIS A 140 -29.28 -9.36 -29.02
C HIS A 140 -30.76 -9.01 -29.10
N HIS A 141 -31.07 -7.92 -29.81
CA HIS A 141 -32.42 -7.36 -29.85
C HIS A 141 -33.37 -8.25 -30.69
N HIS A 142 -32.83 -9.00 -31.65
CA HIS A 142 -33.64 -9.97 -32.40
C HIS A 142 -34.02 -11.12 -31.47
N HIS A 143 -35.29 -11.13 -31.10
CA HIS A 143 -35.85 -12.13 -30.21
C HIS A 143 -37.28 -12.39 -30.68
N HIS A 144 -37.59 -13.65 -31.02
CA HIS A 144 -38.85 -13.96 -31.72
C HIS A 144 -40.10 -13.96 -30.81
N HIS A 145 -39.91 -13.82 -29.50
CA HIS A 145 -41.05 -13.65 -28.61
C HIS A 145 -40.81 -12.44 -27.70
N MET A 1 34.02 -57.13 11.83
CA MET A 1 34.10 -55.87 12.60
C MET A 1 34.11 -54.67 11.66
N ASN A 2 33.85 -53.49 12.23
CA ASN A 2 33.81 -52.26 11.46
C ASN A 2 34.23 -51.10 12.34
N ALA A 3 35.48 -50.68 12.18
CA ALA A 3 35.97 -49.49 12.86
C ALA A 3 36.25 -48.40 11.82
N ARG A 4 35.24 -47.56 11.59
CA ARG A 4 35.32 -46.49 10.61
C ARG A 4 36.03 -45.28 11.23
N ASP A 5 37.17 -44.95 10.66
CA ASP A 5 37.96 -43.81 11.11
C ASP A 5 37.96 -42.74 10.01
N ASN A 6 37.64 -41.50 10.37
CA ASN A 6 37.62 -40.41 9.41
C ASN A 6 38.64 -39.34 9.81
N LYS A 7 39.13 -38.60 8.81
CA LYS A 7 40.00 -37.46 9.01
C LYS A 7 39.56 -36.32 8.10
N PHE A 8 39.88 -35.09 8.50
CA PHE A 8 39.44 -33.90 7.76
C PHE A 8 40.54 -32.84 7.74
N ASN A 9 40.45 -31.96 6.74
CA ASN A 9 41.34 -30.79 6.67
C ASN A 9 40.50 -29.54 6.87
N THR A 10 40.57 -28.99 8.08
CA THR A 10 39.70 -27.88 8.49
C THR A 10 40.26 -26.53 8.02
N TRP A 11 39.36 -25.65 7.62
CA TRP A 11 39.73 -24.32 7.15
C TRP A 11 39.48 -23.27 8.21
N ASN A 12 40.56 -22.81 8.82
CA ASN A 12 40.51 -21.76 9.82
C ASN A 12 41.44 -20.63 9.45
N ASP A 13 40.86 -19.49 9.13
CA ASP A 13 41.63 -18.31 8.74
C ASP A 13 41.69 -17.30 9.87
N SER A 14 42.70 -16.46 9.83
CA SER A 14 42.90 -15.43 10.84
C SER A 14 43.34 -14.11 10.20
N ARG A 15 42.80 -13.00 10.68
CA ARG A 15 43.11 -11.68 10.13
C ARG A 15 44.04 -10.91 11.06
N GLY A 16 44.78 -9.96 10.51
CA GLY A 16 45.70 -9.15 11.29
C GLY A 16 45.75 -7.74 10.76
N ASN A 17 45.33 -6.80 11.58
CA ASN A 17 45.19 -5.40 11.16
C ASN A 17 46.33 -4.56 11.70
N TYR A 18 46.83 -3.64 10.88
CA TYR A 18 47.83 -2.67 11.30
C TYR A 18 47.37 -1.26 10.97
N TRP A 19 47.00 -0.52 12.00
CA TRP A 19 46.45 0.82 11.86
C TRP A 19 47.40 1.85 12.43
N SER A 20 47.24 3.10 11.99
CA SER A 20 48.12 4.17 12.44
C SER A 20 47.35 5.47 12.59
N ASP A 21 47.52 6.13 13.73
CA ASP A 21 46.89 7.41 14.00
C ASP A 21 47.85 8.26 14.82
N TYR A 22 47.48 9.51 15.13
CA TYR A 22 48.34 10.38 15.93
C TYR A 22 48.11 10.09 17.42
N GLU A 23 49.21 9.84 18.13
CA GLU A 23 49.13 9.38 19.51
C GLU A 23 49.19 10.53 20.52
N GLY A 24 49.82 11.64 20.14
CA GLY A 24 49.99 12.79 21.04
C GLY A 24 48.70 13.53 21.30
N SER A 25 48.10 13.25 22.46
CA SER A 25 46.83 13.84 22.83
C SER A 25 46.96 14.59 24.16
N ASP A 26 47.31 15.87 24.06
CA ASP A 26 47.43 16.73 25.22
C ASP A 26 46.07 17.32 25.57
N GLU A 27 45.53 16.90 26.70
CA GLU A 27 44.21 17.33 27.13
C GLU A 27 44.12 17.34 28.65
N ASN A 28 43.27 18.19 29.20
CA ASN A 28 43.00 18.20 30.62
C ASN A 28 41.99 17.11 30.97
N GLY A 29 42.38 16.21 31.87
CA GLY A 29 41.55 15.06 32.21
C GLY A 29 40.44 15.38 33.20
N ASP A 30 39.43 14.50 33.23
CA ASP A 30 38.30 14.63 34.14
C ASP A 30 38.59 13.91 35.45
N GLY A 31 38.80 14.70 36.49
CA GLY A 31 39.05 14.15 37.81
C GLY A 31 38.50 15.06 38.88
N ILE A 32 38.43 14.56 40.10
CA ILE A 32 37.83 15.33 41.20
C ILE A 32 38.84 16.31 41.81
N GLY A 33 38.66 17.58 41.48
CA GLY A 33 39.55 18.62 41.97
C GLY A 33 39.13 19.14 43.32
N ASP A 34 40.10 19.57 44.11
CA ASP A 34 39.83 20.13 45.44
C ASP A 34 39.37 21.57 45.35
N SER A 35 38.06 21.74 45.33
CA SER A 35 37.42 23.04 45.30
C SER A 35 36.04 22.94 45.94
N ALA A 36 35.63 24.00 46.60
CA ALA A 36 34.26 24.10 47.10
C ALA A 36 33.36 24.63 45.99
N TYR A 37 32.75 23.70 45.26
CA TYR A 37 31.91 24.06 44.12
C TYR A 37 30.56 24.57 44.62
N ALA A 38 30.33 25.85 44.45
CA ALA A 38 29.06 26.45 44.79
C ALA A 38 28.12 26.36 43.60
N VAL A 39 26.84 26.15 43.88
CA VAL A 39 25.84 25.99 42.84
C VAL A 39 25.33 27.36 42.40
N ASN A 40 25.99 27.90 41.38
CA ASN A 40 25.60 29.17 40.78
C ASN A 40 24.73 28.90 39.56
N PRO A 41 23.49 29.43 39.54
CA PRO A 41 22.54 29.18 38.44
C PRO A 41 22.90 29.84 37.11
N GLU A 42 23.69 29.11 36.33
CA GLU A 42 23.96 29.44 34.94
C GLU A 42 23.89 28.18 34.09
N ALA A 43 24.07 28.34 32.79
CA ALA A 43 24.05 27.22 31.87
C ALA A 43 25.24 27.30 30.92
N GLY A 44 26.16 26.34 31.04
CA GLY A 44 27.33 26.30 30.19
C GLY A 44 27.06 25.55 28.89
N SER A 45 27.65 24.38 28.77
CA SER A 45 27.50 23.57 27.58
C SER A 45 26.63 22.33 27.85
N MET A 46 25.72 22.04 26.92
CA MET A 46 24.81 20.92 27.08
C MET A 46 25.09 19.84 26.04
N ASP A 47 24.78 18.61 26.38
CA ASP A 47 24.99 17.47 25.48
C ASP A 47 23.63 16.87 25.08
N TYR A 48 23.66 15.92 24.15
CA TYR A 48 22.45 15.31 23.60
C TYR A 48 22.64 13.80 23.45
N MET A 49 21.52 13.09 23.29
CA MET A 49 21.54 11.65 23.14
C MET A 49 21.31 11.24 21.69
N PRO A 50 22.10 10.26 21.17
CA PRO A 50 21.85 9.65 19.85
C PRO A 50 20.53 8.87 19.80
N LEU A 51 19.59 9.36 19.00
CA LEU A 51 18.30 8.71 18.83
C LEU A 51 18.35 7.82 17.59
N MET A 52 18.13 6.53 17.79
CA MET A 52 18.31 5.53 16.75
C MET A 52 16.99 5.06 16.17
N GLU A 53 16.97 4.87 14.85
CA GLU A 53 15.81 4.33 14.15
C GLU A 53 16.02 2.87 13.77
N TYR A 54 14.95 2.19 13.42
CA TYR A 54 15.03 0.76 13.12
C TYR A 54 14.17 0.38 11.92
N LEU A 55 14.59 -0.67 11.23
CA LEU A 55 13.85 -1.20 10.11
C LEU A 55 13.54 -2.68 10.34
N HIS A 56 12.39 -3.12 9.85
CA HIS A 56 12.03 -4.53 9.89
C HIS A 56 11.71 -5.01 8.47
N SER A 57 11.75 -6.32 8.27
CA SER A 57 11.51 -6.89 6.95
C SER A 57 10.15 -7.57 6.88
N SER A 58 9.25 -6.98 6.12
CA SER A 58 7.95 -7.58 5.89
C SER A 58 8.00 -8.41 4.60
N PRO A 59 7.30 -9.56 4.56
CA PRO A 59 7.22 -10.38 3.35
C PRO A 59 6.30 -9.77 2.30
N VAL A 60 6.41 -10.26 1.07
CA VAL A 60 5.58 -9.76 -0.01
C VAL A 60 4.25 -10.54 -0.07
N LEU A 61 3.18 -9.83 -0.36
CA LEU A 61 1.86 -10.43 -0.50
C LEU A 61 1.52 -10.56 -1.99
N PRO A 62 0.56 -11.44 -2.39
CA PRO A 62 0.22 -11.62 -3.79
C PRO A 62 -0.56 -10.46 -4.38
N THR A 63 -0.91 -10.63 -5.63
CA THR A 63 -1.72 -9.69 -6.35
C THR A 63 -2.61 -10.47 -7.31
N ALA A 64 -3.90 -10.56 -7.01
CA ALA A 64 -4.83 -11.19 -7.92
C ALA A 64 -5.24 -10.19 -8.99
N ARG A 65 -4.81 -10.46 -10.20
CA ARG A 65 -5.03 -9.57 -11.32
C ARG A 65 -5.34 -10.40 -12.55
N PHE A 66 -6.35 -9.97 -13.30
CA PHE A 66 -6.67 -10.58 -14.60
C PHE A 66 -7.49 -9.59 -15.42
N THR A 67 -7.43 -9.74 -16.73
CA THR A 67 -8.23 -8.94 -17.63
C THR A 67 -8.56 -9.71 -18.91
N SER A 68 -9.56 -9.24 -19.62
CA SER A 68 -9.88 -9.70 -20.95
C SER A 68 -9.59 -8.55 -21.92
N ASP A 69 -9.73 -8.81 -23.22
CA ASP A 69 -9.57 -7.76 -24.24
C ASP A 69 -10.76 -6.79 -24.23
N ILE A 70 -11.92 -7.30 -23.79
CA ILE A 70 -13.12 -6.48 -23.66
C ILE A 70 -13.69 -6.59 -22.25
N THR A 71 -14.31 -5.51 -21.81
CA THR A 71 -15.07 -5.49 -20.56
C THR A 71 -16.55 -5.44 -20.87
N GLU A 72 -16.84 -5.01 -22.10
CA GLU A 72 -18.18 -4.86 -22.60
C GLU A 72 -18.16 -5.01 -24.12
N GLY A 73 -19.17 -5.68 -24.64
CA GLY A 73 -19.29 -5.89 -26.06
C GLY A 73 -20.18 -7.07 -26.31
N PHE A 74 -20.28 -7.52 -27.55
CA PHE A 74 -21.11 -8.68 -27.84
C PHE A 74 -20.29 -9.93 -27.58
N ALA A 75 -20.94 -10.97 -27.05
CA ALA A 75 -20.27 -12.23 -26.72
C ALA A 75 -20.23 -13.17 -27.93
N PRO A 76 -19.05 -13.32 -28.58
CA PRO A 76 -18.91 -14.07 -29.83
C PRO A 76 -18.36 -15.51 -29.69
N LEU A 77 -17.75 -15.83 -28.53
CA LEU A 77 -16.84 -16.98 -28.38
C LEU A 77 -16.25 -17.01 -26.98
N SER A 78 -15.41 -18.02 -26.72
CA SER A 78 -14.64 -18.15 -25.47
C SER A 78 -13.64 -17.00 -25.30
N VAL A 79 -14.03 -15.99 -24.53
CA VAL A 79 -13.14 -14.88 -24.20
C VAL A 79 -12.11 -15.35 -23.18
N ARG A 80 -10.84 -15.37 -23.60
CA ARG A 80 -9.75 -15.91 -22.79
C ARG A 80 -9.33 -14.93 -21.72
N PHE A 81 -9.07 -15.44 -20.53
CA PHE A 81 -8.71 -14.59 -19.40
C PHE A 81 -7.22 -14.68 -19.18
N LYS A 82 -6.56 -13.54 -19.23
CA LYS A 82 -5.13 -13.49 -19.01
C LYS A 82 -4.83 -13.07 -17.58
N ASP A 83 -4.10 -13.93 -16.90
CA ASP A 83 -3.73 -13.73 -15.50
C ASP A 83 -2.48 -12.86 -15.40
N PHE A 84 -2.50 -11.99 -14.41
CA PHE A 84 -1.35 -11.12 -14.09
C PHE A 84 -1.02 -11.26 -12.62
N SER A 85 -1.45 -12.38 -12.07
CA SER A 85 -1.23 -12.73 -10.68
C SER A 85 0.24 -12.87 -10.33
N GLU A 86 0.66 -12.02 -9.41
CA GLU A 86 2.05 -11.88 -9.02
C GLU A 86 2.19 -12.32 -7.55
N ASN A 87 3.39 -12.85 -7.20
CA ASN A 87 3.77 -13.16 -5.79
C ASN A 87 2.87 -14.24 -5.17
N ALA A 88 2.49 -15.21 -5.98
CA ALA A 88 1.52 -16.23 -5.56
C ALA A 88 2.16 -17.60 -5.56
N THR A 89 1.77 -18.43 -4.60
CA THR A 89 2.24 -19.81 -4.54
C THR A 89 1.29 -20.71 -5.35
N SER A 90 0.02 -20.34 -5.42
CA SER A 90 -0.98 -21.10 -6.17
C SER A 90 -2.01 -20.13 -6.73
N ARG A 91 -2.58 -20.49 -7.89
CA ARG A 91 -3.71 -19.76 -8.45
C ARG A 91 -4.94 -20.66 -8.49
N LEU A 92 -6.06 -20.11 -8.11
CA LEU A 92 -7.31 -20.84 -8.04
C LEU A 92 -8.29 -20.21 -9.03
N TRP A 93 -8.69 -20.96 -10.04
CA TRP A 93 -9.62 -20.48 -11.03
C TRP A 93 -11.04 -20.80 -10.61
N MET A 94 -11.91 -19.81 -10.72
CA MET A 94 -13.31 -19.97 -10.39
C MET A 94 -14.20 -19.59 -11.55
N PHE A 95 -14.74 -20.61 -12.21
CA PHE A 95 -15.88 -20.43 -13.11
C PHE A 95 -17.14 -20.36 -12.25
N GLY A 96 -17.10 -21.11 -11.15
CA GLY A 96 -18.08 -20.99 -10.09
C GLY A 96 -18.98 -22.20 -9.95
N ASP A 97 -19.15 -22.95 -11.03
CA ASP A 97 -19.84 -24.23 -10.97
C ASP A 97 -18.88 -25.38 -11.31
N GLY A 98 -19.01 -26.48 -10.59
CA GLY A 98 -18.18 -27.64 -10.82
C GLY A 98 -17.09 -27.77 -9.76
N ASN A 99 -15.86 -27.95 -10.23
CA ASN A 99 -14.70 -28.06 -9.34
C ASN A 99 -13.92 -26.74 -9.33
N THR A 100 -12.69 -26.78 -8.81
CA THR A 100 -11.84 -25.60 -8.71
C THR A 100 -10.37 -25.97 -8.98
N SER A 101 -9.53 -24.92 -9.13
CA SER A 101 -8.09 -25.05 -9.43
C SER A 101 -7.93 -25.64 -10.83
N ASP A 102 -8.71 -25.08 -11.74
CA ASP A 102 -8.88 -25.61 -13.09
C ASP A 102 -7.66 -25.33 -13.95
N SER A 103 -7.61 -26.04 -15.08
CA SER A 103 -6.56 -25.84 -16.07
C SER A 103 -6.78 -24.50 -16.81
N PRO A 104 -5.73 -23.95 -17.50
CA PRO A 104 -5.85 -22.66 -18.26
C PRO A 104 -6.63 -22.78 -19.59
N SER A 105 -7.65 -23.63 -19.61
CA SER A 105 -8.45 -23.88 -20.78
C SER A 105 -9.66 -22.95 -20.77
N PRO A 106 -10.07 -22.37 -21.93
CA PRO A 106 -11.28 -21.54 -22.01
C PRO A 106 -12.55 -22.39 -22.06
N LEU A 107 -12.95 -22.92 -20.89
CA LEU A 107 -14.17 -23.70 -20.73
C LEU A 107 -15.38 -22.75 -20.69
N HIS A 108 -15.13 -21.54 -20.20
CA HIS A 108 -16.16 -20.50 -20.12
C HIS A 108 -16.35 -19.85 -21.49
N THR A 109 -17.17 -20.47 -22.30
CA THR A 109 -17.46 -19.98 -23.63
C THR A 109 -18.60 -18.98 -23.56
N PHE A 110 -18.35 -17.80 -24.11
CA PHE A 110 -19.39 -16.77 -24.18
C PHE A 110 -20.17 -16.94 -25.50
N PHE A 111 -20.90 -18.05 -25.58
CA PHE A 111 -21.79 -18.32 -26.70
C PHE A 111 -23.18 -17.80 -26.36
N ASN A 112 -23.43 -17.70 -25.06
CA ASN A 112 -24.70 -17.25 -24.53
C ASN A 112 -24.51 -15.81 -24.07
N GLU A 113 -25.46 -14.95 -24.43
CA GLU A 113 -25.44 -13.56 -24.04
C GLU A 113 -25.92 -13.41 -22.58
N GLY A 114 -25.18 -12.64 -21.80
CA GLY A 114 -25.54 -12.41 -20.41
C GLY A 114 -24.45 -11.69 -19.64
N GLU A 115 -24.74 -11.42 -18.39
CA GLU A 115 -23.79 -10.75 -17.50
C GLU A 115 -23.10 -11.79 -16.61
N TYR A 116 -21.82 -12.05 -16.89
CA TYR A 116 -21.10 -13.13 -16.22
C TYR A 116 -19.93 -12.58 -15.41
N ILE A 117 -19.79 -13.05 -14.18
CA ILE A 117 -18.73 -12.57 -13.31
C ILE A 117 -17.65 -13.64 -13.15
N VAL A 118 -16.45 -13.32 -13.61
CA VAL A 118 -15.30 -14.24 -13.60
C VAL A 118 -14.44 -13.97 -12.37
N SER A 119 -13.96 -15.03 -11.70
CA SER A 119 -13.15 -14.88 -10.50
C SER A 119 -11.78 -15.56 -10.65
N LEU A 120 -10.75 -14.85 -10.19
CA LEU A 120 -9.40 -15.38 -10.06
C LEU A 120 -8.86 -15.00 -8.69
N ILE A 121 -8.63 -16.02 -7.88
CA ILE A 121 -8.12 -15.84 -6.52
C ILE A 121 -6.77 -16.53 -6.41
N VAL A 122 -5.81 -15.86 -5.82
CA VAL A 122 -4.49 -16.44 -5.60
C VAL A 122 -4.17 -16.51 -4.12
N SER A 123 -3.24 -17.36 -3.77
CA SER A 123 -2.89 -17.58 -2.38
C SER A 123 -1.40 -17.40 -2.15
N ASN A 124 -1.06 -17.12 -0.91
CA ASN A 124 0.32 -16.98 -0.43
C ASN A 124 0.25 -17.13 1.09
N GLU A 125 1.37 -17.30 1.79
CA GLU A 125 1.36 -17.50 3.23
C GLU A 125 1.25 -16.16 4.00
N ASN A 126 1.53 -15.06 3.30
CA ASN A 126 1.46 -13.71 3.87
C ASN A 126 0.01 -13.21 3.83
N ASP A 127 -0.62 -13.35 2.65
CA ASP A 127 -2.02 -12.96 2.46
C ASP A 127 -2.57 -13.71 1.23
N SER A 128 -3.87 -13.64 1.00
CA SER A 128 -4.49 -14.20 -0.19
C SER A 128 -5.42 -13.16 -0.80
N ASP A 129 -5.33 -12.98 -2.11
CA ASP A 129 -6.09 -11.94 -2.80
C ASP A 129 -7.06 -12.54 -3.78
N SER A 130 -8.22 -11.92 -3.93
CA SER A 130 -9.20 -12.36 -4.92
C SER A 130 -9.69 -11.18 -5.74
N ALA A 131 -9.68 -11.37 -7.05
CA ALA A 131 -10.18 -10.38 -7.98
C ALA A 131 -11.32 -10.96 -8.77
N SER A 132 -12.27 -10.12 -9.10
CA SER A 132 -13.41 -10.54 -9.89
C SER A 132 -13.86 -9.37 -10.76
N VAL A 133 -14.34 -9.67 -11.97
CA VAL A 133 -14.80 -8.61 -12.86
C VAL A 133 -16.10 -9.04 -13.55
N THR A 134 -17.02 -8.09 -13.66
CA THR A 134 -18.30 -8.30 -14.31
C THR A 134 -18.18 -8.03 -15.81
N ILE A 135 -18.44 -9.07 -16.60
CA ILE A 135 -18.39 -8.98 -18.04
C ILE A 135 -19.77 -8.61 -18.57
N ARG A 136 -19.81 -7.59 -19.42
CA ARG A 136 -21.07 -7.06 -19.93
C ARG A 136 -21.25 -7.48 -21.39
N ALA A 137 -22.41 -8.04 -21.71
CA ALA A 137 -22.69 -8.46 -23.07
C ALA A 137 -23.78 -7.59 -23.67
N LEU A 138 -23.70 -7.35 -24.98
CA LEU A 138 -24.68 -6.54 -25.67
C LEU A 138 -25.88 -7.37 -26.07
N GLU A 139 -27.03 -6.94 -25.58
CA GLU A 139 -28.27 -7.66 -25.78
C GLU A 139 -29.01 -7.19 -27.04
N HIS A 140 -29.86 -8.05 -27.56
CA HIS A 140 -30.55 -7.78 -28.80
C HIS A 140 -31.98 -7.32 -28.56
N HIS A 141 -32.52 -6.56 -29.51
CA HIS A 141 -33.87 -6.03 -29.39
C HIS A 141 -34.73 -6.51 -30.53
N HIS A 142 -35.68 -7.39 -30.21
CA HIS A 142 -36.55 -8.00 -31.21
C HIS A 142 -37.71 -7.05 -31.55
N HIS A 143 -37.92 -6.88 -32.84
CA HIS A 143 -39.08 -6.16 -33.34
C HIS A 143 -39.92 -7.13 -34.16
N HIS A 144 -41.22 -6.88 -34.25
CA HIS A 144 -42.09 -7.76 -35.06
C HIS A 144 -41.96 -7.43 -36.55
N HIS A 145 -41.98 -8.48 -37.36
CA HIS A 145 -41.91 -8.34 -38.81
C HIS A 145 -43.31 -8.19 -39.41
N MET A 1 -92.37 5.49 -84.21
CA MET A 1 -92.00 6.41 -85.31
C MET A 1 -90.50 6.71 -85.32
N ASN A 2 -89.83 6.55 -84.17
CA ASN A 2 -88.41 6.78 -84.05
C ASN A 2 -87.62 5.56 -84.52
N ALA A 3 -87.06 5.67 -85.71
CA ALA A 3 -86.22 4.64 -86.27
C ALA A 3 -85.19 5.26 -87.19
N ARG A 4 -83.96 5.35 -86.68
CA ARG A 4 -82.84 5.85 -87.46
C ARG A 4 -81.69 4.87 -87.32
N ASP A 5 -81.33 4.22 -88.42
CA ASP A 5 -80.33 3.17 -88.38
C ASP A 5 -78.92 3.76 -88.36
N ASN A 6 -78.09 3.23 -87.46
CA ASN A 6 -76.76 3.75 -87.20
C ASN A 6 -75.71 2.98 -88.00
N LYS A 7 -74.94 3.72 -88.81
CA LYS A 7 -73.90 3.13 -89.63
C LYS A 7 -72.62 2.93 -88.84
N PHE A 8 -72.51 1.74 -88.25
CA PHE A 8 -71.32 1.35 -87.52
C PHE A 8 -70.55 0.34 -88.36
N ASN A 9 -69.37 0.75 -88.80
CA ASN A 9 -68.51 -0.10 -89.62
C ASN A 9 -67.38 -0.70 -88.80
N THR A 10 -66.68 -1.67 -89.37
CA THR A 10 -65.55 -2.31 -88.72
C THR A 10 -64.38 -2.47 -89.69
N TRP A 11 -63.45 -1.54 -89.61
CA TRP A 11 -62.24 -1.56 -90.42
C TRP A 11 -61.02 -1.65 -89.52
N ASN A 12 -60.47 -2.84 -89.42
CA ASN A 12 -59.28 -3.06 -88.63
C ASN A 12 -58.15 -3.51 -89.54
N ASP A 13 -57.02 -2.86 -89.40
CA ASP A 13 -55.81 -3.23 -90.12
C ASP A 13 -54.81 -3.78 -89.11
N SER A 14 -54.61 -5.09 -89.15
CA SER A 14 -53.80 -5.75 -88.15
C SER A 14 -52.60 -6.47 -88.79
N ARG A 15 -51.47 -5.78 -88.79
CA ARG A 15 -50.18 -6.38 -89.13
C ARG A 15 -49.36 -6.56 -87.85
N GLY A 16 -48.14 -7.06 -87.98
CA GLY A 16 -47.28 -7.26 -86.83
C GLY A 16 -45.86 -7.60 -87.21
N ASN A 17 -44.92 -6.76 -86.79
CA ASN A 17 -43.51 -7.02 -87.04
C ASN A 17 -42.92 -7.83 -85.89
N TYR A 18 -41.91 -8.64 -86.20
CA TYR A 18 -41.21 -9.43 -85.20
C TYR A 18 -40.08 -8.61 -84.59
N TRP A 19 -39.86 -8.80 -83.31
CA TRP A 19 -38.82 -8.06 -82.60
C TRP A 19 -37.64 -8.97 -82.33
N SER A 20 -36.45 -8.54 -82.76
CA SER A 20 -35.24 -9.33 -82.59
C SER A 20 -34.15 -8.50 -81.93
N ASP A 21 -33.79 -8.90 -80.71
CA ASP A 21 -32.74 -8.23 -79.94
C ASP A 21 -31.80 -9.27 -79.34
N TYR A 22 -30.50 -9.02 -79.44
CA TYR A 22 -29.49 -9.91 -78.86
C TYR A 22 -28.15 -9.20 -78.77
N GLU A 23 -27.60 -9.16 -77.56
CA GLU A 23 -26.27 -8.64 -77.30
C GLU A 23 -25.73 -9.28 -76.01
N GLY A 24 -24.81 -10.22 -76.17
CA GLY A 24 -24.20 -10.89 -75.04
C GLY A 24 -22.70 -10.99 -75.18
N SER A 25 -21.98 -10.30 -74.31
CA SER A 25 -20.51 -10.31 -74.34
C SER A 25 -19.95 -10.28 -72.91
N ASP A 26 -18.74 -10.83 -72.74
CA ASP A 26 -18.09 -10.92 -71.43
C ASP A 26 -16.67 -10.39 -71.50
N GLU A 27 -16.30 -9.55 -70.52
CA GLU A 27 -14.94 -9.06 -70.40
C GLU A 27 -14.61 -8.71 -68.95
N ASN A 28 -14.28 -9.73 -68.16
CA ASN A 28 -13.85 -9.54 -66.77
C ASN A 28 -12.62 -10.39 -66.48
N GLY A 29 -11.74 -9.89 -65.62
CA GLY A 29 -10.53 -10.61 -65.29
C GLY A 29 -9.36 -9.70 -64.99
N ASP A 30 -9.11 -9.46 -63.72
CA ASP A 30 -7.99 -8.62 -63.29
C ASP A 30 -7.25 -9.32 -62.15
N GLY A 31 -5.92 -9.39 -62.27
CA GLY A 31 -5.09 -10.11 -61.32
C GLY A 31 -4.78 -9.30 -60.07
N ILE A 32 -4.55 -10.00 -58.96
CA ILE A 32 -4.35 -9.38 -57.66
C ILE A 32 -3.18 -10.03 -56.91
N GLY A 33 -2.38 -9.21 -56.22
CA GLY A 33 -1.28 -9.71 -55.42
C GLY A 33 -0.25 -8.63 -55.07
N ASP A 34 -0.39 -8.06 -53.89
CA ASP A 34 0.53 -7.01 -53.43
C ASP A 34 1.22 -7.41 -52.14
N SER A 35 2.55 -7.34 -52.16
CA SER A 35 3.38 -7.59 -50.98
C SER A 35 4.64 -6.70 -51.03
N ALA A 36 4.74 -5.76 -50.09
CA ALA A 36 5.89 -4.85 -50.01
C ALA A 36 6.22 -4.55 -48.56
N TYR A 37 7.39 -4.98 -48.12
CA TYR A 37 7.79 -4.88 -46.72
C TYR A 37 9.31 -4.83 -46.57
N ALA A 38 9.77 -4.04 -45.60
CA ALA A 38 11.18 -3.97 -45.21
C ALA A 38 11.34 -3.32 -43.84
N VAL A 39 11.35 -4.14 -42.79
CA VAL A 39 11.65 -3.67 -41.43
C VAL A 39 12.74 -4.51 -40.81
N ASN A 40 13.70 -3.84 -40.21
CA ASN A 40 14.79 -4.50 -39.49
C ASN A 40 14.54 -4.39 -37.99
N PRO A 41 14.25 -5.52 -37.31
CA PRO A 41 14.06 -5.56 -35.84
C PRO A 41 15.40 -5.67 -35.07
N GLU A 42 16.34 -4.81 -35.45
CA GLU A 42 17.68 -4.80 -34.86
C GLU A 42 17.73 -3.90 -33.63
N ALA A 43 17.10 -2.73 -33.74
CA ALA A 43 17.01 -1.79 -32.61
C ALA A 43 15.92 -2.23 -31.64
N GLY A 44 16.19 -2.08 -30.35
CA GLY A 44 15.26 -2.51 -29.34
C GLY A 44 15.90 -3.47 -28.36
N SER A 45 16.98 -3.03 -27.73
CA SER A 45 17.65 -3.80 -26.70
C SER A 45 17.96 -2.90 -25.51
N MET A 46 16.98 -2.81 -24.61
CA MET A 46 17.04 -1.89 -23.48
C MET A 46 16.71 -2.62 -22.19
N ASP A 47 17.23 -2.10 -21.07
CA ASP A 47 16.97 -2.66 -19.76
C ASP A 47 16.54 -1.56 -18.80
N TYR A 48 17.50 -0.70 -18.42
CA TYR A 48 17.30 0.49 -17.55
C TYR A 48 16.81 0.15 -16.12
N MET A 49 17.04 -1.08 -15.66
CA MET A 49 16.70 -1.47 -14.31
C MET A 49 17.96 -1.63 -13.46
N PRO A 50 18.15 -0.78 -12.43
CA PRO A 50 19.18 -0.97 -11.43
C PRO A 50 18.78 -2.06 -10.43
N LEU A 51 19.72 -2.93 -10.08
CA LEU A 51 19.43 -4.04 -9.17
C LEU A 51 19.62 -3.67 -7.69
N MET A 52 19.56 -2.37 -7.42
CA MET A 52 19.53 -1.86 -6.06
C MET A 52 18.09 -1.66 -5.64
N GLU A 53 17.56 -2.61 -4.89
CA GLU A 53 16.19 -2.55 -4.42
C GLU A 53 16.14 -2.03 -2.99
N TYR A 54 14.97 -2.04 -2.40
CA TYR A 54 14.83 -1.63 -1.02
C TYR A 54 14.60 -2.83 -0.15
N LEU A 55 15.68 -3.26 0.50
CA LEU A 55 15.70 -4.51 1.26
C LEU A 55 14.87 -4.42 2.52
N HIS A 56 13.75 -5.12 2.49
CA HIS A 56 12.82 -5.10 3.60
C HIS A 56 12.58 -6.53 4.08
N SER A 57 12.06 -6.66 5.28
CA SER A 57 11.67 -7.95 5.83
C SER A 57 10.20 -8.21 5.53
N SER A 58 9.75 -9.46 5.77
CA SER A 58 8.43 -9.99 5.36
C SER A 58 8.33 -10.18 3.85
N PRO A 59 8.10 -11.44 3.39
CA PRO A 59 7.86 -11.75 1.98
C PRO A 59 6.58 -11.10 1.42
N VAL A 60 6.50 -11.02 0.10
CA VAL A 60 5.43 -10.31 -0.57
C VAL A 60 4.13 -11.12 -0.59
N LEU A 61 3.03 -10.41 -0.33
CA LEU A 61 1.67 -10.94 -0.45
C LEU A 61 1.24 -10.94 -1.93
N PRO A 62 0.18 -11.68 -2.37
CA PRO A 62 -0.07 -11.88 -3.79
C PRO A 62 -0.83 -10.72 -4.44
N THR A 63 -1.03 -10.83 -5.73
CA THR A 63 -1.84 -9.88 -6.45
C THR A 63 -2.70 -10.65 -7.43
N ALA A 64 -4.01 -10.45 -7.35
CA ALA A 64 -4.92 -11.03 -8.28
C ALA A 64 -5.09 -10.08 -9.45
N ARG A 65 -4.42 -10.43 -10.52
CA ARG A 65 -4.43 -9.63 -11.72
C ARG A 65 -4.85 -10.50 -12.86
N PHE A 66 -5.49 -9.88 -13.83
CA PHE A 66 -5.90 -10.55 -15.05
C PHE A 66 -6.12 -9.51 -16.15
N THR A 67 -5.97 -9.95 -17.38
CA THR A 67 -6.29 -9.10 -18.51
C THR A 67 -7.41 -9.72 -19.32
N SER A 68 -8.42 -8.90 -19.58
CA SER A 68 -9.56 -9.29 -20.40
C SER A 68 -9.65 -8.36 -21.59
N ASP A 69 -9.95 -8.92 -22.76
CA ASP A 69 -10.07 -8.15 -24.00
C ASP A 69 -11.25 -7.19 -23.90
N ILE A 70 -12.42 -7.72 -23.61
CA ILE A 70 -13.61 -6.91 -23.43
C ILE A 70 -14.08 -6.94 -21.99
N THR A 71 -14.60 -5.79 -21.56
CA THR A 71 -15.32 -5.69 -20.31
C THR A 71 -16.79 -5.44 -20.61
N GLU A 72 -17.03 -4.95 -21.83
CA GLU A 72 -18.38 -4.74 -22.36
C GLU A 72 -18.29 -4.69 -23.88
N GLY A 73 -19.23 -5.37 -24.52
CA GLY A 73 -19.26 -5.47 -25.96
C GLY A 73 -20.32 -6.45 -26.38
N PHE A 74 -20.36 -6.81 -27.66
CA PHE A 74 -21.29 -7.84 -28.12
C PHE A 74 -20.78 -9.20 -27.65
N ALA A 75 -21.71 -10.12 -27.31
CA ALA A 75 -21.40 -11.50 -26.92
C ALA A 75 -20.43 -12.19 -27.89
N PRO A 76 -19.16 -12.38 -27.47
CA PRO A 76 -18.10 -12.91 -28.31
C PRO A 76 -18.02 -14.44 -28.25
N LEU A 77 -17.31 -15.01 -29.21
CA LEU A 77 -17.17 -16.45 -29.26
C LEU A 77 -16.00 -16.88 -28.36
N SER A 78 -14.79 -16.46 -28.68
CA SER A 78 -13.65 -16.75 -27.82
C SER A 78 -13.16 -15.46 -27.16
N VAL A 79 -13.55 -15.29 -25.89
CA VAL A 79 -13.16 -14.13 -25.09
C VAL A 79 -11.71 -14.27 -24.64
N ARG A 80 -10.89 -13.28 -25.00
CA ARG A 80 -9.47 -13.29 -24.68
C ARG A 80 -9.26 -12.96 -23.22
N PHE A 81 -8.85 -13.96 -22.46
CA PHE A 81 -8.65 -13.81 -21.03
C PHE A 81 -7.39 -14.55 -20.60
N LYS A 82 -6.48 -13.83 -19.96
CA LYS A 82 -5.22 -14.38 -19.52
C LYS A 82 -4.99 -13.96 -18.06
N ASP A 83 -4.50 -14.88 -17.23
CA ASP A 83 -4.27 -14.60 -15.83
C ASP A 83 -2.92 -13.91 -15.64
N PHE A 84 -2.92 -12.84 -14.88
CA PHE A 84 -1.75 -12.00 -14.74
C PHE A 84 -1.31 -11.95 -13.28
N SER A 85 -1.80 -12.94 -12.51
CA SER A 85 -1.58 -13.02 -11.07
C SER A 85 -0.11 -13.27 -10.71
N GLU A 86 0.41 -12.35 -9.91
CA GLU A 86 1.82 -12.35 -9.53
C GLU A 86 1.94 -12.50 -8.03
N ASN A 87 3.18 -12.74 -7.56
CA ASN A 87 3.55 -12.81 -6.13
C ASN A 87 2.75 -13.90 -5.40
N ALA A 88 2.38 -14.95 -6.15
CA ALA A 88 1.41 -15.91 -5.69
C ALA A 88 2.05 -17.24 -5.40
N THR A 89 1.57 -17.88 -4.35
CA THR A 89 1.97 -19.22 -3.99
C THR A 89 1.14 -20.25 -4.78
N SER A 90 -0.14 -19.95 -4.97
CA SER A 90 -1.03 -20.78 -5.76
C SER A 90 -2.15 -19.93 -6.36
N ARG A 91 -2.71 -20.40 -7.48
CA ARG A 91 -3.88 -19.78 -8.07
C ARG A 91 -5.12 -20.64 -7.80
N LEU A 92 -6.28 -20.02 -7.74
CA LEU A 92 -7.52 -20.74 -7.50
C LEU A 92 -8.58 -20.26 -8.48
N TRP A 93 -9.02 -21.17 -9.35
CA TRP A 93 -10.09 -20.88 -10.30
C TRP A 93 -11.43 -21.36 -9.78
N MET A 94 -12.32 -20.44 -9.47
CA MET A 94 -13.63 -20.79 -8.97
C MET A 94 -14.74 -20.37 -9.93
N PHE A 95 -15.21 -21.35 -10.70
CA PHE A 95 -16.37 -21.18 -11.57
C PHE A 95 -17.65 -21.49 -10.80
N GLY A 96 -17.53 -22.47 -9.89
CA GLY A 96 -18.60 -22.80 -8.96
C GLY A 96 -19.22 -24.16 -9.23
N ASP A 97 -19.13 -24.63 -10.46
CA ASP A 97 -19.45 -26.02 -10.78
C ASP A 97 -18.21 -26.90 -10.69
N GLY A 98 -18.40 -28.15 -10.28
CA GLY A 98 -17.31 -29.07 -10.10
C GLY A 98 -16.49 -28.75 -8.86
N ASN A 99 -15.20 -28.64 -9.05
CA ASN A 99 -14.30 -28.25 -7.97
C ASN A 99 -13.32 -27.20 -8.45
N THR A 100 -12.80 -26.43 -7.50
CA THR A 100 -11.94 -25.30 -7.80
C THR A 100 -10.52 -25.73 -8.14
N SER A 101 -9.86 -24.85 -8.95
CA SER A 101 -8.52 -25.04 -9.53
C SER A 101 -8.42 -26.30 -10.42
N ASP A 102 -9.55 -26.81 -10.90
CA ASP A 102 -9.57 -28.02 -11.69
C ASP A 102 -10.38 -27.83 -12.95
N SER A 103 -9.67 -27.62 -14.04
CA SER A 103 -10.26 -27.50 -15.36
C SER A 103 -9.37 -28.20 -16.38
N PRO A 104 -9.75 -29.42 -16.84
CA PRO A 104 -8.99 -30.20 -17.83
C PRO A 104 -8.83 -29.43 -19.15
N SER A 105 -9.92 -28.87 -19.63
CA SER A 105 -9.88 -27.92 -20.72
C SER A 105 -10.79 -26.74 -20.36
N PRO A 106 -10.21 -25.54 -20.10
CA PRO A 106 -10.99 -24.32 -19.89
C PRO A 106 -11.44 -23.69 -21.23
N LEU A 107 -12.37 -24.38 -21.90
CA LEU A 107 -12.90 -23.95 -23.17
C LEU A 107 -13.91 -22.83 -22.96
N HIS A 108 -13.60 -21.68 -23.55
CA HIS A 108 -14.37 -20.47 -23.32
C HIS A 108 -15.07 -20.02 -24.61
N THR A 109 -16.33 -20.35 -24.70
CA THR A 109 -17.16 -19.94 -25.82
C THR A 109 -18.49 -19.43 -25.27
N PHE A 110 -18.67 -18.12 -25.34
CA PHE A 110 -19.86 -17.50 -24.79
C PHE A 110 -20.88 -17.21 -25.88
N PHE A 111 -21.49 -18.29 -26.34
CA PHE A 111 -22.50 -18.26 -27.40
C PHE A 111 -23.86 -17.77 -26.89
N ASN A 112 -24.00 -17.72 -25.57
CA ASN A 112 -25.20 -17.21 -24.94
C ASN A 112 -24.86 -15.96 -24.16
N GLU A 113 -25.62 -14.90 -24.39
CA GLU A 113 -25.31 -13.55 -23.89
C GLU A 113 -25.65 -13.39 -22.40
N GLY A 114 -25.27 -12.24 -21.85
CA GLY A 114 -25.57 -11.94 -20.49
C GLY A 114 -24.36 -11.48 -19.71
N GLU A 115 -24.48 -11.54 -18.40
CA GLU A 115 -23.40 -11.11 -17.51
C GLU A 115 -22.69 -12.33 -16.95
N TYR A 116 -21.38 -12.39 -17.17
CA TYR A 116 -20.55 -13.45 -16.63
C TYR A 116 -19.57 -12.81 -15.66
N ILE A 117 -19.29 -13.46 -14.55
CA ILE A 117 -18.38 -12.88 -13.58
C ILE A 117 -17.20 -13.83 -13.31
N VAL A 118 -16.00 -13.37 -13.65
CA VAL A 118 -14.78 -14.14 -13.41
C VAL A 118 -14.19 -13.73 -12.05
N SER A 119 -14.11 -14.68 -11.14
CA SER A 119 -13.48 -14.44 -9.85
C SER A 119 -12.16 -15.20 -9.77
N LEU A 120 -11.07 -14.45 -9.75
CA LEU A 120 -9.74 -15.02 -9.66
C LEU A 120 -9.13 -14.66 -8.32
N ILE A 121 -8.88 -15.68 -7.53
CA ILE A 121 -8.30 -15.52 -6.21
C ILE A 121 -6.99 -16.28 -6.16
N VAL A 122 -5.95 -15.62 -5.66
CA VAL A 122 -4.67 -16.26 -5.45
C VAL A 122 -4.30 -16.25 -3.97
N SER A 123 -3.48 -17.19 -3.57
CA SER A 123 -3.16 -17.37 -2.17
C SER A 123 -1.66 -17.21 -1.94
N ASN A 124 -1.28 -16.96 -0.71
CA ASN A 124 0.12 -16.79 -0.32
C ASN A 124 0.26 -17.22 1.13
N GLU A 125 1.45 -17.07 1.69
CA GLU A 125 1.71 -17.31 3.10
C GLU A 125 1.17 -16.17 3.97
N ASN A 126 1.23 -14.95 3.46
CA ASN A 126 0.85 -13.77 4.22
C ASN A 126 -0.65 -13.51 4.12
N ASP A 127 -1.13 -13.35 2.89
CA ASP A 127 -2.55 -13.01 2.64
C ASP A 127 -3.04 -13.73 1.41
N SER A 128 -4.34 -13.65 1.16
CA SER A 128 -4.90 -14.06 -0.12
C SER A 128 -5.53 -12.83 -0.77
N ASP A 129 -5.33 -12.69 -2.07
CA ASP A 129 -5.81 -11.52 -2.78
C ASP A 129 -6.74 -11.97 -3.88
N SER A 130 -7.93 -11.40 -3.94
CA SER A 130 -8.91 -11.77 -4.93
C SER A 130 -9.44 -10.54 -5.65
N ALA A 131 -9.63 -10.68 -6.95
CA ALA A 131 -10.21 -9.64 -7.78
C ALA A 131 -11.26 -10.26 -8.68
N SER A 132 -12.29 -9.50 -8.98
CA SER A 132 -13.38 -10.01 -9.77
C SER A 132 -13.71 -9.02 -10.90
N VAL A 133 -14.09 -9.55 -12.05
CA VAL A 133 -14.39 -8.71 -13.20
C VAL A 133 -15.79 -9.03 -13.73
N THR A 134 -16.52 -7.97 -14.07
CA THR A 134 -17.83 -8.09 -14.65
C THR A 134 -17.73 -8.06 -16.17
N ILE A 135 -17.96 -9.23 -16.77
CA ILE A 135 -17.93 -9.38 -18.22
C ILE A 135 -19.34 -9.16 -18.74
N ARG A 136 -19.53 -8.06 -19.44
CA ARG A 136 -20.86 -7.68 -19.89
C ARG A 136 -20.99 -7.91 -21.38
N ALA A 137 -21.93 -8.75 -21.75
CA ALA A 137 -22.16 -9.05 -23.14
C ALA A 137 -23.56 -8.65 -23.53
N LEU A 138 -23.63 -7.61 -24.35
CA LEU A 138 -24.88 -7.10 -24.85
C LEU A 138 -25.14 -7.64 -26.25
N GLU A 139 -26.27 -7.25 -26.81
CA GLU A 139 -26.63 -7.70 -28.13
C GLU A 139 -26.09 -6.75 -29.20
N HIS A 140 -25.71 -7.34 -30.32
CA HIS A 140 -25.22 -6.60 -31.48
C HIS A 140 -26.40 -6.00 -32.25
N HIS A 141 -26.21 -4.83 -32.83
CA HIS A 141 -27.28 -4.13 -33.52
C HIS A 141 -26.87 -3.74 -34.93
N HIS A 142 -27.51 -4.38 -35.91
CA HIS A 142 -27.30 -4.02 -37.31
C HIS A 142 -28.14 -2.78 -37.64
N HIS A 143 -27.47 -1.74 -38.04
CA HIS A 143 -28.14 -0.49 -38.39
C HIS A 143 -28.26 -0.37 -39.89
N HIS A 144 -29.26 0.38 -40.34
CA HIS A 144 -29.44 0.68 -41.75
C HIS A 144 -30.09 2.05 -41.90
N HIS A 145 -29.42 2.91 -42.65
CA HIS A 145 -29.90 4.26 -42.87
C HIS A 145 -30.54 4.36 -44.27
N MET A 1 -13.56 38.54 114.27
CA MET A 1 -12.79 39.46 115.12
C MET A 1 -11.44 39.74 114.47
N ASN A 2 -10.77 38.67 114.05
CA ASN A 2 -9.49 38.78 113.35
C ASN A 2 -9.74 39.16 111.89
N ALA A 3 -9.45 40.41 111.56
CA ALA A 3 -9.49 40.89 110.19
C ALA A 3 -8.06 41.20 109.75
N ARG A 4 -7.28 40.14 109.56
CA ARG A 4 -5.85 40.26 109.32
C ARG A 4 -5.39 39.36 108.19
N ASP A 5 -4.51 39.88 107.34
CA ASP A 5 -3.83 39.07 106.34
C ASP A 5 -2.44 39.65 106.07
N ASN A 6 -1.44 38.80 106.23
CA ASN A 6 -0.06 39.16 105.96
C ASN A 6 0.32 38.63 104.58
N LYS A 7 0.86 39.49 103.73
CA LYS A 7 1.24 39.10 102.38
C LYS A 7 2.56 39.72 101.97
N PHE A 8 3.20 39.07 101.00
CA PHE A 8 4.42 39.58 100.39
C PHE A 8 4.18 39.73 98.89
N ASN A 9 3.00 40.27 98.55
CA ASN A 9 2.54 40.43 97.16
C ASN A 9 3.47 41.37 96.40
N THR A 10 4.11 40.81 95.40
CA THR A 10 5.25 41.46 94.76
C THR A 10 4.86 42.25 93.50
N TRP A 11 3.84 41.76 92.75
CA TRP A 11 3.41 42.33 91.45
C TRP A 11 4.57 42.44 90.44
N ASN A 12 5.48 41.48 90.50
CA ASN A 12 6.67 41.50 89.67
C ASN A 12 6.69 40.23 88.80
N ASP A 13 5.51 39.86 88.33
CA ASP A 13 5.30 38.67 87.52
C ASP A 13 5.29 39.00 86.02
N SER A 14 5.82 40.16 85.64
CA SER A 14 5.96 40.52 84.24
C SER A 14 7.34 40.13 83.71
N ARG A 15 7.39 39.02 82.99
CA ARG A 15 8.57 38.65 82.22
C ARG A 15 8.13 37.90 80.96
N GLY A 16 8.30 38.57 79.82
CA GLY A 16 7.81 38.01 78.57
C GLY A 16 8.56 38.49 77.35
N ASN A 17 9.74 37.92 77.13
CA ASN A 17 10.49 38.19 75.91
C ASN A 17 10.41 36.96 75.00
N TYR A 18 10.34 37.19 73.71
CA TYR A 18 10.21 36.10 72.75
C TYR A 18 10.96 36.42 71.46
N TRP A 19 11.33 35.37 70.76
CA TRP A 19 11.87 35.50 69.42
C TRP A 19 11.09 34.58 68.50
N SER A 20 10.12 35.15 67.80
CA SER A 20 9.26 34.40 66.90
C SER A 20 8.89 35.23 65.69
N ASP A 21 9.44 34.87 64.54
CA ASP A 21 9.03 35.47 63.28
C ASP A 21 8.06 34.54 62.58
N TYR A 22 6.87 35.03 62.31
CA TYR A 22 5.89 34.26 61.58
C TYR A 22 6.01 34.55 60.08
N GLU A 23 6.50 33.53 59.37
CA GLU A 23 6.81 33.63 57.95
C GLU A 23 5.74 32.98 57.07
N GLY A 24 4.54 32.81 57.63
CA GLY A 24 3.41 32.27 56.90
C GLY A 24 2.89 33.25 55.86
N SER A 25 2.58 32.74 54.68
CA SER A 25 2.13 33.56 53.57
C SER A 25 0.64 33.89 53.69
N ASP A 26 0.28 35.09 53.30
CA ASP A 26 -1.11 35.50 53.25
C ASP A 26 -1.41 36.05 51.86
N GLU A 27 -2.47 35.52 51.26
CA GLU A 27 -2.88 35.90 49.92
C GLU A 27 -4.38 36.14 49.90
N ASN A 28 -4.77 37.39 49.72
CA ASN A 28 -6.18 37.75 49.68
C ASN A 28 -6.57 38.18 48.28
N GLY A 29 -7.19 37.25 47.54
CA GLY A 29 -7.67 37.54 46.20
C GLY A 29 -6.59 37.48 45.14
N ASP A 30 -7.01 37.60 43.89
CA ASP A 30 -6.09 37.67 42.76
C ASP A 30 -6.65 38.63 41.70
N GLY A 31 -5.86 38.91 40.69
CA GLY A 31 -6.30 39.79 39.61
C GLY A 31 -5.32 39.81 38.48
N ILE A 32 -5.13 38.65 37.85
CA ILE A 32 -4.19 38.53 36.74
C ILE A 32 -4.91 38.79 35.42
N GLY A 33 -4.98 40.07 35.06
CA GLY A 33 -5.56 40.47 33.79
C GLY A 33 -4.49 40.65 32.74
N ASP A 34 -3.34 41.17 33.18
CA ASP A 34 -2.16 41.27 32.34
C ASP A 34 -1.59 39.89 32.10
N SER A 35 -1.56 39.50 30.84
CA SER A 35 -1.06 38.20 30.44
C SER A 35 0.24 38.37 29.67
N ALA A 36 1.30 37.76 30.17
CA ALA A 36 2.58 37.82 29.52
C ALA A 36 2.75 36.65 28.57
N TYR A 37 2.84 36.98 27.29
CA TYR A 37 3.06 35.98 26.25
C TYR A 37 4.52 35.53 26.25
N ALA A 38 4.73 34.24 26.02
CA ALA A 38 6.06 33.66 26.05
C ALA A 38 6.81 33.90 24.75
N VAL A 39 8.11 34.13 24.87
CA VAL A 39 8.98 34.33 23.71
C VAL A 39 9.50 32.97 23.22
N ASN A 40 9.73 32.83 21.91
CA ASN A 40 10.26 31.59 21.36
C ASN A 40 11.80 31.63 21.39
N PRO A 41 12.48 30.46 21.39
CA PRO A 41 13.95 30.38 21.24
C PRO A 41 14.47 30.79 19.86
N GLU A 42 13.54 30.84 18.86
CA GLU A 42 13.84 31.17 17.44
C GLU A 42 14.75 30.12 16.77
N ALA A 43 14.80 28.93 17.36
CA ALA A 43 15.64 27.85 16.86
C ALA A 43 15.06 26.51 17.31
N GLY A 44 14.70 25.66 16.35
CA GLY A 44 14.09 24.39 16.66
C GLY A 44 14.77 23.24 15.96
N SER A 45 15.80 22.69 16.60
CA SER A 45 16.53 21.54 16.07
C SER A 45 15.82 20.23 16.40
N MET A 46 15.07 19.73 15.42
CA MET A 46 14.28 18.53 15.59
C MET A 46 14.72 17.45 14.61
N ASP A 47 15.44 16.46 15.11
CA ASP A 47 15.90 15.35 14.28
C ASP A 47 14.89 14.21 14.29
N TYR A 48 15.01 13.30 13.34
CA TYR A 48 14.07 12.21 13.19
C TYR A 48 14.79 10.94 12.73
N MET A 49 14.53 9.84 13.44
CA MET A 49 15.00 8.51 13.03
C MET A 49 14.12 7.43 13.69
N PRO A 50 13.91 6.28 13.01
CA PRO A 50 13.44 5.06 13.67
C PRO A 50 14.48 4.53 14.67
N LEU A 51 14.02 3.96 15.78
CA LEU A 51 14.92 3.59 16.87
C LEU A 51 14.95 2.07 17.15
N MET A 52 14.11 1.31 16.46
CA MET A 52 14.03 -0.13 16.67
C MET A 52 13.69 -0.85 15.38
N GLU A 53 14.74 -1.37 14.73
CA GLU A 53 14.62 -2.31 13.61
C GLU A 53 16.02 -2.75 13.19
N TYR A 54 16.11 -3.89 12.52
CA TYR A 54 17.38 -4.41 12.02
C TYR A 54 17.25 -4.86 10.56
N LEU A 55 16.28 -4.24 9.86
CA LEU A 55 15.88 -4.59 8.48
C LEU A 55 15.37 -6.04 8.40
N HIS A 56 14.07 -6.18 8.58
CA HIS A 56 13.44 -7.48 8.43
C HIS A 56 12.66 -7.50 7.12
N SER A 57 13.00 -8.43 6.26
CA SER A 57 12.29 -8.60 4.99
C SER A 57 10.90 -9.19 5.23
N SER A 58 9.90 -8.35 5.08
CA SER A 58 8.51 -8.76 5.22
C SER A 58 8.12 -9.67 4.06
N PRO A 59 7.64 -10.91 4.34
CA PRO A 59 7.24 -11.86 3.31
C PRO A 59 6.11 -11.32 2.45
N VAL A 60 6.24 -11.51 1.16
CA VAL A 60 5.38 -10.87 0.19
C VAL A 60 4.02 -11.58 0.09
N LEU A 61 2.95 -10.80 0.23
CA LEU A 61 1.59 -11.27 0.03
C LEU A 61 1.28 -11.24 -1.49
N PRO A 62 0.23 -11.92 -1.99
CA PRO A 62 0.00 -12.00 -3.43
C PRO A 62 -0.71 -10.78 -4.01
N THR A 63 -0.91 -10.84 -5.31
CA THR A 63 -1.66 -9.88 -6.05
C THR A 63 -2.39 -10.59 -7.16
N ALA A 64 -3.72 -10.54 -7.15
CA ALA A 64 -4.51 -11.12 -8.22
C ALA A 64 -4.81 -10.09 -9.28
N ARG A 65 -4.22 -10.26 -10.44
CA ARG A 65 -4.46 -9.39 -11.59
C ARG A 65 -4.70 -10.23 -12.82
N PHE A 66 -5.41 -9.69 -13.79
CA PHE A 66 -5.70 -10.37 -15.05
C PHE A 66 -6.07 -9.35 -16.11
N THR A 67 -6.10 -9.79 -17.36
CA THR A 67 -6.59 -8.93 -18.42
C THR A 67 -7.53 -9.71 -19.34
N SER A 68 -8.56 -9.02 -19.79
CA SER A 68 -9.47 -9.53 -20.79
C SER A 68 -9.39 -8.65 -22.02
N ASP A 69 -9.63 -9.23 -23.21
CA ASP A 69 -9.66 -8.46 -24.45
C ASP A 69 -10.78 -7.42 -24.43
N ILE A 70 -11.98 -7.88 -24.11
CA ILE A 70 -13.13 -7.01 -24.02
C ILE A 70 -13.65 -6.92 -22.59
N THR A 71 -14.31 -5.82 -22.29
CA THR A 71 -15.05 -5.65 -21.04
C THR A 71 -16.51 -5.31 -21.35
N GLU A 72 -16.77 -5.12 -22.64
CA GLU A 72 -18.07 -4.67 -23.12
C GLU A 72 -18.35 -5.31 -24.48
N GLY A 73 -19.62 -5.50 -24.79
CA GLY A 73 -20.00 -6.01 -26.09
C GLY A 73 -20.93 -7.18 -25.97
N PHE A 74 -21.31 -7.74 -27.12
CA PHE A 74 -22.16 -8.92 -27.16
C PHE A 74 -21.28 -10.15 -26.99
N ALA A 75 -21.87 -11.24 -26.48
CA ALA A 75 -21.19 -12.52 -26.26
C ALA A 75 -20.51 -13.05 -27.55
N PRO A 76 -19.16 -12.99 -27.61
CA PRO A 76 -18.40 -13.31 -28.81
C PRO A 76 -17.83 -14.73 -28.83
N LEU A 77 -18.44 -15.61 -28.00
CA LEU A 77 -18.03 -17.01 -27.80
C LEU A 77 -16.70 -17.09 -27.03
N SER A 78 -15.59 -16.89 -27.73
CA SER A 78 -14.28 -17.09 -27.15
C SER A 78 -13.55 -15.75 -27.03
N VAL A 79 -12.97 -15.52 -25.86
CA VAL A 79 -12.19 -14.30 -25.60
C VAL A 79 -10.80 -14.68 -25.10
N ARG A 80 -9.76 -14.02 -25.65
CA ARG A 80 -8.39 -14.17 -25.16
C ARG A 80 -8.26 -13.62 -23.74
N PHE A 81 -7.80 -14.46 -22.83
CA PHE A 81 -7.74 -14.12 -21.43
C PHE A 81 -6.41 -14.58 -20.84
N LYS A 82 -5.69 -13.65 -20.21
CA LYS A 82 -4.41 -13.96 -19.58
C LYS A 82 -4.39 -13.53 -18.13
N ASP A 83 -3.56 -14.23 -17.37
CA ASP A 83 -3.33 -13.95 -15.96
C ASP A 83 -2.15 -13.00 -15.78
N PHE A 84 -2.26 -12.09 -14.82
CA PHE A 84 -1.18 -11.15 -14.50
C PHE A 84 -0.86 -11.17 -13.00
N SER A 85 -1.31 -12.22 -12.31
CA SER A 85 -1.09 -12.39 -10.88
C SER A 85 0.38 -12.66 -10.57
N GLU A 86 0.83 -12.14 -9.43
CA GLU A 86 2.23 -12.22 -9.04
C GLU A 86 2.31 -12.51 -7.53
N ASN A 87 3.40 -13.19 -7.13
CA ASN A 87 3.79 -13.43 -5.73
C ASN A 87 2.80 -14.35 -5.02
N ALA A 88 2.39 -15.38 -5.75
CA ALA A 88 1.41 -16.33 -5.23
C ALA A 88 2.04 -17.70 -5.04
N THR A 89 1.64 -18.36 -3.97
CA THR A 89 2.01 -19.75 -3.72
C THR A 89 1.12 -20.66 -4.56
N SER A 90 -0.18 -20.41 -4.48
CA SER A 90 -1.18 -21.21 -5.19
C SER A 90 -2.19 -20.28 -5.85
N ARG A 91 -2.98 -20.82 -6.78
CA ARG A 91 -4.06 -20.06 -7.39
C ARG A 91 -5.39 -20.81 -7.33
N LEU A 92 -6.45 -20.05 -7.52
CA LEU A 92 -7.79 -20.60 -7.57
C LEU A 92 -8.59 -19.83 -8.62
N TRP A 93 -9.00 -20.53 -9.67
CA TRP A 93 -9.85 -19.94 -10.68
C TRP A 93 -11.31 -20.22 -10.33
N MET A 94 -12.03 -19.16 -10.00
CA MET A 94 -13.43 -19.28 -9.64
C MET A 94 -14.29 -18.80 -10.80
N PHE A 95 -14.93 -19.75 -11.44
CA PHE A 95 -15.73 -19.48 -12.64
C PHE A 95 -17.18 -19.15 -12.26
N GLY A 96 -17.59 -19.63 -11.09
CA GLY A 96 -18.98 -19.55 -10.66
C GLY A 96 -19.72 -20.84 -10.96
N ASP A 97 -19.17 -21.61 -11.88
CA ASP A 97 -19.76 -22.86 -12.32
C ASP A 97 -18.70 -23.97 -12.36
N GLY A 98 -19.04 -25.14 -11.85
CA GLY A 98 -18.17 -26.31 -11.96
C GLY A 98 -17.08 -26.35 -10.89
N ASN A 99 -16.00 -27.06 -11.20
CA ASN A 99 -14.87 -27.17 -10.29
C ASN A 99 -13.87 -26.04 -10.51
N THR A 100 -13.34 -25.55 -9.40
CA THR A 100 -12.42 -24.41 -9.43
C THR A 100 -11.00 -24.83 -9.78
N SER A 101 -10.33 -23.97 -10.59
CA SER A 101 -8.97 -24.20 -11.16
C SER A 101 -8.91 -25.35 -12.17
N ASP A 102 -10.05 -25.96 -12.48
CA ASP A 102 -10.09 -27.16 -13.28
C ASP A 102 -11.08 -26.99 -14.42
N SER A 103 -10.57 -27.11 -15.64
CA SER A 103 -11.40 -27.10 -16.83
C SER A 103 -10.95 -28.20 -17.80
N PRO A 104 -11.58 -29.40 -17.74
CA PRO A 104 -11.38 -30.45 -18.75
C PRO A 104 -12.10 -30.10 -20.05
N SER A 105 -13.29 -29.53 -19.89
CA SER A 105 -14.05 -28.96 -20.98
C SER A 105 -13.96 -27.44 -20.87
N PRO A 106 -14.16 -26.68 -21.99
CA PRO A 106 -14.25 -25.21 -21.94
C PRO A 106 -15.48 -24.73 -21.15
N LEU A 107 -15.25 -24.42 -19.88
CA LEU A 107 -16.34 -24.13 -18.94
C LEU A 107 -16.80 -22.69 -19.03
N HIS A 108 -15.88 -21.74 -18.84
CA HIS A 108 -16.24 -20.32 -18.84
C HIS A 108 -16.09 -19.73 -20.25
N THR A 109 -16.87 -20.26 -21.16
CA THR A 109 -16.93 -19.82 -22.54
C THR A 109 -18.34 -19.29 -22.77
N PHE A 110 -18.46 -18.27 -23.61
CA PHE A 110 -19.71 -17.52 -23.72
C PHE A 110 -20.55 -18.05 -24.88
N PHE A 111 -21.25 -19.17 -24.60
CA PHE A 111 -22.07 -19.85 -25.58
C PHE A 111 -23.45 -19.19 -25.69
N ASN A 112 -23.93 -18.71 -24.55
CA ASN A 112 -25.26 -18.11 -24.43
C ASN A 112 -25.13 -16.78 -23.72
N GLU A 113 -26.16 -15.96 -23.83
CA GLU A 113 -26.18 -14.62 -23.21
C GLU A 113 -26.38 -14.71 -21.71
N GLY A 114 -25.95 -13.66 -21.02
CA GLY A 114 -26.06 -13.62 -19.59
C GLY A 114 -25.01 -12.74 -18.98
N GLU A 115 -24.93 -12.75 -17.66
CA GLU A 115 -23.93 -11.96 -16.97
C GLU A 115 -22.94 -12.89 -16.27
N TYR A 116 -21.71 -12.83 -16.74
CA TYR A 116 -20.67 -13.77 -16.31
C TYR A 116 -19.78 -13.08 -15.30
N ILE A 117 -19.18 -13.86 -14.42
CA ILE A 117 -18.23 -13.31 -13.45
C ILE A 117 -16.92 -14.10 -13.51
N VAL A 118 -15.83 -13.42 -13.82
CA VAL A 118 -14.49 -13.99 -13.68
C VAL A 118 -13.95 -13.62 -12.31
N SER A 119 -13.64 -14.63 -11.50
CA SER A 119 -13.02 -14.42 -10.22
C SER A 119 -11.65 -15.10 -10.19
N LEU A 120 -10.63 -14.31 -9.93
CA LEU A 120 -9.28 -14.80 -9.82
C LEU A 120 -8.76 -14.47 -8.43
N ILE A 121 -8.42 -15.51 -7.70
CA ILE A 121 -7.91 -15.37 -6.35
C ILE A 121 -6.65 -16.20 -6.21
N VAL A 122 -5.60 -15.59 -5.75
CA VAL A 122 -4.35 -16.28 -5.51
C VAL A 122 -4.03 -16.26 -4.01
N SER A 123 -3.36 -17.30 -3.54
CA SER A 123 -3.14 -17.49 -2.11
C SER A 123 -1.65 -17.56 -1.81
N ASN A 124 -1.29 -17.16 -0.61
CA ASN A 124 0.10 -17.16 -0.15
C ASN A 124 0.08 -17.51 1.35
N GLU A 125 1.26 -17.58 1.99
CA GLU A 125 1.35 -17.84 3.43
C GLU A 125 0.97 -16.61 4.26
N ASN A 126 0.96 -15.43 3.62
CA ASN A 126 0.62 -14.18 4.29
C ASN A 126 -0.87 -13.94 4.22
N ASP A 127 -1.38 -13.84 2.99
CA ASP A 127 -2.77 -13.48 2.72
C ASP A 127 -3.23 -14.14 1.44
N SER A 128 -4.51 -13.95 1.13
CA SER A 128 -5.06 -14.32 -0.15
C SER A 128 -5.69 -13.09 -0.79
N ASP A 129 -5.35 -12.83 -2.04
CA ASP A 129 -5.78 -11.61 -2.71
C ASP A 129 -6.64 -11.98 -3.90
N SER A 130 -7.78 -11.32 -4.05
CA SER A 130 -8.68 -11.61 -5.16
C SER A 130 -9.07 -10.34 -5.92
N ALA A 131 -9.29 -10.53 -7.21
CA ALA A 131 -9.90 -9.54 -8.07
C ALA A 131 -10.99 -10.22 -8.88
N SER A 132 -12.12 -9.56 -9.02
CA SER A 132 -13.24 -10.13 -9.73
C SER A 132 -13.91 -9.05 -10.56
N VAL A 133 -14.37 -9.40 -11.76
CA VAL A 133 -15.02 -8.43 -12.64
C VAL A 133 -16.32 -8.99 -13.20
N THR A 134 -17.19 -8.08 -13.59
CA THR A 134 -18.44 -8.43 -14.24
C THR A 134 -18.27 -8.40 -15.75
N ILE A 135 -18.37 -9.57 -16.36
CA ILE A 135 -18.29 -9.71 -17.80
C ILE A 135 -19.70 -9.55 -18.35
N ARG A 136 -19.88 -8.63 -19.27
CA ARG A 136 -21.20 -8.25 -19.69
C ARG A 136 -21.42 -8.64 -21.14
N ALA A 137 -22.49 -9.39 -21.38
CA ALA A 137 -22.98 -9.62 -22.71
C ALA A 137 -24.14 -8.66 -22.94
N LEU A 138 -24.11 -7.99 -24.09
CA LEU A 138 -25.13 -7.00 -24.40
C LEU A 138 -26.40 -7.68 -24.88
N GLU A 139 -27.52 -7.05 -24.55
CA GLU A 139 -28.83 -7.53 -24.94
C GLU A 139 -29.07 -7.16 -26.40
N HIS A 140 -28.85 -8.16 -27.25
CA HIS A 140 -28.98 -8.02 -28.71
C HIS A 140 -30.42 -7.73 -29.11
N HIS A 141 -30.55 -6.90 -30.13
CA HIS A 141 -31.84 -6.34 -30.53
C HIS A 141 -32.58 -7.29 -31.44
N HIS A 142 -33.74 -7.73 -30.97
CA HIS A 142 -34.59 -8.62 -31.74
C HIS A 142 -36.01 -8.04 -31.83
N HIS A 143 -36.17 -7.08 -32.71
CA HIS A 143 -37.49 -6.54 -33.03
C HIS A 143 -38.14 -7.49 -34.04
N HIS A 144 -39.32 -7.99 -33.69
CA HIS A 144 -39.99 -8.99 -34.50
C HIS A 144 -40.56 -8.36 -35.78
N HIS A 145 -41.51 -7.44 -35.63
CA HIS A 145 -42.13 -6.80 -36.79
C HIS A 145 -42.81 -5.49 -36.38
N MET A 1 85.09 92.85 -47.17
CA MET A 1 83.63 92.63 -47.05
C MET A 1 83.28 92.20 -45.62
N ASN A 2 82.65 93.11 -44.87
CA ASN A 2 82.29 92.85 -43.48
C ASN A 2 80.78 92.97 -43.30
N ALA A 3 80.18 91.99 -42.61
CA ALA A 3 78.75 91.94 -42.40
C ALA A 3 78.38 92.38 -40.99
N ARG A 4 77.19 92.96 -40.86
CA ARG A 4 76.63 93.31 -39.56
C ARG A 4 75.84 92.12 -39.04
N ASP A 5 76.28 91.55 -37.94
CA ASP A 5 75.59 90.41 -37.37
C ASP A 5 75.23 90.66 -35.91
N ASN A 6 73.96 90.43 -35.61
CA ASN A 6 73.42 90.59 -34.27
C ASN A 6 72.21 89.68 -34.13
N LYS A 7 72.26 88.81 -33.14
CA LYS A 7 71.20 87.83 -32.91
C LYS A 7 70.04 88.50 -32.17
N PHE A 8 68.82 88.18 -32.60
CA PHE A 8 67.63 88.67 -31.94
C PHE A 8 67.22 87.69 -30.84
N ASN A 9 67.60 88.02 -29.61
CA ASN A 9 67.36 87.15 -28.46
C ASN A 9 66.02 87.51 -27.82
N THR A 10 64.95 86.98 -28.38
CA THR A 10 63.60 87.20 -27.90
C THR A 10 62.86 85.88 -27.89
N TRP A 11 62.60 85.36 -26.70
CA TRP A 11 61.92 84.07 -26.55
C TRP A 11 60.50 84.29 -26.05
N ASN A 12 59.67 83.26 -26.17
CA ASN A 12 58.32 83.32 -25.67
C ASN A 12 58.20 82.43 -24.44
N ASP A 13 57.84 83.04 -23.32
CA ASP A 13 57.61 82.29 -22.08
C ASP A 13 56.12 82.14 -21.84
N SER A 14 55.68 80.89 -21.69
CA SER A 14 54.27 80.58 -21.48
C SER A 14 54.10 79.44 -20.49
N ARG A 15 53.29 79.70 -19.45
CA ARG A 15 52.94 78.70 -18.45
C ARG A 15 51.55 78.98 -17.88
N GLY A 16 50.90 77.93 -17.37
CA GLY A 16 49.57 78.05 -16.81
C GLY A 16 49.27 76.95 -15.83
N ASN A 17 49.34 77.28 -14.54
CA ASN A 17 49.14 76.29 -13.47
C ASN A 17 47.94 76.64 -12.62
N TYR A 18 47.11 75.64 -12.33
CA TYR A 18 45.91 75.83 -11.53
C TYR A 18 45.74 74.75 -10.48
N TRP A 19 45.17 75.14 -9.35
CA TRP A 19 44.92 74.23 -8.24
C TRP A 19 43.42 74.01 -8.13
N SER A 20 42.93 72.99 -8.82
CA SER A 20 41.49 72.74 -8.87
C SER A 20 41.17 71.26 -8.65
N ASP A 21 40.74 70.95 -7.43
CA ASP A 21 40.24 69.62 -7.09
C ASP A 21 38.90 69.77 -6.41
N TYR A 22 37.96 68.89 -6.76
CA TYR A 22 36.56 69.09 -6.40
C TYR A 22 36.04 68.04 -5.43
N GLU A 23 36.52 68.19 -4.19
CA GLU A 23 35.99 67.53 -2.99
C GLU A 23 35.96 66.00 -3.09
N GLY A 24 34.92 65.38 -2.53
CA GLY A 24 34.78 63.94 -2.53
C GLY A 24 34.26 63.40 -1.20
N SER A 25 32.98 63.65 -0.92
CA SER A 25 32.31 63.09 0.27
C SER A 25 30.90 62.63 -0.08
N ASP A 26 30.76 61.34 -0.36
CA ASP A 26 29.47 60.74 -0.69
C ASP A 26 29.10 59.70 0.36
N GLU A 27 28.27 60.09 1.31
CA GLU A 27 27.84 59.16 2.34
C GLU A 27 26.41 58.69 2.05
N ASN A 28 26.29 57.37 1.88
CA ASN A 28 25.02 56.74 1.54
C ASN A 28 24.95 55.36 2.19
N GLY A 29 24.02 55.20 3.13
CA GLY A 29 23.90 53.94 3.84
C GLY A 29 22.81 53.96 4.91
N ASP A 30 23.19 53.53 6.13
CA ASP A 30 22.29 53.46 7.31
C ASP A 30 21.16 52.44 7.10
N GLY A 31 21.45 51.41 6.29
CA GLY A 31 20.43 50.43 5.90
C GLY A 31 20.22 49.36 6.95
N ILE A 32 18.95 49.12 7.29
CA ILE A 32 18.58 48.11 8.27
C ILE A 32 18.27 46.77 7.58
N GLY A 33 18.61 45.67 8.24
CA GLY A 33 18.40 44.37 7.64
C GLY A 33 18.41 43.25 8.64
N ASP A 34 18.35 42.01 8.14
CA ASP A 34 18.32 40.81 8.98
C ASP A 34 19.72 40.26 9.25
N SER A 35 20.58 41.12 9.77
CA SER A 35 21.95 40.75 10.12
C SER A 35 22.00 40.12 11.51
N ALA A 36 21.96 38.79 11.55
CA ALA A 36 22.04 38.06 12.81
C ALA A 36 23.41 37.45 12.97
N TYR A 37 24.14 37.92 13.97
CA TYR A 37 25.49 37.46 14.23
C TYR A 37 25.58 36.91 15.64
N ALA A 38 25.74 35.57 15.72
CA ALA A 38 25.86 34.78 16.97
C ALA A 38 24.54 34.70 17.75
N VAL A 39 24.14 35.83 18.33
CA VAL A 39 22.91 35.93 19.09
C VAL A 39 21.68 35.92 18.16
N ASN A 40 20.85 34.90 18.35
CA ASN A 40 19.61 34.73 17.58
C ASN A 40 18.60 33.93 18.42
N PRO A 41 17.59 34.60 19.00
CA PRO A 41 16.52 33.96 19.77
C PRO A 41 15.20 33.82 18.99
N GLU A 42 15.31 33.66 17.66
CA GLU A 42 14.13 33.71 16.78
C GLU A 42 13.43 32.35 16.65
N ALA A 43 12.36 32.36 15.85
CA ALA A 43 11.48 31.20 15.70
C ALA A 43 12.02 30.19 14.68
N GLY A 44 11.78 28.91 14.94
CA GLY A 44 12.17 27.86 14.03
C GLY A 44 11.66 26.50 14.44
N SER A 45 12.34 25.46 14.01
CA SER A 45 11.98 24.09 14.36
C SER A 45 12.75 23.62 15.59
N MET A 46 12.09 22.81 16.41
CA MET A 46 12.73 22.18 17.55
C MET A 46 13.41 20.88 17.11
N ASP A 47 14.31 20.37 17.93
CA ASP A 47 14.96 19.09 17.65
C ASP A 47 14.26 17.99 18.43
N TYR A 48 13.61 17.11 17.71
CA TYR A 48 12.86 16.00 18.29
C TYR A 48 13.41 14.69 17.75
N MET A 49 14.07 13.93 18.62
CA MET A 49 14.67 12.67 18.21
C MET A 49 14.37 11.53 19.21
N PRO A 50 13.37 10.69 18.90
CA PRO A 50 13.13 9.46 19.64
C PRO A 50 13.91 8.27 19.04
N LEU A 51 15.04 7.92 19.67
CA LEU A 51 15.82 6.78 19.23
C LEU A 51 15.27 5.49 19.84
N MET A 52 14.18 5.02 19.24
CA MET A 52 13.46 3.84 19.69
C MET A 52 12.67 3.30 18.50
N GLU A 53 13.18 2.23 17.90
CA GLU A 53 12.60 1.68 16.69
C GLU A 53 12.33 0.19 16.84
N TYR A 54 11.37 -0.29 16.06
CA TYR A 54 11.12 -1.71 15.92
C TYR A 54 11.11 -2.07 14.46
N LEU A 55 12.07 -2.89 14.06
CA LEU A 55 12.20 -3.30 12.67
C LEU A 55 12.09 -4.81 12.58
N HIS A 56 11.06 -5.27 11.88
CA HIS A 56 10.89 -6.68 11.60
C HIS A 56 10.39 -6.84 10.17
N SER A 57 10.96 -7.82 9.47
CA SER A 57 10.65 -8.06 8.07
C SER A 57 9.30 -8.74 7.89
N SER A 58 8.28 -7.94 7.63
CA SER A 58 6.93 -8.43 7.37
C SER A 58 6.83 -8.90 5.91
N PRO A 59 6.16 -10.06 5.68
CA PRO A 59 6.04 -10.62 4.33
C PRO A 59 5.04 -9.87 3.45
N VAL A 60 5.16 -10.08 2.15
CA VAL A 60 4.29 -9.44 1.18
C VAL A 60 3.08 -10.36 0.89
N LEU A 61 1.91 -9.76 0.78
CA LEU A 61 0.71 -10.50 0.40
C LEU A 61 0.56 -10.47 -1.13
N PRO A 62 -0.25 -11.36 -1.76
CA PRO A 62 -0.31 -11.44 -3.21
C PRO A 62 -1.15 -10.35 -3.86
N THR A 63 -1.21 -10.46 -5.17
CA THR A 63 -2.06 -9.63 -5.98
C THR A 63 -2.68 -10.51 -7.07
N ALA A 64 -3.98 -10.68 -7.01
CA ALA A 64 -4.69 -11.35 -8.07
C ALA A 64 -4.98 -10.34 -9.17
N ARG A 65 -4.52 -10.65 -10.36
CA ARG A 65 -4.74 -9.80 -11.50
C ARG A 65 -4.96 -10.68 -12.72
N PHE A 66 -5.88 -10.27 -13.57
CA PHE A 66 -6.14 -10.95 -14.83
C PHE A 66 -6.84 -10.00 -15.77
N THR A 67 -6.92 -10.37 -17.04
CA THR A 67 -7.68 -9.61 -17.99
C THR A 67 -8.48 -10.55 -18.89
N SER A 68 -9.61 -10.06 -19.35
CA SER A 68 -10.36 -10.69 -20.40
C SER A 68 -10.07 -9.95 -21.70
N ASP A 69 -10.53 -10.48 -22.83
CA ASP A 69 -10.42 -9.77 -24.10
C ASP A 69 -11.31 -8.52 -24.07
N ILE A 70 -12.61 -8.72 -23.85
CA ILE A 70 -13.54 -7.63 -23.68
C ILE A 70 -14.20 -7.67 -22.31
N THR A 71 -14.35 -6.51 -21.70
CA THR A 71 -15.14 -6.35 -20.48
C THR A 71 -16.58 -5.97 -20.80
N GLU A 72 -16.79 -5.55 -22.05
CA GLU A 72 -18.11 -5.21 -22.56
C GLU A 72 -18.11 -5.42 -24.07
N GLY A 73 -19.24 -5.88 -24.58
CA GLY A 73 -19.39 -6.06 -26.01
C GLY A 73 -20.42 -7.12 -26.33
N PHE A 74 -20.51 -7.49 -27.60
CA PHE A 74 -21.40 -8.55 -28.03
C PHE A 74 -20.78 -9.91 -27.67
N ALA A 75 -21.62 -10.81 -27.16
CA ALA A 75 -21.25 -12.17 -26.71
C ALA A 75 -20.35 -12.94 -27.70
N PRO A 76 -19.05 -13.14 -27.35
CA PRO A 76 -18.12 -13.94 -28.14
C PRO A 76 -18.06 -15.42 -27.68
N LEU A 77 -17.68 -16.30 -28.60
CA LEU A 77 -17.73 -17.74 -28.35
C LEU A 77 -16.54 -18.14 -27.46
N SER A 78 -15.36 -17.67 -27.82
CA SER A 78 -14.17 -17.91 -27.02
C SER A 78 -13.64 -16.60 -26.46
N VAL A 79 -13.85 -16.38 -25.17
CA VAL A 79 -13.38 -15.18 -24.49
C VAL A 79 -12.00 -15.44 -23.90
N ARG A 80 -11.04 -14.64 -24.33
CA ARG A 80 -9.63 -14.80 -23.96
C ARG A 80 -9.38 -14.50 -22.49
N PHE A 81 -8.51 -15.29 -21.89
CA PHE A 81 -8.14 -15.14 -20.49
C PHE A 81 -6.63 -15.09 -20.35
N LYS A 82 -6.16 -14.11 -19.61
CA LYS A 82 -4.74 -13.93 -19.37
C LYS A 82 -4.50 -13.61 -17.89
N ASP A 83 -3.72 -14.47 -17.24
CA ASP A 83 -3.39 -14.30 -15.83
C ASP A 83 -2.21 -13.34 -15.67
N PHE A 84 -2.29 -12.47 -14.67
CA PHE A 84 -1.26 -11.46 -14.42
C PHE A 84 -0.92 -11.36 -12.93
N SER A 85 -1.35 -12.35 -12.15
CA SER A 85 -1.12 -12.39 -10.71
C SER A 85 0.37 -12.35 -10.33
N GLU A 86 0.68 -11.55 -9.32
CA GLU A 86 2.04 -11.36 -8.84
C GLU A 86 2.09 -11.67 -7.34
N ASN A 87 3.25 -12.15 -6.88
CA ASN A 87 3.55 -12.43 -5.45
C ASN A 87 2.69 -13.57 -4.93
N ALA A 88 2.46 -14.56 -5.78
CA ALA A 88 1.60 -15.68 -5.45
C ALA A 88 2.36 -16.98 -5.48
N THR A 89 2.02 -17.86 -4.54
CA THR A 89 2.54 -19.21 -4.51
C THR A 89 1.67 -20.09 -5.43
N SER A 90 0.36 -20.01 -5.23
CA SER A 90 -0.59 -20.78 -6.02
C SER A 90 -1.67 -19.85 -6.57
N ARG A 91 -2.23 -20.24 -7.72
CA ARG A 91 -3.37 -19.53 -8.29
C ARG A 91 -4.59 -20.44 -8.32
N LEU A 92 -5.77 -19.82 -8.27
CA LEU A 92 -7.02 -20.54 -8.15
C LEU A 92 -8.11 -19.81 -8.92
N TRP A 93 -8.67 -20.47 -9.92
CA TRP A 93 -9.74 -19.89 -10.69
C TRP A 93 -11.10 -20.27 -10.12
N MET A 94 -11.85 -19.25 -9.66
CA MET A 94 -13.18 -19.45 -9.12
C MET A 94 -14.23 -18.88 -10.07
N PHE A 95 -14.60 -19.67 -11.06
CA PHE A 95 -15.62 -19.26 -12.02
C PHE A 95 -17.01 -19.75 -11.63
N GLY A 96 -17.05 -20.73 -10.72
CA GLY A 96 -18.31 -21.19 -10.14
C GLY A 96 -19.12 -22.14 -11.01
N ASP A 97 -18.51 -22.68 -12.06
CA ASP A 97 -19.21 -23.58 -12.97
C ASP A 97 -18.45 -24.90 -13.09
N GLY A 98 -18.95 -25.92 -12.40
CA GLY A 98 -18.32 -27.22 -12.42
C GLY A 98 -17.20 -27.33 -11.41
N ASN A 99 -16.05 -27.76 -11.89
CA ASN A 99 -14.87 -27.99 -11.05
C ASN A 99 -14.10 -26.70 -10.81
N THR A 100 -13.75 -26.46 -9.56
CA THR A 100 -12.80 -25.42 -9.18
C THR A 100 -11.65 -26.06 -8.39
N SER A 101 -10.50 -25.35 -8.30
CA SER A 101 -9.25 -25.84 -7.66
C SER A 101 -8.59 -26.97 -8.46
N ASP A 102 -8.90 -27.00 -9.74
CA ASP A 102 -8.35 -27.97 -10.67
C ASP A 102 -7.32 -27.30 -11.58
N SER A 103 -6.86 -28.03 -12.61
CA SER A 103 -5.99 -27.50 -13.67
C SER A 103 -6.52 -26.17 -14.24
N PRO A 104 -5.70 -25.09 -14.23
CA PRO A 104 -6.14 -23.74 -14.62
C PRO A 104 -6.28 -23.54 -16.14
N SER A 105 -7.43 -23.97 -16.64
CA SER A 105 -7.82 -23.74 -18.03
C SER A 105 -9.33 -23.43 -18.11
N PRO A 106 -9.76 -22.20 -17.70
CA PRO A 106 -11.16 -21.81 -17.75
C PRO A 106 -11.55 -21.22 -19.10
N LEU A 107 -12.07 -22.07 -19.99
CA LEU A 107 -12.52 -21.65 -21.30
C LEU A 107 -13.84 -20.90 -21.18
N HIS A 108 -13.80 -19.62 -21.47
CA HIS A 108 -14.97 -18.77 -21.31
C HIS A 108 -15.81 -18.79 -22.56
N THR A 109 -17.03 -19.29 -22.44
CA THR A 109 -17.91 -19.42 -23.58
C THR A 109 -19.17 -18.61 -23.35
N PHE A 110 -19.22 -17.44 -23.97
CA PHE A 110 -20.39 -16.57 -23.90
C PHE A 110 -21.21 -16.75 -25.17
N PHE A 111 -21.94 -17.86 -25.23
CA PHE A 111 -22.77 -18.18 -26.38
C PHE A 111 -24.11 -17.43 -26.33
N ASN A 112 -24.40 -16.86 -25.17
CA ASN A 112 -25.62 -16.12 -24.95
C ASN A 112 -25.31 -14.82 -24.23
N GLU A 113 -26.28 -13.91 -24.24
CA GLU A 113 -26.14 -12.61 -23.56
C GLU A 113 -26.36 -12.76 -22.07
N GLY A 114 -25.71 -11.90 -21.32
CA GLY A 114 -25.75 -11.94 -19.89
C GLY A 114 -24.58 -11.22 -19.29
N GLU A 115 -24.48 -11.22 -17.98
CA GLU A 115 -23.39 -10.54 -17.32
C GLU A 115 -22.70 -11.53 -16.38
N TYR A 116 -21.57 -12.04 -16.83
CA TYR A 116 -20.86 -13.11 -16.15
C TYR A 116 -19.67 -12.57 -15.38
N ILE A 117 -19.56 -12.97 -14.13
CA ILE A 117 -18.50 -12.47 -13.27
C ILE A 117 -17.39 -13.51 -13.13
N VAL A 118 -16.24 -13.20 -13.70
CA VAL A 118 -15.06 -14.07 -13.66
C VAL A 118 -14.23 -13.69 -12.44
N SER A 119 -13.81 -14.68 -11.64
CA SER A 119 -13.02 -14.42 -10.45
C SER A 119 -11.73 -15.22 -10.46
N LEU A 120 -10.67 -14.58 -9.96
CA LEU A 120 -9.36 -15.20 -9.78
C LEU A 120 -8.84 -14.85 -8.40
N ILE A 121 -8.45 -15.86 -7.65
CA ILE A 121 -7.92 -15.68 -6.32
C ILE A 121 -6.55 -16.37 -6.24
N VAL A 122 -5.60 -15.72 -5.62
CA VAL A 122 -4.28 -16.31 -5.45
C VAL A 122 -3.91 -16.36 -3.98
N SER A 123 -2.95 -17.19 -3.64
CA SER A 123 -2.56 -17.40 -2.26
C SER A 123 -1.05 -17.32 -2.10
N ASN A 124 -0.63 -16.68 -1.04
CA ASN A 124 0.77 -16.59 -0.66
C ASN A 124 0.90 -17.22 0.73
N GLU A 125 2.09 -17.25 1.31
CA GLU A 125 2.30 -17.75 2.67
C GLU A 125 1.74 -16.75 3.70
N ASN A 126 1.72 -15.49 3.29
CA ASN A 126 1.26 -14.38 4.13
C ASN A 126 -0.28 -14.30 4.17
N ASP A 127 -0.90 -14.20 2.99
CA ASP A 127 -2.33 -13.92 2.88
C ASP A 127 -2.86 -14.38 1.52
N SER A 128 -4.16 -14.28 1.28
CA SER A 128 -4.74 -14.55 -0.02
C SER A 128 -5.46 -13.31 -0.55
N ASP A 129 -5.34 -13.08 -1.86
CA ASP A 129 -5.91 -11.90 -2.51
C ASP A 129 -6.76 -12.32 -3.69
N SER A 130 -7.93 -11.71 -3.86
CA SER A 130 -8.79 -12.03 -4.98
C SER A 130 -9.26 -10.77 -5.70
N ALA A 131 -9.30 -10.87 -7.03
CA ALA A 131 -9.87 -9.83 -7.87
C ALA A 131 -10.90 -10.47 -8.78
N SER A 132 -11.95 -9.72 -9.07
CA SER A 132 -13.03 -10.22 -9.91
C SER A 132 -13.46 -9.12 -10.87
N VAL A 133 -13.93 -9.50 -12.05
CA VAL A 133 -14.37 -8.53 -13.03
C VAL A 133 -15.69 -8.98 -13.67
N THR A 134 -16.62 -8.03 -13.79
CA THR A 134 -17.95 -8.29 -14.29
C THR A 134 -18.02 -8.01 -15.79
N ILE A 135 -18.20 -9.07 -16.58
CA ILE A 135 -18.12 -9.00 -18.02
C ILE A 135 -19.52 -8.86 -18.62
N ARG A 136 -19.67 -7.95 -19.57
CA ARG A 136 -20.95 -7.71 -20.22
C ARG A 136 -20.97 -8.34 -21.60
N ALA A 137 -21.95 -9.21 -21.80
CA ALA A 137 -22.28 -9.71 -23.11
C ALA A 137 -23.67 -9.21 -23.43
N LEU A 138 -23.77 -8.30 -24.38
CA LEU A 138 -25.03 -7.63 -24.63
C LEU A 138 -25.59 -7.87 -26.01
N GLU A 139 -26.81 -7.39 -26.19
CA GLU A 139 -27.46 -7.43 -27.47
C GLU A 139 -27.41 -6.05 -28.11
N HIS A 140 -26.48 -5.90 -29.03
CA HIS A 140 -26.37 -4.70 -29.85
C HIS A 140 -26.45 -5.10 -31.32
N HIS A 141 -27.54 -4.71 -31.97
CA HIS A 141 -27.72 -5.03 -33.39
C HIS A 141 -28.07 -3.78 -34.20
N HIS A 142 -27.67 -3.78 -35.45
CA HIS A 142 -27.98 -2.69 -36.36
C HIS A 142 -29.26 -3.05 -37.11
N HIS A 143 -30.27 -2.20 -36.99
CA HIS A 143 -31.57 -2.46 -37.62
C HIS A 143 -31.81 -1.52 -38.79
N HIS A 144 -32.80 -1.88 -39.60
CA HIS A 144 -33.26 -1.03 -40.70
C HIS A 144 -34.31 -0.05 -40.18
N HIS A 145 -34.18 1.22 -40.57
CA HIS A 145 -35.12 2.27 -40.13
C HIS A 145 -36.42 2.24 -40.93
N MET A 1 21.64 130.58 2.88
CA MET A 1 20.19 130.80 2.65
C MET A 1 19.47 129.46 2.52
N ASN A 2 18.33 129.36 3.19
CA ASN A 2 17.54 128.14 3.21
C ASN A 2 16.05 128.52 3.23
N ALA A 3 15.24 127.73 2.51
CA ALA A 3 13.79 127.89 2.55
C ALA A 3 13.23 127.30 3.84
N ARG A 4 13.04 128.16 4.83
CA ARG A 4 12.63 127.77 6.17
C ARG A 4 11.10 127.77 6.29
N ASP A 5 10.51 126.59 6.20
CA ASP A 5 9.08 126.43 6.33
C ASP A 5 8.78 125.18 7.17
N ASN A 6 7.53 125.07 7.64
CA ASN A 6 7.09 123.90 8.39
C ASN A 6 6.34 122.94 7.47
N LYS A 7 7.09 122.08 6.80
CA LYS A 7 6.53 121.13 5.84
C LYS A 7 5.85 119.97 6.54
N PHE A 8 6.53 119.39 7.52
CA PHE A 8 6.01 118.27 8.26
C PHE A 8 4.89 118.70 9.22
N ASN A 9 3.72 118.13 9.01
CA ASN A 9 2.56 118.40 9.84
C ASN A 9 1.76 117.10 9.98
N THR A 10 1.25 116.87 11.20
CA THR A 10 0.63 115.60 11.60
C THR A 10 1.65 114.46 11.51
N TRP A 11 2.58 114.47 12.46
CA TRP A 11 3.67 113.52 12.51
C TRP A 11 3.39 112.46 13.58
N ASN A 12 3.32 111.21 13.13
CA ASN A 12 3.09 110.09 14.02
C ASN A 12 4.42 109.60 14.60
N ASP A 13 4.37 109.07 15.82
CA ASP A 13 5.59 108.74 16.55
C ASP A 13 6.13 107.31 16.23
N SER A 14 5.91 106.33 17.11
CA SER A 14 6.55 105.01 16.97
C SER A 14 5.64 103.89 17.45
N ARG A 15 6.05 102.66 17.16
CA ARG A 15 5.34 101.46 17.61
C ARG A 15 6.27 100.67 18.53
N GLY A 16 5.71 100.22 19.66
CA GLY A 16 6.47 99.50 20.68
C GLY A 16 6.98 98.16 20.21
N ASN A 17 8.29 97.97 20.37
CA ASN A 17 8.95 96.74 19.95
C ASN A 17 9.29 95.89 21.17
N TYR A 18 8.43 94.94 21.47
CA TYR A 18 8.61 94.06 22.61
C TYR A 18 8.44 92.60 22.21
N TRP A 19 9.40 91.79 22.60
CA TRP A 19 9.43 90.38 22.23
C TRP A 19 9.46 89.50 23.48
N SER A 20 9.29 88.20 23.29
CA SER A 20 9.30 87.26 24.40
C SER A 20 10.33 86.15 24.16
N ASP A 21 10.94 85.67 25.23
CA ASP A 21 11.86 84.55 25.14
C ASP A 21 11.11 83.23 25.27
N TYR A 22 11.79 82.14 24.96
CA TYR A 22 11.14 80.84 24.85
C TYR A 22 11.59 79.90 25.95
N GLU A 23 10.61 79.30 26.62
CA GLU A 23 10.85 78.25 27.60
C GLU A 23 11.38 76.99 26.92
N GLY A 24 12.52 76.52 27.40
CA GLY A 24 13.10 75.30 26.91
C GLY A 24 12.56 74.07 27.63
N SER A 25 12.98 72.90 27.18
CA SER A 25 12.55 71.65 27.78
C SER A 25 13.76 70.86 28.27
N ASP A 26 13.52 69.82 29.07
CA ASP A 26 14.59 68.99 29.59
C ASP A 26 14.18 67.53 29.65
N GLU A 27 14.88 66.70 28.90
CA GLU A 27 14.67 65.26 28.91
C GLU A 27 15.99 64.50 28.80
N ASN A 28 16.10 63.41 29.56
CA ASN A 28 17.25 62.50 29.49
C ASN A 28 16.87 61.18 30.15
N GLY A 29 17.02 60.08 29.41
CA GLY A 29 16.64 58.78 29.94
C GLY A 29 17.26 57.62 29.20
N ASP A 30 18.00 56.80 29.95
CA ASP A 30 18.52 55.53 29.43
C ASP A 30 17.47 54.44 29.64
N GLY A 31 17.27 53.62 28.61
CA GLY A 31 16.28 52.56 28.70
C GLY A 31 16.91 51.18 28.75
N ILE A 32 17.11 50.67 29.97
CA ILE A 32 17.56 49.30 30.18
C ILE A 32 16.41 48.33 29.92
N GLY A 33 16.53 47.58 28.84
CA GLY A 33 15.52 46.63 28.46
C GLY A 33 15.96 45.81 27.27
N ASP A 34 16.98 45.00 27.48
CA ASP A 34 17.53 44.14 26.43
C ASP A 34 16.85 42.77 26.47
N SER A 35 17.27 41.94 27.45
CA SER A 35 16.66 40.63 27.76
C SER A 35 16.88 39.56 26.67
N ALA A 36 17.61 38.52 27.03
CA ALA A 36 17.85 37.40 26.13
C ALA A 36 17.39 36.10 26.79
N TYR A 37 16.45 35.43 26.13
CA TYR A 37 16.00 34.12 26.57
C TYR A 37 16.65 33.07 25.67
N ALA A 38 17.61 32.34 26.22
CA ALA A 38 18.39 31.38 25.46
C ALA A 38 17.69 30.03 25.37
N VAL A 39 17.42 29.62 24.13
CA VAL A 39 16.81 28.33 23.83
C VAL A 39 17.70 27.63 22.81
N ASN A 40 17.81 26.29 22.93
CA ASN A 40 18.49 25.48 21.92
C ASN A 40 17.43 24.90 20.97
N PRO A 41 17.25 25.50 19.77
CA PRO A 41 16.25 25.05 18.81
C PRO A 41 16.75 23.89 17.96
N GLU A 42 16.53 22.69 18.47
CA GLU A 42 16.92 21.47 17.80
C GLU A 42 15.75 20.87 17.05
N ALA A 43 16.05 19.99 16.11
CA ALA A 43 15.02 19.23 15.41
C ALA A 43 14.57 18.06 16.27
N GLY A 44 13.33 18.14 16.76
CA GLY A 44 12.78 17.11 17.65
C GLY A 44 12.58 15.79 16.95
N SER A 45 13.49 14.86 17.22
CA SER A 45 13.50 13.58 16.54
C SER A 45 12.78 12.51 17.36
N MET A 46 12.05 11.64 16.67
CA MET A 46 11.38 10.48 17.28
C MET A 46 12.30 9.23 17.16
N ASP A 47 13.60 9.50 17.01
CA ASP A 47 14.63 8.49 16.76
C ASP A 47 14.72 7.50 17.92
N TYR A 48 14.57 6.23 17.59
CA TYR A 48 14.52 5.16 18.59
C TYR A 48 15.92 4.70 18.98
N MET A 49 16.86 4.79 18.02
CA MET A 49 18.23 4.27 18.13
C MET A 49 18.24 2.76 18.44
N PRO A 50 18.21 1.91 17.38
CA PRO A 50 18.20 0.45 17.53
C PRO A 50 19.50 -0.09 18.13
N LEU A 51 19.39 -0.57 19.36
CA LEU A 51 20.51 -1.11 20.08
C LEU A 51 20.53 -2.63 19.93
N MET A 52 21.19 -3.08 18.83
CA MET A 52 21.28 -4.50 18.44
C MET A 52 19.91 -5.09 18.10
N GLU A 53 19.05 -4.24 17.53
CA GLU A 53 17.68 -4.61 17.22
C GLU A 53 17.56 -4.98 15.74
N TYR A 54 16.93 -6.12 15.48
CA TYR A 54 16.85 -6.67 14.13
C TYR A 54 15.66 -6.09 13.36
N LEU A 55 15.89 -5.74 12.11
CA LEU A 55 14.82 -5.25 11.24
C LEU A 55 14.10 -6.43 10.62
N HIS A 56 12.78 -6.42 10.69
CA HIS A 56 11.98 -7.57 10.30
C HIS A 56 11.43 -7.41 8.90
N SER A 57 12.00 -8.20 7.98
CA SER A 57 11.62 -8.19 6.58
C SER A 57 10.20 -8.74 6.41
N SER A 58 9.29 -7.88 5.95
CA SER A 58 7.91 -8.25 5.76
C SER A 58 7.74 -9.03 4.46
N PRO A 59 7.12 -10.23 4.52
CA PRO A 59 6.84 -11.02 3.30
C PRO A 59 5.85 -10.31 2.39
N VAL A 60 6.01 -10.52 1.10
CA VAL A 60 5.20 -9.84 0.12
C VAL A 60 3.92 -10.64 -0.16
N LEU A 61 2.78 -9.94 -0.19
CA LEU A 61 1.50 -10.58 -0.44
C LEU A 61 1.23 -10.73 -1.94
N PRO A 62 0.44 -11.76 -2.34
CA PRO A 62 0.12 -11.98 -3.75
C PRO A 62 -0.85 -10.94 -4.30
N THR A 63 -0.78 -10.74 -5.58
CA THR A 63 -1.67 -9.85 -6.25
C THR A 63 -2.46 -10.65 -7.28
N ALA A 64 -3.77 -10.53 -7.22
CA ALA A 64 -4.62 -11.09 -8.24
C ALA A 64 -4.93 -10.01 -9.24
N ARG A 65 -4.40 -10.18 -10.44
CA ARG A 65 -4.62 -9.26 -11.52
C ARG A 65 -4.92 -10.05 -12.77
N PHE A 66 -5.85 -9.59 -13.58
CA PHE A 66 -6.10 -10.21 -14.88
C PHE A 66 -6.76 -9.22 -15.82
N THR A 67 -6.54 -9.42 -17.10
CA THR A 67 -7.18 -8.62 -18.12
C THR A 67 -8.13 -9.52 -18.91
N SER A 68 -9.15 -8.92 -19.49
CA SER A 68 -10.10 -9.63 -20.32
C SER A 68 -10.03 -9.06 -21.74
N ASP A 69 -10.48 -9.83 -22.73
CA ASP A 69 -10.51 -9.37 -24.12
C ASP A 69 -11.52 -8.25 -24.27
N ILE A 70 -12.76 -8.55 -23.89
CA ILE A 70 -13.80 -7.55 -23.77
C ILE A 70 -14.32 -7.50 -22.34
N THR A 71 -14.50 -6.29 -21.83
CA THR A 71 -15.21 -6.09 -20.58
C THR A 71 -16.69 -5.86 -20.86
N GLU A 72 -16.97 -5.46 -22.11
CA GLU A 72 -18.30 -5.23 -22.58
C GLU A 72 -18.34 -5.52 -24.07
N GLY A 73 -19.39 -6.20 -24.51
CA GLY A 73 -19.54 -6.55 -25.90
C GLY A 73 -20.32 -7.83 -26.03
N PHE A 74 -20.37 -8.38 -27.23
CA PHE A 74 -21.11 -9.61 -27.47
C PHE A 74 -20.28 -10.81 -27.01
N ALA A 75 -20.95 -11.75 -26.31
CA ALA A 75 -20.33 -12.98 -25.80
C ALA A 75 -19.50 -13.74 -26.85
N PRO A 76 -18.16 -13.82 -26.65
CA PRO A 76 -17.27 -14.45 -27.61
C PRO A 76 -17.07 -15.96 -27.40
N LEU A 77 -16.38 -16.60 -28.35
CA LEU A 77 -16.14 -18.05 -28.30
C LEU A 77 -14.88 -18.35 -27.47
N SER A 78 -14.07 -17.32 -27.28
CA SER A 78 -12.89 -17.42 -26.46
C SER A 78 -12.60 -16.08 -25.81
N VAL A 79 -12.84 -16.00 -24.51
CA VAL A 79 -12.47 -14.83 -23.74
C VAL A 79 -10.97 -14.87 -23.48
N ARG A 80 -10.26 -13.90 -24.06
CA ARG A 80 -8.82 -13.83 -23.92
C ARG A 80 -8.45 -13.22 -22.58
N PHE A 81 -8.24 -14.08 -21.60
CA PHE A 81 -7.87 -13.64 -20.27
C PHE A 81 -6.40 -13.91 -20.02
N LYS A 82 -5.69 -12.89 -19.60
CA LYS A 82 -4.30 -13.04 -19.21
C LYS A 82 -4.12 -12.61 -17.77
N ASP A 83 -3.62 -13.54 -16.97
CA ASP A 83 -3.46 -13.28 -15.56
C ASP A 83 -2.09 -12.68 -15.30
N PHE A 84 -2.03 -11.79 -14.35
CA PHE A 84 -0.82 -11.06 -14.01
C PHE A 84 -0.52 -11.23 -12.53
N SER A 85 -0.97 -12.37 -11.99
CA SER A 85 -0.75 -12.72 -10.60
C SER A 85 0.73 -12.80 -10.27
N GLU A 86 1.13 -11.89 -9.41
CA GLU A 86 2.51 -11.73 -9.02
C GLU A 86 2.60 -11.96 -7.52
N ASN A 87 3.75 -12.50 -7.07
CA ASN A 87 4.04 -12.80 -5.65
C ASN A 87 3.10 -13.90 -5.12
N ALA A 88 2.58 -14.70 -6.05
CA ALA A 88 1.58 -15.72 -5.74
C ALA A 88 2.16 -17.10 -5.95
N THR A 89 1.79 -18.02 -5.09
CA THR A 89 2.25 -19.39 -5.21
C THR A 89 1.22 -20.27 -5.91
N SER A 90 -0.05 -20.14 -5.53
CA SER A 90 -1.13 -20.94 -6.11
C SER A 90 -2.29 -20.06 -6.55
N ARG A 91 -3.12 -20.59 -7.46
CA ARG A 91 -4.28 -19.85 -7.98
C ARG A 91 -5.50 -20.77 -8.16
N LEU A 92 -6.68 -20.16 -8.19
CA LEU A 92 -7.94 -20.86 -8.29
C LEU A 92 -8.88 -20.04 -9.17
N TRP A 93 -9.40 -20.64 -10.23
CA TRP A 93 -10.40 -19.97 -11.06
C TRP A 93 -11.79 -20.33 -10.59
N MET A 94 -12.49 -19.35 -10.06
CA MET A 94 -13.87 -19.55 -9.62
C MET A 94 -14.84 -19.06 -10.67
N PHE A 95 -15.33 -20.01 -11.46
CA PHE A 95 -16.33 -19.71 -12.48
C PHE A 95 -17.73 -19.91 -11.90
N GLY A 96 -17.86 -20.88 -10.98
CA GLY A 96 -19.14 -21.15 -10.34
C GLY A 96 -19.87 -22.34 -10.94
N ASP A 97 -19.27 -22.99 -11.94
CA ASP A 97 -19.92 -24.09 -12.64
C ASP A 97 -19.00 -25.30 -12.69
N GLY A 98 -19.50 -26.41 -12.16
CA GLY A 98 -18.74 -27.66 -12.16
C GLY A 98 -17.63 -27.66 -11.13
N ASN A 99 -16.47 -28.13 -11.56
CA ASN A 99 -15.31 -28.19 -10.71
C ASN A 99 -14.47 -26.92 -10.93
N THR A 100 -14.25 -26.18 -9.84
CA THR A 100 -13.48 -24.95 -9.88
C THR A 100 -11.97 -25.22 -9.84
N SER A 101 -11.19 -24.15 -10.05
CA SER A 101 -9.73 -24.16 -10.31
C SER A 101 -9.39 -24.86 -11.65
N ASP A 102 -9.51 -26.18 -11.70
CA ASP A 102 -9.25 -26.92 -12.92
C ASP A 102 -10.58 -27.28 -13.61
N SER A 103 -10.90 -26.50 -14.64
CA SER A 103 -12.09 -26.74 -15.44
C SER A 103 -11.70 -27.32 -16.81
N PRO A 104 -11.96 -28.63 -17.04
CA PRO A 104 -11.58 -29.30 -18.29
C PRO A 104 -12.53 -29.05 -19.46
N SER A 105 -13.71 -28.50 -19.14
CA SER A 105 -14.75 -28.20 -20.11
C SER A 105 -14.52 -26.80 -20.71
N PRO A 106 -15.12 -26.48 -21.89
CA PRO A 106 -15.06 -25.13 -22.48
C PRO A 106 -15.97 -24.12 -21.74
N LEU A 107 -15.61 -23.86 -20.48
CA LEU A 107 -16.35 -22.94 -19.62
C LEU A 107 -15.68 -21.55 -19.63
N HIS A 108 -14.67 -21.42 -20.48
CA HIS A 108 -14.04 -20.13 -20.79
C HIS A 108 -14.77 -19.46 -21.98
N THR A 109 -15.81 -20.15 -22.44
CA THR A 109 -16.62 -19.71 -23.54
C THR A 109 -18.00 -19.32 -23.02
N PHE A 110 -18.45 -18.11 -23.37
CA PHE A 110 -19.80 -17.70 -23.04
C PHE A 110 -20.70 -17.93 -24.24
N PHE A 111 -21.56 -18.93 -24.12
CA PHE A 111 -22.48 -19.31 -25.19
C PHE A 111 -23.75 -18.47 -25.14
N ASN A 112 -24.09 -18.01 -23.94
CA ASN A 112 -25.33 -17.30 -23.70
C ASN A 112 -25.05 -15.82 -23.43
N GLU A 113 -26.07 -15.00 -23.68
CA GLU A 113 -26.01 -13.57 -23.38
C GLU A 113 -26.42 -13.32 -21.93
N GLY A 114 -25.64 -12.51 -21.22
CA GLY A 114 -25.96 -12.20 -19.83
C GLY A 114 -24.82 -11.50 -19.11
N GLU A 115 -24.99 -11.26 -17.83
CA GLU A 115 -23.96 -10.63 -17.02
C GLU A 115 -23.19 -11.70 -16.26
N TYR A 116 -21.90 -11.79 -16.53
CA TYR A 116 -21.07 -12.83 -15.96
C TYR A 116 -19.99 -12.24 -15.08
N ILE A 117 -19.52 -13.04 -14.13
CA ILE A 117 -18.50 -12.58 -13.19
C ILE A 117 -17.32 -13.56 -13.17
N VAL A 118 -16.16 -13.07 -13.61
CA VAL A 118 -14.94 -13.86 -13.58
C VAL A 118 -14.10 -13.45 -12.36
N SER A 119 -13.71 -14.41 -11.54
CA SER A 119 -12.91 -14.13 -10.37
C SER A 119 -11.64 -14.97 -10.35
N LEU A 120 -10.51 -14.28 -10.24
CA LEU A 120 -9.20 -14.89 -10.06
C LEU A 120 -8.80 -14.72 -8.60
N ILE A 121 -8.68 -15.83 -7.89
CA ILE A 121 -8.25 -15.78 -6.51
C ILE A 121 -6.93 -16.51 -6.39
N VAL A 122 -5.93 -15.81 -5.88
CA VAL A 122 -4.63 -16.39 -5.67
C VAL A 122 -4.34 -16.50 -4.18
N SER A 123 -3.58 -17.50 -3.80
CA SER A 123 -3.30 -17.75 -2.42
C SER A 123 -1.81 -17.91 -2.19
N ASN A 124 -1.40 -17.55 -0.99
CA ASN A 124 -0.02 -17.58 -0.55
C ASN A 124 -0.05 -17.68 0.97
N GLU A 125 1.08 -17.91 1.64
CA GLU A 125 1.06 -18.08 3.10
C GLU A 125 1.08 -16.74 3.84
N ASN A 126 1.23 -15.64 3.08
CA ASN A 126 1.16 -14.31 3.66
C ASN A 126 -0.29 -13.83 3.65
N ASP A 127 -0.89 -13.80 2.46
CA ASP A 127 -2.25 -13.31 2.27
C ASP A 127 -2.87 -14.05 1.08
N SER A 128 -4.18 -13.95 0.93
CA SER A 128 -4.86 -14.39 -0.28
C SER A 128 -5.65 -13.23 -0.88
N ASP A 129 -5.47 -13.01 -2.18
CA ASP A 129 -6.03 -11.83 -2.86
C ASP A 129 -6.91 -12.28 -4.01
N SER A 130 -8.01 -11.58 -4.26
CA SER A 130 -8.92 -11.94 -5.33
C SER A 130 -9.39 -10.72 -6.13
N ALA A 131 -9.30 -10.84 -7.44
CA ALA A 131 -9.80 -9.82 -8.36
C ALA A 131 -11.05 -10.33 -9.05
N SER A 132 -11.94 -9.41 -9.41
CA SER A 132 -13.19 -9.76 -10.04
C SER A 132 -13.67 -8.61 -10.92
N VAL A 133 -14.14 -8.94 -12.11
CA VAL A 133 -14.62 -7.92 -13.03
C VAL A 133 -15.95 -8.35 -13.64
N THR A 134 -16.83 -7.38 -13.83
CA THR A 134 -18.13 -7.61 -14.41
C THR A 134 -18.01 -7.68 -15.93
N ILE A 135 -18.29 -8.87 -16.45
CA ILE A 135 -18.30 -9.12 -17.89
C ILE A 135 -19.70 -8.88 -18.41
N ARG A 136 -19.86 -7.90 -19.27
CA ARG A 136 -21.17 -7.61 -19.82
C ARG A 136 -21.25 -8.19 -21.22
N ALA A 137 -21.99 -9.28 -21.34
CA ALA A 137 -22.25 -9.88 -22.63
C ALA A 137 -23.61 -9.39 -23.09
N LEU A 138 -23.61 -8.58 -24.13
CA LEU A 138 -24.80 -7.85 -24.52
C LEU A 138 -25.34 -8.26 -25.87
N GLU A 139 -26.44 -7.62 -26.23
CA GLU A 139 -27.10 -7.82 -27.49
C GLU A 139 -26.50 -6.94 -28.59
N HIS A 140 -26.05 -7.59 -29.65
CA HIS A 140 -25.53 -6.91 -30.83
C HIS A 140 -26.68 -6.38 -31.68
N HIS A 141 -26.71 -5.07 -31.85
CA HIS A 141 -27.70 -4.42 -32.68
C HIS A 141 -27.08 -3.93 -33.98
N HIS A 142 -27.78 -4.17 -35.08
CA HIS A 142 -27.39 -3.62 -36.35
C HIS A 142 -28.27 -2.40 -36.64
N HIS A 143 -27.83 -1.25 -36.16
CA HIS A 143 -28.52 0.01 -36.38
C HIS A 143 -27.56 0.99 -37.03
N HIS A 144 -28.06 1.72 -38.02
CA HIS A 144 -27.26 2.70 -38.73
C HIS A 144 -27.20 4.01 -37.94
N HIS A 145 -25.98 4.49 -37.72
CA HIS A 145 -25.75 5.73 -36.98
C HIS A 145 -25.41 6.86 -37.96
N MET A 1 74.00 -102.07 30.80
CA MET A 1 75.23 -101.24 30.85
C MET A 1 75.06 -100.08 31.84
N ASN A 2 75.97 -100.01 32.81
CA ASN A 2 75.90 -99.01 33.87
C ASN A 2 77.24 -98.31 34.02
N ALA A 3 77.24 -97.01 33.77
CA ALA A 3 78.45 -96.19 33.87
C ALA A 3 78.26 -95.08 34.90
N ARG A 4 78.79 -95.30 36.10
CA ARG A 4 78.74 -94.30 37.16
C ARG A 4 80.10 -93.68 37.40
N ASP A 5 80.14 -92.36 37.38
CA ASP A 5 81.37 -91.62 37.64
C ASP A 5 81.36 -91.07 39.07
N ASN A 6 82.21 -91.64 39.90
CA ASN A 6 82.36 -91.22 41.27
C ASN A 6 83.67 -90.47 41.39
N LYS A 7 83.58 -89.19 41.72
CA LYS A 7 84.75 -88.33 41.81
C LYS A 7 85.40 -88.44 43.19
N PHE A 8 86.54 -89.11 43.22
CA PHE A 8 87.30 -89.28 44.45
C PHE A 8 88.35 -88.18 44.58
N ASN A 9 88.84 -88.01 45.81
CA ASN A 9 89.86 -87.01 46.19
C ASN A 9 89.31 -85.58 46.14
N THR A 10 88.98 -85.07 47.32
CA THR A 10 88.62 -83.67 47.48
C THR A 10 89.64 -83.02 48.42
N TRP A 11 89.82 -81.71 48.28
CA TRP A 11 90.82 -80.99 49.05
C TRP A 11 90.18 -80.37 50.28
N ASN A 12 90.66 -80.79 51.45
CA ASN A 12 90.12 -80.31 52.72
C ASN A 12 90.75 -78.97 53.10
N ASP A 13 89.91 -77.94 53.09
CA ASP A 13 90.29 -76.62 53.54
C ASP A 13 89.18 -76.07 54.42
N SER A 14 89.54 -75.20 55.36
CA SER A 14 88.58 -74.59 56.26
C SER A 14 88.80 -73.09 56.33
N ARG A 15 87.90 -72.35 55.68
CA ARG A 15 87.98 -70.90 55.70
C ARG A 15 87.04 -70.31 56.76
N GLY A 16 87.57 -69.40 57.56
CA GLY A 16 86.82 -68.84 58.66
C GLY A 16 86.47 -67.39 58.43
N ASN A 17 85.17 -67.09 58.44
CA ASN A 17 84.70 -65.74 58.25
C ASN A 17 83.91 -65.27 59.47
N TYR A 18 84.17 -64.03 59.87
CA TYR A 18 83.52 -63.45 61.03
C TYR A 18 83.13 -61.99 60.76
N TRP A 19 82.71 -61.72 59.51
CA TRP A 19 82.31 -60.37 59.08
C TRP A 19 80.94 -60.00 59.65
N SER A 20 80.95 -59.28 60.75
CA SER A 20 79.74 -58.76 61.36
C SER A 20 79.71 -57.25 61.25
N ASP A 21 78.82 -56.74 60.41
CA ASP A 21 78.74 -55.32 60.12
C ASP A 21 77.57 -54.69 60.88
N TYR A 22 77.77 -53.46 61.34
CA TYR A 22 76.81 -52.81 62.25
C TYR A 22 75.72 -52.01 61.53
N GLU A 23 75.63 -52.15 60.21
CA GLU A 23 74.49 -51.63 59.48
C GLU A 23 73.35 -52.65 59.56
N GLY A 24 72.13 -52.14 59.67
CA GLY A 24 70.96 -53.00 59.70
C GLY A 24 70.10 -52.82 58.48
N SER A 25 69.19 -51.86 58.57
CA SER A 25 68.30 -51.52 57.46
C SER A 25 68.07 -50.02 57.43
N ASP A 26 68.48 -49.36 56.35
CA ASP A 26 68.23 -47.94 56.20
C ASP A 26 67.01 -47.73 55.29
N GLU A 27 66.09 -46.91 55.76
CA GLU A 27 64.86 -46.65 55.01
C GLU A 27 65.05 -45.51 54.02
N ASN A 28 64.28 -45.55 52.95
CA ASN A 28 64.36 -44.53 51.92
C ASN A 28 63.09 -43.69 51.92
N GLY A 29 63.24 -42.44 52.35
CA GLY A 29 62.14 -41.51 52.33
C GLY A 29 62.23 -40.57 51.15
N ASP A 30 61.12 -39.94 50.78
CA ASP A 30 61.06 -39.04 49.62
C ASP A 30 61.92 -37.80 49.84
N GLY A 31 62.60 -37.39 48.78
CA GLY A 31 63.57 -36.33 48.88
C GLY A 31 63.30 -35.18 47.94
N ILE A 32 64.26 -34.97 47.01
CA ILE A 32 64.28 -33.82 46.06
C ILE A 32 64.69 -32.51 46.80
N GLY A 33 64.89 -32.62 48.12
CA GLY A 33 65.06 -31.47 48.97
C GLY A 33 63.76 -31.14 49.70
N ASP A 34 62.70 -31.06 48.91
CA ASP A 34 61.34 -30.88 49.40
C ASP A 34 60.37 -31.51 48.41
N SER A 35 59.12 -31.70 48.83
CA SER A 35 58.11 -32.33 48.00
C SER A 35 57.52 -31.32 47.00
N ALA A 36 57.61 -31.64 45.72
CA ALA A 36 57.08 -30.79 44.67
C ALA A 36 55.65 -31.18 44.35
N TYR A 37 54.77 -30.19 44.30
CA TYR A 37 53.37 -30.43 43.99
C TYR A 37 52.98 -29.79 42.66
N ALA A 38 51.78 -30.11 42.19
CA ALA A 38 51.23 -29.49 41.00
C ALA A 38 50.17 -28.47 41.39
N VAL A 39 50.23 -27.30 40.76
CA VAL A 39 49.33 -26.19 41.08
C VAL A 39 48.43 -25.90 39.89
N ASN A 40 47.13 -25.86 40.14
CA ASN A 40 46.15 -25.49 39.14
C ASN A 40 45.80 -24.01 39.28
N PRO A 41 46.18 -23.17 38.30
CA PRO A 41 45.82 -21.75 38.28
C PRO A 41 44.33 -21.53 38.01
N GLU A 42 43.89 -21.85 36.79
CA GLU A 42 42.53 -21.58 36.34
C GLU A 42 41.81 -22.85 35.91
N ALA A 43 40.48 -22.76 35.80
CA ALA A 43 39.64 -23.90 35.42
C ALA A 43 39.59 -24.11 33.91
N GLY A 44 39.36 -23.03 33.17
CA GLY A 44 39.29 -23.13 31.74
C GLY A 44 38.36 -22.09 31.13
N SER A 45 37.09 -22.46 30.97
CA SER A 45 36.10 -21.60 30.35
C SER A 45 35.01 -21.21 31.34
N MET A 46 34.53 -19.96 31.23
CA MET A 46 33.39 -19.49 32.04
C MET A 46 32.07 -19.95 31.43
N ASP A 47 32.11 -20.28 30.12
CA ASP A 47 30.96 -20.75 29.34
C ASP A 47 29.88 -19.68 29.19
N TYR A 48 29.98 -18.93 28.12
CA TYR A 48 29.05 -17.85 27.83
C TYR A 48 28.20 -18.18 26.62
N MET A 49 27.01 -17.60 26.57
CA MET A 49 26.08 -17.84 25.47
C MET A 49 25.93 -16.58 24.63
N PRO A 50 25.75 -16.73 23.28
CA PRO A 50 25.39 -15.63 22.39
C PRO A 50 24.06 -14.97 22.76
N LEU A 51 23.96 -13.68 22.48
CA LEU A 51 22.78 -12.89 22.83
C LEU A 51 21.60 -13.22 21.92
N MET A 52 20.46 -13.54 22.52
CA MET A 52 19.26 -13.91 21.77
C MET A 52 18.44 -12.67 21.42
N GLU A 53 17.97 -12.62 20.18
CA GLU A 53 17.17 -11.49 19.70
C GLU A 53 15.86 -11.96 19.08
N TYR A 54 14.90 -11.05 18.96
CA TYR A 54 13.66 -11.34 18.27
C TYR A 54 13.82 -11.04 16.78
N LEU A 55 13.53 -12.05 15.96
CA LEU A 55 13.77 -11.95 14.53
C LEU A 55 12.54 -11.35 13.84
N HIS A 56 12.81 -10.38 12.98
CA HIS A 56 11.75 -9.72 12.21
C HIS A 56 11.45 -10.53 10.96
N SER A 57 10.44 -11.38 11.03
CA SER A 57 10.01 -12.15 9.89
C SER A 57 8.99 -11.37 9.10
N SER A 58 9.40 -10.88 7.93
CA SER A 58 8.52 -10.09 7.09
C SER A 58 8.15 -10.86 5.81
N PRO A 59 6.98 -11.56 5.81
CA PRO A 59 6.52 -12.33 4.66
C PRO A 59 5.75 -11.49 3.64
N VAL A 60 5.58 -12.02 2.44
CA VAL A 60 4.94 -11.28 1.36
C VAL A 60 3.69 -12.00 0.83
N LEU A 61 2.58 -11.26 0.85
CA LEU A 61 1.27 -11.75 0.40
C LEU A 61 1.13 -11.59 -1.13
N PRO A 62 0.13 -12.23 -1.81
CA PRO A 62 -0.01 -12.16 -3.26
C PRO A 62 -0.73 -10.90 -3.75
N THR A 63 -0.85 -10.78 -5.06
CA THR A 63 -1.57 -9.69 -5.67
C THR A 63 -2.26 -10.26 -6.92
N ALA A 64 -3.52 -9.93 -7.13
CA ALA A 64 -4.24 -10.44 -8.28
C ALA A 64 -4.35 -9.39 -9.38
N ARG A 65 -3.79 -9.71 -10.53
CA ARG A 65 -3.77 -8.83 -11.69
C ARG A 65 -3.99 -9.64 -12.96
N PHE A 66 -4.77 -9.10 -13.90
CA PHE A 66 -5.06 -9.80 -15.15
C PHE A 66 -5.48 -8.83 -16.24
N THR A 67 -5.51 -9.32 -17.47
CA THR A 67 -6.09 -8.58 -18.57
C THR A 67 -7.30 -9.35 -19.11
N SER A 68 -8.38 -8.61 -19.33
CA SER A 68 -9.56 -9.16 -19.98
C SER A 68 -9.62 -8.63 -21.41
N ASP A 69 -10.23 -9.41 -22.31
CA ASP A 69 -10.44 -8.97 -23.68
C ASP A 69 -11.57 -7.97 -23.74
N ILE A 70 -12.69 -8.32 -23.10
CA ILE A 70 -13.86 -7.45 -23.06
C ILE A 70 -14.29 -7.17 -21.63
N THR A 71 -14.96 -6.05 -21.48
CA THR A 71 -15.68 -5.73 -20.26
C THR A 71 -17.18 -5.85 -20.53
N GLU A 72 -17.56 -5.51 -21.77
CA GLU A 72 -18.94 -5.49 -22.21
C GLU A 72 -18.97 -5.69 -23.73
N GLY A 73 -19.98 -6.41 -24.19
CA GLY A 73 -20.17 -6.62 -25.62
C GLY A 73 -21.26 -7.62 -25.86
N PHE A 74 -21.14 -8.41 -26.92
CA PHE A 74 -22.09 -9.50 -27.22
C PHE A 74 -21.72 -10.76 -26.40
N ALA A 75 -21.84 -11.94 -26.99
CA ALA A 75 -21.54 -13.18 -26.29
C ALA A 75 -20.27 -13.75 -26.90
N PRO A 76 -19.11 -13.53 -26.24
CA PRO A 76 -17.79 -13.86 -26.80
C PRO A 76 -17.43 -15.33 -26.64
N LEU A 77 -16.75 -15.88 -27.63
CA LEU A 77 -16.46 -17.30 -27.67
C LEU A 77 -15.13 -17.55 -26.92
N SER A 78 -14.01 -17.43 -27.60
CA SER A 78 -12.72 -17.65 -26.96
C SER A 78 -12.16 -16.31 -26.49
N VAL A 79 -12.37 -16.04 -25.20
CA VAL A 79 -11.98 -14.77 -24.60
C VAL A 79 -10.59 -14.91 -23.99
N ARG A 80 -9.68 -14.00 -24.35
CA ARG A 80 -8.32 -14.05 -23.85
C ARG A 80 -8.20 -13.42 -22.46
N PHE A 81 -7.82 -14.26 -21.50
CA PHE A 81 -7.50 -13.81 -20.17
C PHE A 81 -6.07 -14.22 -19.85
N LYS A 82 -5.25 -13.27 -19.50
CA LYS A 82 -3.87 -13.55 -19.13
C LYS A 82 -3.61 -13.15 -17.70
N ASP A 83 -3.03 -14.08 -16.96
CA ASP A 83 -2.71 -13.87 -15.55
C ASP A 83 -1.41 -13.08 -15.44
N PHE A 84 -1.43 -12.07 -14.58
CA PHE A 84 -0.25 -11.26 -14.29
C PHE A 84 -0.10 -11.13 -12.78
N SER A 85 -0.75 -12.04 -12.06
CA SER A 85 -0.77 -12.06 -10.61
C SER A 85 0.60 -12.40 -10.04
N GLU A 86 1.10 -11.49 -9.21
CA GLU A 86 2.44 -11.59 -8.66
C GLU A 86 2.38 -12.12 -7.24
N ASN A 87 3.48 -12.78 -6.83
CA ASN A 87 3.66 -13.37 -5.48
C ASN A 87 2.63 -14.47 -5.20
N ALA A 88 2.16 -15.13 -6.26
CA ALA A 88 1.11 -16.11 -6.14
C ALA A 88 1.68 -17.52 -6.16
N THR A 89 1.18 -18.35 -5.26
CA THR A 89 1.52 -19.76 -5.22
C THR A 89 0.58 -20.52 -6.14
N SER A 90 -0.72 -20.29 -5.94
CA SER A 90 -1.75 -20.94 -6.75
C SER A 90 -2.71 -19.90 -7.30
N ARG A 91 -3.25 -20.15 -8.48
CA ARG A 91 -4.30 -19.30 -9.03
C ARG A 91 -5.62 -20.07 -9.08
N LEU A 92 -6.69 -19.40 -8.72
CA LEU A 92 -7.97 -20.03 -8.56
C LEU A 92 -8.96 -19.31 -9.47
N TRP A 93 -9.41 -19.99 -10.51
CA TRP A 93 -10.45 -19.45 -11.37
C TRP A 93 -11.79 -19.92 -10.85
N MET A 94 -12.58 -18.98 -10.34
CA MET A 94 -13.91 -19.29 -9.88
C MET A 94 -14.92 -18.48 -10.64
N PHE A 95 -15.75 -19.20 -11.38
CA PHE A 95 -16.86 -18.60 -12.10
C PHE A 95 -18.18 -18.85 -11.37
N GLY A 96 -18.11 -19.68 -10.31
CA GLY A 96 -19.29 -20.02 -9.52
C GLY A 96 -20.02 -21.25 -10.04
N ASP A 97 -19.51 -21.80 -11.13
CA ASP A 97 -20.15 -22.91 -11.82
C ASP A 97 -19.12 -24.01 -12.08
N GLY A 98 -19.27 -25.12 -11.39
CA GLY A 98 -18.33 -26.22 -11.51
C GLY A 98 -17.22 -26.15 -10.47
N ASN A 99 -16.01 -26.45 -10.91
CA ASN A 99 -14.84 -26.47 -10.02
C ASN A 99 -14.15 -25.11 -9.95
N THR A 100 -13.42 -24.91 -8.86
CA THR A 100 -12.51 -23.79 -8.71
C THR A 100 -11.11 -24.22 -9.13
N SER A 101 -10.40 -23.32 -9.86
CA SER A 101 -9.08 -23.57 -10.50
C SER A 101 -9.22 -24.47 -11.75
N ASP A 102 -9.76 -25.67 -11.57
CA ASP A 102 -10.09 -26.60 -12.65
C ASP A 102 -11.47 -26.26 -13.21
N SER A 103 -11.75 -26.65 -14.45
CA SER A 103 -13.09 -26.56 -15.00
C SER A 103 -13.37 -27.76 -15.90
N PRO A 104 -14.24 -28.70 -15.46
CA PRO A 104 -14.65 -29.86 -16.27
C PRO A 104 -15.39 -29.42 -17.54
N SER A 105 -16.29 -28.47 -17.37
CA SER A 105 -16.79 -27.67 -18.48
C SER A 105 -16.07 -26.32 -18.44
N PRO A 106 -15.08 -26.10 -19.33
CA PRO A 106 -14.27 -24.88 -19.35
C PRO A 106 -15.08 -23.63 -19.69
N LEU A 107 -15.19 -22.74 -18.71
CA LEU A 107 -16.01 -21.53 -18.82
C LEU A 107 -15.16 -20.33 -19.23
N HIS A 108 -14.21 -20.60 -20.10
CA HIS A 108 -13.39 -19.56 -20.72
C HIS A 108 -13.97 -19.25 -22.10
N THR A 109 -15.04 -19.98 -22.41
CA THR A 109 -15.82 -19.82 -23.61
C THR A 109 -17.28 -19.64 -23.22
N PHE A 110 -17.86 -18.50 -23.60
CA PHE A 110 -19.26 -18.23 -23.29
C PHE A 110 -20.12 -18.60 -24.48
N PHE A 111 -20.85 -19.70 -24.33
CA PHE A 111 -21.65 -20.29 -25.40
C PHE A 111 -22.96 -19.50 -25.64
N ASN A 112 -23.39 -18.75 -24.62
CA ASN A 112 -24.61 -17.95 -24.70
C ASN A 112 -24.42 -16.59 -24.03
N GLU A 113 -25.46 -15.78 -24.07
CA GLU A 113 -25.45 -14.43 -23.50
C GLU A 113 -25.83 -14.45 -22.01
N GLY A 114 -25.76 -13.30 -21.36
CA GLY A 114 -26.12 -13.20 -19.95
C GLY A 114 -25.20 -12.30 -19.17
N GLU A 115 -24.89 -12.72 -17.95
CA GLU A 115 -24.03 -11.95 -17.05
C GLU A 115 -23.07 -12.88 -16.32
N TYR A 116 -21.79 -12.73 -16.61
CA TYR A 116 -20.77 -13.63 -16.07
C TYR A 116 -19.82 -12.85 -15.19
N ILE A 117 -19.15 -13.55 -14.27
CA ILE A 117 -18.14 -12.93 -13.42
C ILE A 117 -16.82 -13.66 -13.56
N VAL A 118 -15.82 -12.96 -14.05
CA VAL A 118 -14.46 -13.46 -14.08
C VAL A 118 -13.75 -13.03 -12.81
N SER A 119 -13.47 -14.00 -11.95
CA SER A 119 -12.80 -13.72 -10.70
C SER A 119 -11.49 -14.49 -10.63
N LEU A 120 -10.41 -13.73 -10.64
CA LEU A 120 -9.08 -14.27 -10.46
C LEU A 120 -8.64 -14.00 -9.04
N ILE A 121 -8.58 -15.06 -8.25
CA ILE A 121 -8.12 -14.96 -6.89
C ILE A 121 -6.92 -15.85 -6.72
N VAL A 122 -5.85 -15.29 -6.22
CA VAL A 122 -4.62 -16.02 -6.06
C VAL A 122 -4.31 -16.23 -4.59
N SER A 123 -3.67 -17.34 -4.31
CA SER A 123 -3.48 -17.78 -2.96
C SER A 123 -1.99 -17.92 -2.69
N ASN A 124 -1.63 -17.78 -1.43
CA ASN A 124 -0.25 -17.88 -0.98
C ASN A 124 -0.26 -18.52 0.41
N GLU A 125 0.92 -18.80 0.98
CA GLU A 125 1.04 -19.37 2.32
C GLU A 125 0.71 -18.34 3.42
N ASN A 126 0.62 -17.07 3.02
CA ASN A 126 0.36 -15.97 3.94
C ASN A 126 -1.09 -15.52 3.89
N ASP A 127 -1.54 -15.16 2.68
CA ASP A 127 -2.85 -14.55 2.50
C ASP A 127 -3.34 -14.82 1.08
N SER A 128 -4.55 -14.38 0.76
CA SER A 128 -5.07 -14.48 -0.60
C SER A 128 -5.56 -13.11 -1.07
N ASP A 129 -5.48 -12.85 -2.37
CA ASP A 129 -5.91 -11.56 -2.94
C ASP A 129 -6.69 -11.81 -4.22
N SER A 130 -7.78 -11.07 -4.42
CA SER A 130 -8.63 -11.27 -5.59
C SER A 130 -8.89 -9.96 -6.34
N ALA A 131 -9.01 -10.10 -7.66
CA ALA A 131 -9.45 -9.03 -8.55
C ALA A 131 -10.51 -9.59 -9.48
N SER A 132 -11.58 -8.84 -9.69
CA SER A 132 -12.72 -9.35 -10.44
C SER A 132 -13.26 -8.29 -11.40
N VAL A 133 -13.91 -8.76 -12.47
CA VAL A 133 -14.56 -7.87 -13.41
C VAL A 133 -15.93 -8.44 -13.82
N THR A 134 -16.93 -7.58 -13.88
CA THR A 134 -18.26 -7.96 -14.32
C THR A 134 -18.32 -8.01 -15.85
N ILE A 135 -18.70 -9.18 -16.36
CA ILE A 135 -18.78 -9.43 -17.79
C ILE A 135 -20.23 -9.31 -18.23
N ARG A 136 -20.47 -8.51 -19.26
CA ARG A 136 -21.81 -8.38 -19.82
C ARG A 136 -21.86 -8.96 -21.21
N ALA A 137 -22.72 -9.94 -21.39
CA ALA A 137 -22.96 -10.53 -22.68
C ALA A 137 -24.36 -10.15 -23.16
N LEU A 138 -24.42 -9.30 -24.16
CA LEU A 138 -25.67 -8.76 -24.65
C LEU A 138 -26.28 -9.67 -25.71
N GLU A 139 -27.60 -9.77 -25.67
CA GLU A 139 -28.35 -10.72 -26.49
C GLU A 139 -28.33 -10.38 -27.97
N HIS A 140 -28.20 -11.42 -28.79
CA HIS A 140 -28.45 -11.30 -30.21
C HIS A 140 -29.85 -11.82 -30.49
N HIS A 141 -30.76 -10.88 -30.73
CA HIS A 141 -32.16 -11.20 -30.89
C HIS A 141 -32.53 -11.21 -32.37
N HIS A 142 -32.98 -12.37 -32.82
CA HIS A 142 -33.53 -12.49 -34.15
C HIS A 142 -35.04 -12.19 -34.12
N HIS A 143 -35.43 -11.20 -34.90
CA HIS A 143 -36.84 -10.95 -35.14
C HIS A 143 -37.18 -11.59 -36.49
N HIS A 144 -38.27 -12.37 -36.52
CA HIS A 144 -38.63 -13.13 -37.71
C HIS A 144 -39.36 -12.25 -38.74
N HIS A 145 -39.56 -12.79 -39.94
CA HIS A 145 -40.26 -12.09 -41.01
C HIS A 145 -41.77 -12.29 -40.83
N MET A 1 1.91 31.06 -97.50
CA MET A 1 1.21 29.83 -97.03
C MET A 1 -0.18 30.19 -96.55
N ASN A 2 -1.17 29.39 -96.93
CA ASN A 2 -2.52 29.57 -96.41
C ASN A 2 -2.69 28.70 -95.17
N ALA A 3 -2.39 29.30 -94.03
CA ALA A 3 -2.48 28.63 -92.74
C ALA A 3 -3.66 29.20 -91.96
N ARG A 4 -4.67 28.36 -91.79
CA ARG A 4 -5.93 28.78 -91.18
C ARG A 4 -6.63 27.58 -90.57
N ASP A 5 -7.20 27.78 -89.37
CA ASP A 5 -8.01 26.74 -88.73
C ASP A 5 -9.45 26.83 -89.23
N ASN A 6 -10.20 25.75 -89.03
CA ASN A 6 -11.54 25.65 -89.59
C ASN A 6 -12.59 25.47 -88.49
N LYS A 7 -13.68 26.25 -88.63
CA LYS A 7 -14.91 26.17 -87.78
C LYS A 7 -14.72 26.77 -86.39
N PHE A 8 -15.52 27.80 -86.11
CA PHE A 8 -15.48 28.50 -84.83
C PHE A 8 -16.53 27.95 -83.87
N ASN A 9 -16.09 27.63 -82.66
CA ASN A 9 -16.97 27.10 -81.62
C ASN A 9 -17.68 28.24 -80.89
N THR A 10 -18.98 28.31 -81.06
CA THR A 10 -19.77 29.45 -80.61
C THR A 10 -20.59 29.13 -79.36
N TRP A 11 -20.54 30.04 -78.38
CA TRP A 11 -21.32 29.91 -77.14
C TRP A 11 -22.79 30.14 -77.42
N ASN A 12 -23.63 29.24 -76.94
CA ASN A 12 -25.05 29.26 -77.28
C ASN A 12 -25.93 29.59 -76.07
N ASP A 13 -26.03 28.67 -75.10
CA ASP A 13 -27.02 28.80 -74.03
C ASP A 13 -26.36 28.83 -72.66
N SER A 14 -26.62 29.90 -71.90
CA SER A 14 -26.13 30.04 -70.54
C SER A 14 -27.27 30.43 -69.59
N ARG A 15 -27.53 29.58 -68.58
CA ARG A 15 -28.60 29.83 -67.59
C ARG A 15 -28.06 29.58 -66.18
N GLY A 16 -28.51 30.37 -65.22
CA GLY A 16 -28.07 30.18 -63.84
C GLY A 16 -28.62 31.22 -62.88
N ASN A 17 -29.83 30.97 -62.35
CA ASN A 17 -30.41 31.83 -61.33
C ASN A 17 -30.59 31.06 -60.03
N TYR A 18 -29.77 31.43 -59.04
CA TYR A 18 -29.72 30.71 -57.77
C TYR A 18 -30.13 31.64 -56.64
N TRP A 19 -30.52 31.07 -55.52
CA TRP A 19 -31.12 31.85 -54.44
C TRP A 19 -30.37 31.63 -53.13
N SER A 20 -29.59 32.62 -52.75
CA SER A 20 -28.79 32.54 -51.53
C SER A 20 -29.48 33.29 -50.40
N ASP A 21 -29.98 32.54 -49.43
CA ASP A 21 -30.67 33.08 -48.27
C ASP A 21 -29.69 33.36 -47.13
N TYR A 22 -30.13 34.15 -46.15
CA TYR A 22 -29.28 34.52 -45.02
C TYR A 22 -30.04 34.41 -43.70
N GLU A 23 -29.32 34.02 -42.67
CA GLU A 23 -29.78 34.13 -41.28
C GLU A 23 -28.61 34.58 -40.42
N GLY A 24 -28.68 35.84 -39.97
CA GLY A 24 -27.60 36.43 -39.23
C GLY A 24 -27.71 36.19 -37.73
N SER A 25 -27.42 34.97 -37.34
CA SER A 25 -27.46 34.57 -35.95
C SER A 25 -26.10 34.81 -35.31
N ASP A 26 -25.99 35.93 -34.59
CA ASP A 26 -24.70 36.39 -34.08
C ASP A 26 -24.86 37.02 -32.70
N GLU A 27 -24.15 36.47 -31.73
CA GLU A 27 -24.12 37.02 -30.38
C GLU A 27 -22.70 37.00 -29.84
N ASN A 28 -22.41 37.93 -28.93
CA ASN A 28 -21.11 37.99 -28.28
C ASN A 28 -21.24 37.52 -26.84
N GLY A 29 -20.59 36.40 -26.54
CA GLY A 29 -20.68 35.81 -25.21
C GLY A 29 -19.57 36.30 -24.29
N ASP A 30 -19.95 36.64 -23.07
CA ASP A 30 -19.01 37.08 -22.05
C ASP A 30 -18.43 35.88 -21.28
N GLY A 31 -17.39 36.13 -20.50
CA GLY A 31 -16.75 35.08 -19.73
C GLY A 31 -16.57 35.47 -18.29
N ILE A 32 -15.48 34.96 -17.70
CA ILE A 32 -15.16 35.23 -16.30
C ILE A 32 -13.85 36.04 -16.25
N GLY A 33 -13.59 36.69 -15.11
CA GLY A 33 -12.30 37.32 -14.88
C GLY A 33 -11.19 36.30 -14.65
N ASP A 34 -9.94 36.74 -14.73
CA ASP A 34 -8.80 35.83 -14.66
C ASP A 34 -8.60 35.28 -13.24
N SER A 35 -8.69 36.15 -12.24
CA SER A 35 -8.57 35.73 -10.85
C SER A 35 -9.66 36.36 -9.97
N ALA A 36 -10.43 35.50 -9.31
CA ALA A 36 -11.45 35.92 -8.35
C ALA A 36 -11.08 35.40 -6.97
N TYR A 37 -11.15 36.29 -5.98
CA TYR A 37 -10.75 35.94 -4.61
C TYR A 37 -11.96 35.45 -3.82
N ALA A 38 -11.78 34.34 -3.10
CA ALA A 38 -12.83 33.77 -2.27
C ALA A 38 -12.55 34.04 -0.78
N VAL A 39 -13.62 34.08 0.01
CA VAL A 39 -13.51 34.25 1.46
C VAL A 39 -13.00 32.97 2.13
N ASN A 40 -13.56 31.83 1.68
CA ASN A 40 -13.34 30.49 2.26
C ASN A 40 -14.10 30.34 3.59
N PRO A 41 -14.96 29.30 3.71
CA PRO A 41 -15.83 29.08 4.89
C PRO A 41 -15.05 28.81 6.20
N GLU A 42 -13.90 28.16 6.05
CA GLU A 42 -13.01 27.92 7.17
C GLU A 42 -11.56 28.21 6.77
N ALA A 43 -10.71 28.43 7.78
CA ALA A 43 -9.31 28.70 7.56
C ALA A 43 -8.56 27.43 7.16
N GLY A 44 -7.56 27.61 6.30
CA GLY A 44 -6.70 26.50 5.91
C GLY A 44 -5.64 26.22 6.95
N SER A 45 -5.93 25.24 7.80
CA SER A 45 -5.02 24.85 8.87
C SER A 45 -3.86 24.03 8.32
N MET A 46 -2.66 24.28 8.86
CA MET A 46 -1.44 23.69 8.35
C MET A 46 -1.34 22.18 8.62
N ASP A 47 -1.35 21.42 7.52
CA ASP A 47 -1.34 19.96 7.56
C ASP A 47 0.05 19.43 7.92
N TYR A 48 0.12 18.68 9.01
CA TYR A 48 1.37 18.07 9.44
C TYR A 48 1.11 16.78 10.21
N MET A 49 1.67 15.68 9.74
CA MET A 49 1.61 14.43 10.46
C MET A 49 3.04 13.99 10.81
N PRO A 50 3.26 13.37 12.00
CA PRO A 50 4.58 12.84 12.38
C PRO A 50 4.93 11.56 11.62
N LEU A 51 6.23 11.29 11.47
CA LEU A 51 6.70 10.14 10.68
C LEU A 51 7.48 9.16 11.56
N MET A 52 6.81 8.07 11.95
CA MET A 52 7.45 6.99 12.70
C MET A 52 7.27 5.68 11.96
N GLU A 53 8.37 4.96 11.80
CA GLU A 53 8.38 3.71 11.03
C GLU A 53 8.89 2.54 11.86
N TYR A 54 8.19 1.41 11.77
CA TYR A 54 8.62 0.18 12.43
C TYR A 54 9.16 -0.77 11.39
N LEU A 55 10.40 -1.22 11.56
CA LEU A 55 11.05 -2.05 10.56
C LEU A 55 11.11 -3.52 10.98
N HIS A 56 10.58 -4.36 10.10
CA HIS A 56 10.65 -5.80 10.22
C HIS A 56 10.79 -6.38 8.82
N SER A 57 11.43 -7.53 8.69
CA SER A 57 11.50 -8.23 7.41
C SER A 57 10.17 -8.96 7.18
N SER A 58 9.33 -8.37 6.33
CA SER A 58 7.98 -8.86 6.12
C SER A 58 7.83 -9.51 4.75
N PRO A 59 7.26 -10.74 4.70
CA PRO A 59 7.07 -11.46 3.45
C PRO A 59 5.90 -10.89 2.63
N VAL A 60 6.03 -10.95 1.31
CA VAL A 60 5.11 -10.26 0.42
C VAL A 60 3.84 -11.09 0.12
N LEU A 61 2.69 -10.44 0.29
CA LEU A 61 1.39 -11.05 0.05
C LEU A 61 1.00 -10.91 -1.44
N PRO A 62 0.09 -11.79 -1.98
CA PRO A 62 -0.22 -11.80 -3.43
C PRO A 62 -1.11 -10.65 -3.87
N THR A 63 -1.35 -10.59 -5.17
CA THR A 63 -2.22 -9.60 -5.73
C THR A 63 -2.96 -10.21 -6.93
N ALA A 64 -4.28 -10.13 -6.86
CA ALA A 64 -5.13 -10.67 -7.91
C ALA A 64 -5.31 -9.65 -9.00
N ARG A 65 -4.60 -9.87 -10.09
CA ARG A 65 -4.63 -8.99 -11.23
C ARG A 65 -4.89 -9.84 -12.45
N PHE A 66 -5.85 -9.43 -13.26
CA PHE A 66 -6.19 -10.16 -14.46
C PHE A 66 -6.92 -9.25 -15.43
N THR A 67 -6.85 -9.61 -16.69
CA THR A 67 -7.60 -8.93 -17.72
C THR A 67 -8.24 -9.97 -18.63
N SER A 68 -9.50 -9.78 -18.93
CA SER A 68 -10.19 -10.61 -19.88
C SER A 68 -9.93 -10.07 -21.28
N ASP A 69 -10.22 -10.86 -22.31
CA ASP A 69 -10.00 -10.43 -23.69
C ASP A 69 -10.97 -9.32 -24.05
N ILE A 70 -12.27 -9.57 -23.85
CA ILE A 70 -13.25 -8.49 -23.85
C ILE A 70 -13.71 -8.23 -22.42
N THR A 71 -13.77 -6.96 -22.06
CA THR A 71 -14.28 -6.54 -20.76
C THR A 71 -15.77 -6.26 -20.88
N GLU A 72 -16.16 -5.81 -22.06
CA GLU A 72 -17.50 -5.41 -22.38
C GLU A 72 -17.68 -5.53 -23.89
N GLY A 73 -18.84 -5.98 -24.31
CA GLY A 73 -19.10 -6.18 -25.71
C GLY A 73 -20.02 -7.35 -25.89
N PHE A 74 -19.95 -8.00 -27.03
CA PHE A 74 -20.78 -9.17 -27.28
C PHE A 74 -20.05 -10.45 -26.90
N ALA A 75 -20.82 -11.46 -26.51
CA ALA A 75 -20.30 -12.81 -26.28
C ALA A 75 -20.22 -13.61 -27.59
N PRO A 76 -19.02 -13.79 -28.17
CA PRO A 76 -18.84 -14.49 -29.44
C PRO A 76 -18.55 -16.00 -29.32
N LEU A 77 -17.96 -16.39 -28.18
CA LEU A 77 -17.25 -17.67 -28.00
C LEU A 77 -16.48 -17.67 -26.68
N SER A 78 -15.61 -18.67 -26.51
CA SER A 78 -14.74 -18.82 -25.33
C SER A 78 -13.79 -17.64 -25.17
N VAL A 79 -13.87 -16.99 -24.01
CA VAL A 79 -13.08 -15.80 -23.73
C VAL A 79 -11.68 -16.18 -23.22
N ARG A 80 -10.67 -15.68 -23.94
CA ARG A 80 -9.27 -15.94 -23.64
C ARG A 80 -8.81 -15.06 -22.48
N PHE A 81 -8.58 -15.69 -21.35
CA PHE A 81 -8.21 -15.00 -20.11
C PHE A 81 -6.71 -14.84 -20.00
N LYS A 82 -6.29 -13.72 -19.41
CA LYS A 82 -4.88 -13.40 -19.24
C LYS A 82 -4.66 -12.81 -17.84
N ASP A 83 -3.92 -13.52 -16.99
CA ASP A 83 -3.71 -13.06 -15.62
C ASP A 83 -2.38 -12.34 -15.50
N PHE A 84 -2.38 -11.31 -14.66
CA PHE A 84 -1.20 -10.51 -14.35
C PHE A 84 -0.85 -10.64 -12.87
N SER A 85 -1.32 -11.76 -12.28
CA SER A 85 -1.17 -12.06 -10.84
C SER A 85 0.29 -12.05 -10.40
N GLU A 86 0.55 -11.28 -9.36
CA GLU A 86 1.91 -11.04 -8.91
C GLU A 86 2.01 -11.43 -7.43
N ASN A 87 3.23 -11.81 -7.02
CA ASN A 87 3.58 -12.13 -5.61
C ASN A 87 2.80 -13.34 -5.09
N ALA A 88 2.48 -14.26 -5.99
CA ALA A 88 1.62 -15.39 -5.68
C ALA A 88 2.28 -16.70 -6.03
N THR A 89 1.95 -17.74 -5.28
CA THR A 89 2.47 -19.07 -5.55
C THR A 89 1.38 -20.00 -6.09
N SER A 90 0.11 -19.63 -5.87
CA SER A 90 -1.02 -20.43 -6.31
C SER A 90 -2.08 -19.53 -6.94
N ARG A 91 -2.84 -20.08 -7.90
CA ARG A 91 -4.00 -19.36 -8.46
C ARG A 91 -5.20 -20.30 -8.59
N LEU A 92 -6.38 -19.72 -8.44
CA LEU A 92 -7.64 -20.41 -8.56
C LEU A 92 -8.57 -19.58 -9.43
N TRP A 93 -8.91 -20.13 -10.59
CA TRP A 93 -9.81 -19.46 -11.51
C TRP A 93 -11.24 -19.88 -11.25
N MET A 94 -12.03 -18.93 -10.82
CA MET A 94 -13.41 -19.17 -10.50
C MET A 94 -14.32 -18.60 -11.58
N PHE A 95 -14.81 -19.51 -12.42
CA PHE A 95 -15.80 -19.17 -13.43
C PHE A 95 -17.20 -19.13 -12.77
N GLY A 96 -17.34 -19.91 -11.69
CA GLY A 96 -18.59 -19.98 -10.95
C GLY A 96 -19.41 -21.19 -11.36
N ASP A 97 -18.83 -22.04 -12.21
CA ASP A 97 -19.53 -23.18 -12.75
C ASP A 97 -18.70 -24.45 -12.58
N GLY A 98 -19.32 -25.50 -12.03
CA GLY A 98 -18.69 -26.82 -11.94
C GLY A 98 -17.48 -26.87 -11.03
N ASN A 99 -16.53 -27.74 -11.38
CA ASN A 99 -15.26 -27.80 -10.68
C ASN A 99 -14.28 -26.85 -11.36
N THR A 100 -13.82 -25.87 -10.60
CA THR A 100 -13.00 -24.78 -11.12
C THR A 100 -11.50 -25.15 -11.25
N SER A 101 -10.66 -24.11 -11.44
CA SER A 101 -9.23 -24.22 -11.80
C SER A 101 -9.05 -24.70 -13.25
N ASP A 102 -9.30 -25.98 -13.47
CA ASP A 102 -9.14 -26.58 -14.78
C ASP A 102 -10.30 -27.52 -15.05
N SER A 103 -10.92 -27.34 -16.20
CA SER A 103 -12.02 -28.19 -16.63
C SER A 103 -11.58 -29.00 -17.87
N PRO A 104 -12.07 -30.26 -18.05
CA PRO A 104 -11.78 -31.09 -19.25
C PRO A 104 -12.20 -30.40 -20.55
N SER A 105 -13.45 -29.93 -20.60
CA SER A 105 -13.91 -29.09 -21.68
C SER A 105 -13.60 -27.62 -21.31
N PRO A 106 -13.15 -26.78 -22.29
CA PRO A 106 -12.80 -25.37 -22.03
C PRO A 106 -13.98 -24.54 -21.52
N LEU A 107 -14.04 -24.35 -20.21
CA LEU A 107 -15.19 -23.75 -19.54
C LEU A 107 -14.96 -22.26 -19.29
N HIS A 108 -14.76 -21.54 -20.38
CA HIS A 108 -14.57 -20.09 -20.36
C HIS A 108 -15.42 -19.49 -21.47
N THR A 109 -16.27 -20.35 -22.02
CA THR A 109 -17.09 -20.02 -23.17
C THR A 109 -18.29 -19.19 -22.76
N PHE A 110 -18.37 -18.00 -23.33
CA PHE A 110 -19.55 -17.18 -23.20
C PHE A 110 -20.49 -17.52 -24.36
N PHE A 111 -21.26 -18.59 -24.15
CA PHE A 111 -22.16 -19.10 -25.18
C PHE A 111 -23.51 -18.41 -25.09
N ASN A 112 -23.83 -17.95 -23.89
CA ASN A 112 -25.04 -17.17 -23.67
C ASN A 112 -24.69 -15.72 -23.49
N GLU A 113 -25.64 -14.89 -23.83
CA GLU A 113 -25.55 -13.46 -23.60
C GLU A 113 -25.97 -13.16 -22.15
N GLY A 114 -25.41 -12.13 -21.55
CA GLY A 114 -25.79 -11.79 -20.19
C GLY A 114 -24.65 -11.22 -19.38
N GLU A 115 -24.43 -11.79 -18.20
CA GLU A 115 -23.50 -11.24 -17.23
C GLU A 115 -22.69 -12.36 -16.60
N TYR A 116 -21.36 -12.26 -16.73
CA TYR A 116 -20.45 -13.24 -16.17
C TYR A 116 -19.43 -12.55 -15.28
N ILE A 117 -19.42 -12.87 -14.00
CA ILE A 117 -18.40 -12.33 -13.11
C ILE A 117 -17.25 -13.33 -13.01
N VAL A 118 -16.12 -12.94 -13.58
CA VAL A 118 -14.92 -13.75 -13.54
C VAL A 118 -14.15 -13.42 -12.27
N SER A 119 -13.85 -14.45 -11.47
CA SER A 119 -13.13 -14.27 -10.24
C SER A 119 -11.76 -14.93 -10.34
N LEU A 120 -10.75 -14.22 -9.89
CA LEU A 120 -9.41 -14.76 -9.77
C LEU A 120 -8.95 -14.53 -8.34
N ILE A 121 -8.60 -15.62 -7.68
CA ILE A 121 -8.03 -15.55 -6.35
C ILE A 121 -6.69 -16.24 -6.36
N VAL A 122 -5.68 -15.49 -5.94
CA VAL A 122 -4.34 -16.02 -5.80
C VAL A 122 -3.94 -16.04 -4.34
N SER A 123 -2.98 -16.87 -4.00
CA SER A 123 -2.59 -17.04 -2.63
C SER A 123 -1.10 -17.25 -2.49
N ASN A 124 -0.61 -16.94 -1.31
CA ASN A 124 0.76 -17.18 -0.91
C ASN A 124 0.69 -17.98 0.40
N GLU A 125 1.80 -18.13 1.11
CA GLU A 125 1.79 -18.74 2.45
C GLU A 125 1.34 -17.72 3.51
N ASN A 126 1.22 -16.47 3.09
CA ASN A 126 0.89 -15.36 3.99
C ASN A 126 -0.59 -15.04 3.94
N ASP A 127 -1.07 -14.73 2.74
CA ASP A 127 -2.39 -14.14 2.55
C ASP A 127 -2.99 -14.64 1.24
N SER A 128 -4.30 -14.50 1.09
CA SER A 128 -4.98 -14.74 -0.19
C SER A 128 -5.66 -13.46 -0.64
N ASP A 129 -5.45 -13.09 -1.88
CA ASP A 129 -6.02 -11.88 -2.44
C ASP A 129 -6.89 -12.23 -3.64
N SER A 130 -8.13 -11.75 -3.64
CA SER A 130 -9.06 -12.02 -4.73
C SER A 130 -9.57 -10.73 -5.36
N ALA A 131 -9.89 -10.82 -6.64
CA ALA A 131 -10.52 -9.73 -7.38
C ALA A 131 -11.47 -10.31 -8.39
N SER A 132 -12.52 -9.56 -8.65
CA SER A 132 -13.57 -9.99 -9.54
C SER A 132 -14.00 -8.84 -10.44
N VAL A 133 -14.44 -9.17 -11.64
CA VAL A 133 -14.89 -8.16 -12.57
C VAL A 133 -16.14 -8.65 -13.30
N THR A 134 -17.15 -7.78 -13.33
CA THR A 134 -18.40 -8.06 -14.01
C THR A 134 -18.24 -7.80 -15.51
N ILE A 135 -18.22 -8.88 -16.28
CA ILE A 135 -18.08 -8.81 -17.73
C ILE A 135 -19.45 -8.71 -18.36
N ARG A 136 -19.60 -7.77 -19.28
CA ARG A 136 -20.89 -7.52 -19.89
C ARG A 136 -20.93 -8.12 -21.28
N ALA A 137 -21.86 -9.03 -21.49
CA ALA A 137 -22.09 -9.62 -22.79
C ALA A 137 -23.45 -9.16 -23.28
N LEU A 138 -23.46 -8.33 -24.31
CA LEU A 138 -24.67 -7.66 -24.76
C LEU A 138 -24.94 -7.88 -26.23
N GLU A 139 -26.06 -7.34 -26.70
CA GLU A 139 -26.43 -7.46 -28.09
C GLU A 139 -25.85 -6.31 -28.91
N HIS A 140 -25.06 -6.69 -29.92
CA HIS A 140 -24.43 -5.71 -30.81
C HIS A 140 -25.25 -5.55 -32.09
N HIS A 141 -25.45 -4.32 -32.51
CA HIS A 141 -26.19 -4.03 -33.72
C HIS A 141 -25.50 -2.95 -34.55
N HIS A 142 -24.58 -3.40 -35.40
CA HIS A 142 -23.85 -2.52 -36.31
C HIS A 142 -23.74 -3.17 -37.69
N HIS A 143 -24.46 -2.62 -38.67
CA HIS A 143 -24.25 -2.98 -40.08
C HIS A 143 -24.38 -1.73 -40.94
N HIS A 144 -23.33 -1.41 -41.70
CA HIS A 144 -23.33 -0.25 -42.58
C HIS A 144 -22.74 -0.61 -43.95
N HIS A 145 -21.41 -0.70 -44.01
CA HIS A 145 -20.69 -1.04 -45.23
C HIS A 145 -19.32 -1.63 -44.87
N MET A 1 61.64 64.94 144.73
CA MET A 1 60.73 64.88 143.56
C MET A 1 60.15 63.48 143.43
N ASN A 2 58.83 63.38 143.51
CA ASN A 2 58.15 62.10 143.35
C ASN A 2 57.35 62.11 142.04
N ALA A 3 58.06 61.98 140.94
CA ALA A 3 57.45 62.05 139.62
C ALA A 3 57.67 60.76 138.84
N ARG A 4 56.97 60.65 137.72
CA ARG A 4 57.06 59.47 136.86
C ARG A 4 57.06 59.88 135.39
N ASP A 5 57.88 59.21 134.61
CA ASP A 5 57.86 59.38 133.17
C ASP A 5 57.01 58.28 132.56
N ASN A 6 55.99 58.69 131.82
CA ASN A 6 54.98 57.77 131.30
C ASN A 6 55.40 57.23 129.94
N LYS A 7 55.64 55.93 129.89
CA LYS A 7 55.89 55.21 128.63
C LYS A 7 54.70 54.30 128.32
N PHE A 8 54.61 53.84 127.08
CA PHE A 8 53.55 52.93 126.67
C PHE A 8 54.06 51.88 125.68
N ASN A 9 53.24 50.87 125.45
CA ASN A 9 53.51 49.85 124.44
C ASN A 9 52.42 49.87 123.39
N THR A 10 52.81 49.73 122.13
CA THR A 10 51.87 49.73 121.03
C THR A 10 52.19 48.61 120.04
N TRP A 11 51.16 48.09 119.38
CA TRP A 11 51.32 47.02 118.41
C TRP A 11 50.27 47.14 117.32
N ASN A 12 50.66 46.77 116.11
CA ASN A 12 49.77 46.79 114.95
C ASN A 12 49.57 45.37 114.42
N ASP A 13 48.54 45.19 113.62
CA ASP A 13 48.26 43.91 112.99
C ASP A 13 48.80 43.86 111.57
N SER A 14 48.77 42.68 110.96
CA SER A 14 49.21 42.49 109.59
C SER A 14 48.07 41.98 108.73
N ARG A 15 47.57 42.83 107.85
CA ARG A 15 46.48 42.49 106.96
C ARG A 15 46.78 43.06 105.57
N GLY A 16 46.60 42.24 104.55
CA GLY A 16 46.85 42.68 103.19
C GLY A 16 45.67 42.36 102.29
N ASN A 17 45.21 43.35 101.54
CA ASN A 17 44.12 43.14 100.59
C ASN A 17 44.56 43.58 99.19
N TYR A 18 44.21 42.77 98.21
CA TYR A 18 44.57 43.01 96.81
C TYR A 18 43.50 42.46 95.88
N TRP A 19 43.71 42.59 94.58
CA TRP A 19 42.85 42.00 93.57
C TRP A 19 43.69 41.49 92.41
N SER A 20 43.07 40.73 91.51
CA SER A 20 43.72 40.24 90.29
C SER A 20 42.78 40.34 89.10
N ASP A 21 43.01 41.35 88.26
CA ASP A 21 42.16 41.61 87.11
C ASP A 21 42.99 42.13 85.94
N TYR A 22 42.69 41.65 84.74
CA TYR A 22 43.40 42.06 83.54
C TYR A 22 42.41 42.42 82.43
N GLU A 23 42.29 43.71 82.14
CA GLU A 23 41.35 44.21 81.14
C GLU A 23 41.96 44.17 79.75
N GLY A 24 41.37 43.35 78.89
CA GLY A 24 41.77 43.29 77.50
C GLY A 24 40.63 43.68 76.59
N SER A 25 40.71 44.87 76.02
CA SER A 25 39.65 45.38 75.16
C SER A 25 39.83 44.88 73.73
N ASP A 26 38.77 44.25 73.21
CA ASP A 26 38.77 43.72 71.85
C ASP A 26 38.52 44.85 70.85
N GLU A 27 39.35 44.91 69.82
CA GLU A 27 39.25 45.92 68.78
C GLU A 27 38.18 45.51 67.77
N ASN A 28 37.11 46.28 67.71
CA ASN A 28 35.97 45.95 66.86
C ASN A 28 36.14 46.50 65.45
N GLY A 29 36.55 45.63 64.54
CA GLY A 29 36.64 46.00 63.15
C GLY A 29 35.37 45.65 62.40
N ASP A 30 34.79 46.62 61.73
CA ASP A 30 33.51 46.43 61.05
C ASP A 30 33.69 46.41 59.53
N GLY A 31 33.05 45.44 58.89
CA GLY A 31 33.07 45.36 57.44
C GLY A 31 31.68 45.47 56.85
N ILE A 32 31.61 45.65 55.54
CA ILE A 32 30.34 45.74 54.84
C ILE A 32 30.40 44.94 53.53
N GLY A 33 29.34 44.18 53.27
CA GLY A 33 29.22 43.47 52.01
C GLY A 33 28.30 44.19 51.05
N ASP A 34 28.83 45.22 50.40
CA ASP A 34 28.07 46.06 49.46
C ASP A 34 27.78 45.28 48.18
N SER A 35 26.54 45.39 47.71
CA SER A 35 26.07 44.59 46.59
C SER A 35 26.14 45.37 45.28
N ALA A 36 26.52 44.67 44.23
CA ALA A 36 26.50 45.19 42.88
C ALA A 36 25.69 44.26 41.99
N TYR A 37 24.95 44.82 41.04
CA TYR A 37 24.09 43.99 40.18
C TYR A 37 24.92 43.36 39.06
N ALA A 38 24.66 42.10 38.81
CA ALA A 38 25.42 41.34 37.82
C ALA A 38 24.47 40.58 36.90
N VAL A 39 24.85 40.48 35.62
CA VAL A 39 24.04 39.77 34.63
C VAL A 39 24.26 38.25 34.76
N ASN A 40 23.16 37.49 34.69
CA ASN A 40 23.21 36.04 34.81
C ASN A 40 22.97 35.36 33.45
N PRO A 41 24.04 34.77 32.85
CA PRO A 41 23.95 34.09 31.57
C PRO A 41 23.46 32.63 31.73
N GLU A 42 22.14 32.48 31.69
CA GLU A 42 21.50 31.18 31.87
C GLU A 42 20.89 30.65 30.58
N ALA A 43 20.61 29.36 30.56
CA ALA A 43 20.07 28.68 29.39
C ALA A 43 19.23 27.47 29.79
N GLY A 44 17.93 27.57 29.57
CA GLY A 44 17.03 26.46 29.87
C GLY A 44 16.58 25.76 28.61
N SER A 45 17.45 24.93 28.05
CA SER A 45 17.22 24.30 26.76
C SER A 45 17.96 22.98 26.66
N MET A 46 17.50 22.11 25.76
CA MET A 46 18.15 20.83 25.49
C MET A 46 17.93 20.43 24.03
N ASP A 47 18.67 19.42 23.59
CA ASP A 47 18.54 18.91 22.22
C ASP A 47 18.24 17.42 22.23
N TYR A 48 18.07 16.84 21.05
CA TYR A 48 17.68 15.44 20.92
C TYR A 48 18.58 14.74 19.90
N MET A 49 19.37 13.77 20.37
CA MET A 49 20.26 12.99 19.52
C MET A 49 19.48 12.08 18.57
N PRO A 50 19.99 11.88 17.31
CA PRO A 50 19.32 11.06 16.27
C PRO A 50 19.14 9.60 16.68
N LEU A 51 17.93 9.10 16.54
CA LEU A 51 17.60 7.73 16.89
C LEU A 51 18.00 6.75 15.79
N MET A 52 18.40 5.56 16.19
CA MET A 52 18.80 4.53 15.24
C MET A 52 17.74 3.43 15.18
N GLU A 53 16.84 3.56 14.22
CA GLU A 53 15.72 2.63 14.08
C GLU A 53 16.02 1.60 13.02
N TYR A 54 15.23 0.53 13.00
CA TYR A 54 15.46 -0.56 12.09
C TYR A 54 14.32 -0.65 11.10
N LEU A 55 14.64 -0.94 9.84
CA LEU A 55 13.66 -0.94 8.75
C LEU A 55 12.69 -2.11 8.87
N HIS A 56 11.41 -1.81 8.64
CA HIS A 56 10.34 -2.81 8.74
C HIS A 56 10.36 -3.75 7.55
N SER A 57 10.54 -5.03 7.83
CA SER A 57 10.52 -6.05 6.80
C SER A 57 9.10 -6.56 6.64
N SER A 58 8.37 -5.94 5.73
CA SER A 58 6.99 -6.29 5.46
C SER A 58 6.90 -7.52 4.56
N PRO A 59 6.08 -8.52 4.93
CA PRO A 59 5.87 -9.70 4.09
C PRO A 59 5.01 -9.39 2.88
N VAL A 60 5.26 -10.10 1.80
CA VAL A 60 4.59 -9.84 0.56
C VAL A 60 3.33 -10.70 0.43
N LEU A 61 2.22 -10.03 0.14
CA LEU A 61 0.95 -10.69 -0.14
C LEU A 61 0.75 -10.73 -1.66
N PRO A 62 -0.06 -11.67 -2.21
CA PRO A 62 -0.32 -11.72 -3.64
C PRO A 62 -1.27 -10.63 -4.12
N THR A 63 -1.18 -10.35 -5.40
CA THR A 63 -2.15 -9.51 -6.04
C THR A 63 -2.84 -10.33 -7.13
N ALA A 64 -4.15 -10.41 -7.08
CA ALA A 64 -4.91 -11.08 -8.11
C ALA A 64 -5.26 -10.09 -9.19
N ARG A 65 -4.69 -10.31 -10.35
CA ARG A 65 -4.92 -9.45 -11.49
C ARG A 65 -5.05 -10.32 -12.72
N PHE A 66 -5.68 -9.78 -13.75
CA PHE A 66 -5.71 -10.39 -15.06
C PHE A 66 -5.92 -9.33 -16.12
N THR A 67 -5.52 -9.63 -17.34
CA THR A 67 -5.74 -8.74 -18.45
C THR A 67 -6.86 -9.29 -19.32
N SER A 68 -7.66 -8.39 -19.87
CA SER A 68 -8.80 -8.76 -20.68
C SER A 68 -8.69 -8.13 -22.06
N ASP A 69 -9.25 -8.78 -23.07
CA ASP A 69 -9.38 -8.17 -24.38
C ASP A 69 -10.57 -7.21 -24.36
N ILE A 70 -11.67 -7.68 -23.77
CA ILE A 70 -12.87 -6.88 -23.57
C ILE A 70 -13.40 -7.04 -22.15
N THR A 71 -14.10 -6.02 -21.68
CA THR A 71 -14.81 -6.07 -20.41
C THR A 71 -16.32 -6.09 -20.66
N GLU A 72 -16.68 -5.69 -21.87
CA GLU A 72 -18.06 -5.59 -22.30
C GLU A 72 -18.09 -5.72 -23.83
N GLY A 73 -19.26 -6.01 -24.38
CA GLY A 73 -19.41 -6.11 -25.81
C GLY A 73 -20.46 -7.13 -26.17
N PHE A 74 -20.62 -7.41 -27.45
CA PHE A 74 -21.58 -8.41 -27.89
C PHE A 74 -21.02 -9.81 -27.64
N ALA A 75 -21.91 -10.70 -27.15
CA ALA A 75 -21.57 -12.07 -26.71
C ALA A 75 -20.65 -12.84 -27.67
N PRO A 76 -19.36 -13.03 -27.28
CA PRO A 76 -18.35 -13.67 -28.10
C PRO A 76 -18.13 -15.15 -27.75
N LEU A 77 -17.05 -15.73 -28.28
CA LEU A 77 -16.63 -17.08 -27.93
C LEU A 77 -15.81 -17.09 -26.64
N SER A 78 -14.91 -18.07 -26.54
CA SER A 78 -13.98 -18.19 -25.44
C SER A 78 -12.89 -17.11 -25.52
N VAL A 79 -13.12 -16.00 -24.80
CA VAL A 79 -12.14 -14.92 -24.68
C VAL A 79 -10.97 -15.39 -23.83
N ARG A 80 -9.75 -15.14 -24.31
CA ARG A 80 -8.57 -15.61 -23.62
C ARG A 80 -8.12 -14.57 -22.60
N PHE A 81 -8.51 -14.82 -21.36
CA PHE A 81 -8.07 -14.01 -20.24
C PHE A 81 -6.74 -14.53 -19.73
N LYS A 82 -5.76 -13.66 -19.73
CA LYS A 82 -4.44 -13.99 -19.24
C LYS A 82 -4.28 -13.43 -17.82
N ASP A 83 -3.85 -14.28 -16.91
CA ASP A 83 -3.66 -13.90 -15.51
C ASP A 83 -2.41 -13.02 -15.37
N PHE A 84 -2.57 -11.92 -14.67
CA PHE A 84 -1.52 -10.93 -14.51
C PHE A 84 -1.11 -10.81 -13.05
N SER A 85 -1.46 -11.85 -12.29
CA SER A 85 -1.19 -11.95 -10.88
C SER A 85 0.30 -11.89 -10.55
N GLU A 86 0.62 -11.06 -9.58
CA GLU A 86 1.98 -10.88 -9.14
C GLU A 86 2.05 -11.33 -7.68
N ASN A 87 3.24 -11.79 -7.26
CA ASN A 87 3.56 -12.16 -5.86
C ASN A 87 2.72 -13.33 -5.35
N ALA A 88 2.37 -14.24 -6.25
CA ALA A 88 1.49 -15.34 -5.93
C ALA A 88 2.25 -16.65 -6.03
N THR A 89 1.97 -17.56 -5.09
CA THR A 89 2.60 -18.87 -5.10
C THR A 89 1.86 -19.80 -6.06
N SER A 90 0.55 -19.90 -5.88
CA SER A 90 -0.28 -20.69 -6.77
C SER A 90 -1.55 -19.93 -7.14
N ARG A 91 -2.13 -20.30 -8.27
CA ARG A 91 -3.38 -19.71 -8.74
C ARG A 91 -4.49 -20.76 -8.69
N LEU A 92 -5.69 -20.31 -8.41
CA LEU A 92 -6.84 -21.19 -8.34
C LEU A 92 -7.91 -20.65 -9.28
N TRP A 93 -8.48 -21.53 -10.08
CA TRP A 93 -9.57 -21.13 -10.95
C TRP A 93 -10.89 -21.60 -10.37
N MET A 94 -11.72 -20.65 -9.97
CA MET A 94 -13.06 -20.97 -9.50
C MET A 94 -14.09 -20.32 -10.40
N PHE A 95 -14.76 -21.18 -11.18
CA PHE A 95 -15.80 -20.75 -12.10
C PHE A 95 -17.16 -20.68 -11.40
N GLY A 96 -17.34 -21.56 -10.42
CA GLY A 96 -18.63 -21.68 -9.76
C GLY A 96 -19.51 -22.71 -10.42
N ASP A 97 -18.89 -23.55 -11.25
CA ASP A 97 -19.56 -24.60 -11.98
C ASP A 97 -18.91 -25.94 -11.66
N GLY A 98 -19.56 -26.70 -10.79
CA GLY A 98 -19.05 -27.99 -10.39
C GLY A 98 -17.96 -27.88 -9.34
N ASN A 99 -17.05 -28.85 -9.33
CA ASN A 99 -15.93 -28.84 -8.41
C ASN A 99 -14.79 -28.01 -8.97
N THR A 100 -14.33 -27.04 -8.20
CA THR A 100 -13.27 -26.13 -8.61
C THR A 100 -11.88 -26.66 -8.24
N SER A 101 -10.84 -25.95 -8.72
CA SER A 101 -9.43 -26.38 -8.65
C SER A 101 -9.24 -27.75 -9.34
N ASP A 102 -9.97 -27.91 -10.46
CA ASP A 102 -9.98 -29.15 -11.23
C ASP A 102 -8.98 -29.05 -12.39
N SER A 103 -8.97 -30.08 -13.27
CA SER A 103 -8.11 -30.11 -14.45
C SER A 103 -8.29 -28.85 -15.30
N PRO A 104 -7.18 -28.10 -15.58
CA PRO A 104 -7.19 -26.75 -16.19
C PRO A 104 -7.93 -26.68 -17.52
N SER A 105 -9.14 -26.19 -17.44
CA SER A 105 -9.98 -26.03 -18.60
C SER A 105 -10.09 -24.56 -18.95
N PRO A 106 -10.16 -24.22 -20.26
CA PRO A 106 -10.47 -22.86 -20.68
C PRO A 106 -11.91 -22.49 -20.31
N LEU A 107 -12.18 -21.21 -20.13
CA LEU A 107 -13.53 -20.73 -19.86
C LEU A 107 -14.42 -20.99 -21.07
N HIS A 108 -15.67 -21.33 -20.82
CA HIS A 108 -16.60 -21.59 -21.90
C HIS A 108 -17.05 -20.30 -22.57
N THR A 109 -17.55 -20.45 -23.80
CA THR A 109 -18.09 -19.37 -24.60
C THR A 109 -19.19 -18.61 -23.87
N PHE A 110 -19.19 -17.29 -24.02
CA PHE A 110 -20.30 -16.48 -23.54
C PHE A 110 -21.38 -16.50 -24.62
N PHE A 111 -22.11 -17.63 -24.69
CA PHE A 111 -23.04 -17.89 -25.78
C PHE A 111 -24.39 -17.24 -25.57
N ASN A 112 -24.65 -16.83 -24.34
CA ASN A 112 -25.85 -16.10 -24.04
C ASN A 112 -25.50 -14.66 -23.74
N GLU A 113 -26.40 -13.76 -24.11
CA GLU A 113 -26.28 -12.38 -23.72
C GLU A 113 -26.77 -12.21 -22.31
N GLY A 114 -25.81 -12.18 -21.41
CA GLY A 114 -26.07 -12.07 -20.01
C GLY A 114 -24.92 -11.41 -19.31
N GLU A 115 -24.87 -11.54 -18.00
CA GLU A 115 -23.80 -10.94 -17.24
C GLU A 115 -23.03 -12.04 -16.53
N TYR A 116 -21.86 -12.33 -17.08
CA TYR A 116 -20.98 -13.37 -16.56
C TYR A 116 -19.94 -12.73 -15.65
N ILE A 117 -19.28 -13.54 -14.82
CA ILE A 117 -18.29 -13.01 -13.90
C ILE A 117 -16.98 -13.81 -14.01
N VAL A 118 -15.90 -13.11 -14.31
CA VAL A 118 -14.56 -13.70 -14.29
C VAL A 118 -13.88 -13.35 -12.97
N SER A 119 -13.61 -14.37 -12.17
CA SER A 119 -12.98 -14.17 -10.87
C SER A 119 -11.63 -14.87 -10.80
N LEU A 120 -10.65 -14.14 -10.30
CA LEU A 120 -9.28 -14.62 -10.13
C LEU A 120 -9.00 -14.72 -8.63
N ILE A 121 -8.52 -15.86 -8.18
CA ILE A 121 -8.10 -16.00 -6.80
C ILE A 121 -6.70 -16.63 -6.76
N VAL A 122 -5.77 -15.92 -6.15
CA VAL A 122 -4.41 -16.43 -5.94
C VAL A 122 -4.12 -16.55 -4.46
N SER A 123 -3.17 -17.39 -4.13
CA SER A 123 -2.88 -17.70 -2.75
C SER A 123 -1.40 -17.60 -2.45
N ASN A 124 -1.12 -17.24 -1.20
CA ASN A 124 0.23 -17.21 -0.63
C ASN A 124 0.06 -17.43 0.87
N GLU A 125 1.15 -17.58 1.61
CA GLU A 125 1.09 -17.89 3.05
C GLU A 125 0.82 -16.63 3.90
N ASN A 126 0.95 -15.46 3.28
CA ASN A 126 0.74 -14.20 3.99
C ASN A 126 -0.74 -13.82 3.94
N ASP A 127 -1.32 -13.94 2.75
CA ASP A 127 -2.73 -13.64 2.51
C ASP A 127 -3.12 -14.27 1.17
N SER A 128 -4.41 -14.29 0.86
CA SER A 128 -4.88 -14.68 -0.46
C SER A 128 -5.76 -13.56 -1.00
N ASP A 129 -5.47 -13.12 -2.22
CA ASP A 129 -6.15 -11.97 -2.79
C ASP A 129 -7.05 -12.40 -3.94
N SER A 130 -8.25 -11.81 -4.01
CA SER A 130 -9.17 -12.14 -5.08
C SER A 130 -9.56 -10.90 -5.88
N ALA A 131 -9.62 -11.07 -7.19
CA ALA A 131 -10.14 -10.05 -8.10
C ALA A 131 -11.40 -10.57 -8.74
N SER A 132 -12.26 -9.66 -9.19
CA SER A 132 -13.45 -10.05 -9.90
C SER A 132 -13.84 -8.94 -10.85
N VAL A 133 -14.17 -9.30 -12.08
CA VAL A 133 -14.62 -8.34 -13.08
C VAL A 133 -15.89 -8.88 -13.71
N THR A 134 -16.92 -8.05 -13.73
CA THR A 134 -18.20 -8.46 -14.27
C THR A 134 -18.24 -8.19 -15.78
N ILE A 135 -18.24 -9.29 -16.53
CA ILE A 135 -18.17 -9.25 -17.99
C ILE A 135 -19.58 -9.18 -18.55
N ARG A 136 -19.84 -8.13 -19.31
CA ARG A 136 -21.19 -7.86 -19.76
C ARG A 136 -21.33 -8.18 -21.24
N ALA A 137 -22.15 -9.18 -21.52
CA ALA A 137 -22.42 -9.60 -22.88
C ALA A 137 -23.77 -9.06 -23.29
N LEU A 138 -23.76 -8.12 -24.22
CA LEU A 138 -24.97 -7.46 -24.64
C LEU A 138 -25.31 -7.78 -26.08
N GLU A 139 -26.44 -7.25 -26.52
CA GLU A 139 -26.81 -7.33 -27.92
C GLU A 139 -26.77 -5.94 -28.51
N HIS A 140 -25.76 -5.68 -29.33
CA HIS A 140 -25.74 -4.45 -30.11
C HIS A 140 -26.56 -4.70 -31.36
N HIS A 141 -27.77 -4.18 -31.33
CA HIS A 141 -28.73 -4.41 -32.39
C HIS A 141 -28.85 -3.18 -33.28
N HIS A 142 -29.56 -3.36 -34.38
CA HIS A 142 -29.84 -2.29 -35.34
C HIS A 142 -30.67 -1.18 -34.71
N HIS A 143 -30.06 -0.01 -34.58
CA HIS A 143 -30.70 1.15 -34.00
C HIS A 143 -31.40 1.96 -35.09
N HIS A 144 -32.71 1.79 -35.17
CA HIS A 144 -33.52 2.49 -36.16
C HIS A 144 -34.17 3.72 -35.52
N HIS A 145 -34.27 4.80 -36.29
CA HIS A 145 -34.97 6.01 -35.86
C HIS A 145 -36.48 5.74 -35.76
N MET A 1 63.12 -27.89 62.11
CA MET A 1 62.04 -28.55 62.89
C MET A 1 60.98 -29.18 61.98
N ASN A 2 61.14 -29.02 60.65
CA ASN A 2 60.15 -29.53 59.69
C ASN A 2 60.47 -30.96 59.28
N ALA A 3 59.93 -31.91 60.04
CA ALA A 3 60.04 -33.31 59.70
C ALA A 3 58.85 -33.75 58.87
N ARG A 4 59.06 -33.84 57.56
CA ARG A 4 57.99 -34.13 56.63
C ARG A 4 57.98 -35.59 56.22
N ASP A 5 56.85 -36.03 55.66
CA ASP A 5 56.73 -37.38 55.11
C ASP A 5 56.03 -37.31 53.76
N ASN A 6 56.78 -37.56 52.69
CA ASN A 6 56.22 -37.52 51.35
C ASN A 6 56.01 -38.94 50.85
N LYS A 7 54.79 -39.43 51.01
CA LYS A 7 54.43 -40.76 50.58
C LYS A 7 52.94 -40.85 50.25
N PHE A 8 52.65 -41.13 48.99
CA PHE A 8 51.29 -41.36 48.53
C PHE A 8 51.29 -42.31 47.34
N ASN A 9 50.38 -43.26 47.33
CA ASN A 9 50.18 -44.14 46.20
C ASN A 9 48.70 -44.28 45.90
N THR A 10 48.39 -44.59 44.65
CA THR A 10 47.03 -44.92 44.26
C THR A 10 47.05 -45.98 43.15
N TRP A 11 46.55 -47.17 43.48
CA TRP A 11 46.52 -48.29 42.54
C TRP A 11 45.12 -48.84 42.37
N ASN A 12 44.36 -48.19 41.50
CA ASN A 12 43.04 -48.66 41.12
C ASN A 12 43.07 -49.04 39.66
N ASP A 13 43.24 -50.34 39.41
CA ASP A 13 43.43 -50.85 38.06
C ASP A 13 42.14 -51.51 37.57
N SER A 14 41.73 -51.13 36.37
CA SER A 14 40.50 -51.63 35.79
C SER A 14 40.79 -52.34 34.46
N ARG A 15 39.78 -53.03 33.95
CA ARG A 15 39.90 -53.78 32.71
C ARG A 15 39.16 -53.08 31.57
N GLY A 16 39.19 -53.64 30.37
CA GLY A 16 38.55 -53.02 29.23
C GLY A 16 38.10 -54.00 28.18
N ASN A 17 36.79 -54.12 27.99
CA ASN A 17 36.23 -54.98 26.96
C ASN A 17 35.72 -54.13 25.80
N TYR A 18 35.62 -54.73 24.62
CA TYR A 18 35.15 -54.04 23.44
C TYR A 18 34.33 -54.96 22.54
N TRP A 19 33.41 -54.37 21.79
CA TRP A 19 32.62 -55.09 20.81
C TRP A 19 32.28 -54.13 19.66
N SER A 20 32.68 -54.52 18.45
CA SER A 20 32.63 -53.61 17.32
C SER A 20 31.29 -53.67 16.59
N ASP A 21 31.03 -52.61 15.82
CA ASP A 21 29.79 -52.49 15.05
C ASP A 21 30.05 -52.85 13.60
N TYR A 22 29.08 -53.47 12.95
CA TYR A 22 29.25 -53.92 11.58
C TYR A 22 28.08 -53.50 10.69
N GLU A 23 28.31 -52.44 9.91
CA GLU A 23 27.39 -52.03 8.87
C GLU A 23 28.18 -51.31 7.76
N GLY A 24 28.38 -52.01 6.65
CA GLY A 24 29.05 -51.44 5.52
C GLY A 24 28.15 -51.40 4.31
N SER A 25 27.52 -50.26 4.11
CA SER A 25 26.57 -50.09 3.03
C SER A 25 27.16 -49.31 1.86
N ASP A 26 26.43 -49.30 0.74
CA ASP A 26 26.85 -48.62 -0.48
C ASP A 26 26.15 -47.27 -0.59
N GLU A 27 26.91 -46.22 -0.90
CA GLU A 27 26.36 -44.87 -1.02
C GLU A 27 26.79 -44.17 -2.32
N ASN A 28 26.00 -43.17 -2.71
CA ASN A 28 26.22 -42.35 -3.90
C ASN A 28 25.66 -40.94 -3.66
N GLY A 29 25.46 -40.16 -4.73
CA GLY A 29 24.78 -38.88 -4.60
C GLY A 29 25.61 -37.69 -5.03
N ASP A 30 24.93 -36.67 -5.57
CA ASP A 30 25.56 -35.39 -5.93
C ASP A 30 24.63 -34.24 -5.59
N GLY A 31 25.20 -33.10 -5.20
CA GLY A 31 24.39 -31.95 -4.82
C GLY A 31 24.52 -30.80 -5.79
N ILE A 32 23.39 -30.23 -6.20
CA ILE A 32 23.37 -29.14 -7.17
C ILE A 32 23.04 -27.82 -6.48
N GLY A 33 23.90 -26.82 -6.65
CA GLY A 33 23.68 -25.51 -6.05
C GLY A 33 22.96 -24.55 -6.98
N ASP A 34 22.15 -23.67 -6.39
CA ASP A 34 21.39 -22.68 -7.16
C ASP A 34 22.19 -21.40 -7.34
N SER A 35 22.73 -21.21 -8.54
CA SER A 35 23.47 -20.02 -8.88
C SER A 35 22.53 -18.98 -9.53
N ALA A 36 22.04 -18.05 -8.72
CA ALA A 36 21.11 -17.03 -9.19
C ALA A 36 21.40 -15.70 -8.51
N TYR A 37 21.15 -14.61 -9.24
CA TYR A 37 21.39 -13.27 -8.74
C TYR A 37 20.16 -12.40 -8.91
N ALA A 38 19.91 -11.53 -7.94
CA ALA A 38 18.80 -10.59 -8.01
C ALA A 38 19.26 -9.27 -8.61
N VAL A 39 18.72 -8.93 -9.79
CA VAL A 39 19.09 -7.70 -10.47
C VAL A 39 18.21 -6.54 -9.99
N ASN A 40 18.77 -5.34 -10.01
CA ASN A 40 18.04 -4.14 -9.61
C ASN A 40 17.26 -3.58 -10.80
N PRO A 41 16.01 -3.09 -10.55
CA PRO A 41 15.14 -2.52 -11.61
C PRO A 41 15.70 -1.22 -12.20
N GLU A 42 16.20 -0.36 -11.32
CA GLU A 42 16.73 0.93 -11.72
C GLU A 42 17.98 1.26 -10.90
N ALA A 43 18.80 2.16 -11.43
CA ALA A 43 20.02 2.58 -10.79
C ALA A 43 19.77 3.84 -9.96
N GLY A 44 19.70 3.65 -8.64
CA GLY A 44 19.46 4.76 -7.75
C GLY A 44 20.08 4.54 -6.40
N SER A 45 20.90 5.50 -5.97
CA SER A 45 21.63 5.41 -4.71
C SER A 45 20.88 6.13 -3.58
N MET A 46 19.59 5.80 -3.43
CA MET A 46 18.74 6.39 -2.39
C MET A 46 17.94 5.30 -1.69
N ASP A 47 18.09 5.19 -0.38
CA ASP A 47 17.31 4.25 0.43
C ASP A 47 17.14 4.80 1.84
N TYR A 48 15.89 5.01 2.25
CA TYR A 48 15.60 5.45 3.60
C TYR A 48 14.47 4.61 4.19
N MET A 49 14.84 3.70 5.09
CA MET A 49 13.88 2.90 5.84
C MET A 49 14.03 3.18 7.34
N PRO A 50 12.97 3.67 8.01
CA PRO A 50 12.98 3.87 9.46
C PRO A 50 12.79 2.54 10.22
N LEU A 51 13.87 2.05 10.80
CA LEU A 51 13.85 0.79 11.53
C LEU A 51 14.71 0.88 12.79
N MET A 52 14.03 1.05 13.93
CA MET A 52 14.67 1.06 15.25
C MET A 52 15.02 -0.36 15.66
N GLU A 53 14.06 -1.25 15.49
CA GLU A 53 14.24 -2.67 15.76
C GLU A 53 14.36 -3.40 14.43
N TYR A 54 15.11 -4.50 14.44
CA TYR A 54 15.40 -5.22 13.20
C TYR A 54 14.31 -6.22 12.87
N LEU A 55 13.83 -6.12 11.63
CA LEU A 55 12.73 -6.95 11.12
C LEU A 55 13.16 -8.41 10.98
N HIS A 56 12.30 -9.31 11.43
CA HIS A 56 12.55 -10.75 11.37
C HIS A 56 12.25 -11.27 9.96
N SER A 57 11.12 -10.88 9.43
CA SER A 57 10.67 -11.33 8.11
C SER A 57 10.01 -10.19 7.34
N SER A 58 10.28 -10.12 6.04
CA SER A 58 9.57 -9.23 5.16
C SER A 58 9.13 -9.93 3.86
N PRO A 59 8.15 -10.88 3.92
CA PRO A 59 7.65 -11.53 2.72
C PRO A 59 6.53 -10.72 2.05
N VAL A 60 6.29 -11.00 0.79
CA VAL A 60 5.31 -10.24 0.05
C VAL A 60 4.00 -11.04 -0.12
N LEU A 61 2.89 -10.36 0.10
CA LEU A 61 1.55 -10.91 -0.09
C LEU A 61 1.18 -10.89 -1.59
N PRO A 62 0.15 -11.66 -2.06
CA PRO A 62 -0.12 -11.76 -3.50
C PRO A 62 -0.88 -10.56 -4.04
N THR A 63 -1.03 -10.56 -5.35
CA THR A 63 -1.72 -9.50 -6.05
C THR A 63 -2.50 -10.13 -7.20
N ALA A 64 -3.82 -10.19 -7.05
CA ALA A 64 -4.69 -10.78 -8.06
C ALA A 64 -4.91 -9.81 -9.20
N ARG A 65 -4.31 -10.14 -10.34
CA ARG A 65 -4.35 -9.31 -11.51
C ARG A 65 -4.58 -10.17 -12.73
N PHE A 66 -5.51 -9.77 -13.58
CA PHE A 66 -5.79 -10.46 -14.83
C PHE A 66 -6.48 -9.51 -15.78
N THR A 67 -6.53 -9.83 -17.06
CA THR A 67 -7.29 -9.03 -18.00
C THR A 67 -8.00 -9.89 -19.03
N SER A 68 -9.21 -9.47 -19.35
CA SER A 68 -9.95 -9.97 -20.48
C SER A 68 -9.78 -8.97 -21.62
N ASP A 69 -10.00 -9.42 -22.86
CA ASP A 69 -9.88 -8.53 -24.02
C ASP A 69 -11.06 -7.57 -24.12
N ILE A 70 -12.22 -7.99 -23.59
CA ILE A 70 -13.40 -7.13 -23.52
C ILE A 70 -13.98 -7.08 -22.12
N THR A 71 -14.54 -5.92 -21.77
CA THR A 71 -15.27 -5.75 -20.52
C THR A 71 -16.75 -5.58 -20.81
N GLU A 72 -17.05 -5.20 -22.06
CA GLU A 72 -18.40 -4.93 -22.51
C GLU A 72 -18.47 -5.21 -24.01
N GLY A 73 -19.64 -5.61 -24.47
CA GLY A 73 -19.84 -5.90 -25.89
C GLY A 73 -20.76 -7.07 -26.06
N PHE A 74 -20.92 -7.53 -27.29
CA PHE A 74 -21.75 -8.70 -27.56
C PHE A 74 -20.89 -9.96 -27.41
N ALA A 75 -21.49 -11.06 -26.95
CA ALA A 75 -20.75 -12.33 -26.73
C ALA A 75 -20.46 -13.06 -28.05
N PRO A 76 -19.19 -13.06 -28.52
CA PRO A 76 -18.82 -13.59 -29.83
C PRO A 76 -18.20 -15.01 -29.83
N LEU A 77 -17.70 -15.47 -28.68
CA LEU A 77 -16.79 -16.61 -28.59
C LEU A 77 -16.33 -16.79 -27.14
N SER A 78 -15.63 -17.88 -26.87
CA SER A 78 -14.89 -18.07 -25.63
C SER A 78 -13.72 -17.09 -25.55
N VAL A 79 -13.89 -16.03 -24.77
CA VAL A 79 -12.87 -15.01 -24.57
C VAL A 79 -11.76 -15.56 -23.66
N ARG A 80 -10.52 -15.43 -24.12
CA ARG A 80 -9.35 -15.95 -23.40
C ARG A 80 -9.05 -15.16 -22.14
N PHE A 81 -8.75 -15.87 -21.07
CA PHE A 81 -8.40 -15.26 -19.80
C PHE A 81 -6.93 -15.50 -19.53
N LYS A 82 -6.17 -14.43 -19.35
CA LYS A 82 -4.77 -14.56 -18.99
C LYS A 82 -4.54 -14.00 -17.60
N ASP A 83 -3.88 -14.81 -16.77
CA ASP A 83 -3.63 -14.45 -15.39
C ASP A 83 -2.25 -13.81 -15.27
N PHE A 84 -2.22 -12.63 -14.67
CA PHE A 84 -1.00 -11.83 -14.54
C PHE A 84 -0.63 -11.66 -13.07
N SER A 85 -1.25 -12.48 -12.23
CA SER A 85 -1.07 -12.41 -10.78
C SER A 85 0.37 -12.61 -10.35
N GLU A 86 0.83 -11.69 -9.53
CA GLU A 86 2.22 -11.61 -9.13
C GLU A 86 2.32 -11.80 -7.63
N ASN A 87 3.50 -12.26 -7.16
CA ASN A 87 3.85 -12.38 -5.72
C ASN A 87 2.99 -13.46 -5.04
N ALA A 88 2.60 -14.46 -5.83
CA ALA A 88 1.66 -15.46 -5.39
C ALA A 88 2.31 -16.83 -5.30
N THR A 89 1.88 -17.60 -4.32
CA THR A 89 2.28 -18.98 -4.17
C THR A 89 1.49 -19.87 -5.14
N SER A 90 0.16 -19.77 -5.08
CA SER A 90 -0.72 -20.57 -5.92
C SER A 90 -1.82 -19.69 -6.51
N ARG A 91 -2.49 -20.19 -7.54
CA ARG A 91 -3.60 -19.47 -8.18
C ARG A 91 -4.77 -20.40 -8.44
N LEU A 92 -5.96 -19.83 -8.61
CA LEU A 92 -7.19 -20.60 -8.72
C LEU A 92 -8.28 -19.74 -9.38
N TRP A 93 -8.90 -20.27 -10.42
CA TRP A 93 -10.04 -19.62 -11.06
C TRP A 93 -11.33 -20.14 -10.48
N MET A 94 -12.12 -19.24 -9.90
CA MET A 94 -13.44 -19.59 -9.39
C MET A 94 -14.51 -19.14 -10.38
N PHE A 95 -14.93 -20.07 -11.22
CA PHE A 95 -15.96 -19.79 -12.21
C PHE A 95 -17.37 -19.94 -11.63
N GLY A 96 -17.48 -20.76 -10.58
CA GLY A 96 -18.78 -21.08 -9.99
C GLY A 96 -19.50 -22.19 -10.75
N ASP A 97 -18.81 -22.74 -11.74
CA ASP A 97 -19.39 -23.72 -12.65
C ASP A 97 -18.52 -24.96 -12.72
N GLY A 98 -18.99 -26.05 -12.11
CA GLY A 98 -18.28 -27.32 -12.17
C GLY A 98 -17.11 -27.36 -11.22
N ASN A 99 -15.95 -27.74 -11.75
CA ASN A 99 -14.73 -27.82 -10.96
C ASN A 99 -14.06 -26.46 -10.81
N THR A 100 -13.66 -26.15 -9.59
CA THR A 100 -12.69 -25.10 -9.37
C THR A 100 -11.29 -25.73 -9.31
N SER A 101 -10.24 -24.89 -9.31
CA SER A 101 -8.83 -25.34 -9.29
C SER A 101 -8.52 -26.14 -10.58
N ASP A 102 -8.90 -25.53 -11.71
CA ASP A 102 -8.70 -26.11 -13.03
C ASP A 102 -7.35 -25.67 -13.61
N SER A 103 -7.09 -26.10 -14.84
CA SER A 103 -5.95 -25.58 -15.59
C SER A 103 -6.46 -24.46 -16.51
N PRO A 104 -6.04 -23.19 -16.24
CA PRO A 104 -6.58 -21.93 -16.84
C PRO A 104 -7.00 -22.00 -18.31
N SER A 105 -8.31 -22.16 -18.52
CA SER A 105 -8.90 -22.23 -19.85
C SER A 105 -10.21 -21.43 -19.91
N PRO A 106 -10.69 -21.04 -21.12
CA PRO A 106 -12.02 -20.46 -21.29
C PRO A 106 -13.12 -21.54 -21.32
N LEU A 107 -13.20 -22.31 -20.23
CA LEU A 107 -14.23 -23.32 -20.04
C LEU A 107 -15.57 -22.65 -19.77
N HIS A 108 -15.52 -21.45 -19.20
CA HIS A 108 -16.67 -20.59 -19.07
C HIS A 108 -16.86 -19.85 -20.40
N THR A 109 -17.78 -20.37 -21.21
CA THR A 109 -17.98 -19.88 -22.56
C THR A 109 -19.00 -18.74 -22.57
N PHE A 110 -18.78 -17.78 -23.46
CA PHE A 110 -19.73 -16.71 -23.72
C PHE A 110 -20.64 -17.14 -24.87
N PHE A 111 -21.53 -18.10 -24.57
CA PHE A 111 -22.44 -18.70 -25.55
C PHE A 111 -23.77 -17.95 -25.59
N ASN A 112 -24.15 -17.43 -24.44
CA ASN A 112 -25.38 -16.68 -24.26
C ASN A 112 -24.98 -15.25 -23.93
N GLU A 113 -25.83 -14.29 -24.24
CA GLU A 113 -25.52 -12.92 -23.90
C GLU A 113 -26.15 -12.54 -22.56
N GLY A 114 -25.32 -12.68 -21.55
CA GLY A 114 -25.73 -12.41 -20.18
C GLY A 114 -24.63 -11.80 -19.34
N GLU A 115 -24.53 -12.23 -18.10
CA GLU A 115 -23.55 -11.66 -17.18
C GLU A 115 -22.61 -12.75 -16.70
N TYR A 116 -21.35 -12.64 -17.10
CA TYR A 116 -20.34 -13.62 -16.75
C TYR A 116 -19.28 -12.97 -15.88
N ILE A 117 -19.29 -13.29 -14.59
CA ILE A 117 -18.32 -12.74 -13.67
C ILE A 117 -17.14 -13.69 -13.58
N VAL A 118 -15.96 -13.19 -13.92
CA VAL A 118 -14.74 -13.98 -13.88
C VAL A 118 -14.00 -13.67 -12.59
N SER A 119 -13.78 -14.70 -11.78
CA SER A 119 -13.12 -14.52 -10.50
C SER A 119 -11.78 -15.25 -10.48
N LEU A 120 -10.77 -14.54 -10.02
CA LEU A 120 -9.44 -15.06 -9.81
C LEU A 120 -9.10 -14.89 -8.34
N ILE A 121 -8.62 -15.95 -7.71
CA ILE A 121 -8.10 -15.88 -6.36
C ILE A 121 -6.68 -16.45 -6.32
N VAL A 122 -5.76 -15.69 -5.74
CA VAL A 122 -4.41 -16.16 -5.53
C VAL A 122 -4.11 -16.25 -4.05
N SER A 123 -3.28 -17.21 -3.69
CA SER A 123 -3.01 -17.49 -2.30
C SER A 123 -1.51 -17.44 -2.05
N ASN A 124 -1.17 -17.08 -0.83
CA ASN A 124 0.22 -17.00 -0.37
C ASN A 124 0.22 -17.43 1.10
N GLU A 125 1.37 -17.51 1.76
CA GLU A 125 1.41 -17.88 3.18
C GLU A 125 1.10 -16.68 4.09
N ASN A 126 1.10 -15.48 3.51
CA ASN A 126 0.76 -14.26 4.24
C ASN A 126 -0.73 -13.97 4.15
N ASP A 127 -1.21 -13.77 2.93
CA ASP A 127 -2.58 -13.35 2.67
C ASP A 127 -3.13 -14.03 1.44
N SER A 128 -4.41 -13.82 1.18
CA SER A 128 -5.02 -14.24 -0.08
C SER A 128 -5.71 -13.04 -0.72
N ASP A 129 -5.46 -12.84 -1.99
CA ASP A 129 -5.91 -11.66 -2.71
C ASP A 129 -6.81 -12.11 -3.85
N SER A 130 -7.97 -11.50 -4.01
CA SER A 130 -8.91 -11.94 -5.02
C SER A 130 -9.45 -10.75 -5.83
N ALA A 131 -9.57 -10.97 -7.14
CA ALA A 131 -10.10 -9.97 -8.06
C ALA A 131 -11.15 -10.58 -8.93
N SER A 132 -12.26 -9.88 -9.03
CA SER A 132 -13.37 -10.29 -9.84
C SER A 132 -13.79 -9.14 -10.73
N VAL A 133 -14.24 -9.45 -11.93
CA VAL A 133 -14.72 -8.43 -12.84
C VAL A 133 -15.96 -8.92 -13.60
N THR A 134 -16.94 -8.06 -13.67
CA THR A 134 -18.19 -8.34 -14.36
C THR A 134 -18.00 -8.13 -15.87
N ILE A 135 -17.98 -9.22 -16.62
CA ILE A 135 -17.87 -9.15 -18.07
C ILE A 135 -19.27 -9.11 -18.64
N ARG A 136 -19.51 -8.06 -19.41
CA ARG A 136 -20.84 -7.76 -19.87
C ARG A 136 -21.04 -8.26 -21.29
N ALA A 137 -21.97 -9.17 -21.44
CA ALA A 137 -22.35 -9.65 -22.76
C ALA A 137 -23.76 -9.17 -23.03
N LEU A 138 -23.89 -8.25 -23.95
CA LEU A 138 -25.14 -7.58 -24.16
C LEU A 138 -25.65 -7.71 -25.57
N GLU A 139 -26.84 -7.20 -25.76
CA GLU A 139 -27.43 -7.06 -27.07
C GLU A 139 -26.82 -5.89 -27.81
N HIS A 140 -26.41 -6.13 -29.04
CA HIS A 140 -26.10 -5.04 -29.94
C HIS A 140 -27.43 -4.46 -30.40
N HIS A 141 -27.61 -3.17 -30.15
CA HIS A 141 -28.89 -2.50 -30.38
C HIS A 141 -29.13 -2.27 -31.87
N HIS A 142 -29.99 -3.13 -32.42
CA HIS A 142 -30.36 -3.08 -33.83
C HIS A 142 -31.58 -2.18 -34.02
N HIS A 143 -31.70 -1.59 -35.20
CA HIS A 143 -32.73 -0.58 -35.44
C HIS A 143 -33.65 -1.01 -36.57
N HIS A 144 -34.94 -0.76 -36.40
CA HIS A 144 -35.94 -1.13 -37.40
C HIS A 144 -35.96 -0.13 -38.55
N HIS A 145 -35.72 -0.63 -39.74
CA HIS A 145 -35.88 0.15 -40.96
C HIS A 145 -36.88 -0.58 -41.87
N MET A 1 52.97 71.26 -126.93
CA MET A 1 51.56 70.92 -127.24
C MET A 1 50.98 70.10 -126.11
N ASN A 2 49.64 70.19 -125.97
CA ASN A 2 48.82 69.37 -125.04
C ASN A 2 49.10 69.70 -123.57
N ALA A 3 48.36 70.65 -123.02
CA ALA A 3 48.43 70.92 -121.58
C ALA A 3 47.12 70.45 -120.94
N ARG A 4 47.17 69.26 -120.36
CA ARG A 4 45.97 68.58 -119.87
C ARG A 4 45.79 68.74 -118.35
N ASP A 5 46.53 69.67 -117.77
CA ASP A 5 46.44 69.96 -116.33
C ASP A 5 45.23 70.83 -116.05
N ASN A 6 44.37 70.36 -115.15
CA ASN A 6 43.11 71.04 -114.86
C ASN A 6 43.23 71.87 -113.59
N LYS A 7 42.64 73.06 -113.62
CA LYS A 7 42.64 73.94 -112.46
C LYS A 7 41.33 73.79 -111.67
N PHE A 8 41.38 72.89 -110.69
CA PHE A 8 40.23 72.61 -109.85
C PHE A 8 40.59 72.76 -108.38
N ASN A 9 39.61 73.16 -107.57
CA ASN A 9 39.80 73.30 -106.13
C ASN A 9 38.43 73.34 -105.44
N THR A 10 38.12 72.29 -104.69
CA THR A 10 36.90 72.24 -103.90
C THR A 10 37.11 71.46 -102.59
N TRP A 11 37.01 72.18 -101.48
CA TRP A 11 37.25 71.62 -100.15
C TRP A 11 36.11 72.01 -99.22
N ASN A 12 35.40 71.01 -98.69
CA ASN A 12 34.28 71.26 -97.78
C ASN A 12 34.38 70.38 -96.54
N ASP A 13 34.06 70.95 -95.38
CA ASP A 13 34.08 70.22 -94.12
C ASP A 13 32.98 70.74 -93.19
N SER A 14 32.18 69.83 -92.65
CA SER A 14 31.12 70.19 -91.73
C SER A 14 31.06 69.17 -90.60
N ARG A 15 31.29 69.63 -89.38
CA ARG A 15 31.22 68.77 -88.22
C ARG A 15 30.60 69.51 -87.03
N GLY A 16 29.44 69.05 -86.60
CA GLY A 16 28.77 69.66 -85.47
C GLY A 16 27.65 68.78 -84.94
N ASN A 17 27.99 67.93 -83.99
CA ASN A 17 27.00 67.10 -83.31
C ASN A 17 27.28 67.11 -81.82
N TYR A 18 26.44 67.86 -81.10
CA TYR A 18 26.60 68.04 -79.67
C TYR A 18 25.33 67.62 -78.97
N TRP A 19 25.47 66.81 -77.94
CA TRP A 19 24.33 66.20 -77.27
C TRP A 19 24.57 66.08 -75.76
N SER A 20 23.51 66.23 -74.97
CA SER A 20 23.60 66.18 -73.51
C SER A 20 22.40 65.44 -72.92
N ASP A 21 22.68 64.53 -71.99
CA ASP A 21 21.63 63.76 -71.29
C ASP A 21 21.83 63.84 -69.78
N TYR A 22 20.79 63.50 -69.03
CA TYR A 22 20.84 63.52 -67.57
C TYR A 22 20.30 62.21 -66.99
N GLU A 23 21.18 61.51 -66.28
CA GLU A 23 20.86 60.22 -65.68
C GLU A 23 21.18 60.24 -64.19
N GLY A 24 20.21 59.86 -63.38
CA GLY A 24 20.44 59.75 -61.95
C GLY A 24 19.16 59.59 -61.17
N SER A 25 18.97 58.41 -60.57
CA SER A 25 17.80 58.13 -59.73
C SER A 25 18.19 57.31 -58.50
N ASP A 26 17.56 57.62 -57.35
CA ASP A 26 17.74 56.82 -56.15
C ASP A 26 16.41 56.67 -55.42
N GLU A 27 16.16 55.48 -54.91
CA GLU A 27 15.00 55.21 -54.08
C GLU A 27 15.47 54.89 -52.67
N ASN A 28 15.27 55.82 -51.74
CA ASN A 28 15.69 55.62 -50.37
C ASN A 28 14.56 54.99 -49.55
N GLY A 29 14.92 53.96 -48.79
CA GLY A 29 13.95 53.27 -47.96
C GLY A 29 14.61 52.32 -46.97
N ASP A 30 14.07 52.26 -45.77
CA ASP A 30 14.59 51.40 -44.71
C ASP A 30 13.46 50.99 -43.76
N GLY A 31 13.40 49.70 -43.44
CA GLY A 31 12.36 49.19 -42.56
C GLY A 31 12.91 48.84 -41.19
N ILE A 32 12.32 49.46 -40.16
CA ILE A 32 12.74 49.24 -38.78
C ILE A 32 11.73 48.31 -38.09
N GLY A 33 12.22 47.17 -37.58
CA GLY A 33 11.36 46.22 -36.89
C GLY A 33 11.93 45.78 -35.56
N ASP A 34 11.07 45.67 -34.56
CA ASP A 34 11.49 45.32 -33.20
C ASP A 34 11.16 43.88 -32.87
N SER A 35 12.14 43.17 -32.32
CA SER A 35 11.95 41.79 -31.85
C SER A 35 12.55 41.66 -30.46
N ALA A 36 11.68 41.52 -29.46
CA ALA A 36 12.09 41.40 -28.07
C ALA A 36 11.17 40.45 -27.32
N TYR A 37 11.67 39.85 -26.25
CA TYR A 37 10.90 38.90 -25.46
C TYR A 37 11.17 39.04 -23.97
N ALA A 38 10.19 38.70 -23.16
CA ALA A 38 10.34 38.68 -21.72
C ALA A 38 10.13 37.28 -21.18
N VAL A 39 11.21 36.55 -21.03
CA VAL A 39 11.16 35.17 -20.56
C VAL A 39 11.97 35.03 -19.27
N ASN A 40 11.32 34.53 -18.22
CA ASN A 40 12.00 34.24 -16.96
C ASN A 40 11.97 32.75 -16.65
N PRO A 41 13.01 31.98 -17.06
CA PRO A 41 13.17 30.59 -16.66
C PRO A 41 13.91 30.46 -15.33
N GLU A 42 13.14 30.46 -14.25
CA GLU A 42 13.69 30.42 -12.91
C GLU A 42 13.38 29.07 -12.26
N ALA A 43 13.54 28.97 -10.93
CA ALA A 43 13.25 27.75 -10.18
C ALA A 43 11.76 27.50 -10.10
N GLY A 44 11.40 26.22 -9.91
CA GLY A 44 9.99 25.84 -9.83
C GLY A 44 9.43 25.95 -8.43
N SER A 45 8.37 25.21 -8.16
CA SER A 45 7.69 25.30 -6.88
C SER A 45 8.13 24.18 -5.92
N MET A 46 7.48 23.01 -6.00
CA MET A 46 7.82 21.90 -5.10
C MET A 46 8.06 20.62 -5.87
N ASP A 47 9.18 19.97 -5.57
CA ASP A 47 9.56 18.69 -6.16
C ASP A 47 9.76 17.67 -5.05
N TYR A 48 9.00 16.58 -5.08
CA TYR A 48 9.07 15.57 -4.02
C TYR A 48 9.36 14.17 -4.54
N MET A 49 9.94 13.36 -3.67
CA MET A 49 10.33 11.99 -3.97
C MET A 49 9.93 11.06 -2.81
N PRO A 50 9.24 9.93 -3.10
CA PRO A 50 8.82 8.98 -2.06
C PRO A 50 9.99 8.14 -1.49
N LEU A 51 10.37 8.46 -0.26
CA LEU A 51 11.40 7.71 0.44
C LEU A 51 10.73 6.76 1.44
N MET A 52 10.76 5.48 1.11
CA MET A 52 10.20 4.47 1.97
C MET A 52 11.32 3.53 2.41
N GLU A 53 11.65 3.61 3.69
CA GLU A 53 12.69 2.77 4.27
C GLU A 53 12.05 1.58 4.96
N TYR A 54 12.55 0.40 4.63
CA TYR A 54 12.03 -0.83 5.20
C TYR A 54 12.74 -1.15 6.53
N LEU A 55 11.95 -1.29 7.57
CA LEU A 55 12.49 -1.55 8.90
C LEU A 55 12.43 -3.04 9.19
N HIS A 56 11.22 -3.61 9.08
CA HIS A 56 11.01 -5.04 9.23
C HIS A 56 10.07 -5.53 8.13
N SER A 57 10.63 -6.12 7.09
CA SER A 57 9.84 -6.64 5.99
C SER A 57 9.56 -8.13 6.19
N SER A 58 8.28 -8.47 6.24
CA SER A 58 7.85 -9.87 6.30
C SER A 58 7.76 -10.42 4.86
N PRO A 59 7.53 -11.76 4.65
CA PRO A 59 7.30 -12.32 3.30
C PRO A 59 6.11 -11.67 2.60
N VAL A 60 6.19 -11.62 1.28
CA VAL A 60 5.28 -10.83 0.46
C VAL A 60 3.91 -11.53 0.30
N LEU A 61 2.85 -10.74 0.39
CA LEU A 61 1.50 -11.19 0.10
C LEU A 61 1.22 -11.02 -1.41
N PRO A 62 0.22 -11.70 -2.02
CA PRO A 62 0.09 -11.74 -3.46
C PRO A 62 -0.65 -10.55 -4.07
N THR A 63 -0.83 -10.67 -5.36
CA THR A 63 -1.53 -9.70 -6.16
C THR A 63 -2.30 -10.44 -7.25
N ALA A 64 -3.62 -10.50 -7.14
CA ALA A 64 -4.42 -11.11 -8.17
C ALA A 64 -4.75 -10.09 -9.22
N ARG A 65 -4.21 -10.28 -10.40
CA ARG A 65 -4.43 -9.40 -11.52
C ARG A 65 -4.71 -10.24 -12.73
N PHE A 66 -5.54 -9.75 -13.63
CA PHE A 66 -5.81 -10.43 -14.88
C PHE A 66 -6.34 -9.44 -15.90
N THR A 67 -6.08 -9.69 -17.16
CA THR A 67 -6.69 -8.90 -18.21
C THR A 67 -7.72 -9.74 -18.95
N SER A 68 -8.90 -9.16 -19.09
CA SER A 68 -9.98 -9.76 -19.83
C SER A 68 -9.97 -9.19 -21.25
N ASP A 69 -10.32 -10.02 -22.22
CA ASP A 69 -10.38 -9.59 -23.63
C ASP A 69 -11.47 -8.54 -23.82
N ILE A 70 -12.69 -8.87 -23.41
CA ILE A 70 -13.77 -7.90 -23.35
C ILE A 70 -14.29 -7.76 -21.92
N THR A 71 -14.45 -6.53 -21.50
CA THR A 71 -15.10 -6.23 -20.24
C THR A 71 -16.61 -6.17 -20.45
N GLU A 72 -16.99 -5.71 -21.64
CA GLU A 72 -18.36 -5.56 -22.06
C GLU A 72 -18.38 -5.45 -23.58
N GLY A 73 -19.48 -5.88 -24.19
CA GLY A 73 -19.59 -5.91 -25.63
C GLY A 73 -20.41 -7.08 -26.07
N PHE A 74 -20.40 -7.41 -27.36
CA PHE A 74 -21.15 -8.56 -27.84
C PHE A 74 -20.41 -9.84 -27.47
N ALA A 75 -21.16 -10.81 -26.96
CA ALA A 75 -20.65 -12.13 -26.53
C ALA A 75 -19.86 -12.84 -27.62
N PRO A 76 -18.54 -13.05 -27.39
CA PRO A 76 -17.72 -13.93 -28.21
C PRO A 76 -17.75 -15.35 -27.66
N LEU A 77 -17.12 -16.27 -28.36
CA LEU A 77 -17.05 -17.64 -27.87
C LEU A 77 -15.78 -17.83 -27.05
N SER A 78 -14.70 -17.19 -27.50
CA SER A 78 -13.46 -17.25 -26.76
C SER A 78 -13.11 -15.87 -26.24
N VAL A 79 -13.41 -15.65 -24.97
CA VAL A 79 -12.92 -14.47 -24.28
C VAL A 79 -11.56 -14.83 -23.68
N ARG A 80 -10.54 -14.09 -24.09
CA ARG A 80 -9.16 -14.37 -23.72
C ARG A 80 -8.87 -13.95 -22.28
N PHE A 81 -8.73 -14.95 -21.41
CA PHE A 81 -8.39 -14.71 -20.02
C PHE A 81 -7.00 -15.24 -19.72
N LYS A 82 -6.16 -14.37 -19.18
CA LYS A 82 -4.85 -14.79 -18.73
C LYS A 82 -4.57 -14.21 -17.35
N ASP A 83 -3.70 -14.87 -16.61
CA ASP A 83 -3.30 -14.38 -15.31
C ASP A 83 -2.16 -13.39 -15.47
N PHE A 84 -2.27 -12.30 -14.76
CA PHE A 84 -1.24 -11.27 -14.72
C PHE A 84 -0.80 -11.08 -13.26
N SER A 85 -1.20 -12.07 -12.45
CA SER A 85 -0.94 -12.14 -11.02
C SER A 85 0.55 -12.17 -10.69
N GLU A 86 0.90 -11.41 -9.66
CA GLU A 86 2.27 -11.28 -9.20
C GLU A 86 2.36 -11.70 -7.74
N ASN A 87 3.53 -12.25 -7.36
CA ASN A 87 3.85 -12.65 -5.96
C ASN A 87 2.91 -13.75 -5.42
N ALA A 88 2.46 -14.63 -6.31
CA ALA A 88 1.46 -15.62 -5.96
C ALA A 88 2.08 -17.01 -5.87
N THR A 89 1.67 -17.74 -4.85
CA THR A 89 2.10 -19.12 -4.67
C THR A 89 1.22 -20.04 -5.53
N SER A 90 -0.10 -19.85 -5.42
CA SER A 90 -1.07 -20.61 -6.20
C SER A 90 -2.04 -19.65 -6.89
N ARG A 91 -2.79 -20.18 -7.86
CA ARG A 91 -3.88 -19.42 -8.50
C ARG A 91 -5.09 -20.31 -8.74
N LEU A 92 -6.28 -19.69 -8.73
CA LEU A 92 -7.54 -20.38 -8.94
C LEU A 92 -8.42 -19.61 -9.91
N TRP A 93 -8.83 -20.28 -10.98
CA TRP A 93 -9.79 -19.70 -11.90
C TRP A 93 -11.20 -20.09 -11.51
N MET A 94 -11.99 -19.07 -11.20
CA MET A 94 -13.39 -19.25 -10.87
C MET A 94 -14.22 -18.92 -12.08
N PHE A 95 -14.86 -19.95 -12.63
CA PHE A 95 -15.70 -19.81 -13.83
C PHE A 95 -17.13 -19.43 -13.44
N GLY A 96 -17.54 -19.86 -12.25
CA GLY A 96 -18.89 -19.62 -11.78
C GLY A 96 -19.80 -20.81 -12.01
N ASP A 97 -19.27 -21.82 -12.68
CA ASP A 97 -20.01 -23.02 -13.02
C ASP A 97 -19.18 -24.25 -12.64
N GLY A 98 -19.69 -25.03 -11.70
CA GLY A 98 -19.00 -26.24 -11.28
C GLY A 98 -17.99 -26.01 -10.18
N ASN A 99 -16.88 -26.72 -10.28
CA ASN A 99 -15.83 -26.65 -9.27
C ASN A 99 -14.71 -25.71 -9.68
N THR A 100 -14.01 -25.17 -8.69
CA THR A 100 -12.78 -24.42 -8.91
C THR A 100 -11.59 -25.39 -8.90
N SER A 101 -10.42 -24.91 -9.38
CA SER A 101 -9.23 -25.74 -9.61
C SER A 101 -9.55 -26.86 -10.62
N ASP A 102 -10.24 -26.46 -11.70
CA ASP A 102 -10.58 -27.36 -12.80
C ASP A 102 -9.37 -27.45 -13.75
N SER A 103 -9.57 -28.11 -14.90
CA SER A 103 -8.55 -28.32 -15.92
C SER A 103 -7.84 -27.01 -16.31
N PRO A 104 -6.49 -27.02 -16.43
CA PRO A 104 -5.71 -25.84 -16.85
C PRO A 104 -5.77 -25.51 -18.36
N SER A 105 -6.88 -25.89 -18.98
CA SER A 105 -7.16 -25.53 -20.36
C SER A 105 -7.89 -24.17 -20.40
N PRO A 106 -7.89 -23.47 -21.55
CA PRO A 106 -8.70 -22.26 -21.74
C PRO A 106 -10.18 -22.61 -21.93
N LEU A 107 -10.86 -22.90 -20.81
CA LEU A 107 -12.23 -23.39 -20.82
C LEU A 107 -13.25 -22.27 -20.65
N HIS A 108 -12.84 -21.04 -20.91
CA HIS A 108 -13.71 -19.88 -20.74
C HIS A 108 -14.45 -19.59 -22.06
N THR A 109 -15.37 -20.49 -22.39
CA THR A 109 -16.13 -20.42 -23.62
C THR A 109 -17.57 -20.10 -23.30
N PHE A 110 -18.01 -18.95 -23.75
CA PHE A 110 -19.36 -18.48 -23.47
C PHE A 110 -20.22 -18.58 -24.72
N PHE A 111 -21.04 -19.63 -24.77
CA PHE A 111 -21.99 -19.83 -25.86
C PHE A 111 -23.27 -19.02 -25.62
N ASN A 112 -23.50 -18.67 -24.36
CA ASN A 112 -24.66 -17.92 -23.96
C ASN A 112 -24.25 -16.53 -23.52
N GLU A 113 -25.10 -15.54 -23.78
CA GLU A 113 -24.91 -14.19 -23.29
C GLU A 113 -25.54 -14.05 -21.89
N GLY A 114 -25.30 -12.91 -21.25
CA GLY A 114 -25.81 -12.69 -19.92
C GLY A 114 -24.76 -12.04 -19.03
N GLU A 115 -24.96 -12.13 -17.74
CA GLU A 115 -24.02 -11.57 -16.78
C GLU A 115 -23.17 -12.68 -16.17
N TYR A 116 -21.86 -12.58 -16.38
CA TYR A 116 -20.92 -13.54 -15.81
C TYR A 116 -19.95 -12.81 -14.92
N ILE A 117 -19.56 -13.41 -13.82
CA ILE A 117 -18.55 -12.81 -12.96
C ILE A 117 -17.29 -13.68 -12.98
N VAL A 118 -16.22 -13.09 -13.47
CA VAL A 118 -14.94 -13.78 -13.58
C VAL A 118 -14.06 -13.41 -12.41
N SER A 119 -13.62 -14.42 -11.68
CA SER A 119 -12.79 -14.20 -10.52
C SER A 119 -11.49 -14.98 -10.65
N LEU A 120 -10.39 -14.27 -10.48
CA LEU A 120 -9.10 -14.89 -10.32
C LEU A 120 -8.61 -14.61 -8.92
N ILE A 121 -8.48 -15.67 -8.13
CA ILE A 121 -8.03 -15.55 -6.76
C ILE A 121 -6.72 -16.29 -6.63
N VAL A 122 -5.73 -15.63 -6.06
CA VAL A 122 -4.43 -16.23 -5.88
C VAL A 122 -4.17 -16.43 -4.39
N SER A 123 -3.35 -17.41 -4.09
CA SER A 123 -3.15 -17.83 -2.72
C SER A 123 -1.69 -17.68 -2.34
N ASN A 124 -1.45 -17.37 -1.08
CA ASN A 124 -0.10 -17.19 -0.55
C ASN A 124 -0.16 -17.46 0.97
N GLU A 125 1.01 -17.63 1.60
CA GLU A 125 1.10 -18.01 3.01
C GLU A 125 0.64 -16.90 3.98
N ASN A 126 0.75 -15.65 3.54
CA ASN A 126 0.43 -14.51 4.39
C ASN A 126 -1.04 -14.14 4.22
N ASP A 127 -1.46 -14.01 2.96
CA ASP A 127 -2.81 -13.59 2.66
C ASP A 127 -3.22 -14.16 1.31
N SER A 128 -4.51 -14.19 1.04
CA SER A 128 -5.02 -14.51 -0.28
C SER A 128 -5.61 -13.26 -0.90
N ASP A 129 -5.22 -12.97 -2.13
CA ASP A 129 -5.65 -11.76 -2.80
C ASP A 129 -6.52 -12.16 -3.99
N SER A 130 -7.60 -11.43 -4.23
CA SER A 130 -8.48 -11.76 -5.35
C SER A 130 -8.93 -10.52 -6.10
N ALA A 131 -9.16 -10.70 -7.40
CA ALA A 131 -9.73 -9.68 -8.25
C ALA A 131 -10.92 -10.26 -8.99
N SER A 132 -11.94 -9.44 -9.22
CA SER A 132 -13.17 -9.91 -9.82
C SER A 132 -13.75 -8.84 -10.73
N VAL A 133 -14.25 -9.24 -11.89
CA VAL A 133 -14.85 -8.30 -12.84
C VAL A 133 -16.22 -8.81 -13.25
N THR A 134 -17.21 -7.92 -13.21
CA THR A 134 -18.53 -8.21 -13.75
C THR A 134 -18.51 -8.01 -15.27
N ILE A 135 -18.62 -9.12 -15.97
CA ILE A 135 -18.61 -9.14 -17.43
C ILE A 135 -20.05 -9.14 -17.92
N ARG A 136 -20.44 -8.13 -18.68
CA ARG A 136 -21.78 -8.08 -19.23
C ARG A 136 -21.70 -8.39 -20.71
N ALA A 137 -22.17 -9.57 -21.07
CA ALA A 137 -22.17 -10.01 -22.45
C ALA A 137 -23.53 -9.74 -23.06
N LEU A 138 -23.55 -8.79 -23.98
CA LEU A 138 -24.77 -8.39 -24.67
C LEU A 138 -24.68 -8.79 -26.13
N GLU A 139 -25.69 -8.42 -26.88
CA GLU A 139 -25.66 -8.68 -28.31
C GLU A 139 -25.82 -7.37 -29.07
N HIS A 140 -24.78 -6.99 -29.82
CA HIS A 140 -24.87 -5.84 -30.72
C HIS A 140 -25.86 -6.19 -31.82
N HIS A 141 -26.99 -5.50 -31.82
CA HIS A 141 -28.18 -5.91 -32.57
C HIS A 141 -27.91 -5.94 -34.06
N HIS A 142 -28.29 -7.08 -34.65
CA HIS A 142 -28.01 -7.39 -36.04
C HIS A 142 -28.78 -6.48 -36.99
N HIS A 143 -28.05 -5.80 -37.86
CA HIS A 143 -28.65 -4.93 -38.86
C HIS A 143 -28.88 -5.70 -40.16
N HIS A 144 -29.74 -5.18 -41.01
CA HIS A 144 -30.07 -5.82 -42.28
C HIS A 144 -29.00 -5.52 -43.35
N HIS A 145 -28.97 -6.35 -44.38
CA HIS A 145 -28.07 -6.16 -45.52
C HIS A 145 -28.72 -5.24 -46.55
N MET A 1 -48.10 65.96 128.52
CA MET A 1 -47.93 67.00 127.47
C MET A 1 -47.76 66.35 126.11
N ASN A 2 -48.69 66.64 125.21
CA ASN A 2 -48.62 66.14 123.84
C ASN A 2 -48.81 67.29 122.85
N ALA A 3 -48.23 67.12 121.68
CA ALA A 3 -48.30 68.14 120.63
C ALA A 3 -49.03 67.59 119.41
N ARG A 4 -50.05 68.31 118.97
CA ARG A 4 -50.77 67.91 117.77
C ARG A 4 -50.14 68.55 116.53
N ASP A 5 -50.02 67.76 115.48
CA ASP A 5 -49.52 68.27 114.20
C ASP A 5 -50.34 67.72 113.06
N ASN A 6 -50.59 68.58 112.08
CA ASN A 6 -51.33 68.22 110.87
C ASN A 6 -51.05 69.26 109.79
N LYS A 7 -50.19 68.92 108.85
CA LYS A 7 -49.90 69.83 107.75
C LYS A 7 -50.30 69.19 106.43
N PHE A 8 -51.55 69.44 106.05
CA PHE A 8 -52.09 68.97 104.80
C PHE A 8 -51.91 70.05 103.73
N ASN A 9 -50.92 69.86 102.89
CA ASN A 9 -50.69 70.73 101.74
C ASN A 9 -51.23 70.04 100.49
N THR A 10 -51.64 70.81 99.49
CA THR A 10 -52.06 70.26 98.21
C THR A 10 -50.80 69.90 97.39
N TRP A 11 -50.26 68.72 97.66
CA TRP A 11 -49.12 68.24 96.95
C TRP A 11 -49.56 67.19 95.94
N ASN A 12 -49.63 67.61 94.70
CA ASN A 12 -49.97 66.74 93.60
C ASN A 12 -49.11 67.14 92.41
N ASP A 13 -48.83 66.21 91.52
CA ASP A 13 -47.92 66.47 90.41
C ASP A 13 -48.65 67.07 89.22
N SER A 14 -47.90 67.79 88.40
CA SER A 14 -48.40 68.35 87.16
C SER A 14 -47.78 67.60 85.98
N ARG A 15 -48.55 66.71 85.38
CA ARG A 15 -48.07 65.94 84.24
C ARG A 15 -48.49 66.57 82.90
N GLY A 16 -48.05 65.96 81.81
CA GLY A 16 -48.39 66.46 80.49
C GLY A 16 -48.52 65.32 79.49
N ASN A 17 -49.32 65.52 78.45
CA ASN A 17 -49.57 64.49 77.45
C ASN A 17 -48.57 64.58 76.29
N TYR A 18 -48.36 63.45 75.63
CA TYR A 18 -47.51 63.37 74.45
C TYR A 18 -48.07 62.32 73.49
N TRP A 19 -47.75 62.46 72.21
CA TRP A 19 -48.15 61.46 71.22
C TRP A 19 -47.09 61.32 70.15
N SER A 20 -46.24 60.31 70.31
CA SER A 20 -45.17 60.05 69.36
C SER A 20 -45.12 58.57 68.98
N ASP A 21 -45.55 58.26 67.76
CA ASP A 21 -45.49 56.90 67.23
C ASP A 21 -44.17 56.70 66.49
N TYR A 22 -43.59 55.52 66.65
CA TYR A 22 -42.27 55.23 66.07
C TYR A 22 -42.39 54.84 64.61
N GLU A 23 -41.67 55.57 63.77
CA GLU A 23 -41.60 55.25 62.35
C GLU A 23 -40.20 54.76 61.99
N GLY A 24 -40.11 53.49 61.59
CA GLY A 24 -38.83 52.91 61.22
C GLY A 24 -38.93 52.08 59.97
N SER A 25 -38.60 52.68 58.84
CA SER A 25 -38.69 52.01 57.53
C SER A 25 -37.30 51.86 56.90
N ASP A 26 -36.73 50.67 57.04
CA ASP A 26 -35.44 50.35 56.44
C ASP A 26 -35.37 48.88 56.09
N GLU A 27 -34.79 48.57 54.94
CA GLU A 27 -34.65 47.19 54.50
C GLU A 27 -33.32 46.98 53.78
N ASN A 28 -32.53 46.03 54.29
CA ASN A 28 -31.25 45.65 53.68
C ASN A 28 -30.95 44.20 54.04
N GLY A 29 -30.51 43.42 53.05
CA GLY A 29 -30.18 42.03 53.29
C GLY A 29 -28.99 41.58 52.48
N ASP A 30 -27.88 41.32 53.14
CA ASP A 30 -26.66 40.86 52.47
C ASP A 30 -26.42 39.38 52.73
N GLY A 31 -25.81 38.71 51.77
CA GLY A 31 -25.52 37.30 51.90
C GLY A 31 -24.84 36.71 50.68
N ILE A 32 -23.53 36.90 50.58
CA ILE A 32 -22.74 36.31 49.49
C ILE A 32 -21.87 35.18 50.05
N GLY A 33 -22.21 33.94 49.71
CA GLY A 33 -21.50 32.79 50.20
C GLY A 33 -21.30 31.74 49.13
N ASP A 34 -20.16 31.81 48.45
CA ASP A 34 -19.85 30.89 47.35
C ASP A 34 -18.93 29.76 47.82
N SER A 35 -19.05 28.61 47.17
CA SER A 35 -18.21 27.45 47.47
C SER A 35 -17.91 26.67 46.18
N ALA A 36 -16.75 26.00 46.16
CA ALA A 36 -16.35 25.17 45.04
C ALA A 36 -15.56 23.95 45.53
N TYR A 37 -15.47 22.91 44.69
CA TYR A 37 -14.74 21.70 45.04
C TYR A 37 -13.59 21.45 44.05
N ALA A 38 -12.77 20.44 44.35
CA ALA A 38 -11.62 20.10 43.50
C ALA A 38 -11.99 19.04 42.48
N VAL A 39 -11.36 19.10 41.32
CA VAL A 39 -11.59 18.15 40.25
C VAL A 39 -10.31 17.33 39.98
N ASN A 40 -10.49 16.04 39.71
CA ASN A 40 -9.38 15.15 39.45
C ASN A 40 -9.42 14.64 38.00
N PRO A 41 -8.40 14.99 37.18
CA PRO A 41 -8.25 14.42 35.83
C PRO A 41 -7.90 12.92 35.85
N GLU A 42 -7.04 12.53 36.80
CA GLU A 42 -6.60 11.16 36.93
C GLU A 42 -7.15 10.56 38.23
N ALA A 43 -6.70 9.36 38.55
CA ALA A 43 -7.06 8.69 39.80
C ALA A 43 -5.94 8.86 40.84
N GLY A 44 -5.35 10.06 40.83
CA GLY A 44 -4.19 10.36 41.63
C GLY A 44 -2.99 10.68 40.77
N SER A 45 -1.83 10.19 41.16
CA SER A 45 -0.65 10.25 40.30
C SER A 45 -0.56 8.97 39.49
N MET A 46 -0.48 9.11 38.17
CA MET A 46 -0.51 7.97 37.28
C MET A 46 0.80 7.86 36.49
N ASP A 47 1.41 6.70 36.55
CA ASP A 47 2.61 6.40 35.75
C ASP A 47 2.30 5.28 34.78
N TYR A 48 3.20 5.05 33.84
CA TYR A 48 3.02 4.02 32.83
C TYR A 48 4.20 3.05 32.84
N MET A 49 3.99 1.87 32.28
CA MET A 49 5.05 0.88 32.16
C MET A 49 5.46 0.74 30.69
N PRO A 50 6.78 0.89 30.39
CA PRO A 50 7.29 0.78 29.01
C PRO A 50 7.20 -0.65 28.46
N LEU A 51 6.96 -0.75 27.17
CA LEU A 51 6.70 -2.03 26.52
C LEU A 51 7.90 -2.46 25.68
N MET A 52 8.21 -3.75 25.77
CA MET A 52 9.28 -4.37 24.97
C MET A 52 8.84 -4.53 23.51
N GLU A 53 9.81 -4.59 22.62
CA GLU A 53 9.55 -4.71 21.19
C GLU A 53 10.39 -5.82 20.58
N TYR A 54 9.89 -6.41 19.51
CA TYR A 54 10.66 -7.37 18.74
C TYR A 54 10.91 -6.84 17.34
N LEU A 55 11.69 -7.56 16.54
CA LEU A 55 11.94 -7.18 15.16
C LEU A 55 10.87 -7.77 14.24
N HIS A 56 10.35 -6.94 13.33
CA HIS A 56 9.33 -7.40 12.39
C HIS A 56 10.00 -7.98 11.14
N SER A 57 9.38 -9.02 10.58
CA SER A 57 9.84 -9.59 9.33
C SER A 57 9.06 -9.03 8.15
N SER A 58 7.72 -9.04 8.30
CA SER A 58 6.75 -8.55 7.29
C SER A 58 6.90 -9.29 5.94
N PRO A 59 6.25 -10.47 5.80
CA PRO A 59 6.28 -11.24 4.55
C PRO A 59 5.36 -10.65 3.48
N VAL A 60 5.48 -11.17 2.26
CA VAL A 60 4.78 -10.60 1.12
C VAL A 60 3.51 -11.41 0.79
N LEU A 61 2.43 -10.67 0.55
CA LEU A 61 1.15 -11.25 0.16
C LEU A 61 0.98 -11.16 -1.37
N PRO A 62 0.08 -11.97 -2.00
CA PRO A 62 -0.09 -11.94 -3.45
C PRO A 62 -0.82 -10.70 -3.97
N THR A 63 -1.03 -10.72 -5.28
CA THR A 63 -1.68 -9.67 -5.99
C THR A 63 -2.51 -10.29 -7.13
N ALA A 64 -3.82 -10.22 -7.01
CA ALA A 64 -4.68 -10.68 -8.08
C ALA A 64 -4.93 -9.56 -9.08
N ARG A 65 -4.32 -9.71 -10.23
CA ARG A 65 -4.44 -8.73 -11.30
C ARG A 65 -4.74 -9.52 -12.57
N PHE A 66 -5.61 -8.98 -13.43
CA PHE A 66 -6.04 -9.70 -14.63
C PHE A 66 -6.61 -8.77 -15.69
N THR A 67 -6.74 -9.29 -16.91
CA THR A 67 -7.40 -8.57 -17.98
C THR A 67 -8.15 -9.57 -18.89
N SER A 68 -9.22 -9.09 -19.50
CA SER A 68 -9.99 -9.90 -20.44
C SER A 68 -9.94 -9.29 -21.83
N ASP A 69 -10.26 -10.09 -22.83
CA ASP A 69 -10.31 -9.65 -24.22
C ASP A 69 -11.44 -8.64 -24.42
N ILE A 70 -12.66 -9.02 -24.06
CA ILE A 70 -13.78 -8.08 -24.10
C ILE A 70 -14.27 -7.75 -22.70
N THR A 71 -14.77 -6.55 -22.57
CA THR A 71 -15.43 -6.08 -21.36
C THR A 71 -16.76 -5.44 -21.70
N GLU A 72 -16.90 -5.12 -22.99
CA GLU A 72 -18.09 -4.48 -23.53
C GLU A 72 -18.31 -4.96 -24.95
N GLY A 73 -19.49 -5.51 -25.17
CA GLY A 73 -19.83 -6.09 -26.46
C GLY A 73 -20.74 -7.27 -26.25
N PHE A 74 -21.13 -7.93 -27.31
CA PHE A 74 -21.97 -9.12 -27.19
C PHE A 74 -21.06 -10.31 -26.91
N ALA A 75 -21.59 -11.32 -26.23
CA ALA A 75 -20.85 -12.53 -25.87
C ALA A 75 -20.26 -13.26 -27.09
N PRO A 76 -18.91 -13.27 -27.22
CA PRO A 76 -18.21 -13.97 -28.27
C PRO A 76 -17.90 -15.41 -27.86
N LEU A 77 -17.11 -16.12 -28.65
CA LEU A 77 -16.76 -17.49 -28.33
C LEU A 77 -15.54 -17.49 -27.40
N SER A 78 -14.35 -17.32 -27.98
CA SER A 78 -13.10 -17.35 -27.23
C SER A 78 -12.76 -15.96 -26.72
N VAL A 79 -13.04 -15.71 -25.44
CA VAL A 79 -12.65 -14.45 -24.80
C VAL A 79 -11.29 -14.65 -24.13
N ARG A 80 -10.22 -14.26 -24.85
CA ARG A 80 -8.85 -14.51 -24.44
C ARG A 80 -8.52 -13.81 -23.12
N PHE A 81 -8.14 -14.61 -22.13
CA PHE A 81 -7.98 -14.11 -20.79
C PHE A 81 -6.52 -14.23 -20.35
N LYS A 82 -6.01 -13.17 -19.75
CA LYS A 82 -4.64 -13.15 -19.22
C LYS A 82 -4.64 -12.80 -17.75
N ASP A 83 -3.95 -13.61 -16.96
CA ASP A 83 -3.77 -13.30 -15.55
C ASP A 83 -2.39 -12.68 -15.33
N PHE A 84 -2.34 -11.75 -14.39
CA PHE A 84 -1.13 -11.00 -14.08
C PHE A 84 -0.83 -11.13 -12.58
N SER A 85 -1.25 -12.27 -12.02
CA SER A 85 -1.05 -12.60 -10.61
C SER A 85 0.43 -12.54 -10.21
N GLU A 86 0.70 -11.77 -9.17
CA GLU A 86 2.07 -11.57 -8.70
C GLU A 86 2.19 -12.06 -7.27
N ASN A 87 3.39 -12.59 -6.91
CA ASN A 87 3.76 -12.96 -5.53
C ASN A 87 2.87 -14.09 -4.98
N ALA A 88 2.43 -14.96 -5.88
CA ALA A 88 1.48 -16.00 -5.53
C ALA A 88 2.01 -17.37 -5.93
N THR A 89 1.60 -18.38 -5.17
CA THR A 89 1.97 -19.75 -5.44
C THR A 89 1.01 -20.35 -6.46
N SER A 90 -0.28 -20.30 -6.16
CA SER A 90 -1.29 -20.92 -7.01
C SER A 90 -2.36 -19.93 -7.41
N ARG A 91 -2.94 -20.15 -8.58
CA ARG A 91 -4.10 -19.41 -9.03
C ARG A 91 -5.35 -20.29 -8.94
N LEU A 92 -6.42 -19.71 -8.45
CA LEU A 92 -7.67 -20.43 -8.26
C LEU A 92 -8.70 -19.83 -9.19
N TRP A 93 -9.12 -20.62 -10.16
CA TRP A 93 -10.14 -20.19 -11.10
C TRP A 93 -11.52 -20.60 -10.63
N MET A 94 -12.37 -19.61 -10.39
CA MET A 94 -13.77 -19.84 -10.09
C MET A 94 -14.64 -19.00 -11.02
N PHE A 95 -15.48 -19.69 -11.79
CA PHE A 95 -16.31 -19.03 -12.81
C PHE A 95 -17.81 -19.25 -12.59
N GLY A 96 -18.19 -19.76 -11.42
CA GLY A 96 -19.55 -20.23 -11.23
C GLY A 96 -19.68 -21.61 -11.82
N ASP A 97 -18.89 -22.52 -11.28
CA ASP A 97 -18.60 -23.79 -11.92
C ASP A 97 -18.76 -24.92 -10.91
N GLY A 98 -18.22 -26.10 -11.24
CA GLY A 98 -18.10 -27.20 -10.29
C GLY A 98 -16.95 -26.97 -9.32
N ASN A 99 -16.04 -27.95 -9.25
CA ASN A 99 -14.83 -27.85 -8.43
C ASN A 99 -13.97 -26.64 -8.84
N THR A 100 -13.67 -25.79 -7.87
CA THR A 100 -12.83 -24.62 -8.09
C THR A 100 -11.35 -25.01 -8.05
N SER A 101 -10.48 -24.13 -8.57
CA SER A 101 -9.02 -24.38 -8.72
C SER A 101 -8.77 -25.64 -9.54
N ASP A 102 -9.63 -25.87 -10.53
CA ASP A 102 -9.57 -27.08 -11.35
C ASP A 102 -8.42 -26.96 -12.37
N SER A 103 -8.06 -28.11 -12.98
CA SER A 103 -7.06 -28.19 -14.05
C SER A 103 -7.36 -27.16 -15.16
N PRO A 104 -6.48 -26.13 -15.30
CA PRO A 104 -6.73 -24.95 -16.16
C PRO A 104 -6.89 -25.26 -17.63
N SER A 105 -8.14 -25.21 -18.05
CA SER A 105 -8.54 -25.44 -19.42
C SER A 105 -9.13 -24.13 -19.98
N PRO A 106 -9.41 -24.01 -21.31
CA PRO A 106 -10.09 -22.83 -21.85
C PRO A 106 -11.57 -22.75 -21.43
N LEU A 107 -11.79 -22.22 -20.23
CA LEU A 107 -13.13 -22.04 -19.66
C LEU A 107 -13.54 -20.57 -19.75
N HIS A 108 -12.88 -19.87 -20.67
CA HIS A 108 -13.13 -18.46 -20.94
C HIS A 108 -14.04 -18.31 -22.17
N THR A 109 -14.66 -19.43 -22.54
CA THR A 109 -15.54 -19.48 -23.69
C THR A 109 -16.99 -19.34 -23.25
N PHE A 110 -17.62 -18.25 -23.68
CA PHE A 110 -18.99 -17.95 -23.25
C PHE A 110 -19.98 -18.30 -24.35
N PHE A 111 -20.78 -19.32 -24.08
CA PHE A 111 -21.72 -19.84 -25.07
C PHE A 111 -23.06 -19.11 -25.01
N ASN A 112 -23.37 -18.55 -23.84
CA ASN A 112 -24.64 -17.87 -23.62
C ASN A 112 -24.44 -16.36 -23.46
N GLU A 113 -25.50 -15.61 -23.74
CA GLU A 113 -25.50 -14.16 -23.54
C GLU A 113 -26.07 -13.83 -22.15
N GLY A 114 -25.70 -12.68 -21.62
CA GLY A 114 -26.16 -12.29 -20.31
C GLY A 114 -25.10 -11.56 -19.54
N GLU A 115 -24.67 -12.14 -18.42
CA GLU A 115 -23.66 -11.53 -17.57
C GLU A 115 -22.82 -12.62 -16.93
N TYR A 116 -21.51 -12.41 -16.90
CA TYR A 116 -20.58 -13.34 -16.26
C TYR A 116 -19.73 -12.61 -15.25
N ILE A 117 -19.26 -13.33 -14.24
CA ILE A 117 -18.33 -12.75 -13.28
C ILE A 117 -17.10 -13.66 -13.16
N VAL A 118 -15.96 -13.15 -13.62
CA VAL A 118 -14.70 -13.86 -13.52
C VAL A 118 -13.97 -13.41 -12.25
N SER A 119 -13.64 -14.37 -11.40
CA SER A 119 -12.93 -14.08 -10.17
C SER A 119 -11.61 -14.84 -10.09
N LEU A 120 -10.53 -14.07 -10.06
CA LEU A 120 -9.19 -14.60 -9.89
C LEU A 120 -8.77 -14.41 -8.44
N ILE A 121 -8.58 -15.51 -7.76
CA ILE A 121 -8.12 -15.50 -6.40
C ILE A 121 -6.80 -16.24 -6.36
N VAL A 122 -5.79 -15.62 -5.80
CA VAL A 122 -4.47 -16.21 -5.73
C VAL A 122 -4.02 -16.34 -4.30
N SER A 123 -3.24 -17.37 -4.03
CA SER A 123 -2.91 -17.74 -2.68
C SER A 123 -1.42 -17.87 -2.49
N ASN A 124 -0.96 -17.42 -1.33
CA ASN A 124 0.41 -17.59 -0.92
C ASN A 124 0.37 -18.03 0.55
N GLU A 125 1.51 -18.35 1.17
CA GLU A 125 1.53 -18.85 2.55
C GLU A 125 1.33 -17.72 3.57
N ASN A 126 1.30 -16.49 3.08
CA ASN A 126 1.07 -15.32 3.89
C ASN A 126 -0.43 -15.01 3.94
N ASP A 127 -1.03 -14.79 2.76
CA ASP A 127 -2.44 -14.37 2.66
C ASP A 127 -2.99 -14.70 1.27
N SER A 128 -4.28 -14.44 1.03
CA SER A 128 -4.87 -14.58 -0.30
C SER A 128 -5.46 -13.24 -0.77
N ASP A 129 -5.25 -12.92 -2.05
CA ASP A 129 -5.75 -11.69 -2.63
C ASP A 129 -6.66 -12.05 -3.80
N SER A 130 -7.85 -11.46 -3.85
CA SER A 130 -8.81 -11.82 -4.89
C SER A 130 -9.37 -10.58 -5.57
N ALA A 131 -9.45 -10.65 -6.89
CA ALA A 131 -10.04 -9.59 -7.70
C ALA A 131 -11.18 -10.14 -8.53
N SER A 132 -12.12 -9.28 -8.88
CA SER A 132 -13.28 -9.71 -9.63
C SER A 132 -13.59 -8.70 -10.75
N VAL A 133 -14.15 -9.19 -11.86
CA VAL A 133 -14.51 -8.34 -12.97
C VAL A 133 -15.86 -8.80 -13.56
N THR A 134 -16.73 -7.84 -13.84
CA THR A 134 -18.02 -8.12 -14.44
C THR A 134 -17.90 -8.10 -15.96
N ILE A 135 -18.24 -9.22 -16.57
CA ILE A 135 -18.20 -9.38 -18.01
C ILE A 135 -19.59 -9.11 -18.56
N ARG A 136 -19.69 -8.22 -19.54
CA ARG A 136 -20.98 -7.81 -20.07
C ARG A 136 -21.20 -8.43 -21.44
N ALA A 137 -22.39 -8.99 -21.62
CA ALA A 137 -22.82 -9.44 -22.91
C ALA A 137 -24.04 -8.62 -23.30
N LEU A 138 -23.87 -7.77 -24.31
CA LEU A 138 -24.81 -6.70 -24.60
C LEU A 138 -26.05 -7.22 -25.28
N GLU A 139 -27.16 -6.61 -24.91
CA GLU A 139 -28.49 -6.99 -25.36
C GLU A 139 -28.70 -6.70 -26.84
N HIS A 140 -29.14 -7.71 -27.56
CA HIS A 140 -29.62 -7.53 -28.92
C HIS A 140 -31.07 -7.08 -28.85
N HIS A 141 -31.43 -6.10 -29.68
CA HIS A 141 -32.75 -5.47 -29.62
C HIS A 141 -33.91 -6.44 -29.89
N HIS A 142 -33.77 -7.28 -30.96
CA HIS A 142 -34.78 -8.29 -31.39
C HIS A 142 -36.05 -7.66 -32.04
N HIS A 143 -36.36 -6.42 -31.66
CA HIS A 143 -37.52 -5.70 -32.12
C HIS A 143 -37.32 -5.19 -33.56
N HIS A 144 -37.87 -5.94 -34.51
CA HIS A 144 -37.81 -5.60 -35.93
C HIS A 144 -39.13 -6.00 -36.59
N HIS A 145 -40.15 -5.16 -36.43
CA HIS A 145 -41.46 -5.34 -37.10
C HIS A 145 -42.20 -4.02 -37.17
N MET A 1 65.44 9.83 -53.54
CA MET A 1 66.80 9.62 -54.07
C MET A 1 67.56 10.95 -54.23
N ASN A 2 66.97 12.05 -53.78
CA ASN A 2 67.61 13.36 -53.88
C ASN A 2 68.13 13.77 -52.50
N ALA A 3 69.33 13.32 -52.19
CA ALA A 3 69.98 13.64 -50.93
C ALA A 3 71.29 14.36 -51.17
N ARG A 4 71.28 15.67 -50.92
CA ARG A 4 72.50 16.49 -51.01
C ARG A 4 73.44 16.14 -49.87
N ASP A 5 74.73 16.06 -50.18
CA ASP A 5 75.74 15.76 -49.16
C ASP A 5 75.96 16.99 -48.27
N ASN A 6 75.61 16.84 -47.00
CA ASN A 6 75.71 17.93 -46.04
C ASN A 6 76.43 17.49 -44.77
N LYS A 7 77.41 18.28 -44.38
CA LYS A 7 78.10 18.09 -43.13
C LYS A 7 78.36 19.45 -42.49
N PHE A 8 77.42 19.88 -41.67
CA PHE A 8 77.54 21.14 -40.96
C PHE A 8 77.58 20.89 -39.45
N ASN A 9 78.69 21.29 -38.86
CA ASN A 9 78.89 21.20 -37.41
C ASN A 9 79.10 22.60 -36.84
N THR A 10 78.70 22.81 -35.59
CA THR A 10 78.78 24.12 -34.98
C THR A 10 79.70 24.10 -33.74
N TRP A 11 80.32 25.24 -33.45
CA TRP A 11 81.24 25.37 -32.32
C TRP A 11 80.71 26.37 -31.30
N ASN A 12 80.26 25.86 -30.16
CA ASN A 12 79.85 26.71 -29.04
C ASN A 12 80.22 26.06 -27.71
N ASP A 13 80.61 26.88 -26.74
CA ASP A 13 80.98 26.39 -25.41
C ASP A 13 80.17 27.13 -24.33
N SER A 14 80.34 26.70 -23.09
CA SER A 14 79.65 27.32 -21.96
C SER A 14 80.58 27.47 -20.77
N ARG A 15 80.51 28.64 -20.12
CA ARG A 15 81.26 28.91 -18.89
C ARG A 15 80.50 29.95 -18.05
N GLY A 16 80.72 29.92 -16.74
CA GLY A 16 80.05 30.86 -15.87
C GLY A 16 79.78 30.29 -14.49
N ASN A 17 80.62 30.66 -13.53
CA ASN A 17 80.47 30.20 -12.16
C ASN A 17 80.40 31.40 -11.23
N TYR A 18 79.19 31.68 -10.78
CA TYR A 18 78.89 32.92 -10.07
C TYR A 18 78.64 32.66 -8.57
N TRP A 19 78.35 33.72 -7.82
CA TRP A 19 78.05 33.61 -6.39
C TRP A 19 76.59 34.01 -6.11
N SER A 20 76.06 33.51 -4.98
CA SER A 20 74.71 33.86 -4.53
C SER A 20 74.61 33.75 -2.99
N ASP A 21 75.66 34.18 -2.31
CA ASP A 21 75.79 33.98 -0.86
C ASP A 21 75.29 35.20 -0.05
N TYR A 22 75.56 35.17 1.28
CA TYR A 22 75.16 36.19 2.27
C TYR A 22 73.67 36.11 2.58
N GLU A 23 73.36 35.52 3.73
CA GLU A 23 72.00 35.25 4.13
C GLU A 23 71.64 35.89 5.48
N GLY A 24 70.57 36.67 5.47
CA GLY A 24 70.07 37.32 6.68
C GLY A 24 68.55 37.35 6.73
N SER A 25 68.00 36.81 7.81
CA SER A 25 66.55 36.73 7.98
C SER A 25 66.15 37.15 9.40
N ASP A 26 65.61 38.38 9.52
CA ASP A 26 65.22 38.93 10.82
C ASP A 26 63.91 39.71 10.71
N GLU A 27 62.84 39.18 11.31
CA GLU A 27 61.58 39.90 11.46
C GLU A 27 60.87 39.49 12.75
N ASN A 28 60.15 40.42 13.36
CA ASN A 28 59.43 40.15 14.60
C ASN A 28 58.27 41.13 14.79
N GLY A 29 57.07 40.60 14.98
CA GLY A 29 55.91 41.42 15.20
C GLY A 29 54.71 40.60 15.64
N ASP A 30 54.03 41.08 16.68
CA ASP A 30 52.87 40.41 17.23
C ASP A 30 51.59 41.01 16.67
N GLY A 31 50.51 40.22 16.66
CA GLY A 31 49.26 40.68 16.08
C GLY A 31 48.09 39.74 16.28
N ILE A 32 47.73 39.50 17.53
CA ILE A 32 46.51 38.79 17.85
C ILE A 32 45.55 39.68 18.63
N GLY A 33 44.26 39.51 18.37
CA GLY A 33 43.25 40.30 19.05
C GLY A 33 41.86 39.78 18.81
N ASP A 34 41.70 38.47 18.94
CA ASP A 34 40.39 37.84 18.80
C ASP A 34 39.76 37.65 20.17
N SER A 35 38.62 38.29 20.36
CA SER A 35 37.87 38.20 21.60
C SER A 35 36.47 37.66 21.33
N ALA A 36 36.26 36.39 21.63
CA ALA A 36 34.96 35.74 21.45
C ALA A 36 34.70 34.79 22.61
N TYR A 37 33.49 34.86 23.17
CA TYR A 37 33.14 34.06 24.34
C TYR A 37 31.96 33.15 24.04
N ALA A 38 32.25 31.86 23.91
CA ALA A 38 31.23 30.83 23.67
C ALA A 38 31.76 29.47 24.08
N VAL A 39 30.87 28.58 24.50
CA VAL A 39 31.26 27.20 24.77
C VAL A 39 30.81 26.29 23.63
N ASN A 40 31.55 25.22 23.41
CA ASN A 40 31.17 24.19 22.45
C ASN A 40 30.95 22.85 23.13
N PRO A 41 29.69 22.56 23.56
CA PRO A 41 29.34 21.31 24.23
C PRO A 41 29.29 20.13 23.27
N GLU A 42 28.35 20.15 22.34
CA GLU A 42 28.21 19.09 21.34
C GLU A 42 28.02 19.69 19.96
N ALA A 43 28.08 18.84 18.95
CA ALA A 43 27.91 19.26 17.56
C ALA A 43 26.88 18.38 16.84
N GLY A 44 26.18 17.55 17.61
CA GLY A 44 25.18 16.67 17.04
C GLY A 44 23.84 16.82 17.73
N SER A 45 23.26 18.02 17.62
CA SER A 45 21.99 18.32 18.25
C SER A 45 20.81 18.05 17.31
N MET A 46 21.10 17.97 16.01
CA MET A 46 20.08 17.72 15.01
C MET A 46 20.47 16.55 14.11
N ASP A 47 19.79 15.43 14.32
CA ASP A 47 19.91 14.27 13.47
C ASP A 47 18.52 13.80 13.06
N TYR A 48 18.32 13.58 11.75
CA TYR A 48 17.02 13.17 11.23
C TYR A 48 17.21 12.11 10.14
N MET A 49 17.40 10.86 10.56
CA MET A 49 17.52 9.74 9.63
C MET A 49 16.49 8.67 9.98
N PRO A 50 15.64 8.25 9.01
CA PRO A 50 14.63 7.21 9.25
C PRO A 50 15.21 5.83 9.57
N LEU A 51 14.42 5.02 10.26
CA LEU A 51 14.81 3.69 10.73
C LEU A 51 14.89 2.72 9.55
N MET A 52 13.78 2.61 8.80
CA MET A 52 13.68 1.96 7.46
C MET A 52 13.73 0.43 7.46
N GLU A 53 14.53 -0.18 8.33
CA GLU A 53 14.78 -1.62 8.30
C GLU A 53 13.67 -2.40 9.01
N TYR A 54 12.88 -1.72 9.83
CA TYR A 54 11.79 -2.36 10.54
C TYR A 54 10.51 -2.27 9.72
N LEU A 55 10.38 -3.19 8.79
CA LEU A 55 9.26 -3.22 7.87
C LEU A 55 8.25 -4.23 8.37
N HIS A 56 6.98 -3.81 8.41
CA HIS A 56 5.90 -4.64 8.95
C HIS A 56 5.55 -5.75 7.97
N SER A 57 5.41 -5.37 6.72
CA SER A 57 5.23 -6.35 5.66
C SER A 57 6.57 -6.61 4.99
N SER A 58 7.46 -7.29 5.72
CA SER A 58 8.79 -7.65 5.23
C SER A 58 8.75 -8.74 4.13
N PRO A 59 7.87 -9.79 4.19
CA PRO A 59 7.56 -10.57 3.00
C PRO A 59 6.40 -9.95 2.23
N VAL A 60 6.30 -10.24 0.95
CA VAL A 60 5.33 -9.56 0.10
C VAL A 60 4.06 -10.39 -0.09
N LEU A 61 2.93 -9.74 0.18
CA LEU A 61 1.60 -10.33 0.01
C LEU A 61 1.20 -10.35 -1.48
N PRO A 62 0.33 -11.29 -1.91
CA PRO A 62 0.01 -11.48 -3.33
C PRO A 62 -0.98 -10.46 -3.89
N THR A 63 -1.07 -10.47 -5.20
CA THR A 63 -2.13 -9.79 -5.89
C THR A 63 -2.73 -10.76 -6.91
N ALA A 64 -4.04 -10.75 -7.02
CA ALA A 64 -4.70 -11.47 -8.09
C ALA A 64 -4.99 -10.49 -9.19
N ARG A 65 -4.60 -10.83 -10.40
CA ARG A 65 -4.73 -9.93 -11.51
C ARG A 65 -4.98 -10.72 -12.78
N PHE A 66 -5.81 -10.18 -13.63
CA PHE A 66 -6.08 -10.77 -14.94
C PHE A 66 -6.65 -9.69 -15.85
N THR A 67 -6.48 -9.86 -17.15
CA THR A 67 -7.20 -9.03 -18.10
C THR A 67 -8.29 -9.85 -18.77
N SER A 68 -9.37 -9.18 -19.08
CA SER A 68 -10.43 -9.77 -19.86
C SER A 68 -10.17 -9.49 -21.33
N ASP A 69 -10.71 -10.34 -22.20
CA ASP A 69 -10.60 -10.12 -23.65
C ASP A 69 -11.62 -9.07 -24.06
N ILE A 70 -12.90 -9.38 -23.89
CA ILE A 70 -13.95 -8.37 -23.97
C ILE A 70 -14.58 -8.17 -22.61
N THR A 71 -14.97 -6.94 -22.36
CA THR A 71 -15.67 -6.57 -21.15
C THR A 71 -16.97 -5.88 -21.50
N GLU A 72 -17.06 -5.47 -22.76
CA GLU A 72 -18.20 -4.73 -23.27
C GLU A 72 -18.45 -5.16 -24.71
N GLY A 73 -19.67 -4.94 -25.19
CA GLY A 73 -20.04 -5.28 -26.54
C GLY A 73 -20.67 -6.65 -26.61
N PHE A 74 -20.88 -7.14 -27.83
CA PHE A 74 -21.59 -8.39 -28.03
C PHE A 74 -20.65 -9.56 -27.76
N ALA A 75 -21.18 -10.64 -27.19
CA ALA A 75 -20.40 -11.84 -26.90
C ALA A 75 -20.15 -12.67 -28.17
N PRO A 76 -18.89 -12.66 -28.69
CA PRO A 76 -18.56 -13.29 -29.96
C PRO A 76 -18.00 -14.73 -29.88
N LEU A 77 -17.37 -15.08 -28.75
CA LEU A 77 -16.56 -16.29 -28.62
C LEU A 77 -15.94 -16.40 -27.22
N SER A 78 -15.10 -17.42 -27.04
CA SER A 78 -14.30 -17.63 -25.83
C SER A 78 -13.47 -16.39 -25.47
N VAL A 79 -13.72 -15.87 -24.28
CA VAL A 79 -12.93 -14.78 -23.73
C VAL A 79 -11.55 -15.30 -23.31
N ARG A 80 -10.53 -14.83 -24.01
CA ARG A 80 -9.15 -15.12 -23.68
C ARG A 80 -8.77 -14.44 -22.37
N PHE A 81 -8.38 -15.24 -21.41
CA PHE A 81 -7.98 -14.74 -20.11
C PHE A 81 -6.46 -14.79 -19.98
N LYS A 82 -5.89 -13.72 -19.44
CA LYS A 82 -4.46 -13.67 -19.17
C LYS A 82 -4.23 -13.33 -17.72
N ASP A 83 -3.65 -14.27 -16.98
CA ASP A 83 -3.42 -14.06 -15.56
C ASP A 83 -2.11 -13.32 -15.35
N PHE A 84 -2.19 -12.29 -14.53
CA PHE A 84 -1.11 -11.35 -14.32
C PHE A 84 -0.79 -11.21 -12.83
N SER A 85 -1.31 -12.17 -12.07
CA SER A 85 -1.12 -12.24 -10.62
C SER A 85 0.34 -12.24 -10.22
N GLU A 86 0.71 -11.27 -9.39
CA GLU A 86 2.08 -11.10 -8.95
C GLU A 86 2.17 -11.47 -7.48
N ASN A 87 3.39 -11.86 -7.06
CA ASN A 87 3.74 -12.15 -5.65
C ASN A 87 2.93 -13.33 -5.09
N ALA A 88 2.51 -14.24 -5.97
CA ALA A 88 1.57 -15.28 -5.62
C ALA A 88 2.21 -16.65 -5.75
N THR A 89 1.74 -17.59 -4.95
CA THR A 89 2.22 -18.95 -4.96
C THR A 89 1.36 -19.82 -5.89
N SER A 90 0.05 -19.82 -5.65
CA SER A 90 -0.86 -20.67 -6.43
C SER A 90 -2.06 -19.86 -6.91
N ARG A 91 -2.73 -20.38 -7.95
CA ARG A 91 -3.91 -19.73 -8.49
C ARG A 91 -5.11 -20.68 -8.46
N LEU A 92 -6.29 -20.10 -8.39
CA LEU A 92 -7.53 -20.84 -8.32
C LEU A 92 -8.56 -20.17 -9.21
N TRP A 93 -8.96 -20.85 -10.29
CA TRP A 93 -10.02 -20.34 -11.15
C TRP A 93 -11.35 -20.90 -10.66
N MET A 94 -12.18 -20.00 -10.16
CA MET A 94 -13.45 -20.39 -9.55
C MET A 94 -14.60 -20.12 -10.51
N PHE A 95 -15.17 -21.20 -11.05
CA PHE A 95 -16.40 -21.11 -11.83
C PHE A 95 -17.61 -21.20 -10.91
N GLY A 96 -17.52 -22.11 -9.95
CA GLY A 96 -18.53 -22.27 -8.92
C GLY A 96 -19.32 -23.56 -9.05
N ASP A 97 -19.42 -24.10 -10.27
CA ASP A 97 -19.91 -25.46 -10.47
C ASP A 97 -18.74 -26.39 -10.73
N GLY A 98 -18.98 -27.69 -10.46
CA GLY A 98 -17.94 -28.69 -10.66
C GLY A 98 -16.86 -28.60 -9.61
N ASN A 99 -15.63 -28.53 -10.06
CA ASN A 99 -14.49 -28.31 -9.18
C ASN A 99 -13.77 -27.04 -9.58
N THR A 100 -13.27 -26.32 -8.59
CA THR A 100 -12.43 -25.15 -8.85
C THR A 100 -10.98 -25.56 -9.12
N SER A 101 -10.27 -24.68 -9.85
CA SER A 101 -8.93 -24.90 -10.47
C SER A 101 -8.89 -26.05 -11.52
N ASP A 102 -9.54 -27.19 -11.24
CA ASP A 102 -9.63 -28.29 -12.16
C ASP A 102 -10.86 -28.11 -13.06
N SER A 103 -10.64 -28.10 -14.36
CA SER A 103 -11.73 -27.94 -15.31
C SER A 103 -11.89 -29.19 -16.17
N PRO A 104 -12.85 -30.10 -15.81
CA PRO A 104 -13.17 -31.30 -16.62
C PRO A 104 -13.78 -30.94 -17.97
N SER A 105 -14.65 -29.93 -17.97
CA SER A 105 -15.22 -29.35 -19.17
C SER A 105 -14.35 -28.16 -19.64
N PRO A 106 -14.53 -27.64 -20.88
CA PRO A 106 -13.88 -26.39 -21.31
C PRO A 106 -14.40 -25.16 -20.54
N LEU A 107 -13.78 -24.00 -20.80
CA LEU A 107 -14.24 -22.75 -20.22
C LEU A 107 -15.60 -22.39 -20.83
N HIS A 108 -16.47 -21.79 -20.02
CA HIS A 108 -17.80 -21.41 -20.47
C HIS A 108 -17.71 -20.34 -21.56
N THR A 109 -18.10 -20.74 -22.77
CA THR A 109 -17.94 -19.92 -23.95
C THR A 109 -19.07 -18.91 -24.04
N PHE A 110 -18.74 -17.71 -24.51
CA PHE A 110 -19.66 -16.58 -24.50
C PHE A 110 -20.48 -16.57 -25.80
N PHE A 111 -21.46 -17.48 -25.85
CA PHE A 111 -22.39 -17.57 -26.99
C PHE A 111 -23.66 -16.77 -26.72
N ASN A 112 -23.96 -16.56 -25.44
CA ASN A 112 -25.19 -15.88 -25.06
C ASN A 112 -24.82 -14.60 -24.32
N GLU A 113 -25.73 -13.64 -24.35
CA GLU A 113 -25.49 -12.33 -23.77
C GLU A 113 -26.04 -12.23 -22.35
N GLY A 114 -25.76 -11.12 -21.69
CA GLY A 114 -26.18 -10.92 -20.32
C GLY A 114 -25.02 -10.49 -19.45
N GLU A 115 -24.73 -11.27 -18.42
CA GLU A 115 -23.68 -10.95 -17.48
C GLU A 115 -22.88 -12.21 -17.13
N TYR A 116 -21.57 -12.09 -17.15
CA TYR A 116 -20.69 -13.16 -16.73
C TYR A 116 -19.73 -12.63 -15.67
N ILE A 117 -19.26 -13.52 -14.82
CA ILE A 117 -18.27 -13.14 -13.79
C ILE A 117 -17.04 -14.04 -13.92
N VAL A 118 -15.87 -13.43 -14.07
CA VAL A 118 -14.60 -14.16 -14.09
C VAL A 118 -13.91 -14.01 -12.73
N SER A 119 -13.62 -15.14 -12.08
CA SER A 119 -13.06 -15.13 -10.73
C SER A 119 -11.68 -15.78 -10.68
N LEU A 120 -10.68 -14.96 -10.32
CA LEU A 120 -9.32 -15.43 -10.10
C LEU A 120 -8.87 -15.05 -8.69
N ILE A 121 -8.62 -16.05 -7.88
CA ILE A 121 -8.14 -15.86 -6.52
C ILE A 121 -6.79 -16.56 -6.35
N VAL A 122 -5.84 -15.89 -5.72
CA VAL A 122 -4.52 -16.46 -5.49
C VAL A 122 -4.25 -16.63 -4.00
N SER A 123 -3.26 -17.46 -3.69
CA SER A 123 -2.92 -17.77 -2.31
C SER A 123 -1.42 -17.66 -2.08
N ASN A 124 -1.05 -17.24 -0.89
CA ASN A 124 0.34 -17.09 -0.47
C ASN A 124 0.37 -17.26 1.06
N GLU A 125 1.57 -17.41 1.65
CA GLU A 125 1.71 -17.72 3.09
C GLU A 125 1.43 -16.49 3.98
N ASN A 126 1.46 -15.30 3.37
CA ASN A 126 1.24 -14.06 4.10
C ASN A 126 -0.24 -13.67 4.06
N ASP A 127 -0.79 -13.64 2.85
CA ASP A 127 -2.16 -13.19 2.66
C ASP A 127 -2.77 -13.90 1.43
N SER A 128 -4.06 -13.73 1.24
CA SER A 128 -4.73 -14.18 0.03
C SER A 128 -5.38 -12.99 -0.66
N ASP A 129 -5.37 -12.98 -1.97
CA ASP A 129 -5.90 -11.85 -2.72
C ASP A 129 -6.84 -12.36 -3.80
N SER A 130 -7.99 -11.73 -3.92
CA SER A 130 -8.99 -12.16 -4.88
C SER A 130 -9.40 -11.00 -5.79
N ALA A 131 -9.46 -11.26 -7.09
CA ALA A 131 -9.90 -10.28 -8.05
C ALA A 131 -11.01 -10.87 -8.92
N SER A 132 -12.03 -10.07 -9.18
CA SER A 132 -13.15 -10.50 -9.98
C SER A 132 -13.76 -9.28 -10.69
N VAL A 133 -14.36 -9.50 -11.86
CA VAL A 133 -14.88 -8.39 -12.65
C VAL A 133 -16.19 -8.77 -13.35
N THR A 134 -17.07 -7.78 -13.49
CA THR A 134 -18.32 -7.92 -14.23
C THR A 134 -18.07 -7.82 -15.74
N ILE A 135 -18.28 -8.93 -16.43
CA ILE A 135 -18.23 -8.97 -17.88
C ILE A 135 -19.64 -8.71 -18.39
N ARG A 136 -19.79 -7.71 -19.24
CA ARG A 136 -21.10 -7.38 -19.76
C ARG A 136 -21.18 -7.69 -21.23
N ALA A 137 -22.01 -8.68 -21.53
CA ALA A 137 -22.25 -9.07 -22.88
C ALA A 137 -23.52 -8.38 -23.37
N LEU A 138 -23.36 -7.47 -24.29
CA LEU A 138 -24.46 -6.71 -24.83
C LEU A 138 -25.14 -7.50 -25.93
N GLU A 139 -26.43 -7.33 -26.02
CA GLU A 139 -27.26 -8.14 -26.91
C GLU A 139 -27.10 -7.71 -28.36
N HIS A 140 -27.19 -8.69 -29.26
CA HIS A 140 -27.47 -8.39 -30.65
C HIS A 140 -28.95 -8.03 -30.70
N HIS A 141 -29.25 -6.83 -31.18
CA HIS A 141 -30.56 -6.23 -30.95
C HIS A 141 -31.66 -6.90 -31.77
N HIS A 142 -32.71 -7.33 -31.06
CA HIS A 142 -33.86 -8.05 -31.63
C HIS A 142 -34.62 -7.18 -32.64
N HIS A 143 -34.63 -5.86 -32.42
CA HIS A 143 -35.28 -4.93 -33.33
C HIS A 143 -34.45 -4.76 -34.60
N HIS A 144 -35.04 -5.18 -35.71
CA HIS A 144 -34.45 -5.06 -37.03
C HIS A 144 -35.51 -4.50 -37.99
N HIS A 145 -35.05 -3.77 -39.00
CA HIS A 145 -35.95 -3.15 -39.98
C HIS A 145 -35.18 -2.82 -41.25
N MET A 1 45.24 83.24 27.94
CA MET A 1 44.23 83.15 29.02
C MET A 1 44.90 82.79 30.34
N ASN A 2 44.49 83.47 31.41
CA ASN A 2 45.02 83.26 32.75
C ASN A 2 43.90 83.20 33.78
N ALA A 3 44.15 82.50 34.88
CA ALA A 3 43.19 82.39 35.95
C ALA A 3 43.57 83.34 37.09
N ARG A 4 42.68 84.30 37.37
CA ARG A 4 42.94 85.29 38.42
C ARG A 4 42.48 84.79 39.78
N ASP A 5 43.44 84.54 40.66
CA ASP A 5 43.15 84.17 42.04
C ASP A 5 42.85 85.42 42.85
N ASN A 6 41.99 85.30 43.83
CA ASN A 6 41.56 86.45 44.63
C ASN A 6 42.53 86.69 45.78
N LYS A 7 42.50 85.80 46.77
CA LYS A 7 43.42 85.87 47.91
C LYS A 7 43.82 84.46 48.32
N PHE A 8 45.07 84.30 48.72
CA PHE A 8 45.60 82.99 49.10
C PHE A 8 45.29 82.70 50.56
N ASN A 9 44.33 81.80 50.78
CA ASN A 9 44.00 81.35 52.12
C ASN A 9 43.39 79.95 52.04
N THR A 10 44.10 78.99 52.62
CA THR A 10 43.63 77.63 52.71
C THR A 10 43.86 77.08 54.13
N TRP A 11 42.82 77.18 54.94
CA TRP A 11 42.86 76.73 56.31
C TRP A 11 41.67 75.82 56.61
N ASN A 12 41.98 74.59 56.99
CA ASN A 12 40.97 73.61 57.36
C ASN A 12 41.39 72.90 58.64
N ASP A 13 40.57 73.00 59.67
CA ASP A 13 40.84 72.31 60.93
C ASP A 13 39.53 71.80 61.53
N SER A 14 39.46 70.48 61.69
CA SER A 14 38.26 69.82 62.16
C SER A 14 38.38 69.46 63.63
N ARG A 15 37.32 69.68 64.38
CA ARG A 15 37.30 69.34 65.80
C ARG A 15 36.55 68.03 66.01
N GLY A 16 36.58 67.53 67.25
CA GLY A 16 35.85 66.33 67.58
C GLY A 16 36.74 65.22 68.09
N ASN A 17 36.54 64.84 69.35
CA ASN A 17 37.30 63.76 69.97
C ASN A 17 36.35 62.71 70.55
N TYR A 18 36.91 61.62 71.07
CA TYR A 18 36.12 60.57 71.70
C TYR A 18 36.92 59.94 72.85
N TRP A 19 36.32 59.87 74.03
CA TRP A 19 36.96 59.27 75.19
C TRP A 19 36.20 58.04 75.62
N SER A 20 36.92 56.97 75.94
CA SER A 20 36.32 55.68 76.21
C SER A 20 37.00 55.01 77.41
N ASP A 21 36.23 54.25 78.18
CA ASP A 21 36.75 53.52 79.34
C ASP A 21 36.30 52.05 79.26
N TYR A 22 36.71 51.23 80.22
CA TYR A 22 36.41 49.81 80.23
C TYR A 22 35.92 49.37 81.61
N GLU A 23 34.71 48.83 81.65
CA GLU A 23 34.14 48.35 82.91
C GLU A 23 33.48 46.97 82.72
N GLY A 24 34.25 46.06 82.12
CA GLY A 24 33.76 44.72 81.85
C GLY A 24 34.27 43.71 82.84
N SER A 25 33.35 43.00 83.49
CA SER A 25 33.71 42.02 84.51
C SER A 25 32.66 40.91 84.58
N ASP A 26 32.83 39.90 83.71
CA ASP A 26 32.00 38.69 83.75
C ASP A 26 32.81 37.52 83.22
N GLU A 27 32.51 36.33 83.74
CA GLU A 27 33.26 35.12 83.42
C GLU A 27 32.49 34.26 82.42
N ASN A 28 33.20 33.69 81.45
CA ASN A 28 32.57 32.90 80.38
C ASN A 28 32.99 31.44 80.44
N GLY A 29 32.02 30.56 80.22
CA GLY A 29 32.29 29.14 80.15
C GLY A 29 32.40 28.66 78.71
N ASP A 30 32.24 27.36 78.50
CA ASP A 30 32.35 26.78 77.17
C ASP A 30 31.22 25.78 76.94
N GLY A 31 30.53 25.93 75.81
CA GLY A 31 29.40 25.08 75.49
C GLY A 31 29.81 23.69 75.01
N ILE A 32 29.37 22.67 75.73
CA ILE A 32 29.73 21.27 75.41
C ILE A 32 28.69 20.61 74.51
N GLY A 33 29.00 19.39 74.07
CA GLY A 33 28.07 18.63 73.24
C GLY A 33 28.77 17.69 72.29
N ASP A 34 28.09 16.62 71.90
CA ASP A 34 28.64 15.64 70.96
C ASP A 34 27.55 15.13 70.01
N SER A 35 27.67 15.51 68.75
CA SER A 35 26.78 15.03 67.71
C SER A 35 27.59 14.40 66.58
N ALA A 36 27.63 13.07 66.55
CA ALA A 36 28.38 12.33 65.54
C ALA A 36 27.45 11.53 64.65
N TYR A 37 27.73 11.55 63.35
CA TYR A 37 26.92 10.85 62.37
C TYR A 37 27.78 10.40 61.19
N ALA A 38 27.59 9.16 60.78
CA ALA A 38 28.31 8.60 59.65
C ALA A 38 27.34 8.27 58.52
N VAL A 39 27.58 8.85 57.36
CA VAL A 39 26.76 8.56 56.18
C VAL A 39 27.35 7.39 55.40
N ASN A 40 26.64 6.29 55.45
CA ASN A 40 27.09 5.04 54.84
C ASN A 40 26.34 4.83 53.54
N PRO A 41 27.02 4.29 52.49
CA PRO A 41 26.33 3.85 51.27
C PRO A 41 25.55 2.57 51.55
N GLU A 42 24.30 2.75 51.99
CA GLU A 42 23.43 1.68 52.47
C GLU A 42 23.12 0.65 51.38
N ALA A 43 22.71 1.13 50.21
CA ALA A 43 22.43 0.26 49.10
C ALA A 43 23.51 0.36 48.05
N GLY A 44 23.97 1.59 47.80
CA GLY A 44 24.89 1.81 46.72
C GLY A 44 24.14 2.02 45.41
N SER A 45 24.76 1.64 44.31
CA SER A 45 24.11 1.74 43.01
C SER A 45 24.75 0.77 42.01
N MET A 46 23.94 0.27 41.10
CA MET A 46 24.41 -0.59 40.03
C MET A 46 23.68 -0.21 38.74
N ASP A 47 24.36 -0.27 37.62
CA ASP A 47 23.76 0.08 36.34
C ASP A 47 24.26 -0.82 35.21
N TYR A 48 23.39 -1.74 34.81
CA TYR A 48 23.64 -2.61 33.66
C TYR A 48 22.39 -2.62 32.78
N MET A 49 22.48 -1.97 31.63
CA MET A 49 21.33 -1.82 30.75
C MET A 49 21.64 -2.34 29.34
N PRO A 50 21.24 -3.60 29.04
CA PRO A 50 21.32 -4.15 27.68
C PRO A 50 20.08 -3.77 26.85
N LEU A 51 20.32 -3.18 25.69
CA LEU A 51 19.23 -2.81 24.79
C LEU A 51 18.99 -3.92 23.78
N MET A 52 17.98 -4.73 24.04
CA MET A 52 17.66 -5.85 23.18
C MET A 52 16.34 -5.56 22.46
N GLU A 53 16.47 -4.96 21.28
CA GLU A 53 15.33 -4.51 20.51
C GLU A 53 15.07 -5.43 19.33
N TYR A 54 13.84 -5.46 18.85
CA TYR A 54 13.46 -6.33 17.75
C TYR A 54 13.47 -5.55 16.44
N LEU A 55 13.63 -6.29 15.35
CA LEU A 55 13.48 -5.74 14.01
C LEU A 55 12.11 -6.14 13.46
N HIS A 56 11.55 -5.29 12.63
CA HIS A 56 10.27 -5.56 11.99
C HIS A 56 10.51 -6.21 10.62
N SER A 57 10.08 -7.46 10.49
CA SER A 57 10.20 -8.17 9.24
C SER A 57 8.83 -8.71 8.83
N SER A 58 8.44 -8.43 7.60
CA SER A 58 7.14 -8.81 7.10
C SER A 58 7.27 -9.38 5.70
N PRO A 59 6.60 -10.52 5.41
CA PRO A 59 6.54 -11.06 4.06
C PRO A 59 5.54 -10.30 3.19
N VAL A 60 5.45 -10.67 1.93
CA VAL A 60 4.51 -10.03 1.02
C VAL A 60 3.32 -10.97 0.76
N LEU A 61 2.14 -10.39 0.61
CA LEU A 61 0.94 -11.12 0.22
C LEU A 61 0.80 -11.04 -1.32
N PRO A 62 -0.06 -11.85 -1.99
CA PRO A 62 -0.24 -11.74 -3.43
C PRO A 62 -1.12 -10.57 -3.86
N THR A 63 -1.28 -10.47 -5.17
CA THR A 63 -2.15 -9.53 -5.79
C THR A 63 -2.83 -10.23 -6.97
N ALA A 64 -4.15 -10.31 -6.90
CA ALA A 64 -4.95 -10.92 -7.94
C ALA A 64 -5.14 -9.96 -9.09
N ARG A 65 -4.41 -10.20 -10.16
CA ARG A 65 -4.51 -9.38 -11.35
C ARG A 65 -4.78 -10.25 -12.54
N PHE A 66 -5.73 -9.85 -13.34
CA PHE A 66 -6.12 -10.58 -14.52
C PHE A 66 -6.82 -9.64 -15.47
N THR A 67 -6.60 -9.82 -16.76
CA THR A 67 -7.35 -9.09 -17.74
C THR A 67 -8.01 -10.05 -18.73
N SER A 68 -9.25 -9.74 -19.05
CA SER A 68 -10.02 -10.46 -20.04
C SER A 68 -9.79 -9.81 -21.41
N ASP A 69 -10.08 -10.54 -22.48
CA ASP A 69 -10.01 -9.98 -23.83
C ASP A 69 -11.06 -8.88 -23.99
N ILE A 70 -12.32 -9.23 -23.78
CA ILE A 70 -13.38 -8.25 -23.73
C ILE A 70 -14.07 -8.28 -22.37
N THR A 71 -14.28 -7.10 -21.81
CA THR A 71 -15.06 -6.94 -20.59
C THR A 71 -16.43 -6.36 -20.92
N GLU A 72 -16.60 -5.98 -22.19
CA GLU A 72 -17.86 -5.48 -22.72
C GLU A 72 -17.92 -5.81 -24.22
N GLY A 73 -19.10 -6.19 -24.68
CA GLY A 73 -19.28 -6.54 -26.08
C GLY A 73 -20.24 -7.68 -26.21
N PHE A 74 -20.54 -8.11 -27.44
CA PHE A 74 -21.51 -9.17 -27.68
C PHE A 74 -20.92 -10.52 -27.27
N ALA A 75 -21.80 -11.44 -26.84
CA ALA A 75 -21.44 -12.82 -26.46
C ALA A 75 -20.52 -13.50 -27.50
N PRO A 76 -19.26 -13.75 -27.12
CA PRO A 76 -18.25 -14.28 -28.03
C PRO A 76 -18.18 -15.80 -28.06
N LEU A 77 -17.36 -16.33 -28.96
CA LEU A 77 -17.14 -17.77 -29.06
C LEU A 77 -16.15 -18.26 -28.00
N SER A 78 -15.30 -17.34 -27.51
CA SER A 78 -14.38 -17.59 -26.38
C SER A 78 -13.71 -16.29 -25.96
N VAL A 79 -13.42 -16.18 -24.67
CA VAL A 79 -12.64 -15.06 -24.14
C VAL A 79 -11.29 -15.60 -23.68
N ARG A 80 -10.20 -15.05 -24.21
CA ARG A 80 -8.87 -15.42 -23.76
C ARG A 80 -8.54 -14.72 -22.43
N PHE A 81 -8.08 -15.51 -21.48
CA PHE A 81 -7.72 -15.01 -20.15
C PHE A 81 -6.23 -15.17 -19.92
N LYS A 82 -5.69 -14.33 -19.04
CA LYS A 82 -4.30 -14.45 -18.63
C LYS A 82 -4.16 -14.13 -17.15
N ASP A 83 -3.28 -14.88 -16.49
CA ASP A 83 -2.93 -14.58 -15.11
C ASP A 83 -1.82 -13.54 -15.12
N PHE A 84 -2.12 -12.42 -14.52
CA PHE A 84 -1.22 -11.28 -14.46
C PHE A 84 -0.86 -11.01 -12.99
N SER A 85 -1.27 -11.96 -12.15
CA SER A 85 -1.06 -11.95 -10.70
C SER A 85 0.40 -11.87 -10.32
N GLU A 86 0.67 -11.09 -9.27
CA GLU A 86 2.03 -10.89 -8.80
C GLU A 86 2.15 -11.35 -7.35
N ASN A 87 3.32 -11.91 -7.00
CA ASN A 87 3.68 -12.35 -5.63
C ASN A 87 2.77 -13.48 -5.12
N ALA A 88 2.34 -14.33 -6.05
CA ALA A 88 1.49 -15.46 -5.74
C ALA A 88 2.25 -16.74 -5.93
N THR A 89 2.01 -17.69 -5.05
CA THR A 89 2.61 -19.01 -5.18
C THR A 89 1.71 -19.95 -5.99
N SER A 90 0.39 -19.77 -5.87
CA SER A 90 -0.57 -20.52 -6.66
C SER A 90 -1.70 -19.63 -7.16
N ARG A 91 -2.26 -19.98 -8.32
CA ARG A 91 -3.43 -19.30 -8.85
C ARG A 91 -4.65 -20.21 -8.78
N LEU A 92 -5.82 -19.62 -8.94
CA LEU A 92 -7.08 -20.35 -8.97
C LEU A 92 -8.04 -19.56 -9.84
N TRP A 93 -8.47 -20.14 -10.96
CA TRP A 93 -9.48 -19.51 -11.78
C TRP A 93 -10.83 -20.03 -11.35
N MET A 94 -11.62 -19.16 -10.75
CA MET A 94 -12.95 -19.52 -10.33
C MET A 94 -13.94 -18.91 -11.30
N PHE A 95 -14.29 -19.68 -12.30
CA PHE A 95 -15.18 -19.25 -13.36
C PHE A 95 -16.63 -19.25 -12.87
N GLY A 96 -16.94 -20.22 -12.01
CA GLY A 96 -18.31 -20.42 -11.58
C GLY A 96 -18.95 -21.63 -12.23
N ASP A 97 -18.21 -22.29 -13.11
CA ASP A 97 -18.69 -23.46 -13.82
C ASP A 97 -18.14 -24.70 -13.14
N GLY A 98 -18.99 -25.35 -12.32
CA GLY A 98 -18.60 -26.55 -11.58
C GLY A 98 -17.51 -26.29 -10.54
N ASN A 99 -16.73 -27.32 -10.24
CA ASN A 99 -15.55 -27.16 -9.40
C ASN A 99 -14.37 -26.72 -10.24
N THR A 100 -13.85 -25.55 -9.90
CA THR A 100 -12.76 -24.94 -10.63
C THR A 100 -11.41 -25.32 -10.02
N SER A 101 -10.32 -24.62 -10.42
CA SER A 101 -8.93 -24.97 -10.05
C SER A 101 -8.56 -26.37 -10.57
N ASP A 102 -9.03 -26.67 -11.78
CA ASP A 102 -8.78 -27.96 -12.42
C ASP A 102 -7.54 -27.87 -13.31
N SER A 103 -7.25 -28.95 -14.05
CA SER A 103 -6.14 -28.99 -15.01
C SER A 103 -6.34 -27.94 -16.12
N PRO A 104 -5.27 -27.14 -16.46
CA PRO A 104 -5.35 -26.03 -17.44
C PRO A 104 -5.90 -26.45 -18.81
N SER A 105 -7.12 -25.99 -19.07
CA SER A 105 -7.90 -26.37 -20.25
C SER A 105 -8.72 -25.17 -20.72
N PRO A 106 -9.28 -25.20 -21.97
CA PRO A 106 -10.32 -24.24 -22.38
C PRO A 106 -11.61 -24.45 -21.58
N LEU A 107 -11.97 -23.45 -20.78
CA LEU A 107 -13.14 -23.53 -19.91
C LEU A 107 -14.43 -23.29 -20.69
N HIS A 108 -15.56 -23.61 -20.05
CA HIS A 108 -16.88 -23.45 -20.66
C HIS A 108 -17.17 -21.96 -20.91
N THR A 109 -17.41 -21.62 -22.17
CA THR A 109 -17.53 -20.23 -22.59
C THR A 109 -19.00 -19.77 -22.59
N PHE A 110 -19.24 -18.56 -23.09
CA PHE A 110 -20.53 -17.90 -22.99
C PHE A 110 -21.38 -18.14 -24.23
N PHE A 111 -22.32 -19.07 -24.10
CA PHE A 111 -23.25 -19.39 -25.18
C PHE A 111 -24.53 -18.56 -25.08
N ASN A 112 -24.81 -18.08 -23.88
CA ASN A 112 -25.99 -17.24 -23.62
C ASN A 112 -25.52 -15.95 -23.00
N GLU A 113 -26.18 -14.85 -23.34
CA GLU A 113 -25.79 -13.51 -22.84
C GLU A 113 -26.15 -13.30 -21.37
N GLY A 114 -25.63 -12.23 -20.81
CA GLY A 114 -25.88 -11.93 -19.42
C GLY A 114 -24.74 -11.19 -18.78
N GLU A 115 -24.84 -11.05 -17.46
CA GLU A 115 -23.86 -10.35 -16.68
C GLU A 115 -22.99 -11.36 -15.94
N TYR A 116 -21.72 -11.42 -16.31
CA TYR A 116 -20.82 -12.42 -15.77
C TYR A 116 -19.85 -11.78 -14.81
N ILE A 117 -19.33 -12.58 -13.89
CA ILE A 117 -18.27 -12.13 -13.01
C ILE A 117 -17.17 -13.18 -12.99
N VAL A 118 -16.05 -12.87 -13.63
CA VAL A 118 -14.89 -13.75 -13.62
C VAL A 118 -14.10 -13.49 -12.35
N SER A 119 -13.78 -14.56 -11.62
CA SER A 119 -13.12 -14.42 -10.34
C SER A 119 -11.74 -15.06 -10.40
N LEU A 120 -10.73 -14.28 -10.07
CA LEU A 120 -9.37 -14.77 -9.93
C LEU A 120 -8.99 -14.64 -8.48
N ILE A 121 -8.58 -15.74 -7.89
CA ILE A 121 -8.13 -15.76 -6.52
C ILE A 121 -6.75 -16.42 -6.46
N VAL A 122 -5.78 -15.69 -5.96
CA VAL A 122 -4.45 -16.22 -5.77
C VAL A 122 -4.10 -16.30 -4.30
N SER A 123 -3.19 -17.19 -3.95
CA SER A 123 -2.90 -17.48 -2.57
C SER A 123 -1.39 -17.50 -2.33
N ASN A 124 -1.04 -17.29 -1.07
CA ASN A 124 0.33 -17.42 -0.58
C ASN A 124 0.21 -17.85 0.89
N GLU A 125 1.33 -18.04 1.59
CA GLU A 125 1.32 -18.46 2.99
C GLU A 125 1.03 -17.27 3.93
N ASN A 126 1.09 -16.06 3.38
CA ASN A 126 0.83 -14.84 4.13
C ASN A 126 -0.67 -14.57 4.14
N ASP A 127 -1.26 -14.48 2.94
CA ASP A 127 -2.67 -14.15 2.76
C ASP A 127 -3.11 -14.59 1.37
N SER A 128 -4.39 -14.41 1.07
CA SER A 128 -4.91 -14.64 -0.27
C SER A 128 -5.63 -13.38 -0.75
N ASP A 129 -5.52 -13.11 -2.04
CA ASP A 129 -6.08 -11.91 -2.62
C ASP A 129 -6.96 -12.29 -3.78
N SER A 130 -8.16 -11.72 -3.84
CA SER A 130 -9.12 -12.07 -4.87
C SER A 130 -9.62 -10.81 -5.58
N ALA A 131 -9.79 -10.91 -6.89
CA ALA A 131 -10.35 -9.83 -7.69
C ALA A 131 -11.35 -10.38 -8.67
N SER A 132 -12.32 -9.54 -9.00
CA SER A 132 -13.40 -9.93 -9.85
C SER A 132 -13.82 -8.76 -10.75
N VAL A 133 -14.13 -9.07 -12.00
CA VAL A 133 -14.54 -8.05 -12.96
C VAL A 133 -15.87 -8.45 -13.62
N THR A 134 -16.73 -7.47 -13.84
CA THR A 134 -18.03 -7.70 -14.45
C THR A 134 -17.93 -7.63 -15.97
N ILE A 135 -18.22 -8.75 -16.60
CA ILE A 135 -18.24 -8.86 -18.06
C ILE A 135 -19.66 -8.67 -18.54
N ARG A 136 -19.86 -7.73 -19.44
CA ARG A 136 -21.19 -7.45 -19.94
C ARG A 136 -21.33 -7.93 -21.37
N ALA A 137 -22.22 -8.88 -21.59
CA ALA A 137 -22.49 -9.37 -22.93
C ALA A 137 -23.70 -8.67 -23.49
N LEU A 138 -23.54 -8.11 -24.68
CA LEU A 138 -24.59 -7.34 -25.32
C LEU A 138 -25.63 -8.27 -25.92
N GLU A 139 -26.88 -7.97 -25.61
CA GLU A 139 -28.00 -8.82 -25.95
C GLU A 139 -28.33 -8.80 -27.45
N HIS A 140 -28.75 -9.95 -27.98
CA HIS A 140 -29.23 -10.01 -29.35
C HIS A 140 -30.67 -9.52 -29.40
N HIS A 141 -30.88 -8.42 -30.11
CA HIS A 141 -32.22 -7.89 -30.27
C HIS A 141 -32.87 -8.54 -31.48
N HIS A 142 -33.74 -9.49 -31.19
CA HIS A 142 -34.42 -10.24 -32.21
C HIS A 142 -35.88 -9.82 -32.24
N HIS A 143 -36.31 -9.36 -33.41
CA HIS A 143 -37.67 -8.86 -33.58
C HIS A 143 -38.65 -10.03 -33.71
N HIS A 144 -39.49 -10.16 -32.69
CA HIS A 144 -40.59 -11.11 -32.70
C HIS A 144 -41.77 -10.49 -31.97
N HIS A 145 -42.88 -10.37 -32.68
CA HIS A 145 -44.11 -9.88 -32.09
C HIS A 145 -44.96 -11.05 -31.60
#